data_2MY3
#
_entry.id   2MY3
#
loop_
_entity.id
_entity.type
_entity.pdbx_description
1 polymer 'U2 snRNP component IST3'
2 polymer 'Pre-mRNA leakage protein 1'
#
loop_
_entity_poly.entity_id
_entity_poly.type
_entity_poly.pdbx_seq_one_letter_code
_entity_poly.pdbx_strand_id
1 'polypeptide(L)'
;GAMGNEYKDNAYIYIGNLNRELTEGDILTVFSEYGVPVDVILSRDENTGESQGFAYLKYEDQRSTILAVDNLNGFKIGGR
ALKIDHTFYRPKRSLQKYYEAVKEELDRDIVSKNNAEK
;
A
2 'polypeptide(L)' GSKSQYIDIMPDFSPSGLLELES B
#
# COMPACT_ATOMS: atom_id res chain seq x y z
N GLY A 1 -19.45 -6.04 23.99
CA GLY A 1 -18.14 -5.77 23.35
C GLY A 1 -18.30 -5.14 22.00
N ALA A 2 -17.92 -3.88 21.88
CA ALA A 2 -18.04 -3.17 20.62
C ALA A 2 -16.67 -2.69 20.14
N MET A 3 -16.28 -3.14 18.97
CA MET A 3 -15.01 -2.74 18.39
C MET A 3 -15.23 -1.68 17.31
N GLY A 4 -16.49 -1.44 17.01
CA GLY A 4 -16.82 -0.51 15.95
C GLY A 4 -16.90 -1.24 14.63
N ASN A 5 -17.48 -2.43 14.67
CA ASN A 5 -17.59 -3.29 13.48
C ASN A 5 -18.46 -2.66 12.41
N GLU A 6 -19.34 -1.75 12.83
CA GLU A 6 -20.21 -1.06 11.90
C GLU A 6 -19.47 0.04 11.17
N TYR A 7 -18.27 0.33 11.66
CA TYR A 7 -17.43 1.35 11.07
C TYR A 7 -16.39 0.69 10.18
N LYS A 8 -16.56 0.87 8.89
CA LYS A 8 -15.70 0.26 7.91
C LYS A 8 -14.32 0.91 7.88
N ASP A 9 -13.44 0.45 8.74
CA ASP A 9 -12.08 0.94 8.78
C ASP A 9 -11.24 0.18 7.76
N ASN A 10 -11.71 -1.02 7.41
CA ASN A 10 -11.03 -1.90 6.46
C ASN A 10 -11.26 -1.42 5.03
N ALA A 11 -11.60 -0.16 4.91
CA ALA A 11 -11.85 0.48 3.66
C ALA A 11 -10.57 1.01 3.09
N TYR A 12 -10.41 0.93 1.79
CA TYR A 12 -9.23 1.45 1.17
C TYR A 12 -9.45 1.75 -0.30
N ILE A 13 -8.42 2.23 -0.95
CA ILE A 13 -8.50 2.56 -2.35
C ILE A 13 -7.84 1.48 -3.19
N TYR A 14 -8.41 1.24 -4.35
CA TYR A 14 -7.88 0.26 -5.27
C TYR A 14 -7.14 0.95 -6.40
N ILE A 15 -5.89 0.56 -6.57
CA ILE A 15 -5.08 1.06 -7.64
C ILE A 15 -5.04 0.01 -8.74
N GLY A 16 -5.11 0.44 -9.98
CA GLY A 16 -5.18 -0.51 -11.07
C GLY A 16 -3.82 -0.96 -11.55
N ASN A 17 -3.82 -1.67 -12.68
CA ASN A 17 -2.62 -2.27 -13.26
C ASN A 17 -1.43 -1.32 -13.26
N LEU A 18 -0.44 -1.66 -12.46
CA LEU A 18 0.78 -0.89 -12.36
C LEU A 18 1.91 -1.61 -13.08
N ASN A 19 3.01 -0.91 -13.27
CA ASN A 19 4.19 -1.50 -13.91
C ASN A 19 4.76 -2.59 -13.02
N ARG A 20 5.21 -3.68 -13.62
CA ARG A 20 5.80 -4.78 -12.85
C ARG A 20 7.09 -4.33 -12.18
N GLU A 21 7.64 -3.23 -12.65
CA GLU A 21 8.87 -2.68 -12.13
C GLU A 21 8.62 -1.86 -10.87
N LEU A 22 7.36 -1.57 -10.59
CA LEU A 22 6.98 -0.78 -9.41
C LEU A 22 6.85 -1.69 -8.21
N THR A 23 7.52 -1.31 -7.14
CA THR A 23 7.48 -2.08 -5.92
C THR A 23 6.70 -1.32 -4.83
N GLU A 24 6.54 -1.96 -3.68
CA GLU A 24 5.84 -1.36 -2.54
C GLU A 24 6.50 -0.04 -2.13
N GLY A 25 7.81 0.06 -2.34
CA GLY A 25 8.53 1.26 -1.99
C GLY A 25 8.10 2.43 -2.85
N ASP A 26 7.90 2.16 -4.13
CA ASP A 26 7.48 3.17 -5.07
C ASP A 26 6.06 3.60 -4.75
N ILE A 27 5.23 2.62 -4.45
CA ILE A 27 3.84 2.86 -4.11
C ILE A 27 3.73 3.78 -2.90
N LEU A 28 4.49 3.49 -1.85
CA LEU A 28 4.47 4.29 -0.63
C LEU A 28 5.03 5.68 -0.93
N THR A 29 5.96 5.74 -1.85
CA THR A 29 6.57 6.97 -2.27
C THR A 29 5.54 7.90 -2.92
N VAL A 30 4.67 7.33 -3.74
CA VAL A 30 3.61 8.08 -4.39
C VAL A 30 2.66 8.68 -3.35
N PHE A 31 2.24 7.84 -2.41
CA PHE A 31 1.30 8.27 -1.38
C PHE A 31 1.97 9.17 -0.35
N SER A 32 3.30 9.21 -0.37
CA SER A 32 4.06 10.06 0.55
C SER A 32 3.77 11.54 0.26
N GLU A 33 3.21 11.81 -0.92
CA GLU A 33 2.81 13.16 -1.31
C GLU A 33 1.79 13.70 -0.31
N TYR A 34 0.89 12.83 0.13
CA TYR A 34 -0.16 13.22 1.06
C TYR A 34 0.33 13.14 2.50
N GLY A 35 1.46 12.45 2.68
CA GLY A 35 2.07 12.33 3.99
C GLY A 35 1.26 11.48 4.95
N VAL A 36 0.49 10.55 4.42
CA VAL A 36 -0.33 9.67 5.24
C VAL A 36 0.20 8.23 5.15
N PRO A 37 1.01 7.80 6.14
CA PRO A 37 1.59 6.47 6.16
C PRO A 37 0.69 5.45 6.88
N VAL A 38 -0.01 4.64 6.10
CA VAL A 38 -0.90 3.61 6.63
C VAL A 38 -0.72 2.32 5.83
N ASP A 39 -1.63 1.36 5.98
CA ASP A 39 -1.49 0.03 5.35
C ASP A 39 -1.43 0.12 3.83
N VAL A 40 -0.58 -0.70 3.24
CA VAL A 40 -0.42 -0.76 1.80
C VAL A 40 -0.28 -2.22 1.38
N ILE A 41 -1.08 -2.63 0.41
CA ILE A 41 -1.09 -4.01 -0.02
C ILE A 41 -0.85 -4.12 -1.51
N LEU A 42 0.23 -4.78 -1.89
CA LEU A 42 0.53 -4.99 -3.30
C LEU A 42 0.33 -6.46 -3.64
N SER A 43 -0.42 -6.70 -4.69
CA SER A 43 -0.68 -8.06 -5.13
C SER A 43 0.60 -8.66 -5.71
N ARG A 44 1.19 -9.59 -4.99
CA ARG A 44 2.38 -10.25 -5.43
C ARG A 44 2.19 -11.76 -5.39
N ASP A 45 2.76 -12.46 -6.36
CA ASP A 45 2.66 -13.91 -6.47
C ASP A 45 3.09 -14.59 -5.17
N GLU A 46 2.36 -15.61 -4.78
CA GLU A 46 2.61 -16.32 -3.51
C GLU A 46 3.90 -17.15 -3.51
N ASN A 47 4.49 -17.36 -4.68
CA ASN A 47 5.70 -18.19 -4.76
C ASN A 47 6.93 -17.37 -5.10
N THR A 48 6.86 -16.64 -6.21
CA THR A 48 8.02 -15.87 -6.66
C THR A 48 7.87 -14.37 -6.33
N GLY A 49 6.73 -13.99 -5.79
CA GLY A 49 6.51 -12.60 -5.41
C GLY A 49 6.37 -11.64 -6.58
N GLU A 50 6.07 -12.18 -7.76
CA GLU A 50 5.87 -11.36 -8.96
C GLU A 50 4.79 -10.31 -8.76
N SER A 51 5.07 -9.09 -9.16
CA SER A 51 4.10 -8.02 -9.07
C SER A 51 2.92 -8.31 -10.00
N GLN A 52 1.79 -8.67 -9.41
CA GLN A 52 0.60 -9.01 -10.17
C GLN A 52 0.00 -7.76 -10.82
N GLY A 53 0.36 -6.59 -10.30
CA GLY A 53 -0.06 -5.35 -10.91
C GLY A 53 -1.21 -4.67 -10.19
N PHE A 54 -1.70 -5.25 -9.13
CA PHE A 54 -2.83 -4.66 -8.40
C PHE A 54 -2.33 -4.12 -7.06
N ALA A 55 -2.67 -2.90 -6.76
CA ALA A 55 -2.22 -2.29 -5.51
C ALA A 55 -3.38 -1.74 -4.72
N TYR A 56 -3.23 -1.75 -3.40
CA TYR A 56 -4.25 -1.26 -2.49
C TYR A 56 -3.59 -0.45 -1.39
N LEU A 57 -4.29 0.55 -0.88
CA LEU A 57 -3.76 1.34 0.22
C LEU A 57 -4.86 1.67 1.22
N LYS A 58 -4.74 1.16 2.42
CA LYS A 58 -5.73 1.39 3.45
C LYS A 58 -5.28 2.47 4.39
N TYR A 59 -5.99 3.57 4.37
CA TYR A 59 -5.76 4.65 5.26
C TYR A 59 -7.07 5.07 5.84
N GLU A 60 -7.07 5.45 7.07
CA GLU A 60 -8.31 5.82 7.69
C GLU A 60 -8.48 7.32 7.75
N ASP A 61 -9.35 7.82 6.92
CA ASP A 61 -9.72 9.24 6.88
C ASP A 61 -10.66 9.49 5.72
N GLN A 62 -11.92 9.78 6.02
CA GLN A 62 -12.94 9.97 4.99
C GLN A 62 -12.56 11.11 4.03
N ARG A 63 -11.96 12.16 4.55
CA ARG A 63 -11.56 13.31 3.73
C ARG A 63 -10.49 12.88 2.73
N SER A 64 -9.50 12.16 3.22
CA SER A 64 -8.38 11.73 2.40
C SER A 64 -8.79 10.71 1.34
N THR A 65 -9.88 9.97 1.58
CA THR A 65 -10.32 8.96 0.60
C THR A 65 -10.71 9.63 -0.71
N ILE A 66 -11.70 10.49 -0.64
CA ILE A 66 -12.21 11.19 -1.79
C ILE A 66 -11.12 12.06 -2.42
N LEU A 67 -10.26 12.62 -1.58
CA LEU A 67 -9.14 13.44 -2.04
C LEU A 67 -8.21 12.61 -2.92
N ALA A 68 -7.64 11.55 -2.36
CA ALA A 68 -6.68 10.69 -3.06
C ALA A 68 -7.29 10.05 -4.31
N VAL A 69 -8.54 9.60 -4.19
CA VAL A 69 -9.22 8.96 -5.33
C VAL A 69 -9.30 9.90 -6.52
N ASP A 70 -9.80 11.11 -6.29
CA ASP A 70 -9.96 12.08 -7.37
C ASP A 70 -8.61 12.64 -7.82
N ASN A 71 -7.71 12.84 -6.87
CA ASN A 71 -6.39 13.40 -7.15
C ASN A 71 -5.50 12.45 -7.94
N LEU A 72 -5.48 11.18 -7.57
CA LEU A 72 -4.61 10.21 -8.23
C LEU A 72 -5.27 9.60 -9.46
N ASN A 73 -6.57 9.70 -9.57
CA ASN A 73 -7.28 9.14 -10.72
C ASN A 73 -6.85 9.85 -11.99
N GLY A 74 -6.11 9.16 -12.83
CA GLY A 74 -5.64 9.74 -14.07
C GLY A 74 -4.20 10.19 -14.00
N PHE A 75 -3.58 10.03 -12.83
CA PHE A 75 -2.19 10.43 -12.63
C PHE A 75 -1.27 9.33 -13.16
N LYS A 76 -0.27 9.70 -13.95
CA LYS A 76 0.61 8.73 -14.57
C LYS A 76 1.80 8.39 -13.68
N ILE A 77 2.05 7.11 -13.54
CA ILE A 77 3.21 6.61 -12.81
C ILE A 77 3.93 5.59 -13.69
N GLY A 78 5.02 6.02 -14.31
CA GLY A 78 5.78 5.12 -15.17
C GLY A 78 5.03 4.84 -16.45
N GLY A 79 4.15 5.75 -16.82
CA GLY A 79 3.34 5.58 -18.00
C GLY A 79 1.96 5.04 -17.69
N ARG A 80 1.80 4.52 -16.49
CA ARG A 80 0.53 3.95 -16.07
C ARG A 80 -0.31 4.95 -15.32
N ALA A 81 -1.40 5.40 -15.93
CA ALA A 81 -2.34 6.28 -15.26
C ALA A 81 -3.06 5.51 -14.16
N LEU A 82 -3.04 6.06 -12.97
CA LEU A 82 -3.64 5.44 -11.80
C LEU A 82 -5.16 5.52 -11.85
N LYS A 83 -5.80 4.38 -11.90
CA LYS A 83 -7.24 4.32 -11.80
C LYS A 83 -7.61 3.92 -10.38
N ILE A 84 -8.17 4.85 -9.63
CA ILE A 84 -8.47 4.61 -8.23
C ILE A 84 -9.95 4.33 -8.01
N ASP A 85 -10.26 3.18 -7.46
CA ASP A 85 -11.64 2.80 -7.16
C ASP A 85 -11.82 2.64 -5.64
N HIS A 86 -13.06 2.57 -5.21
CA HIS A 86 -13.36 2.37 -3.79
C HIS A 86 -13.61 0.90 -3.51
N THR A 87 -13.05 0.39 -2.43
CA THR A 87 -13.22 -1.01 -2.07
C THR A 87 -12.88 -1.23 -0.59
N PHE A 88 -13.35 -2.33 -0.03
CA PHE A 88 -13.09 -2.65 1.36
C PHE A 88 -12.70 -4.13 1.50
N TYR A 89 -11.71 -4.40 2.32
CA TYR A 89 -11.22 -5.75 2.51
C TYR A 89 -10.69 -5.93 3.91
N ARG A 90 -11.05 -7.05 4.53
CA ARG A 90 -10.63 -7.33 5.88
C ARG A 90 -9.39 -8.23 5.87
N PRO A 91 -8.25 -7.70 6.33
CA PRO A 91 -7.00 -8.45 6.38
C PRO A 91 -7.08 -9.64 7.34
N LYS A 92 -6.97 -10.84 6.80
CA LYS A 92 -7.00 -12.05 7.61
C LYS A 92 -5.69 -12.20 8.38
N ARG A 93 -5.78 -12.72 9.59
CA ARG A 93 -4.62 -12.85 10.46
C ARG A 93 -3.71 -13.99 9.98
N SER A 94 -4.20 -14.81 9.08
CA SER A 94 -3.41 -15.88 8.50
C SER A 94 -2.30 -15.28 7.62
N LEU A 95 -2.47 -14.02 7.25
CA LEU A 95 -1.51 -13.31 6.42
C LEU A 95 -1.04 -12.05 7.15
N GLN A 96 -1.15 -12.09 8.49
CA GLN A 96 -0.82 -10.94 9.33
C GLN A 96 0.63 -10.49 9.15
N LYS A 97 1.53 -11.44 8.87
CA LYS A 97 2.94 -11.12 8.72
C LYS A 97 3.17 -10.14 7.58
N TYR A 98 2.35 -10.22 6.55
CA TYR A 98 2.45 -9.32 5.41
C TYR A 98 2.14 -7.89 5.85
N TYR A 99 0.97 -7.72 6.44
CA TYR A 99 0.53 -6.40 6.91
C TYR A 99 1.44 -5.90 8.02
N GLU A 100 1.93 -6.82 8.84
CA GLU A 100 2.82 -6.48 9.92
C GLU A 100 4.15 -5.96 9.36
N ALA A 101 4.63 -6.61 8.30
CA ALA A 101 5.85 -6.18 7.64
C ALA A 101 5.69 -4.78 7.09
N VAL A 102 4.46 -4.45 6.71
CA VAL A 102 4.14 -3.11 6.25
C VAL A 102 4.25 -2.11 7.40
N LYS A 103 3.65 -2.45 8.53
CA LYS A 103 3.67 -1.57 9.69
C LYS A 103 5.06 -1.52 10.32
N GLU A 104 5.92 -2.44 9.91
CA GLU A 104 7.31 -2.46 10.37
C GLU A 104 8.03 -1.18 9.97
N GLU A 105 7.67 -0.67 8.80
CA GLU A 105 8.25 0.57 8.29
C GLU A 105 7.52 1.76 8.89
N LEU A 106 6.27 1.54 9.24
CA LEU A 106 5.43 2.59 9.79
C LEU A 106 5.64 2.73 11.30
N ASP A 107 6.28 1.72 11.89
CA ASP A 107 6.52 1.68 13.34
C ASP A 107 7.31 2.89 13.81
N ARG A 108 8.14 3.42 12.92
CA ARG A 108 8.93 4.60 13.21
C ARG A 108 8.02 5.79 13.57
N ASP A 109 6.80 5.76 13.07
CA ASP A 109 5.82 6.80 13.36
C ASP A 109 4.84 6.31 14.43
N ILE A 110 4.49 5.03 14.36
CA ILE A 110 3.54 4.42 15.30
C ILE A 110 4.08 4.46 16.75
N VAL A 111 5.40 4.56 16.88
CA VAL A 111 6.05 4.64 18.19
C VAL A 111 5.47 5.79 19.02
N SER A 112 5.10 6.86 18.34
CA SER A 112 4.48 8.00 18.98
C SER A 112 3.03 7.67 19.30
N LYS A 113 2.78 7.38 20.55
CA LYS A 113 1.47 7.01 21.01
C LYS A 113 0.74 8.21 21.56
N ASN A 114 -0.58 8.17 21.51
CA ASN A 114 -1.40 9.26 22.04
C ASN A 114 -1.25 9.34 23.55
N ASN A 115 -1.47 10.53 24.10
CA ASN A 115 -1.32 10.78 25.54
C ASN A 115 0.14 10.66 25.97
N ALA A 116 0.77 11.79 26.17
CA ALA A 116 2.16 11.83 26.56
C ALA A 116 2.33 11.56 28.04
N GLU A 117 2.80 10.33 28.35
CA GLU A 117 3.07 9.86 29.72
C GLU A 117 1.92 10.20 30.70
N LYS A 118 2.25 10.32 31.97
CA LYS A 118 1.25 10.62 33.00
C LYS A 118 0.80 12.07 32.88
N GLY B 1 4.92 -30.55 -6.65
CA GLY B 1 5.18 -29.11 -6.47
C GLY B 1 5.58 -28.78 -5.04
N SER B 2 6.69 -29.37 -4.59
CA SER B 2 7.17 -29.22 -3.23
C SER B 2 7.49 -27.77 -2.87
N LYS B 3 8.03 -27.01 -3.81
CA LYS B 3 8.39 -25.63 -3.52
C LYS B 3 7.40 -24.66 -4.16
N SER B 4 6.28 -25.17 -4.62
CA SER B 4 5.26 -24.32 -5.21
C SER B 4 4.04 -24.25 -4.31
N GLN B 5 4.09 -24.97 -3.19
CA GLN B 5 2.96 -25.05 -2.30
C GLN B 5 3.15 -24.21 -1.05
N TYR B 6 4.23 -23.47 -0.98
CA TYR B 6 4.45 -22.61 0.17
C TYR B 6 3.85 -21.23 -0.07
N ILE B 7 3.45 -20.57 0.98
CA ILE B 7 2.88 -19.23 0.87
C ILE B 7 3.59 -18.28 1.79
N ASP B 8 4.48 -17.50 1.22
CA ASP B 8 5.21 -16.53 1.98
C ASP B 8 5.52 -15.32 1.13
N ILE B 9 5.01 -14.18 1.55
CA ILE B 9 5.18 -12.94 0.83
C ILE B 9 5.56 -11.84 1.80
N MET B 10 6.74 -11.28 1.63
CA MET B 10 7.21 -10.21 2.50
C MET B 10 7.36 -8.93 1.71
N PRO B 11 6.60 -7.89 2.08
CA PRO B 11 6.65 -6.57 1.43
C PRO B 11 8.07 -6.03 1.30
N ASP B 12 8.39 -5.54 0.13
CA ASP B 12 9.71 -5.03 -0.15
C ASP B 12 9.64 -3.58 -0.63
N PHE B 13 10.06 -2.67 0.21
CA PHE B 13 10.02 -1.26 -0.13
C PHE B 13 11.30 -0.82 -0.84
N SER B 14 11.31 -0.94 -2.15
CA SER B 14 12.44 -0.53 -2.95
C SER B 14 12.08 0.68 -3.83
N PRO B 15 13.07 1.49 -4.23
CA PRO B 15 12.86 2.60 -5.12
C PRO B 15 13.27 2.27 -6.57
N SER B 16 12.30 2.19 -7.46
CA SER B 16 12.60 1.91 -8.87
C SER B 16 13.10 3.18 -9.55
N GLY B 17 12.43 4.28 -9.26
CA GLY B 17 12.80 5.54 -9.86
C GLY B 17 12.11 5.77 -11.19
N LEU B 18 11.17 4.90 -11.53
CA LEU B 18 10.43 5.00 -12.80
C LEU B 18 9.70 6.34 -12.89
N LEU B 19 9.21 6.80 -11.75
CA LEU B 19 8.47 8.05 -11.69
C LEU B 19 9.38 9.27 -11.58
N GLU B 20 10.67 9.03 -11.36
CA GLU B 20 11.63 10.11 -11.19
C GLU B 20 11.84 10.86 -12.49
N LEU B 21 11.74 10.13 -13.59
CA LEU B 21 11.96 10.70 -14.91
C LEU B 21 10.76 11.53 -15.39
N GLU B 22 9.73 11.63 -14.56
CA GLU B 22 8.56 12.40 -14.93
C GLU B 22 8.07 13.25 -13.76
N SER B 23 8.89 13.37 -12.73
CA SER B 23 8.54 14.13 -11.56
C SER B 23 9.68 15.09 -11.20
N GLY A 1 -9.04 -4.27 20.56
CA GLY A 1 -9.75 -3.01 20.85
C GLY A 1 -11.01 -2.86 20.04
N ALA A 2 -11.67 -1.72 20.17
CA ALA A 2 -12.91 -1.47 19.46
C ALA A 2 -12.78 -0.26 18.53
N MET A 3 -11.55 0.04 18.13
CA MET A 3 -11.28 1.18 17.24
C MET A 3 -11.94 1.00 15.87
N GLY A 4 -12.19 -0.25 15.50
CA GLY A 4 -12.76 -0.55 14.20
C GLY A 4 -14.19 -0.06 14.03
N ASN A 5 -14.91 0.13 15.13
CA ASN A 5 -16.29 0.59 15.04
C ASN A 5 -16.38 2.10 15.13
N GLU A 6 -15.25 2.73 15.40
CA GLU A 6 -15.18 4.14 15.51
C GLU A 6 -14.65 4.76 14.22
N TYR A 7 -13.49 4.29 13.78
CA TYR A 7 -12.89 4.78 12.55
C TYR A 7 -13.26 3.85 11.41
N LYS A 8 -13.10 4.33 10.19
CA LYS A 8 -13.38 3.50 9.03
C LYS A 8 -12.17 2.62 8.74
N ASP A 9 -12.19 1.42 9.28
CA ASP A 9 -11.07 0.49 9.15
C ASP A 9 -11.09 -0.22 7.80
N ASN A 10 -12.26 -0.29 7.19
CA ASN A 10 -12.43 -0.96 5.90
C ASN A 10 -12.14 0.00 4.76
N ALA A 11 -11.48 1.08 5.10
CA ALA A 11 -11.14 2.10 4.14
C ALA A 11 -9.98 1.66 3.27
N TYR A 12 -10.31 1.20 2.08
CA TYR A 12 -9.32 0.71 1.14
C TYR A 12 -9.59 1.26 -0.25
N ILE A 13 -8.62 1.11 -1.12
CA ILE A 13 -8.76 1.47 -2.51
C ILE A 13 -8.06 0.46 -3.39
N TYR A 14 -8.68 0.10 -4.47
CA TYR A 14 -8.10 -0.80 -5.42
C TYR A 14 -7.24 -0.03 -6.38
N ILE A 15 -5.98 -0.32 -6.36
CA ILE A 15 -5.06 0.28 -7.28
C ILE A 15 -5.07 -0.56 -8.54
N GLY A 16 -5.22 0.08 -9.68
CA GLY A 16 -5.35 -0.63 -10.92
C GLY A 16 -4.03 -0.98 -11.55
N ASN A 17 -4.09 -1.42 -12.81
CA ASN A 17 -2.92 -1.87 -13.59
C ASN A 17 -1.69 -1.00 -13.36
N LEU A 18 -0.79 -1.51 -12.54
CA LEU A 18 0.45 -0.84 -12.21
C LEU A 18 1.57 -1.38 -13.05
N ASN A 19 2.77 -0.94 -12.75
CA ASN A 19 3.96 -1.40 -13.42
C ASN A 19 4.63 -2.44 -12.52
N ARG A 20 5.14 -3.51 -13.10
CA ARG A 20 5.77 -4.57 -12.30
C ARG A 20 7.04 -4.06 -11.61
N GLU A 21 7.56 -2.94 -12.08
CA GLU A 21 8.74 -2.33 -11.50
C GLU A 21 8.35 -1.40 -10.35
N LEU A 22 7.05 -1.19 -10.18
CA LEU A 22 6.54 -0.31 -9.14
C LEU A 22 6.29 -1.09 -7.87
N THR A 23 7.09 -0.84 -6.86
CA THR A 23 6.98 -1.53 -5.59
C THR A 23 6.20 -0.70 -4.57
N GLU A 24 5.90 -1.31 -3.42
CA GLU A 24 5.15 -0.64 -2.36
C GLU A 24 5.85 0.64 -1.91
N GLY A 25 7.17 0.62 -1.98
CA GLY A 25 7.95 1.77 -1.57
C GLY A 25 7.64 3.00 -2.40
N ASP A 26 7.48 2.81 -3.70
CA ASP A 26 7.19 3.92 -4.61
C ASP A 26 5.75 4.35 -4.47
N ILE A 27 4.86 3.36 -4.30
CA ILE A 27 3.45 3.65 -4.06
C ILE A 27 3.29 4.51 -2.82
N LEU A 28 4.01 4.15 -1.77
CA LEU A 28 3.96 4.89 -0.53
C LEU A 28 4.62 6.24 -0.70
N THR A 29 5.54 6.31 -1.64
CA THR A 29 6.22 7.56 -1.95
C THR A 29 5.21 8.65 -2.35
N VAL A 30 4.37 8.35 -3.34
CA VAL A 30 3.41 9.32 -3.82
C VAL A 30 2.30 9.58 -2.80
N PHE A 31 1.94 8.58 -2.00
CA PHE A 31 0.93 8.77 -0.98
C PHE A 31 1.51 9.48 0.25
N SER A 32 2.83 9.43 0.39
CA SER A 32 3.51 10.10 1.49
C SER A 32 3.48 11.61 1.29
N GLU A 33 3.19 12.02 0.05
CA GLU A 33 3.10 13.42 -0.32
C GLU A 33 1.97 14.11 0.47
N TYR A 34 1.02 13.32 0.95
CA TYR A 34 -0.11 13.84 1.70
C TYR A 34 0.22 13.92 3.19
N GLY A 35 1.46 13.55 3.53
CA GLY A 35 1.92 13.64 4.91
C GLY A 35 1.44 12.49 5.79
N VAL A 36 0.69 11.57 5.22
CA VAL A 36 0.15 10.47 6.01
C VAL A 36 0.47 9.11 5.38
N PRO A 37 1.52 8.44 5.87
CA PRO A 37 1.89 7.10 5.41
C PRO A 37 1.07 6.03 6.15
N VAL A 38 0.31 5.25 5.40
CA VAL A 38 -0.55 4.23 6.00
C VAL A 38 -0.24 2.84 5.41
N ASP A 39 -1.11 1.87 5.67
CA ASP A 39 -0.84 0.47 5.29
C ASP A 39 -1.07 0.24 3.80
N VAL A 40 -0.14 -0.48 3.18
CA VAL A 40 -0.24 -0.79 1.76
C VAL A 40 -0.10 -2.30 1.54
N ILE A 41 -0.96 -2.85 0.70
CA ILE A 41 -0.93 -4.26 0.40
C ILE A 41 -0.82 -4.47 -1.10
N LEU A 42 0.33 -4.92 -1.55
CA LEU A 42 0.54 -5.17 -2.96
C LEU A 42 0.12 -6.59 -3.31
N SER A 43 -0.52 -6.75 -4.44
CA SER A 43 -0.92 -8.05 -4.90
C SER A 43 0.25 -8.70 -5.61
N ARG A 44 0.81 -9.70 -4.99
CA ARG A 44 1.98 -10.36 -5.50
C ARG A 44 1.75 -11.85 -5.73
N ASP A 45 2.39 -12.35 -6.76
CA ASP A 45 2.32 -13.76 -7.14
C ASP A 45 2.84 -14.63 -5.99
N GLU A 46 2.09 -15.64 -5.65
CA GLU A 46 2.42 -16.50 -4.51
C GLU A 46 3.57 -17.46 -4.83
N ASN A 47 3.88 -17.61 -6.10
CA ASN A 47 4.91 -18.54 -6.52
C ASN A 47 6.30 -17.92 -6.44
N THR A 48 6.53 -16.87 -7.21
CA THR A 48 7.84 -16.25 -7.25
C THR A 48 7.86 -14.87 -6.53
N GLY A 49 6.71 -14.26 -6.39
CA GLY A 49 6.64 -12.97 -5.73
C GLY A 49 6.55 -11.81 -6.71
N GLU A 50 6.10 -12.10 -7.92
CA GLU A 50 5.93 -11.08 -8.95
C GLU A 50 4.75 -10.19 -8.65
N SER A 51 4.71 -9.02 -9.28
CA SER A 51 3.60 -8.12 -9.10
C SER A 51 2.44 -8.57 -10.00
N GLN A 52 1.25 -8.67 -9.42
CA GLN A 52 0.08 -9.09 -10.18
C GLN A 52 -0.49 -7.93 -10.99
N GLY A 53 0.02 -6.73 -10.74
CA GLY A 53 -0.38 -5.57 -11.51
C GLY A 53 -1.45 -4.74 -10.83
N PHE A 54 -1.67 -4.97 -9.55
CA PHE A 54 -2.66 -4.21 -8.79
C PHE A 54 -2.36 -4.28 -7.31
N ALA A 55 -2.98 -3.40 -6.53
CA ALA A 55 -2.74 -3.35 -5.10
C ALA A 55 -3.94 -2.82 -4.34
N TYR A 56 -3.85 -2.85 -3.02
CA TYR A 56 -4.89 -2.34 -2.15
C TYR A 56 -4.24 -1.50 -1.06
N LEU A 57 -4.69 -0.28 -0.93
CA LEU A 57 -4.14 0.62 0.08
C LEU A 57 -5.16 0.88 1.17
N LYS A 58 -4.71 0.84 2.42
CA LYS A 58 -5.56 1.13 3.55
C LYS A 58 -5.08 2.39 4.22
N TYR A 59 -5.94 3.38 4.28
CA TYR A 59 -5.59 4.66 4.82
C TYR A 59 -6.72 5.26 5.65
N GLU A 60 -6.58 6.56 5.96
CA GLU A 60 -7.54 7.30 6.80
C GLU A 60 -9.00 7.16 6.33
N ASP A 61 -9.90 7.82 7.07
CA ASP A 61 -11.35 7.77 6.84
C ASP A 61 -11.76 8.33 5.46
N GLN A 62 -13.08 8.40 5.26
CA GLN A 62 -13.69 8.79 3.99
C GLN A 62 -13.12 10.09 3.41
N ARG A 63 -12.86 11.07 4.25
CA ARG A 63 -12.28 12.34 3.78
C ARG A 63 -11.05 12.11 2.91
N SER A 64 -10.11 11.35 3.44
CA SER A 64 -8.88 11.07 2.75
C SER A 64 -9.11 10.15 1.56
N THR A 65 -10.10 9.25 1.66
CA THR A 65 -10.37 8.32 0.58
C THR A 65 -10.74 9.05 -0.70
N ILE A 66 -11.63 10.01 -0.56
CA ILE A 66 -12.12 10.77 -1.68
C ILE A 66 -11.00 11.66 -2.25
N LEU A 67 -10.17 12.21 -1.37
CA LEU A 67 -9.05 13.03 -1.82
C LEU A 67 -8.09 12.19 -2.67
N ALA A 68 -7.59 11.10 -2.09
CA ALA A 68 -6.65 10.22 -2.77
C ALA A 68 -7.22 9.66 -4.07
N VAL A 69 -8.45 9.14 -4.03
CA VAL A 69 -9.07 8.58 -5.23
C VAL A 69 -9.11 9.60 -6.37
N ASP A 70 -9.64 10.76 -6.09
CA ASP A 70 -9.77 11.82 -7.10
C ASP A 70 -8.41 12.31 -7.59
N ASN A 71 -7.45 12.40 -6.68
CA ASN A 71 -6.14 12.96 -7.00
C ASN A 71 -5.25 11.95 -7.77
N LEU A 72 -5.16 10.72 -7.28
CA LEU A 72 -4.29 9.72 -7.88
C LEU A 72 -4.89 9.13 -9.16
N ASN A 73 -6.21 9.08 -9.25
CA ASN A 73 -6.87 8.54 -10.43
C ASN A 73 -6.61 9.45 -11.63
N GLY A 74 -5.81 8.98 -12.56
CA GLY A 74 -5.47 9.75 -13.72
C GLY A 74 -4.01 10.17 -13.72
N PHE A 75 -3.40 10.14 -12.55
CA PHE A 75 -2.00 10.48 -12.40
C PHE A 75 -1.18 9.32 -12.93
N LYS A 76 -0.11 9.60 -13.64
CA LYS A 76 0.67 8.55 -14.24
C LYS A 76 2.02 8.38 -13.58
N ILE A 77 2.40 7.13 -13.33
CA ILE A 77 3.67 6.82 -12.69
C ILE A 77 4.43 5.81 -13.53
N GLY A 78 5.60 6.20 -13.98
CA GLY A 78 6.46 5.32 -14.73
C GLY A 78 5.87 4.86 -16.05
N GLY A 79 5.03 5.70 -16.64
CA GLY A 79 4.45 5.36 -17.91
C GLY A 79 3.10 4.68 -17.81
N ARG A 80 2.61 4.50 -16.59
CA ARG A 80 1.32 3.86 -16.40
C ARG A 80 0.42 4.69 -15.49
N ALA A 81 -0.71 5.09 -16.04
CA ALA A 81 -1.69 5.90 -15.32
C ALA A 81 -2.36 5.10 -14.21
N LEU A 82 -2.52 5.74 -13.07
CA LEU A 82 -3.13 5.11 -11.92
C LEU A 82 -4.63 5.11 -12.02
N LYS A 83 -5.22 3.96 -11.90
CA LYS A 83 -6.65 3.82 -11.87
C LYS A 83 -7.06 3.47 -10.46
N ILE A 84 -7.62 4.43 -9.75
CA ILE A 84 -7.98 4.21 -8.36
C ILE A 84 -9.46 3.90 -8.23
N ASP A 85 -9.76 2.67 -7.89
CA ASP A 85 -11.13 2.25 -7.70
C ASP A 85 -11.42 2.10 -6.22
N HIS A 86 -12.28 2.96 -5.71
CA HIS A 86 -12.63 2.93 -4.30
C HIS A 86 -13.39 1.65 -3.97
N THR A 87 -12.90 0.89 -3.01
CA THR A 87 -13.54 -0.34 -2.62
C THR A 87 -13.10 -0.74 -1.21
N PHE A 88 -14.05 -1.18 -0.40
CA PHE A 88 -13.75 -1.58 0.96
C PHE A 88 -13.04 -2.94 0.95
N TYR A 89 -12.29 -3.22 1.98
CA TYR A 89 -11.63 -4.49 2.13
C TYR A 89 -11.47 -4.81 3.60
N ARG A 90 -11.47 -6.10 3.93
CA ARG A 90 -11.32 -6.52 5.30
C ARG A 90 -9.95 -7.14 5.51
N PRO A 91 -9.16 -6.59 6.44
CA PRO A 91 -7.81 -7.07 6.74
C PRO A 91 -7.80 -8.56 7.11
N LYS A 92 -6.92 -9.30 6.47
CA LYS A 92 -6.80 -10.72 6.75
C LYS A 92 -5.71 -10.94 7.79
N ARG A 93 -6.05 -11.68 8.83
CA ARG A 93 -5.12 -11.96 9.90
C ARG A 93 -4.18 -13.10 9.52
N SER A 94 -4.48 -13.76 8.41
CA SER A 94 -3.63 -14.81 7.89
C SER A 94 -2.41 -14.19 7.19
N LEU A 95 -2.57 -12.94 6.77
CA LEU A 95 -1.50 -12.22 6.07
C LEU A 95 -0.97 -11.10 6.97
N GLN A 96 -1.09 -11.29 8.27
CA GLN A 96 -0.64 -10.30 9.26
C GLN A 96 0.85 -9.97 9.11
N LYS A 97 1.63 -10.96 8.66
CA LYS A 97 3.07 -10.77 8.48
C LYS A 97 3.37 -9.64 7.49
N TYR A 98 2.55 -9.54 6.46
CA TYR A 98 2.73 -8.52 5.43
C TYR A 98 2.53 -7.14 6.05
N TYR A 99 1.49 -7.01 6.87
CA TYR A 99 1.18 -5.76 7.55
C TYR A 99 2.29 -5.38 8.51
N GLU A 100 2.73 -6.35 9.32
CA GLU A 100 3.79 -6.11 10.28
C GLU A 100 5.07 -5.65 9.59
N ALA A 101 5.41 -6.31 8.48
CA ALA A 101 6.60 -5.97 7.71
C ALA A 101 6.57 -4.51 7.26
N VAL A 102 5.42 -4.09 6.72
CA VAL A 102 5.26 -2.72 6.24
C VAL A 102 5.27 -1.72 7.41
N LYS A 103 4.53 -2.06 8.46
CA LYS A 103 4.40 -1.20 9.62
C LYS A 103 5.75 -0.94 10.28
N GLU A 104 6.49 -2.00 10.54
CA GLU A 104 7.80 -1.89 11.18
C GLU A 104 8.77 -1.14 10.28
N GLU A 105 8.68 -1.41 8.98
CA GLU A 105 9.55 -0.78 8.00
C GLU A 105 9.36 0.74 8.02
N LEU A 106 8.12 1.17 7.92
CA LEU A 106 7.80 2.59 7.89
C LEU A 106 8.11 3.27 9.21
N ASP A 107 8.01 2.52 10.30
CA ASP A 107 8.28 3.05 11.63
C ASP A 107 9.74 3.48 11.73
N ARG A 108 10.60 2.74 11.06
CA ARG A 108 12.03 3.03 11.04
C ARG A 108 12.29 4.34 10.28
N ASP A 109 11.54 4.55 9.21
CA ASP A 109 11.69 5.75 8.39
C ASP A 109 11.27 7.00 9.16
N ILE A 110 10.38 6.81 10.14
CA ILE A 110 9.93 7.92 10.97
C ILE A 110 11.06 8.35 11.92
N VAL A 111 11.84 7.37 12.37
CA VAL A 111 12.93 7.64 13.30
C VAL A 111 14.12 8.26 12.58
N SER A 112 14.42 7.74 11.39
CA SER A 112 15.54 8.22 10.61
C SER A 112 15.25 9.64 10.09
N LYS A 113 15.97 10.61 10.64
CA LYS A 113 15.79 12.00 10.25
C LYS A 113 16.39 12.27 8.86
N ASN A 114 15.56 12.09 7.83
CA ASN A 114 15.97 12.34 6.45
C ASN A 114 16.36 13.79 6.24
N ASN A 115 15.66 14.68 6.94
CA ASN A 115 15.91 16.12 6.84
C ASN A 115 17.17 16.52 7.59
N ALA A 116 17.65 15.62 8.46
CA ALA A 116 18.81 15.87 9.32
C ALA A 116 18.51 16.94 10.38
N GLU A 117 18.33 18.16 9.95
CA GLU A 117 18.02 19.26 10.84
C GLU A 117 17.20 20.32 10.11
N LYS A 118 16.88 21.39 10.81
CA LYS A 118 16.13 22.48 10.24
C LYS A 118 17.08 23.52 9.66
N GLY B 1 13.15 -24.10 1.80
CA GLY B 1 11.98 -23.85 2.65
C GLY B 1 10.71 -24.42 2.05
N SER B 2 9.63 -24.33 2.78
CA SER B 2 8.35 -24.84 2.32
C SER B 2 7.47 -23.69 1.82
N LYS B 3 8.07 -22.74 1.13
CA LYS B 3 7.36 -21.55 0.64
C LYS B 3 6.35 -21.92 -0.45
N SER B 4 6.53 -23.09 -1.04
CA SER B 4 5.62 -23.57 -2.05
C SER B 4 4.38 -24.18 -1.40
N GLN B 5 4.50 -24.50 -0.13
CA GLN B 5 3.42 -25.08 0.63
C GLN B 5 2.73 -23.99 1.46
N TYR B 6 3.51 -23.32 2.28
CA TYR B 6 3.01 -22.25 3.12
C TYR B 6 3.14 -20.93 2.41
N ILE B 7 2.04 -20.21 2.27
CA ILE B 7 2.08 -18.92 1.60
C ILE B 7 2.77 -17.89 2.47
N ASP B 8 3.99 -17.62 2.12
CA ASP B 8 4.81 -16.67 2.84
C ASP B 8 5.45 -15.69 1.88
N ILE B 9 4.89 -14.49 1.83
CA ILE B 9 5.38 -13.46 0.92
C ILE B 9 5.58 -12.18 1.69
N MET B 10 6.75 -11.58 1.54
CA MET B 10 7.05 -10.34 2.22
C MET B 10 7.13 -9.18 1.25
N PRO B 11 6.78 -7.96 1.72
CA PRO B 11 6.86 -6.74 0.91
C PRO B 11 8.26 -6.49 0.39
N ASP B 12 8.36 -5.93 -0.79
CA ASP B 12 9.66 -5.67 -1.38
C ASP B 12 9.87 -4.19 -1.64
N PHE B 13 10.40 -3.51 -0.66
CA PHE B 13 10.66 -2.08 -0.76
C PHE B 13 11.91 -1.82 -1.59
N SER B 14 11.73 -1.55 -2.86
CA SER B 14 12.83 -1.26 -3.75
C SER B 14 12.81 0.22 -4.14
N PRO B 15 13.98 0.85 -4.32
CA PRO B 15 14.07 2.24 -4.77
C PRO B 15 13.72 2.37 -6.25
N SER B 16 12.49 2.01 -6.59
CA SER B 16 12.01 2.03 -7.96
C SER B 16 12.09 3.45 -8.55
N GLY B 17 11.55 4.42 -7.84
CA GLY B 17 11.58 5.80 -8.29
C GLY B 17 10.91 6.00 -9.64
N LEU B 18 9.80 5.30 -9.87
CA LEU B 18 9.11 5.42 -11.16
C LEU B 18 8.50 6.78 -11.34
N LEU B 19 8.18 7.43 -10.24
CA LEU B 19 7.64 8.78 -10.29
C LEU B 19 8.72 9.77 -10.76
N GLU B 20 9.99 9.36 -10.58
CA GLU B 20 11.12 10.15 -11.04
C GLU B 20 11.38 9.87 -12.51
N LEU B 21 11.13 8.62 -12.91
CA LEU B 21 11.30 8.19 -14.30
C LEU B 21 10.10 8.59 -15.15
N GLU B 22 9.13 9.25 -14.54
CA GLU B 22 7.97 9.71 -15.23
C GLU B 22 8.20 11.12 -15.75
N SER B 23 8.61 11.19 -16.99
CA SER B 23 8.85 12.46 -17.63
C SER B 23 7.66 12.85 -18.50
N GLY A 1 -26.95 -1.04 2.19
CA GLY A 1 -27.92 -0.24 2.97
C GLY A 1 -27.24 0.94 3.63
N ALA A 2 -28.04 1.88 4.11
CA ALA A 2 -27.51 3.06 4.77
C ALA A 2 -27.06 2.74 6.19
N MET A 3 -25.88 2.18 6.29
CA MET A 3 -25.30 1.82 7.57
C MET A 3 -24.07 2.68 7.84
N GLY A 4 -24.09 3.89 7.33
CA GLY A 4 -22.97 4.77 7.47
C GLY A 4 -21.83 4.33 6.58
N ASN A 5 -22.15 4.05 5.31
CA ASN A 5 -21.17 3.59 4.34
C ASN A 5 -20.05 4.62 4.16
N GLU A 6 -20.37 5.88 4.45
CA GLU A 6 -19.40 6.97 4.34
C GLU A 6 -18.17 6.70 5.21
N TYR A 7 -18.38 5.93 6.27
CA TYR A 7 -17.29 5.59 7.19
C TYR A 7 -16.64 4.28 6.79
N LYS A 8 -17.21 3.63 5.80
CA LYS A 8 -16.66 2.40 5.28
C LYS A 8 -15.89 2.70 4.01
N ASP A 9 -16.27 3.82 3.36
CA ASP A 9 -15.54 4.35 2.21
C ASP A 9 -14.32 5.09 2.72
N ASN A 10 -14.25 5.17 4.04
CA ASN A 10 -13.16 5.81 4.76
C ASN A 10 -11.96 4.85 4.84
N ALA A 11 -12.18 3.62 4.42
CA ALA A 11 -11.16 2.59 4.48
C ALA A 11 -10.26 2.59 3.24
N TYR A 12 -9.47 1.52 3.13
CA TYR A 12 -8.46 1.38 2.09
C TYR A 12 -9.01 1.51 0.65
N ILE A 13 -8.13 1.88 -0.26
CA ILE A 13 -8.50 2.07 -1.65
C ILE A 13 -7.91 0.99 -2.54
N TYR A 14 -8.58 0.73 -3.64
CA TYR A 14 -8.14 -0.23 -4.64
C TYR A 14 -7.47 0.50 -5.79
N ILE A 15 -6.38 -0.06 -6.25
CA ILE A 15 -5.65 0.50 -7.36
C ILE A 15 -5.51 -0.56 -8.46
N GLY A 16 -5.59 -0.14 -9.70
CA GLY A 16 -5.53 -1.06 -10.81
C GLY A 16 -4.12 -1.37 -11.24
N ASN A 17 -3.99 -2.02 -12.40
CA ASN A 17 -2.70 -2.48 -12.93
C ASN A 17 -1.69 -1.33 -13.05
N LEU A 18 -0.61 -1.46 -12.31
CA LEU A 18 0.44 -0.46 -12.30
C LEU A 18 1.62 -0.90 -13.17
N ASN A 19 2.73 -0.19 -13.05
CA ASN A 19 3.94 -0.52 -13.80
C ASN A 19 4.65 -1.67 -13.12
N ARG A 20 5.42 -2.42 -13.88
CA ARG A 20 6.10 -3.59 -13.35
C ARG A 20 7.22 -3.20 -12.39
N GLU A 21 7.84 -2.05 -12.65
CA GLU A 21 8.92 -1.57 -11.82
C GLU A 21 8.43 -0.77 -10.61
N LEU A 22 7.11 -0.62 -10.49
CA LEU A 22 6.55 0.08 -9.34
C LEU A 22 6.45 -0.86 -8.15
N THR A 23 7.29 -0.63 -7.16
CA THR A 23 7.32 -1.47 -5.99
C THR A 23 6.53 -0.83 -4.88
N GLU A 24 6.46 -1.52 -3.74
CA GLU A 24 5.79 -1.01 -2.57
C GLU A 24 6.45 0.30 -2.11
N GLY A 25 7.72 0.47 -2.46
CA GLY A 25 8.45 1.67 -2.10
C GLY A 25 7.94 2.88 -2.85
N ASP A 26 7.85 2.76 -4.16
CA ASP A 26 7.35 3.86 -5.00
C ASP A 26 5.90 4.17 -4.68
N ILE A 27 5.11 3.12 -4.44
CA ILE A 27 3.70 3.29 -4.09
C ILE A 27 3.56 4.08 -2.79
N LEU A 28 4.35 3.70 -1.79
CA LEU A 28 4.33 4.38 -0.51
C LEU A 28 4.78 5.82 -0.69
N THR A 29 5.73 5.99 -1.59
CA THR A 29 6.27 7.31 -1.90
C THR A 29 5.15 8.24 -2.42
N VAL A 30 4.37 7.72 -3.36
CA VAL A 30 3.27 8.48 -3.95
C VAL A 30 2.29 8.95 -2.88
N PHE A 31 1.84 8.04 -2.04
CA PHE A 31 0.85 8.36 -1.03
C PHE A 31 1.44 9.08 0.17
N SER A 32 2.76 8.99 0.32
CA SER A 32 3.44 9.68 1.40
C SER A 32 3.38 11.18 1.17
N GLU A 33 3.13 11.57 -0.09
CA GLU A 33 3.03 12.96 -0.47
C GLU A 33 1.74 13.57 0.11
N TYR A 34 0.76 12.71 0.38
CA TYR A 34 -0.49 13.14 0.99
C TYR A 34 -0.33 13.29 2.50
N GLY A 35 0.69 12.64 3.03
CA GLY A 35 0.95 12.69 4.45
C GLY A 35 0.19 11.63 5.23
N VAL A 36 0.02 10.45 4.63
CA VAL A 36 -0.68 9.36 5.28
C VAL A 36 0.15 8.06 5.28
N PRO A 37 0.99 7.87 6.32
CA PRO A 37 1.78 6.67 6.46
C PRO A 37 1.00 5.57 7.18
N VAL A 38 0.21 4.84 6.41
CA VAL A 38 -0.63 3.78 6.94
C VAL A 38 -0.31 2.46 6.18
N ASP A 39 -1.14 1.44 6.32
CA ASP A 39 -0.84 0.11 5.78
C ASP A 39 -0.94 0.07 4.25
N VAL A 40 0.07 -0.49 3.61
CA VAL A 40 0.07 -0.63 2.15
C VAL A 40 0.21 -2.10 1.75
N ILE A 41 -0.62 -2.54 0.82
CA ILE A 41 -0.61 -3.92 0.37
C ILE A 41 -0.56 -4.00 -1.15
N LEU A 42 0.42 -4.69 -1.68
CA LEU A 42 0.52 -4.88 -3.12
C LEU A 42 0.16 -6.34 -3.44
N SER A 43 -0.66 -6.52 -4.46
CA SER A 43 -1.04 -7.87 -4.88
C SER A 43 0.19 -8.66 -5.30
N ARG A 44 0.50 -9.69 -4.57
CA ARG A 44 1.66 -10.52 -4.88
C ARG A 44 1.29 -11.99 -4.79
N ASP A 45 1.77 -12.76 -5.75
CA ASP A 45 1.47 -14.19 -5.82
C ASP A 45 2.12 -14.96 -4.69
N GLU A 46 1.55 -16.10 -4.38
CA GLU A 46 2.08 -16.95 -3.32
C GLU A 46 3.22 -17.79 -3.86
N ASN A 47 3.10 -18.20 -5.10
CA ASN A 47 4.09 -19.06 -5.73
C ASN A 47 5.38 -18.33 -6.01
N THR A 48 5.33 -17.43 -6.98
CA THR A 48 6.53 -16.70 -7.38
C THR A 48 6.75 -15.45 -6.50
N GLY A 49 5.71 -14.99 -5.82
CA GLY A 49 5.83 -13.85 -4.93
C GLY A 49 5.97 -12.53 -5.66
N GLU A 50 5.59 -12.51 -6.92
CA GLU A 50 5.70 -11.31 -7.74
C GLU A 50 4.42 -10.50 -7.70
N SER A 51 4.52 -9.25 -8.14
CA SER A 51 3.40 -8.34 -8.15
C SER A 51 2.38 -8.71 -9.25
N GLN A 52 1.12 -8.82 -8.85
CA GLN A 52 0.05 -9.16 -9.77
C GLN A 52 -0.39 -7.93 -10.56
N GLY A 53 0.05 -6.76 -10.11
CA GLY A 53 -0.23 -5.54 -10.83
C GLY A 53 -1.21 -4.62 -10.13
N PHE A 54 -1.86 -5.08 -9.07
CA PHE A 54 -2.84 -4.25 -8.38
C PHE A 54 -2.28 -3.79 -7.04
N ALA A 55 -2.68 -2.62 -6.61
CA ALA A 55 -2.20 -2.09 -5.37
C ALA A 55 -3.35 -1.74 -4.44
N TYR A 56 -3.08 -1.78 -3.17
CA TYR A 56 -4.07 -1.48 -2.16
C TYR A 56 -3.42 -0.64 -1.06
N LEU A 57 -4.10 0.39 -0.60
CA LEU A 57 -3.56 1.21 0.47
C LEU A 57 -4.62 1.50 1.50
N LYS A 58 -4.36 1.13 2.73
CA LYS A 58 -5.28 1.36 3.80
C LYS A 58 -4.86 2.53 4.63
N TYR A 59 -5.69 3.54 4.64
CA TYR A 59 -5.50 4.71 5.45
C TYR A 59 -6.86 5.19 5.89
N GLU A 60 -6.96 5.71 7.07
CA GLU A 60 -8.24 6.18 7.52
C GLU A 60 -8.37 7.69 7.42
N ASP A 61 -9.17 8.14 6.46
CA ASP A 61 -9.50 9.57 6.31
C ASP A 61 -10.38 9.79 5.09
N GLN A 62 -11.67 9.95 5.32
CA GLN A 62 -12.67 10.12 4.26
C GLN A 62 -12.28 11.22 3.27
N ARG A 63 -11.73 12.30 3.76
CA ARG A 63 -11.37 13.43 2.90
C ARG A 63 -10.26 13.04 1.92
N SER A 64 -9.16 12.55 2.45
CA SER A 64 -8.03 12.18 1.62
C SER A 64 -8.33 10.97 0.71
N THR A 65 -9.35 10.17 1.04
CA THR A 65 -9.70 9.04 0.17
C THR A 65 -10.10 9.55 -1.20
N ILE A 66 -10.99 10.53 -1.19
CA ILE A 66 -11.49 11.14 -2.40
C ILE A 66 -10.36 11.86 -3.11
N LEU A 67 -9.49 12.51 -2.32
CA LEU A 67 -8.31 13.17 -2.85
C LEU A 67 -7.43 12.17 -3.60
N ALA A 68 -7.02 11.12 -2.90
CA ALA A 68 -6.17 10.08 -3.48
C ALA A 68 -6.79 9.46 -4.72
N VAL A 69 -8.07 9.12 -4.63
CA VAL A 69 -8.78 8.49 -5.74
C VAL A 69 -8.86 9.41 -6.96
N ASP A 70 -9.35 10.61 -6.76
CA ASP A 70 -9.58 11.55 -7.86
C ASP A 70 -8.29 12.14 -8.41
N ASN A 71 -7.36 12.46 -7.51
CA ASN A 71 -6.09 13.09 -7.90
C ASN A 71 -5.22 12.15 -8.73
N LEU A 72 -5.24 10.88 -8.40
CA LEU A 72 -4.39 9.91 -9.08
C LEU A 72 -5.11 9.19 -10.21
N ASN A 73 -6.42 9.35 -10.28
CA ASN A 73 -7.20 8.67 -11.32
C ASN A 73 -6.81 9.18 -12.70
N GLY A 74 -6.15 8.35 -13.46
CA GLY A 74 -5.74 8.71 -14.79
C GLY A 74 -4.35 9.29 -14.84
N PHE A 75 -3.67 9.31 -13.69
CA PHE A 75 -2.32 9.83 -13.63
C PHE A 75 -1.35 8.80 -14.20
N LYS A 76 -0.46 9.26 -15.05
CA LYS A 76 0.48 8.39 -15.72
C LYS A 76 1.79 8.26 -14.96
N ILE A 77 2.17 7.03 -14.67
CA ILE A 77 3.45 6.72 -14.04
C ILE A 77 4.08 5.55 -14.77
N GLY A 78 5.21 5.81 -15.40
CA GLY A 78 5.91 4.77 -16.15
C GLY A 78 5.11 4.29 -17.34
N GLY A 79 4.27 5.16 -17.89
CA GLY A 79 3.46 4.80 -19.03
C GLY A 79 2.14 4.15 -18.62
N ARG A 80 1.97 3.95 -17.33
CA ARG A 80 0.77 3.30 -16.82
C ARG A 80 -0.17 4.35 -16.23
N ALA A 81 -1.45 4.10 -16.27
CA ALA A 81 -2.43 5.02 -15.72
C ALA A 81 -2.97 4.49 -14.40
N LEU A 82 -2.89 5.31 -13.37
CA LEU A 82 -3.37 4.93 -12.06
C LEU A 82 -4.90 4.93 -12.01
N LYS A 83 -5.47 3.83 -11.54
CA LYS A 83 -6.91 3.72 -11.40
C LYS A 83 -7.24 3.41 -9.96
N ILE A 84 -7.93 4.33 -9.30
CA ILE A 84 -8.23 4.18 -7.88
C ILE A 84 -9.74 4.02 -7.67
N ASP A 85 -10.13 3.28 -6.65
CA ASP A 85 -11.55 3.07 -6.33
C ASP A 85 -11.75 2.75 -4.85
N HIS A 86 -12.87 3.21 -4.29
CA HIS A 86 -13.19 2.93 -2.89
C HIS A 86 -13.64 1.49 -2.71
N THR A 87 -13.17 0.83 -1.67
CA THR A 87 -13.51 -0.56 -1.46
C THR A 87 -13.29 -0.95 0.01
N PHE A 88 -13.94 -2.03 0.42
CA PHE A 88 -13.80 -2.53 1.78
C PHE A 88 -13.35 -3.99 1.76
N TYR A 89 -12.33 -4.29 2.54
CA TYR A 89 -11.78 -5.64 2.59
C TYR A 89 -11.50 -6.04 4.02
N ARG A 90 -11.73 -7.30 4.31
CA ARG A 90 -11.50 -7.84 5.63
C ARG A 90 -10.15 -8.56 5.65
N PRO A 91 -9.14 -7.96 6.32
CA PRO A 91 -7.79 -8.52 6.38
C PRO A 91 -7.76 -9.96 6.86
N LYS A 92 -7.24 -10.84 6.01
CA LYS A 92 -7.14 -12.25 6.33
C LYS A 92 -5.93 -12.49 7.23
N ARG A 93 -6.02 -13.52 8.08
CA ARG A 93 -4.93 -13.88 8.98
C ARG A 93 -3.76 -14.47 8.19
N SER A 94 -4.04 -14.93 6.99
CA SER A 94 -3.02 -15.53 6.14
C SER A 94 -2.11 -14.47 5.53
N LEU A 95 -2.50 -13.20 5.64
CA LEU A 95 -1.71 -12.11 5.11
C LEU A 95 -1.20 -11.22 6.25
N GLN A 96 -1.21 -11.79 7.46
CA GLN A 96 -0.80 -11.07 8.66
C GLN A 96 0.64 -10.55 8.56
N LYS A 97 1.53 -11.38 8.03
CA LYS A 97 2.94 -11.03 7.93
C LYS A 97 3.15 -9.82 7.05
N TYR A 98 2.27 -9.62 6.09
CA TYR A 98 2.39 -8.49 5.18
C TYR A 98 2.16 -7.19 5.93
N TYR A 99 1.04 -7.12 6.65
CA TYR A 99 0.68 -5.94 7.42
C TYR A 99 1.72 -5.65 8.48
N GLU A 100 2.22 -6.72 9.11
CA GLU A 100 3.22 -6.60 10.14
C GLU A 100 4.55 -6.12 9.56
N ALA A 101 4.97 -6.71 8.45
CA ALA A 101 6.23 -6.34 7.80
C ALA A 101 6.22 -4.87 7.39
N VAL A 102 5.09 -4.41 6.86
CA VAL A 102 4.95 -3.03 6.42
C VAL A 102 5.05 -2.06 7.60
N LYS A 103 4.28 -2.33 8.65
CA LYS A 103 4.24 -1.45 9.81
C LYS A 103 5.60 -1.38 10.50
N GLU A 104 6.27 -2.52 10.59
CA GLU A 104 7.59 -2.59 11.17
C GLU A 104 8.60 -1.84 10.30
N GLU A 105 8.45 -1.99 9.00
CA GLU A 105 9.34 -1.35 8.04
C GLU A 105 9.28 0.17 8.15
N LEU A 106 8.08 0.67 8.45
CA LEU A 106 7.88 2.10 8.61
C LEU A 106 8.69 2.61 9.80
N ASP A 107 8.58 1.91 10.93
CA ASP A 107 9.33 2.30 12.14
C ASP A 107 10.82 2.18 11.93
N ARG A 108 11.23 1.22 11.10
CA ARG A 108 12.65 1.02 10.79
C ARG A 108 13.21 2.25 10.09
N ASP A 109 12.39 2.91 9.28
CA ASP A 109 12.82 4.09 8.55
C ASP A 109 12.82 5.31 9.47
N ILE A 110 11.80 5.39 10.32
CA ILE A 110 11.68 6.50 11.27
C ILE A 110 12.76 6.39 12.35
N VAL A 111 13.12 5.15 12.69
CA VAL A 111 14.11 4.84 13.72
C VAL A 111 13.54 5.07 15.11
N SER A 112 13.14 6.29 15.39
CA SER A 112 12.57 6.64 16.67
C SER A 112 11.81 7.95 16.58
N LYS A 113 12.54 9.02 16.24
CA LYS A 113 11.99 10.37 16.12
C LYS A 113 11.57 10.91 17.48
N ASN A 114 12.27 11.91 17.96
CA ASN A 114 11.96 12.52 19.24
C ASN A 114 10.91 13.61 19.08
N ASN A 115 9.66 13.23 19.29
CA ASN A 115 8.55 14.15 19.22
C ASN A 115 7.41 13.61 20.06
N ALA A 116 6.21 14.03 19.77
CA ALA A 116 5.05 13.60 20.51
C ALA A 116 4.65 12.18 20.15
N GLU A 117 3.75 11.61 20.96
CA GLU A 117 3.22 10.25 20.74
C GLU A 117 4.29 9.18 20.91
N LYS A 118 5.39 9.55 21.54
CA LYS A 118 6.49 8.63 21.76
C LYS A 118 6.55 8.22 23.22
N GLY B 1 12.14 -27.46 3.14
CA GLY B 1 11.67 -26.68 4.29
C GLY B 1 10.17 -26.46 4.25
N SER B 2 9.71 -25.41 4.89
CA SER B 2 8.29 -25.10 4.95
C SER B 2 7.94 -23.94 4.02
N LYS B 3 8.92 -23.43 3.28
CA LYS B 3 8.72 -22.30 2.37
C LYS B 3 7.71 -22.65 1.26
N SER B 4 7.69 -23.91 0.88
CA SER B 4 6.78 -24.38 -0.15
C SER B 4 5.39 -24.66 0.44
N GLN B 5 5.32 -24.68 1.77
CA GLN B 5 4.06 -24.93 2.46
C GLN B 5 3.45 -23.61 2.93
N TYR B 6 4.16 -22.93 3.80
CA TYR B 6 3.71 -21.66 4.30
C TYR B 6 4.23 -20.55 3.42
N ILE B 7 3.31 -19.78 2.87
CA ILE B 7 3.65 -18.69 1.98
C ILE B 7 4.14 -17.50 2.74
N ASP B 8 5.23 -16.93 2.28
CA ASP B 8 5.82 -15.79 2.92
C ASP B 8 5.92 -14.64 1.94
N ILE B 9 4.97 -13.73 2.01
CA ILE B 9 5.00 -12.57 1.15
C ILE B 9 5.51 -11.37 1.92
N MET B 10 6.77 -11.07 1.73
CA MET B 10 7.39 -9.94 2.39
C MET B 10 7.47 -8.76 1.44
N PRO B 11 6.94 -7.59 1.85
CA PRO B 11 6.95 -6.38 1.02
C PRO B 11 8.36 -5.85 0.78
N ASP B 12 8.65 -5.49 -0.45
CA ASP B 12 9.95 -4.98 -0.83
C ASP B 12 9.88 -3.51 -1.14
N PHE B 13 10.36 -2.69 -0.22
CA PHE B 13 10.35 -1.27 -0.43
C PHE B 13 11.63 -0.80 -1.11
N SER B 14 11.63 -0.84 -2.43
CA SER B 14 12.77 -0.39 -3.21
C SER B 14 12.38 0.86 -3.97
N PRO B 15 13.04 2.00 -3.72
CA PRO B 15 12.74 3.25 -4.39
C PRO B 15 13.24 3.25 -5.84
N SER B 16 12.33 3.02 -6.77
CA SER B 16 12.66 3.06 -8.16
C SER B 16 12.82 4.50 -8.59
N GLY B 17 11.90 5.33 -8.15
CA GLY B 17 11.94 6.72 -8.48
C GLY B 17 11.34 6.99 -9.82
N LEU B 18 10.41 6.14 -10.22
CA LEU B 18 9.75 6.26 -11.52
C LEU B 18 9.01 7.58 -11.62
N LEU B 19 8.33 7.94 -10.54
CA LEU B 19 7.57 9.18 -10.49
C LEU B 19 8.51 10.39 -10.28
N GLU B 20 9.76 10.11 -9.95
CA GLU B 20 10.73 11.15 -9.68
C GLU B 20 11.50 11.50 -10.96
N LEU B 21 12.07 10.48 -11.60
CA LEU B 21 12.82 10.70 -12.82
C LEU B 21 11.90 10.91 -14.01
N GLU B 22 11.00 9.95 -14.22
CA GLU B 22 10.05 10.00 -15.34
C GLU B 22 10.78 9.98 -16.68
N SER B 23 11.06 8.79 -17.17
CA SER B 23 11.74 8.63 -18.42
C SER B 23 10.76 8.16 -19.50
N GLY A 1 -22.73 -3.33 15.78
CA GLY A 1 -23.36 -2.02 16.05
C GLY A 1 -23.08 -1.04 14.95
N ALA A 2 -22.36 0.02 15.27
CA ALA A 2 -22.00 1.02 14.28
C ALA A 2 -20.86 0.51 13.42
N MET A 3 -21.21 -0.03 12.25
CA MET A 3 -20.22 -0.62 11.36
C MET A 3 -19.20 0.41 10.88
N GLY A 4 -19.63 1.66 10.79
CA GLY A 4 -18.73 2.70 10.35
C GLY A 4 -17.67 3.04 11.39
N ASN A 5 -17.93 2.62 12.63
CA ASN A 5 -17.00 2.88 13.73
C ASN A 5 -16.18 1.62 14.00
N GLU A 6 -16.83 0.48 13.88
CA GLU A 6 -16.19 -0.79 14.13
C GLU A 6 -15.27 -1.20 12.98
N TYR A 7 -15.75 -1.04 11.77
CA TYR A 7 -14.99 -1.47 10.60
C TYR A 7 -14.31 -0.30 9.92
N LYS A 8 -13.28 0.23 10.56
CA LYS A 8 -12.50 1.31 9.96
C LYS A 8 -11.44 0.71 9.07
N ASP A 9 -11.29 -0.60 9.18
CA ASP A 9 -10.36 -1.37 8.36
C ASP A 9 -10.98 -1.66 7.00
N ASN A 10 -12.12 -1.04 6.74
CA ASN A 10 -12.81 -1.22 5.48
C ASN A 10 -12.34 -0.17 4.48
N ALA A 11 -11.71 0.88 4.98
CA ALA A 11 -11.23 1.96 4.14
C ALA A 11 -10.05 1.49 3.28
N TYR A 12 -10.34 1.16 2.03
CA TYR A 12 -9.34 0.69 1.11
C TYR A 12 -9.54 1.30 -0.26
N ILE A 13 -8.46 1.51 -0.96
CA ILE A 13 -8.53 1.97 -2.32
C ILE A 13 -7.77 1.02 -3.22
N TYR A 14 -8.35 0.74 -4.36
CA TYR A 14 -7.76 -0.16 -5.31
C TYR A 14 -6.90 0.61 -6.29
N ILE A 15 -5.69 0.13 -6.47
CA ILE A 15 -4.78 0.69 -7.44
C ILE A 15 -4.77 -0.24 -8.65
N GLY A 16 -4.68 0.33 -9.83
CA GLY A 16 -4.76 -0.46 -11.04
C GLY A 16 -3.42 -1.01 -11.49
N ASN A 17 -3.42 -1.57 -12.68
CA ASN A 17 -2.25 -2.24 -13.25
C ASN A 17 -1.06 -1.28 -13.47
N LEU A 18 -0.07 -1.40 -12.62
CA LEU A 18 1.14 -0.58 -12.70
C LEU A 18 2.25 -1.35 -13.41
N ASN A 19 3.44 -0.77 -13.42
CA ASN A 19 4.61 -1.39 -14.02
C ASN A 19 5.08 -2.54 -13.12
N ARG A 20 5.55 -3.61 -13.73
CA ARG A 20 6.01 -4.80 -12.99
C ARG A 20 7.15 -4.46 -12.03
N GLU A 21 7.97 -3.49 -12.41
CA GLU A 21 9.12 -3.10 -11.61
C GLU A 21 8.74 -2.10 -10.51
N LEU A 22 7.45 -1.90 -10.33
CA LEU A 22 6.98 -0.96 -9.34
C LEU A 22 6.62 -1.70 -8.05
N THR A 23 7.28 -1.33 -6.97
CA THR A 23 7.09 -1.97 -5.68
C THR A 23 6.17 -1.13 -4.79
N GLU A 24 5.83 -1.67 -3.64
CA GLU A 24 5.00 -0.97 -2.68
C GLU A 24 5.73 0.23 -2.12
N GLY A 25 7.06 0.18 -2.18
CA GLY A 25 7.87 1.28 -1.72
C GLY A 25 7.66 2.51 -2.56
N ASP A 26 7.54 2.30 -3.87
CA ASP A 26 7.32 3.39 -4.82
C ASP A 26 5.89 3.91 -4.66
N ILE A 27 4.96 2.97 -4.45
CA ILE A 27 3.55 3.31 -4.23
C ILE A 27 3.41 4.17 -2.98
N LEU A 28 4.08 3.76 -1.90
CA LEU A 28 4.03 4.49 -0.65
C LEU A 28 4.64 5.86 -0.83
N THR A 29 5.66 5.92 -1.68
CA THR A 29 6.34 7.16 -2.01
C THR A 29 5.35 8.18 -2.55
N VAL A 30 4.50 7.74 -3.47
CA VAL A 30 3.48 8.59 -4.07
C VAL A 30 2.45 9.06 -3.03
N PHE A 31 1.97 8.13 -2.21
CA PHE A 31 0.96 8.45 -1.21
C PHE A 31 1.53 9.25 -0.04
N SER A 32 2.84 9.21 0.13
CA SER A 32 3.49 9.96 1.20
C SER A 32 3.37 11.46 0.97
N GLU A 33 3.12 11.86 -0.28
CA GLU A 33 2.97 13.27 -0.61
C GLU A 33 1.69 13.84 0.01
N TYR A 34 0.78 12.94 0.38
CA TYR A 34 -0.46 13.34 1.04
C TYR A 34 -0.34 13.07 2.54
N GLY A 35 0.83 12.62 2.96
CA GLY A 35 1.04 12.30 4.36
C GLY A 35 0.32 11.04 4.75
N VAL A 36 0.40 10.02 3.91
CA VAL A 36 -0.27 8.76 4.17
C VAL A 36 0.75 7.61 4.39
N PRO A 37 1.17 7.40 5.64
CA PRO A 37 2.07 6.33 6.01
C PRO A 37 1.31 5.18 6.68
N VAL A 38 0.22 4.78 6.06
CA VAL A 38 -0.62 3.71 6.59
C VAL A 38 -0.39 2.42 5.79
N ASP A 39 -1.25 1.43 5.96
CA ASP A 39 -1.04 0.09 5.39
C ASP A 39 -1.10 0.09 3.87
N VAL A 40 -0.02 -0.32 3.25
CA VAL A 40 0.04 -0.44 1.81
C VAL A 40 0.27 -1.89 1.41
N ILE A 41 -0.70 -2.48 0.74
CA ILE A 41 -0.62 -3.86 0.35
C ILE A 41 -0.54 -4.01 -1.17
N LEU A 42 0.64 -4.34 -1.66
CA LEU A 42 0.83 -4.58 -3.08
C LEU A 42 0.50 -6.03 -3.38
N SER A 43 -0.13 -6.28 -4.50
CA SER A 43 -0.47 -7.63 -4.87
C SER A 43 0.76 -8.39 -5.31
N ARG A 44 1.30 -9.17 -4.43
CA ARG A 44 2.44 -9.99 -4.76
C ARG A 44 2.00 -11.43 -4.89
N ASP A 45 2.66 -12.14 -5.79
CA ASP A 45 2.35 -13.54 -6.02
C ASP A 45 2.55 -14.36 -4.75
N GLU A 46 1.62 -15.26 -4.50
CA GLU A 46 1.61 -16.07 -3.30
C GLU A 46 2.73 -17.13 -3.31
N ASN A 47 3.38 -17.30 -4.45
CA ASN A 47 4.45 -18.29 -4.57
C ASN A 47 5.83 -17.63 -4.52
N THR A 48 6.13 -16.82 -5.52
CA THR A 48 7.45 -16.20 -5.62
C THR A 48 7.47 -14.81 -4.97
N GLY A 49 6.33 -14.16 -4.91
CA GLY A 49 6.25 -12.83 -4.30
C GLY A 49 6.48 -11.69 -5.28
N GLU A 50 6.28 -11.94 -6.57
CA GLU A 50 6.45 -10.89 -7.57
C GLU A 50 5.20 -10.03 -7.66
N SER A 51 5.36 -8.79 -8.10
CA SER A 51 4.26 -7.87 -8.22
C SER A 51 3.27 -8.33 -9.30
N GLN A 52 1.98 -8.30 -8.97
CA GLN A 52 0.94 -8.66 -9.92
C GLN A 52 0.50 -7.45 -10.73
N GLY A 53 0.88 -6.27 -10.25
CA GLY A 53 0.58 -5.04 -10.96
C GLY A 53 -0.41 -4.13 -10.23
N PHE A 54 -1.30 -4.69 -9.44
CA PHE A 54 -2.31 -3.86 -8.75
C PHE A 54 -2.01 -3.80 -7.25
N ALA A 55 -2.75 -2.98 -6.52
CA ALA A 55 -2.50 -2.84 -5.09
C ALA A 55 -3.73 -2.38 -4.32
N TYR A 56 -3.65 -2.48 -2.99
CA TYR A 56 -4.70 -2.04 -2.09
C TYR A 56 -4.09 -1.17 -1.00
N LEU A 57 -4.56 0.03 -0.84
CA LEU A 57 -4.04 0.90 0.20
C LEU A 57 -5.09 1.14 1.27
N LYS A 58 -4.66 1.10 2.51
CA LYS A 58 -5.52 1.33 3.65
C LYS A 58 -5.01 2.49 4.48
N TYR A 59 -5.86 3.48 4.66
CA TYR A 59 -5.55 4.63 5.48
C TYR A 59 -6.79 5.07 6.20
N GLU A 60 -6.63 5.62 7.37
CA GLU A 60 -7.76 6.07 8.11
C GLU A 60 -7.92 7.58 8.02
N ASP A 61 -8.91 7.98 7.24
CA ASP A 61 -9.26 9.39 7.06
C ASP A 61 -10.40 9.50 6.05
N GLN A 62 -11.48 10.17 6.42
CA GLN A 62 -12.63 10.29 5.52
C GLN A 62 -12.35 11.19 4.33
N ARG A 63 -11.78 12.35 4.60
CA ARG A 63 -11.49 13.33 3.54
C ARG A 63 -10.48 12.78 2.54
N SER A 64 -9.47 12.08 3.07
CA SER A 64 -8.41 11.54 2.27
C SER A 64 -8.92 10.54 1.23
N THR A 65 -9.98 9.81 1.55
CA THR A 65 -10.52 8.81 0.62
C THR A 65 -10.94 9.48 -0.69
N ILE A 66 -11.64 10.57 -0.56
CA ILE A 66 -12.15 11.29 -1.70
C ILE A 66 -11.02 12.05 -2.39
N LEU A 67 -10.11 12.61 -1.60
CA LEU A 67 -9.00 13.37 -2.14
C LEU A 67 -8.04 12.45 -2.92
N ALA A 68 -7.55 11.42 -2.25
CA ALA A 68 -6.59 10.49 -2.85
C ALA A 68 -7.12 9.87 -4.13
N VAL A 69 -8.36 9.37 -4.09
CA VAL A 69 -8.95 8.72 -5.24
C VAL A 69 -9.18 9.70 -6.40
N ASP A 70 -9.86 10.79 -6.12
CA ASP A 70 -10.22 11.75 -7.16
C ASP A 70 -9.02 12.50 -7.71
N ASN A 71 -8.00 12.68 -6.89
CA ASN A 71 -6.81 13.42 -7.31
C ASN A 71 -5.85 12.55 -8.12
N LEU A 72 -5.54 11.36 -7.61
CA LEU A 72 -4.57 10.48 -8.27
C LEU A 72 -5.15 9.76 -9.47
N ASN A 73 -6.47 9.68 -9.56
CA ASN A 73 -7.12 9.02 -10.68
C ASN A 73 -6.77 9.73 -11.98
N GLY A 74 -6.01 9.05 -12.82
CA GLY A 74 -5.63 9.62 -14.09
C GLY A 74 -4.18 10.07 -14.12
N PHE A 75 -3.54 10.09 -12.95
CA PHE A 75 -2.15 10.52 -12.86
C PHE A 75 -1.24 9.52 -13.57
N LYS A 76 -0.33 10.03 -14.38
CA LYS A 76 0.56 9.17 -15.17
C LYS A 76 1.75 8.68 -14.34
N ILE A 77 1.80 7.37 -14.15
CA ILE A 77 2.90 6.71 -13.48
C ILE A 77 3.34 5.51 -14.30
N GLY A 78 4.54 5.58 -14.85
CA GLY A 78 5.05 4.50 -15.66
C GLY A 78 4.35 4.42 -16.99
N GLY A 79 3.89 5.57 -17.48
CA GLY A 79 3.19 5.63 -18.75
C GLY A 79 1.76 5.13 -18.63
N ARG A 80 1.26 5.05 -17.41
CA ARG A 80 -0.08 4.56 -17.16
C ARG A 80 -0.81 5.47 -16.21
N ALA A 81 -2.12 5.56 -16.36
CA ALA A 81 -2.91 6.38 -15.48
C ALA A 81 -3.29 5.62 -14.23
N LEU A 82 -3.03 6.22 -13.08
CA LEU A 82 -3.37 5.62 -11.81
C LEU A 82 -4.86 5.42 -11.68
N LYS A 83 -5.29 4.18 -11.76
CA LYS A 83 -6.68 3.85 -11.59
C LYS A 83 -6.97 3.60 -10.14
N ILE A 84 -7.52 4.59 -9.47
CA ILE A 84 -7.85 4.49 -8.06
C ILE A 84 -9.35 4.34 -7.90
N ASP A 85 -9.78 3.45 -7.02
CA ASP A 85 -11.20 3.22 -6.80
C ASP A 85 -11.49 2.76 -5.38
N HIS A 86 -12.66 3.12 -4.85
CA HIS A 86 -13.05 2.72 -3.50
C HIS A 86 -13.39 1.24 -3.46
N THR A 87 -12.65 0.48 -2.66
CA THR A 87 -12.88 -0.94 -2.56
C THR A 87 -12.93 -1.37 -1.09
N PHE A 88 -13.52 -2.53 -0.85
CA PHE A 88 -13.62 -3.07 0.48
C PHE A 88 -12.65 -4.22 0.63
N TYR A 89 -11.95 -4.28 1.74
CA TYR A 89 -11.01 -5.35 1.97
C TYR A 89 -10.91 -5.64 3.46
N ARG A 90 -10.90 -6.91 3.81
CA ARG A 90 -10.78 -7.32 5.19
C ARG A 90 -9.42 -7.93 5.43
N PRO A 91 -8.68 -7.43 6.44
CA PRO A 91 -7.36 -7.95 6.78
C PRO A 91 -7.39 -9.45 7.12
N LYS A 92 -6.93 -10.24 6.17
CA LYS A 92 -6.90 -11.68 6.34
C LYS A 92 -5.60 -12.11 7.01
N ARG A 93 -5.70 -12.99 8.00
CA ARG A 93 -4.53 -13.46 8.74
C ARG A 93 -3.53 -14.17 7.83
N SER A 94 -4.02 -14.64 6.70
CA SER A 94 -3.19 -15.30 5.72
C SER A 94 -2.19 -14.31 5.12
N LEU A 95 -2.47 -13.03 5.26
CA LEU A 95 -1.62 -11.98 4.73
C LEU A 95 -1.28 -10.95 5.80
N GLN A 96 -1.48 -11.32 7.07
CA GLN A 96 -1.18 -10.40 8.19
C GLN A 96 0.30 -10.11 8.26
N LYS A 97 1.10 -10.99 7.65
CA LYS A 97 2.53 -10.82 7.56
C LYS A 97 2.86 -9.49 6.90
N TYR A 98 2.12 -9.19 5.85
CA TYR A 98 2.31 -7.98 5.08
C TYR A 98 2.07 -6.74 5.94
N TYR A 99 0.99 -6.77 6.71
CA TYR A 99 0.61 -5.66 7.57
C TYR A 99 1.70 -5.38 8.60
N GLU A 100 2.27 -6.43 9.16
CA GLU A 100 3.33 -6.28 10.13
C GLU A 100 4.63 -5.86 9.45
N ALA A 101 4.93 -6.50 8.32
CA ALA A 101 6.15 -6.20 7.56
C ALA A 101 6.21 -4.73 7.17
N VAL A 102 5.08 -4.19 6.70
CA VAL A 102 5.04 -2.78 6.34
C VAL A 102 5.11 -1.93 7.61
N LYS A 103 4.51 -2.41 8.68
CA LYS A 103 4.53 -1.70 9.95
C LYS A 103 5.96 -1.52 10.44
N GLU A 104 6.74 -2.58 10.35
CA GLU A 104 8.14 -2.54 10.76
C GLU A 104 8.90 -1.51 9.91
N GLU A 105 8.59 -1.51 8.62
CA GLU A 105 9.24 -0.63 7.66
C GLU A 105 8.83 0.83 7.87
N LEU A 106 7.60 1.03 8.30
CA LEU A 106 7.06 2.36 8.52
C LEU A 106 7.44 2.91 9.90
N ASP A 107 7.32 2.09 10.92
CA ASP A 107 7.59 2.51 12.30
C ASP A 107 9.08 2.74 12.53
N ARG A 108 9.93 2.10 11.74
CA ARG A 108 11.38 2.27 11.88
C ARG A 108 11.79 3.71 11.60
N ASP A 109 10.96 4.42 10.84
CA ASP A 109 11.20 5.82 10.55
C ASP A 109 10.79 6.67 11.75
N ILE A 110 9.68 6.29 12.36
CA ILE A 110 9.15 7.00 13.53
C ILE A 110 10.12 6.93 14.69
N VAL A 111 10.65 5.74 14.94
CA VAL A 111 11.61 5.52 16.02
C VAL A 111 13.00 6.03 15.63
N SER A 112 13.20 6.22 14.32
CA SER A 112 14.48 6.66 13.77
C SER A 112 15.53 5.56 13.93
N LYS A 113 15.49 4.59 13.02
CA LYS A 113 16.42 3.51 13.06
C LYS A 113 17.34 3.52 11.86
N ASN A 114 18.33 4.39 11.90
CA ASN A 114 19.35 4.43 10.86
C ASN A 114 20.44 3.46 11.26
N ASN A 115 21.02 3.72 12.43
CA ASN A 115 22.03 2.85 13.04
C ASN A 115 23.28 2.69 12.17
N ALA A 116 23.43 3.56 11.19
CA ALA A 116 24.61 3.54 10.34
C ALA A 116 25.55 4.66 10.76
N GLU A 117 25.21 5.88 10.35
CA GLU A 117 25.97 7.08 10.71
C GLU A 117 27.43 7.03 10.24
N LYS A 118 27.69 7.68 9.10
CA LYS A 118 29.03 7.75 8.51
C LYS A 118 29.55 6.36 8.14
N GLY B 1 10.96 -28.21 3.79
CA GLY B 1 10.29 -26.95 4.17
C GLY B 1 9.12 -27.19 5.09
N SER B 2 9.19 -26.63 6.29
CA SER B 2 8.14 -26.79 7.28
C SER B 2 7.15 -25.63 7.21
N LYS B 3 7.62 -24.42 7.47
CA LYS B 3 6.78 -23.23 7.43
C LYS B 3 6.51 -22.82 5.98
N SER B 4 7.33 -23.34 5.08
CA SER B 4 7.22 -23.03 3.66
C SER B 4 5.94 -23.62 3.05
N GLN B 5 5.19 -24.38 3.85
CA GLN B 5 3.94 -24.96 3.39
C GLN B 5 2.83 -23.92 3.43
N TYR B 6 3.01 -22.91 4.26
CA TYR B 6 2.05 -21.82 4.37
C TYR B 6 2.40 -20.74 3.36
N ILE B 7 1.49 -19.83 3.13
CA ILE B 7 1.72 -18.74 2.19
C ILE B 7 2.61 -17.68 2.83
N ASP B 8 3.73 -17.42 2.20
CA ASP B 8 4.66 -16.42 2.71
C ASP B 8 4.94 -15.36 1.67
N ILE B 9 4.39 -14.19 1.89
CA ILE B 9 4.59 -13.07 0.99
C ILE B 9 5.19 -11.91 1.75
N MET B 10 6.45 -11.64 1.51
CA MET B 10 7.13 -10.54 2.18
C MET B 10 7.44 -9.41 1.22
N PRO B 11 6.97 -8.20 1.56
CA PRO B 11 7.19 -7.01 0.74
C PRO B 11 8.63 -6.52 0.80
N ASP B 12 8.97 -5.64 -0.11
CA ASP B 12 10.30 -5.06 -0.17
C ASP B 12 10.22 -3.61 -0.57
N PHE B 13 10.37 -2.72 0.40
CA PHE B 13 10.25 -1.31 0.13
C PHE B 13 11.54 -0.74 -0.46
N SER B 14 11.65 -0.86 -1.76
CA SER B 14 12.75 -0.26 -2.47
C SER B 14 12.21 0.84 -3.38
N PRO B 15 12.66 2.09 -3.17
CA PRO B 15 12.24 3.21 -4.02
C PRO B 15 12.64 2.97 -5.47
N SER B 16 11.68 2.52 -6.25
CA SER B 16 11.92 2.22 -7.66
C SER B 16 12.27 3.51 -8.39
N GLY B 17 11.56 4.57 -8.06
CA GLY B 17 11.81 5.84 -8.67
C GLY B 17 11.18 5.93 -10.02
N LEU B 18 10.19 5.07 -10.26
CA LEU B 18 9.52 5.04 -11.54
C LEU B 18 8.77 6.32 -11.78
N LEU B 19 8.14 6.84 -10.73
CA LEU B 19 7.41 8.10 -10.83
C LEU B 19 8.35 9.25 -11.19
N GLU B 20 9.62 9.10 -10.84
CA GLU B 20 10.63 10.10 -11.12
C GLU B 20 11.17 9.93 -12.53
N LEU B 21 11.55 8.72 -12.85
CA LEU B 21 12.16 8.41 -14.13
C LEU B 21 11.12 8.40 -15.25
N GLU B 22 10.13 7.54 -15.13
CA GLU B 22 9.11 7.39 -16.16
C GLU B 22 7.75 7.77 -15.61
N SER B 23 7.39 9.03 -15.75
CA SER B 23 6.09 9.48 -15.30
C SER B 23 5.04 9.20 -16.37
N GLY A 1 -16.58 -8.39 21.37
CA GLY A 1 -17.04 -7.94 20.04
C GLY A 1 -17.27 -6.45 20.00
N ALA A 2 -18.32 -6.04 19.28
CA ALA A 2 -18.70 -4.64 19.14
C ALA A 2 -17.59 -3.79 18.54
N MET A 3 -17.52 -3.79 17.22
CA MET A 3 -16.54 -2.99 16.51
C MET A 3 -17.19 -1.71 16.05
N GLY A 4 -18.22 -1.86 15.24
CA GLY A 4 -18.94 -0.75 14.72
C GLY A 4 -19.96 -1.20 13.70
N ASN A 5 -20.72 -0.27 13.19
CA ASN A 5 -21.74 -0.61 12.20
C ASN A 5 -21.12 -0.79 10.84
N GLU A 6 -20.18 0.09 10.50
CA GLU A 6 -19.48 -0.01 9.23
C GLU A 6 -18.03 -0.39 9.44
N TYR A 7 -17.62 -0.45 10.71
CA TYR A 7 -16.28 -0.92 11.13
C TYR A 7 -15.18 0.08 10.73
N LYS A 8 -15.13 0.41 9.45
CA LYS A 8 -14.16 1.37 8.90
C LYS A 8 -12.71 0.90 9.10
N ASP A 9 -12.56 -0.38 9.40
CA ASP A 9 -11.24 -0.99 9.61
C ASP A 9 -10.82 -1.75 8.37
N ASN A 10 -11.73 -1.85 7.43
CA ASN A 10 -11.51 -2.59 6.20
C ASN A 10 -11.66 -1.70 4.97
N ALA A 11 -11.86 -0.41 5.21
CA ALA A 11 -12.06 0.55 4.12
C ALA A 11 -10.73 0.97 3.53
N TYR A 12 -10.62 0.93 2.22
CA TYR A 12 -9.38 1.28 1.56
C TYR A 12 -9.63 1.64 0.09
N ILE A 13 -8.58 1.96 -0.63
CA ILE A 13 -8.70 2.30 -2.04
C ILE A 13 -8.03 1.26 -2.91
N TYR A 14 -8.63 1.00 -4.05
CA TYR A 14 -8.12 0.06 -5.01
C TYR A 14 -7.33 0.77 -6.08
N ILE A 15 -6.15 0.28 -6.35
CA ILE A 15 -5.32 0.79 -7.40
C ILE A 15 -5.27 -0.25 -8.52
N GLY A 16 -5.39 0.21 -9.75
CA GLY A 16 -5.46 -0.71 -10.86
C GLY A 16 -4.10 -1.10 -11.40
N ASN A 17 -4.10 -1.76 -12.55
CA ASN A 17 -2.89 -2.29 -13.19
C ASN A 17 -1.76 -1.27 -13.24
N LEU A 18 -0.70 -1.58 -12.50
CA LEU A 18 0.48 -0.74 -12.45
C LEU A 18 1.56 -1.31 -13.35
N ASN A 19 2.76 -0.75 -13.25
CA ASN A 19 3.88 -1.22 -14.03
C ASN A 19 4.54 -2.40 -13.37
N ARG A 20 5.13 -3.25 -14.19
CA ARG A 20 5.82 -4.44 -13.74
C ARG A 20 7.06 -4.08 -12.93
N GLU A 21 7.53 -2.85 -13.11
CA GLU A 21 8.73 -2.39 -12.45
C GLU A 21 8.41 -1.51 -11.23
N LEU A 22 7.13 -1.48 -10.83
CA LEU A 22 6.72 -0.73 -9.65
C LEU A 22 6.65 -1.65 -8.44
N THR A 23 7.33 -1.26 -7.38
CA THR A 23 7.33 -2.04 -6.17
C THR A 23 6.54 -1.32 -5.07
N GLU A 24 6.48 -1.92 -3.89
CA GLU A 24 5.77 -1.33 -2.76
C GLU A 24 6.44 -0.03 -2.33
N GLY A 25 7.73 0.09 -2.60
CA GLY A 25 8.45 1.30 -2.25
C GLY A 25 8.02 2.47 -3.09
N ASP A 26 7.85 2.22 -4.37
CA ASP A 26 7.39 3.25 -5.31
C ASP A 26 5.98 3.67 -4.98
N ILE A 27 5.15 2.68 -4.67
CA ILE A 27 3.77 2.93 -4.30
C ILE A 27 3.71 3.80 -3.04
N LEU A 28 4.53 3.46 -2.05
CA LEU A 28 4.58 4.21 -0.81
C LEU A 28 5.07 5.61 -1.07
N THR A 29 6.00 5.73 -2.00
CA THR A 29 6.57 6.99 -2.38
C THR A 29 5.48 7.97 -2.84
N VAL A 30 4.59 7.47 -3.69
CA VAL A 30 3.50 8.26 -4.22
C VAL A 30 2.57 8.72 -3.09
N PHE A 31 2.17 7.80 -2.24
CA PHE A 31 1.25 8.10 -1.15
C PHE A 31 1.92 8.86 -0.01
N SER A 32 3.24 8.83 0.03
CA SER A 32 3.99 9.53 1.06
C SER A 32 3.78 11.03 0.92
N GLU A 33 3.61 11.50 -0.32
CA GLU A 33 3.38 12.92 -0.57
C GLU A 33 2.01 13.34 -0.07
N TYR A 34 1.12 12.37 0.07
CA TYR A 34 -0.23 12.62 0.58
C TYR A 34 -0.25 12.49 2.09
N GLY A 35 0.91 12.20 2.66
CA GLY A 35 1.06 12.10 4.10
C GLY A 35 0.24 10.99 4.72
N VAL A 36 0.16 9.86 4.05
CA VAL A 36 -0.60 8.74 4.58
C VAL A 36 0.25 7.47 4.71
N PRO A 37 0.93 7.29 5.84
CA PRO A 37 1.71 6.11 6.13
C PRO A 37 0.88 5.09 6.90
N VAL A 38 -0.09 4.51 6.20
CA VAL A 38 -1.01 3.57 6.80
C VAL A 38 -0.87 2.19 6.13
N ASP A 39 -1.82 1.30 6.36
CA ASP A 39 -1.74 -0.07 5.90
C ASP A 39 -1.73 -0.15 4.37
N VAL A 40 -0.68 -0.72 3.81
CA VAL A 40 -0.56 -0.86 2.37
C VAL A 40 -0.36 -2.34 1.99
N ILE A 41 -1.03 -2.77 0.92
CA ILE A 41 -0.91 -4.16 0.47
C ILE A 41 -0.76 -4.21 -1.05
N LEU A 42 0.22 -4.94 -1.53
CA LEU A 42 0.43 -5.08 -2.97
C LEU A 42 0.08 -6.49 -3.41
N SER A 43 -0.68 -6.60 -4.49
CA SER A 43 -0.99 -7.91 -5.05
C SER A 43 0.27 -8.51 -5.61
N ARG A 44 0.80 -9.49 -4.92
CA ARG A 44 2.01 -10.13 -5.33
C ARG A 44 1.77 -11.60 -5.63
N ASP A 45 2.58 -12.13 -6.52
CA ASP A 45 2.51 -13.52 -6.91
C ASP A 45 2.88 -14.43 -5.74
N GLU A 46 2.11 -15.48 -5.56
CA GLU A 46 2.31 -16.39 -4.45
C GLU A 46 3.40 -17.44 -4.73
N ASN A 47 3.84 -17.52 -5.97
CA ASN A 47 4.86 -18.52 -6.34
C ASN A 47 6.26 -18.00 -6.05
N THR A 48 6.65 -16.95 -6.76
CA THR A 48 7.98 -16.38 -6.60
C THR A 48 7.93 -15.09 -5.77
N GLY A 49 6.76 -14.47 -5.71
CA GLY A 49 6.62 -13.26 -4.93
C GLY A 49 6.86 -11.97 -5.71
N GLU A 50 6.52 -12.00 -6.99
CA GLU A 50 6.70 -10.82 -7.85
C GLU A 50 5.44 -9.96 -7.85
N SER A 51 5.56 -8.73 -8.33
CA SER A 51 4.42 -7.82 -8.41
C SER A 51 3.40 -8.32 -9.44
N GLN A 52 2.15 -8.42 -9.03
CA GLN A 52 1.10 -8.89 -9.92
C GLN A 52 0.45 -7.72 -10.67
N GLY A 53 0.66 -6.50 -10.17
CA GLY A 53 0.17 -5.34 -10.89
C GLY A 53 -0.98 -4.60 -10.22
N PHE A 54 -1.49 -5.12 -9.11
CA PHE A 54 -2.60 -4.45 -8.42
C PHE A 54 -2.12 -3.98 -7.05
N ALA A 55 -2.65 -2.86 -6.58
CA ALA A 55 -2.24 -2.34 -5.29
C ALA A 55 -3.42 -1.93 -4.44
N TYR A 56 -3.27 -2.08 -3.13
CA TYR A 56 -4.30 -1.73 -2.18
C TYR A 56 -3.72 -0.82 -1.10
N LEU A 57 -4.46 0.18 -0.70
CA LEU A 57 -4.00 1.07 0.37
C LEU A 57 -5.13 1.40 1.33
N LYS A 58 -4.96 1.03 2.57
CA LYS A 58 -5.93 1.29 3.60
C LYS A 58 -5.46 2.40 4.52
N TYR A 59 -6.07 3.56 4.35
CA TYR A 59 -5.79 4.70 5.19
C TYR A 59 -7.08 5.17 5.79
N GLU A 60 -7.01 5.67 7.00
CA GLU A 60 -8.20 6.12 7.65
C GLU A 60 -8.32 7.62 7.66
N ASP A 61 -9.22 8.11 6.82
CA ASP A 61 -9.57 9.53 6.73
C ASP A 61 -10.58 9.74 5.60
N GLN A 62 -11.81 10.04 5.97
CA GLN A 62 -12.89 10.19 4.99
C GLN A 62 -12.59 11.27 3.95
N ARG A 63 -11.94 12.35 4.36
CA ARG A 63 -11.67 13.45 3.47
C ARG A 63 -10.67 13.07 2.36
N SER A 64 -9.58 12.45 2.75
CA SER A 64 -8.54 12.10 1.79
C SER A 64 -8.97 10.96 0.86
N THR A 65 -9.98 10.17 1.25
CA THR A 65 -10.45 9.07 0.38
C THR A 65 -10.89 9.63 -0.96
N ILE A 66 -11.67 10.69 -0.89
CA ILE A 66 -12.21 11.34 -2.05
C ILE A 66 -11.12 12.13 -2.77
N LEU A 67 -10.22 12.73 -1.98
CA LEU A 67 -9.09 13.48 -2.53
C LEU A 67 -8.20 12.57 -3.36
N ALA A 68 -7.75 11.48 -2.76
CA ALA A 68 -6.84 10.54 -3.40
C ALA A 68 -7.43 9.97 -4.68
N VAL A 69 -8.70 9.58 -4.62
CA VAL A 69 -9.36 9.00 -5.79
C VAL A 69 -9.41 9.98 -6.96
N ASP A 70 -9.91 11.18 -6.70
CA ASP A 70 -10.03 12.19 -7.76
C ASP A 70 -8.68 12.71 -8.23
N ASN A 71 -7.75 12.88 -7.31
CA ASN A 71 -6.43 13.41 -7.64
C ASN A 71 -5.61 12.41 -8.45
N LEU A 72 -5.54 11.18 -7.97
CA LEU A 72 -4.76 10.14 -8.63
C LEU A 72 -5.45 9.57 -9.85
N ASN A 73 -6.73 9.86 -10.00
CA ASN A 73 -7.50 9.39 -11.15
C ASN A 73 -6.92 9.95 -12.44
N GLY A 74 -6.31 9.08 -13.23
CA GLY A 74 -5.74 9.50 -14.48
C GLY A 74 -4.37 10.11 -14.31
N PHE A 75 -3.78 9.92 -13.15
CA PHE A 75 -2.44 10.45 -12.89
C PHE A 75 -1.42 9.54 -13.54
N LYS A 76 -0.51 10.14 -14.30
CA LYS A 76 0.48 9.39 -15.03
C LYS A 76 1.68 8.99 -14.16
N ILE A 77 1.86 7.71 -13.97
CA ILE A 77 2.99 7.16 -13.23
C ILE A 77 3.73 6.15 -14.11
N GLY A 78 4.85 6.57 -14.69
CA GLY A 78 5.63 5.69 -15.54
C GLY A 78 4.88 5.32 -16.81
N GLY A 79 4.23 6.30 -17.42
CA GLY A 79 3.50 6.06 -18.64
C GLY A 79 2.20 5.30 -18.42
N ARG A 80 1.70 5.34 -17.20
CA ARG A 80 0.47 4.64 -16.84
C ARG A 80 -0.47 5.59 -16.13
N ALA A 81 -1.75 5.43 -16.37
CA ALA A 81 -2.74 6.27 -15.72
C ALA A 81 -3.34 5.53 -14.53
N LEU A 82 -3.17 6.11 -13.35
CA LEU A 82 -3.68 5.51 -12.12
C LEU A 82 -5.21 5.46 -12.12
N LYS A 83 -5.74 4.37 -11.62
CA LYS A 83 -7.17 4.19 -11.50
C LYS A 83 -7.49 3.83 -10.06
N ILE A 84 -8.24 4.67 -9.39
CA ILE A 84 -8.56 4.48 -7.99
C ILE A 84 -10.04 4.17 -7.82
N ASP A 85 -10.35 3.22 -6.96
CA ASP A 85 -11.73 2.83 -6.72
C ASP A 85 -11.96 2.55 -5.24
N HIS A 86 -13.16 2.87 -4.75
CA HIS A 86 -13.49 2.64 -3.34
C HIS A 86 -13.83 1.17 -3.14
N THR A 87 -13.19 0.55 -2.19
CA THR A 87 -13.38 -0.86 -1.94
C THR A 87 -13.24 -1.17 -0.45
N PHE A 88 -13.77 -2.31 -0.03
CA PHE A 88 -13.63 -2.74 1.34
C PHE A 88 -13.07 -4.16 1.36
N TYR A 89 -12.12 -4.39 2.23
CA TYR A 89 -11.51 -5.70 2.35
C TYR A 89 -11.03 -5.92 3.77
N ARG A 90 -11.50 -6.99 4.38
CA ARG A 90 -11.11 -7.31 5.72
C ARG A 90 -9.76 -8.01 5.75
N PRO A 91 -8.83 -7.51 6.58
CA PRO A 91 -7.47 -8.06 6.68
C PRO A 91 -7.46 -9.52 7.14
N LYS A 92 -6.55 -10.29 6.57
CA LYS A 92 -6.43 -11.70 6.92
C LYS A 92 -5.36 -11.90 7.98
N ARG A 93 -5.65 -12.74 8.94
CA ARG A 93 -4.71 -13.03 10.01
C ARG A 93 -3.63 -13.97 9.50
N SER A 94 -3.93 -14.63 8.38
CA SER A 94 -2.99 -15.54 7.74
C SER A 94 -1.78 -14.76 7.20
N LEU A 95 -2.01 -13.51 6.87
CA LEU A 95 -0.96 -12.65 6.35
C LEU A 95 -0.62 -11.56 7.35
N GLN A 96 -0.76 -11.89 8.64
CA GLN A 96 -0.48 -10.95 9.72
C GLN A 96 0.96 -10.42 9.65
N LYS A 97 1.88 -11.26 9.18
CA LYS A 97 3.27 -10.87 9.06
C LYS A 97 3.48 -9.82 7.96
N TYR A 98 2.53 -9.74 7.03
CA TYR A 98 2.59 -8.74 5.97
C TYR A 98 2.35 -7.38 6.56
N TYR A 99 1.25 -7.26 7.32
CA TYR A 99 0.91 -6.03 7.99
C TYR A 99 1.96 -5.67 9.04
N GLU A 100 2.58 -6.70 9.61
CA GLU A 100 3.63 -6.53 10.58
C GLU A 100 4.87 -5.93 9.91
N ALA A 101 5.22 -6.49 8.77
CA ALA A 101 6.38 -6.03 8.00
C ALA A 101 6.22 -4.58 7.59
N VAL A 102 5.08 -4.23 6.98
CA VAL A 102 4.86 -2.85 6.57
C VAL A 102 4.92 -1.91 7.75
N LYS A 103 4.43 -2.38 8.91
CA LYS A 103 4.45 -1.60 10.13
C LYS A 103 5.87 -1.20 10.51
N GLU A 104 6.74 -2.20 10.66
CA GLU A 104 8.13 -1.96 11.05
C GLU A 104 8.88 -1.17 9.98
N GLU A 105 8.55 -1.42 8.72
CA GLU A 105 9.18 -0.72 7.62
C GLU A 105 8.82 0.76 7.66
N LEU A 106 7.52 1.04 7.74
CA LEU A 106 7.02 2.42 7.77
C LEU A 106 7.56 3.16 8.98
N ASP A 107 7.60 2.46 10.11
CA ASP A 107 8.08 3.04 11.37
C ASP A 107 9.51 3.54 11.23
N ARG A 108 10.41 2.67 10.82
CA ARG A 108 11.81 3.03 10.67
C ARG A 108 12.01 3.95 9.46
N ASP A 109 11.04 3.93 8.55
CA ASP A 109 11.09 4.78 7.36
C ASP A 109 10.85 6.23 7.74
N ILE A 110 10.07 6.44 8.80
CA ILE A 110 9.79 7.78 9.30
C ILE A 110 11.07 8.43 9.83
N VAL A 111 11.81 7.67 10.63
CA VAL A 111 13.12 8.11 11.20
C VAL A 111 12.98 9.20 12.27
N SER A 112 12.16 10.21 12.00
CA SER A 112 12.02 11.36 12.88
C SER A 112 11.13 11.04 14.08
N LYS A 113 10.61 9.84 14.08
CA LYS A 113 9.77 9.39 15.15
C LYS A 113 10.63 9.07 16.37
N ASN A 114 11.79 8.46 16.12
CA ASN A 114 12.77 8.10 17.18
C ASN A 114 12.18 7.12 18.18
N ASN A 115 12.96 6.79 19.20
CA ASN A 115 12.50 5.90 20.25
C ASN A 115 11.63 6.67 21.21
N ALA A 116 12.02 7.92 21.48
CA ALA A 116 11.29 8.84 22.35
C ALA A 116 11.21 8.32 23.77
N GLU A 117 12.22 7.55 24.18
CA GLU A 117 12.29 6.97 25.53
C GLU A 117 11.08 6.08 25.79
N LYS A 118 10.77 5.87 27.05
CA LYS A 118 9.62 5.09 27.42
C LYS A 118 8.86 5.79 28.53
N GLY B 1 13.44 -26.92 -0.18
CA GLY B 1 14.11 -26.41 1.04
C GLY B 1 13.94 -24.92 1.18
N SER B 2 14.28 -24.40 2.37
CA SER B 2 14.21 -22.97 2.66
C SER B 2 12.76 -22.49 2.83
N LYS B 3 12.59 -21.41 3.58
CA LYS B 3 11.28 -20.84 3.84
C LYS B 3 10.70 -20.21 2.58
N SER B 4 11.58 -19.78 1.68
CA SER B 4 11.16 -19.15 0.43
C SER B 4 10.52 -20.16 -0.54
N GLN B 5 10.60 -21.44 -0.20
CA GLN B 5 9.99 -22.49 -1.03
C GLN B 5 8.47 -22.45 -0.91
N TYR B 6 8.02 -22.05 0.26
CA TYR B 6 6.60 -21.95 0.54
C TYR B 6 6.07 -20.62 0.05
N ILE B 7 4.76 -20.47 0.06
CA ILE B 7 4.16 -19.20 -0.30
C ILE B 7 4.40 -18.20 0.81
N ASP B 8 5.33 -17.34 0.58
CA ASP B 8 5.72 -16.37 1.59
C ASP B 8 5.72 -14.97 1.02
N ILE B 9 4.66 -14.24 1.28
CA ILE B 9 4.52 -12.89 0.80
C ILE B 9 5.04 -11.91 1.83
N MET B 10 6.19 -11.32 1.57
CA MET B 10 6.77 -10.33 2.48
C MET B 10 6.98 -9.02 1.75
N PRO B 11 6.42 -7.92 2.30
CA PRO B 11 6.52 -6.58 1.70
C PRO B 11 7.95 -6.15 1.38
N ASP B 12 8.15 -5.62 0.18
CA ASP B 12 9.46 -5.16 -0.26
C ASP B 12 9.38 -3.73 -0.75
N PHE B 13 9.84 -2.82 0.07
CA PHE B 13 9.84 -1.42 -0.28
C PHE B 13 11.12 -1.04 -1.00
N SER B 14 11.05 -1.05 -2.32
CA SER B 14 12.19 -0.72 -3.15
C SER B 14 11.95 0.63 -3.84
N PRO B 15 12.98 1.46 -3.92
CA PRO B 15 12.88 2.73 -4.60
C PRO B 15 13.28 2.63 -6.07
N SER B 16 12.38 2.13 -6.91
CA SER B 16 12.66 2.01 -8.33
C SER B 16 12.75 3.41 -8.93
N GLY B 17 11.87 4.28 -8.46
CA GLY B 17 11.90 5.67 -8.86
C GLY B 17 11.45 5.90 -10.28
N LEU B 18 10.47 5.12 -10.73
CA LEU B 18 9.96 5.27 -12.10
C LEU B 18 9.34 6.66 -12.29
N LEU B 19 8.75 7.18 -11.24
CA LEU B 19 8.13 8.51 -11.28
C LEU B 19 9.09 9.58 -10.78
N GLU B 20 10.24 9.14 -10.29
CA GLU B 20 11.22 10.05 -9.72
C GLU B 20 12.30 10.40 -10.72
N LEU B 21 12.82 9.39 -11.40
CA LEU B 21 13.89 9.57 -12.36
C LEU B 21 13.35 9.90 -13.75
N GLU B 22 12.05 9.78 -13.92
CA GLU B 22 11.43 10.02 -15.18
C GLU B 22 10.18 10.87 -14.99
N SER B 23 10.10 11.93 -15.77
CA SER B 23 8.96 12.83 -15.78
C SER B 23 8.85 13.61 -14.47
N GLY A 1 -26.37 6.53 8.52
CA GLY A 1 -26.32 5.06 8.39
C GLY A 1 -26.02 4.39 9.70
N ALA A 2 -24.93 3.62 9.74
CA ALA A 2 -24.52 2.89 10.93
C ALA A 2 -23.47 3.67 11.70
N MET A 3 -23.01 3.11 12.81
CA MET A 3 -21.98 3.75 13.63
C MET A 3 -20.64 3.75 12.89
N GLY A 4 -20.52 2.84 11.92
CA GLY A 4 -19.32 2.76 11.10
C GLY A 4 -19.12 3.99 10.24
N ASN A 5 -20.11 4.86 10.21
CA ASN A 5 -20.01 6.11 9.47
C ASN A 5 -19.04 7.03 10.19
N GLU A 6 -19.12 7.02 11.52
CA GLU A 6 -18.25 7.84 12.34
C GLU A 6 -16.88 7.20 12.45
N TYR A 7 -16.87 5.92 12.75
CA TYR A 7 -15.64 5.16 12.84
C TYR A 7 -15.49 4.35 11.57
N LYS A 8 -14.85 4.95 10.60
CA LYS A 8 -14.71 4.35 9.29
C LYS A 8 -13.69 3.23 9.27
N ASP A 9 -14.18 2.01 9.18
CA ASP A 9 -13.35 0.81 9.09
C ASP A 9 -13.25 0.34 7.65
N ASN A 10 -14.14 0.86 6.81
CA ASN A 10 -14.21 0.47 5.41
C ASN A 10 -13.35 1.39 4.58
N ALA A 11 -12.43 2.06 5.23
CA ALA A 11 -11.56 2.99 4.57
C ALA A 11 -10.47 2.26 3.81
N TYR A 12 -10.69 2.08 2.51
CA TYR A 12 -9.76 1.40 1.62
C TYR A 12 -9.98 1.89 0.20
N ILE A 13 -8.92 2.07 -0.54
CA ILE A 13 -9.03 2.44 -1.93
C ILE A 13 -8.46 1.35 -2.80
N TYR A 14 -9.10 1.12 -3.92
CA TYR A 14 -8.66 0.13 -4.85
C TYR A 14 -7.77 0.76 -5.88
N ILE A 15 -6.57 0.26 -5.98
CA ILE A 15 -5.63 0.71 -6.96
C ILE A 15 -5.49 -0.37 -8.02
N GLY A 16 -5.44 0.05 -9.27
CA GLY A 16 -5.41 -0.91 -10.36
C GLY A 16 -4.01 -1.38 -10.70
N ASN A 17 -3.91 -2.09 -11.82
CA ASN A 17 -2.65 -2.68 -12.27
C ASN A 17 -1.50 -1.70 -12.27
N LEU A 18 -0.50 -2.01 -11.49
CA LEU A 18 0.69 -1.21 -11.39
C LEU A 18 1.78 -1.81 -12.27
N ASN A 19 2.87 -1.10 -12.47
CA ASN A 19 3.97 -1.63 -13.25
C ASN A 19 4.65 -2.73 -12.47
N ARG A 20 5.19 -3.70 -13.18
CA ARG A 20 5.84 -4.85 -12.56
C ARG A 20 7.08 -4.41 -11.78
N GLU A 21 7.65 -3.28 -12.19
CA GLU A 21 8.83 -2.73 -11.55
C GLU A 21 8.44 -1.77 -10.43
N LEU A 22 7.16 -1.68 -10.13
CA LEU A 22 6.68 -0.75 -9.12
C LEU A 22 6.51 -1.49 -7.80
N THR A 23 7.10 -0.96 -6.76
CA THR A 23 7.06 -1.58 -5.46
C THR A 23 6.22 -0.78 -4.49
N GLU A 24 6.12 -1.28 -3.27
CA GLU A 24 5.39 -0.60 -2.21
C GLU A 24 6.10 0.71 -1.86
N GLY A 25 7.40 0.77 -2.16
CA GLY A 25 8.16 1.97 -1.89
C GLY A 25 7.68 3.14 -2.73
N ASP A 26 7.38 2.86 -4.00
CA ASP A 26 6.86 3.88 -4.91
C ASP A 26 5.50 4.35 -4.43
N ILE A 27 4.70 3.39 -3.97
CA ILE A 27 3.37 3.67 -3.46
C ILE A 27 3.43 4.68 -2.30
N LEU A 28 4.31 4.41 -1.34
CA LEU A 28 4.45 5.29 -0.18
C LEU A 28 5.00 6.63 -0.61
N THR A 29 5.88 6.60 -1.60
CA THR A 29 6.49 7.80 -2.12
C THR A 29 5.44 8.78 -2.62
N VAL A 30 4.48 8.26 -3.36
CA VAL A 30 3.42 9.06 -3.94
C VAL A 30 2.40 9.51 -2.88
N PHE A 31 1.97 8.59 -2.03
CA PHE A 31 0.94 8.88 -1.03
C PHE A 31 1.50 9.68 0.15
N SER A 32 2.80 9.65 0.35
CA SER A 32 3.43 10.40 1.45
C SER A 32 3.27 11.91 1.23
N GLU A 33 3.01 12.29 -0.02
CA GLU A 33 2.85 13.69 -0.37
C GLU A 33 1.53 14.26 0.14
N TYR A 34 0.73 13.43 0.79
CA TYR A 34 -0.54 13.88 1.33
C TYR A 34 -0.40 14.22 2.81
N GLY A 35 0.81 14.05 3.35
CA GLY A 35 1.08 14.45 4.72
C GLY A 35 1.30 13.29 5.68
N VAL A 36 0.83 12.11 5.34
CA VAL A 36 0.98 10.97 6.24
C VAL A 36 0.87 9.63 5.52
N PRO A 37 1.85 8.73 5.73
CA PRO A 37 1.82 7.39 5.18
C PRO A 37 1.05 6.43 6.09
N VAL A 38 -0.10 5.97 5.60
CA VAL A 38 -0.93 5.05 6.37
C VAL A 38 -0.75 3.60 5.82
N ASP A 39 -1.62 2.70 6.22
CA ASP A 39 -1.46 1.26 5.92
C ASP A 39 -1.63 0.96 4.42
N VAL A 40 -0.86 0.01 3.92
CA VAL A 40 -0.89 -0.35 2.51
C VAL A 40 -0.82 -1.87 2.32
N ILE A 41 -1.69 -2.39 1.47
CA ILE A 41 -1.73 -3.81 1.17
C ILE A 41 -1.48 -4.04 -0.33
N LEU A 42 -0.63 -5.00 -0.66
CA LEU A 42 -0.31 -5.30 -2.05
C LEU A 42 -0.41 -6.80 -2.32
N SER A 43 -0.95 -7.14 -3.49
CA SER A 43 -1.06 -8.53 -3.90
C SER A 43 0.29 -9.03 -4.40
N ARG A 44 0.76 -10.13 -3.83
CA ARG A 44 2.06 -10.66 -4.21
C ARG A 44 1.94 -12.09 -4.72
N ASP A 45 2.73 -12.40 -5.72
CA ASP A 45 2.78 -13.73 -6.32
C ASP A 45 3.51 -14.72 -5.41
N GLU A 46 2.97 -15.94 -5.30
CA GLU A 46 3.53 -16.97 -4.43
C GLU A 46 4.73 -17.67 -5.07
N ASN A 47 4.89 -17.54 -6.38
CA ASN A 47 6.00 -18.20 -7.08
C ASN A 47 7.33 -17.58 -6.71
N THR A 48 7.53 -16.36 -7.12
CA THR A 48 8.76 -15.66 -6.83
C THR A 48 8.53 -14.46 -5.93
N GLY A 49 7.36 -13.85 -6.06
CA GLY A 49 7.06 -12.70 -5.22
C GLY A 49 6.94 -11.41 -6.00
N GLU A 50 6.26 -11.46 -7.13
CA GLU A 50 6.04 -10.27 -7.93
C GLU A 50 4.69 -9.66 -7.59
N SER A 51 4.43 -8.46 -8.05
CA SER A 51 3.16 -7.81 -7.82
C SER A 51 2.10 -8.44 -8.72
N GLN A 52 0.95 -8.73 -8.15
CA GLN A 52 -0.12 -9.36 -8.89
C GLN A 52 -0.93 -8.31 -9.66
N GLY A 53 -0.67 -7.04 -9.35
CA GLY A 53 -1.34 -5.96 -10.06
C GLY A 53 -2.48 -5.33 -9.28
N PHE A 54 -2.69 -5.76 -8.04
CA PHE A 54 -3.76 -5.18 -7.23
C PHE A 54 -3.17 -4.56 -5.98
N ALA A 55 -3.55 -3.33 -5.70
CA ALA A 55 -3.09 -2.66 -4.51
C ALA A 55 -4.25 -2.03 -3.76
N TYR A 56 -4.18 -2.10 -2.45
CA TYR A 56 -5.21 -1.53 -1.59
C TYR A 56 -4.55 -0.65 -0.56
N LEU A 57 -4.99 0.56 -0.43
CA LEU A 57 -4.42 1.45 0.56
C LEU A 57 -5.46 1.84 1.59
N LYS A 58 -5.02 1.95 2.82
CA LYS A 58 -5.88 2.30 3.92
C LYS A 58 -5.37 3.55 4.63
N TYR A 59 -6.23 4.52 4.74
CA TYR A 59 -5.94 5.75 5.45
C TYR A 59 -7.20 6.25 6.10
N GLU A 60 -7.09 6.88 7.23
CA GLU A 60 -8.26 7.37 7.89
C GLU A 60 -8.48 8.85 7.68
N ASP A 61 -9.45 9.15 6.83
CA ASP A 61 -9.88 10.52 6.55
C ASP A 61 -10.94 10.50 5.45
N GLN A 62 -11.99 11.29 5.61
CA GLN A 62 -13.06 11.30 4.63
C GLN A 62 -12.66 12.08 3.37
N ARG A 63 -12.07 13.25 3.56
CA ARG A 63 -11.67 14.10 2.44
C ARG A 63 -10.63 13.41 1.58
N SER A 64 -9.67 12.79 2.22
CA SER A 64 -8.57 12.13 1.55
C SER A 64 -9.04 11.03 0.59
N THR A 65 -10.20 10.43 0.86
CA THR A 65 -10.71 9.38 -0.02
C THR A 65 -11.02 9.97 -1.39
N ILE A 66 -11.58 11.16 -1.37
CA ILE A 66 -11.93 11.86 -2.57
C ILE A 66 -10.69 12.45 -3.21
N LEU A 67 -9.79 12.96 -2.36
CA LEU A 67 -8.52 13.50 -2.83
C LEU A 67 -7.74 12.46 -3.60
N ALA A 68 -7.45 11.33 -2.95
CA ALA A 68 -6.68 10.25 -3.56
C ALA A 68 -7.27 9.82 -4.89
N VAL A 69 -8.58 9.63 -4.93
CA VAL A 69 -9.25 9.21 -6.15
C VAL A 69 -9.16 10.29 -7.23
N ASP A 70 -9.69 11.47 -6.95
CA ASP A 70 -9.74 12.56 -7.93
C ASP A 70 -8.35 12.98 -8.40
N ASN A 71 -7.40 12.97 -7.49
CA ASN A 71 -6.04 13.41 -7.79
C ASN A 71 -5.26 12.40 -8.63
N LEU A 72 -5.25 11.14 -8.19
CA LEU A 72 -4.43 10.12 -8.85
C LEU A 72 -5.15 9.35 -9.97
N ASN A 73 -6.45 9.54 -10.09
CA ASN A 73 -7.21 8.86 -11.14
C ASN A 73 -6.72 9.30 -12.51
N GLY A 74 -6.06 8.41 -13.22
CA GLY A 74 -5.55 8.72 -14.53
C GLY A 74 -4.16 9.32 -14.50
N PHE A 75 -3.59 9.42 -13.32
CA PHE A 75 -2.24 9.98 -13.16
C PHE A 75 -1.21 9.00 -13.69
N LYS A 76 -0.23 9.51 -14.41
CA LYS A 76 0.81 8.67 -14.99
C LYS A 76 1.94 8.42 -14.01
N ILE A 77 2.04 7.18 -13.56
CA ILE A 77 3.10 6.75 -12.67
C ILE A 77 3.90 5.64 -13.35
N GLY A 78 5.11 5.97 -13.75
CA GLY A 78 5.96 5.00 -14.42
C GLY A 78 5.49 4.76 -15.84
N GLY A 79 4.63 5.62 -16.32
CA GLY A 79 4.13 5.52 -17.67
C GLY A 79 2.76 4.92 -17.70
N ARG A 80 2.34 4.40 -16.57
CA ARG A 80 1.06 3.75 -16.46
C ARG A 80 0.08 4.64 -15.71
N ALA A 81 -1.19 4.58 -16.09
CA ALA A 81 -2.22 5.39 -15.47
C ALA A 81 -2.82 4.67 -14.27
N LEU A 82 -2.89 5.36 -13.15
CA LEU A 82 -3.44 4.79 -11.93
C LEU A 82 -4.96 4.91 -11.90
N LYS A 83 -5.63 3.80 -11.66
CA LYS A 83 -7.06 3.82 -11.48
C LYS A 83 -7.38 3.67 -10.01
N ILE A 84 -7.88 4.73 -9.40
CA ILE A 84 -8.20 4.71 -7.98
C ILE A 84 -9.71 4.61 -7.80
N ASP A 85 -10.15 3.67 -6.98
CA ASP A 85 -11.56 3.48 -6.72
C ASP A 85 -11.81 3.27 -5.22
N HIS A 86 -13.06 3.09 -4.83
CA HIS A 86 -13.41 2.86 -3.43
C HIS A 86 -13.90 1.44 -3.25
N THR A 87 -13.34 0.75 -2.27
CA THR A 87 -13.69 -0.63 -2.03
C THR A 87 -13.42 -0.99 -0.58
N PHE A 88 -14.04 -2.06 -0.10
CA PHE A 88 -13.80 -2.53 1.24
C PHE A 88 -13.04 -3.84 1.21
N TYR A 89 -11.89 -3.88 1.83
CA TYR A 89 -11.06 -5.06 1.82
C TYR A 89 -10.90 -5.60 3.23
N ARG A 90 -10.76 -6.91 3.33
CA ARG A 90 -10.59 -7.55 4.61
C ARG A 90 -9.20 -8.17 4.71
N PRO A 91 -8.38 -7.66 5.64
CA PRO A 91 -7.01 -8.18 5.87
C PRO A 91 -7.02 -9.64 6.29
N LYS A 92 -6.56 -10.51 5.42
CA LYS A 92 -6.48 -11.92 5.73
C LYS A 92 -5.11 -12.30 6.24
N ARG A 93 -5.06 -13.27 7.14
CA ARG A 93 -3.81 -13.69 7.76
C ARG A 93 -2.98 -14.58 6.83
N SER A 94 -3.51 -14.83 5.64
CA SER A 94 -2.81 -15.63 4.65
C SER A 94 -1.52 -14.92 4.21
N LEU A 95 -1.51 -13.61 4.41
CA LEU A 95 -0.37 -12.78 4.08
C LEU A 95 0.08 -12.03 5.32
N GLN A 96 -0.05 -12.68 6.49
CA GLN A 96 0.32 -12.07 7.77
C GLN A 96 1.77 -11.63 7.77
N LYS A 97 2.66 -12.47 7.23
CA LYS A 97 4.08 -12.14 7.15
C LYS A 97 4.29 -10.85 6.36
N TYR A 98 3.60 -10.74 5.25
CA TYR A 98 3.68 -9.59 4.39
C TYR A 98 3.19 -8.36 5.15
N TYR A 99 2.05 -8.51 5.80
CA TYR A 99 1.42 -7.45 6.56
C TYR A 99 2.32 -6.94 7.70
N GLU A 100 2.86 -7.89 8.47
CA GLU A 100 3.74 -7.55 9.60
C GLU A 100 4.93 -6.74 9.14
N ALA A 101 5.60 -7.22 8.11
CA ALA A 101 6.76 -6.56 7.58
C ALA A 101 6.44 -5.15 7.11
N VAL A 102 5.27 -4.97 6.50
CA VAL A 102 4.83 -3.65 6.06
C VAL A 102 4.67 -2.72 7.27
N LYS A 103 3.91 -3.18 8.25
CA LYS A 103 3.67 -2.41 9.47
C LYS A 103 4.99 -2.00 10.13
N GLU A 104 5.89 -2.96 10.27
CA GLU A 104 7.16 -2.73 10.91
C GLU A 104 8.08 -1.87 10.06
N GLU A 105 7.95 -1.97 8.73
CA GLU A 105 8.77 -1.18 7.82
C GLU A 105 8.42 0.30 7.93
N LEU A 106 7.12 0.60 7.92
CA LEU A 106 6.65 1.98 8.05
C LEU A 106 7.08 2.57 9.38
N ASP A 107 6.92 1.78 10.44
CA ASP A 107 7.32 2.21 11.79
C ASP A 107 8.81 2.46 11.85
N ARG A 108 9.57 1.61 11.18
CA ARG A 108 11.02 1.72 11.16
C ARG A 108 11.46 2.96 10.39
N ASP A 109 10.61 3.42 9.49
CA ASP A 109 10.90 4.61 8.70
C ASP A 109 10.66 5.85 9.54
N ILE A 110 9.55 5.86 10.24
CA ILE A 110 9.19 7.00 11.08
C ILE A 110 10.06 7.07 12.32
N VAL A 111 10.07 5.96 13.09
CA VAL A 111 10.82 5.88 14.35
C VAL A 111 10.17 6.76 15.42
N SER A 112 10.21 8.06 15.17
CA SER A 112 9.64 9.06 16.04
C SER A 112 9.83 10.45 15.43
N LYS A 113 10.99 10.63 14.78
CA LYS A 113 11.37 11.91 14.17
C LYS A 113 11.49 12.99 15.24
N ASN A 114 12.75 13.22 15.66
CA ASN A 114 13.08 14.16 16.73
C ASN A 114 12.72 13.54 18.09
N ASN A 115 13.25 14.11 19.16
CA ASN A 115 12.98 13.60 20.50
C ASN A 115 11.57 13.98 20.92
N ALA A 116 10.61 13.17 20.52
CA ALA A 116 9.22 13.39 20.85
C ALA A 116 8.87 12.69 22.16
N GLU A 117 9.18 11.40 22.23
CA GLU A 117 8.90 10.63 23.42
C GLU A 117 10.15 9.94 23.95
N LYS A 118 11.26 10.19 23.28
CA LYS A 118 12.53 9.60 23.65
C LYS A 118 13.33 10.55 24.53
N GLY B 1 -3.44 -29.44 6.66
CA GLY B 1 -2.73 -30.39 5.79
C GLY B 1 -2.01 -29.69 4.67
N SER B 2 -0.97 -30.35 4.13
CA SER B 2 -0.17 -29.80 3.04
C SER B 2 0.66 -28.60 3.50
N LYS B 3 1.95 -28.83 3.73
CA LYS B 3 2.86 -27.78 4.17
C LYS B 3 2.96 -26.67 3.13
N SER B 4 2.81 -27.04 1.87
CA SER B 4 2.91 -26.11 0.76
C SER B 4 1.63 -25.27 0.62
N GLN B 5 0.67 -25.48 1.50
CA GLN B 5 -0.55 -24.71 1.48
C GLN B 5 -0.38 -23.45 2.32
N TYR B 6 0.66 -23.44 3.13
CA TYR B 6 0.96 -22.30 3.96
C TYR B 6 1.86 -21.34 3.19
N ILE B 7 1.30 -20.19 2.85
CA ILE B 7 2.00 -19.19 2.07
C ILE B 7 2.84 -18.27 2.96
N ASP B 8 4.07 -18.05 2.56
CA ASP B 8 4.99 -17.17 3.28
C ASP B 8 5.72 -16.27 2.30
N ILE B 9 5.42 -14.98 2.33
CA ILE B 9 6.03 -14.02 1.40
C ILE B 9 6.42 -12.74 2.15
N MET B 10 7.58 -12.19 1.79
CA MET B 10 8.04 -10.93 2.36
C MET B 10 7.93 -9.82 1.32
N PRO B 11 7.56 -8.59 1.75
CA PRO B 11 7.43 -7.44 0.84
C PRO B 11 8.79 -6.93 0.38
N ASP B 12 8.77 -5.95 -0.51
CA ASP B 12 10.01 -5.40 -1.04
C ASP B 12 9.90 -3.89 -1.21
N PHE B 13 10.33 -3.16 -0.19
CA PHE B 13 10.31 -1.72 -0.27
C PHE B 13 11.62 -1.22 -0.82
N SER B 14 11.71 -1.17 -2.12
CA SER B 14 12.89 -0.69 -2.79
C SER B 14 12.61 0.62 -3.51
N PRO B 15 13.56 1.56 -3.50
CA PRO B 15 13.41 2.81 -4.22
C PRO B 15 13.48 2.60 -5.72
N SER B 16 12.34 2.29 -6.33
CA SER B 16 12.28 2.10 -7.77
C SER B 16 12.27 3.47 -8.46
N GLY B 17 11.37 4.33 -8.00
CA GLY B 17 11.30 5.67 -8.52
C GLY B 17 10.74 5.73 -9.91
N LEU B 18 9.78 4.88 -10.20
CA LEU B 18 9.16 4.85 -11.54
C LEU B 18 8.53 6.19 -11.88
N LEU B 19 7.88 6.78 -10.89
CA LEU B 19 7.25 8.08 -11.06
C LEU B 19 8.29 9.18 -11.21
N GLU B 20 9.50 8.89 -10.80
CA GLU B 20 10.57 9.84 -10.89
C GLU B 20 11.28 9.71 -12.24
N LEU B 21 11.35 8.48 -12.74
CA LEU B 21 12.02 8.19 -14.00
C LEU B 21 11.22 8.71 -15.19
N GLU B 22 9.89 8.52 -15.15
CA GLU B 22 8.99 8.93 -16.23
C GLU B 22 9.16 8.05 -17.47
N SER B 23 8.05 7.60 -18.00
CA SER B 23 8.07 6.75 -19.18
C SER B 23 7.00 7.19 -20.17
N GLY A 1 -22.37 2.76 18.05
CA GLY A 1 -20.98 3.04 17.67
C GLY A 1 -20.83 4.41 17.07
N ALA A 2 -19.76 4.62 16.33
CA ALA A 2 -19.51 5.90 15.71
C ALA A 2 -19.75 5.84 14.21
N MET A 3 -20.08 6.97 13.61
CA MET A 3 -20.34 7.04 12.18
C MET A 3 -19.06 6.85 11.38
N GLY A 4 -18.06 7.66 11.68
CA GLY A 4 -16.79 7.55 10.99
C GLY A 4 -15.67 8.17 11.77
N ASN A 5 -15.77 8.12 13.10
CA ASN A 5 -14.74 8.69 13.98
C ASN A 5 -13.42 7.96 13.79
N GLU A 6 -13.45 6.65 14.02
CA GLU A 6 -12.26 5.83 13.84
C GLU A 6 -12.32 5.10 12.51
N TYR A 7 -13.29 5.50 11.68
CA TYR A 7 -13.46 4.95 10.34
C TYR A 7 -13.70 3.44 10.42
N LYS A 8 -13.40 2.74 9.34
CA LYS A 8 -13.57 1.31 9.32
C LYS A 8 -12.29 0.61 8.87
N ASP A 9 -12.17 -0.65 9.23
CA ASP A 9 -11.00 -1.45 8.91
C ASP A 9 -11.03 -1.83 7.45
N ASN A 10 -12.22 -2.15 6.97
CA ASN A 10 -12.43 -2.58 5.58
C ASN A 10 -12.35 -1.41 4.61
N ALA A 11 -12.29 -0.20 5.15
CA ALA A 11 -12.21 1.00 4.33
C ALA A 11 -10.82 1.18 3.73
N TYR A 12 -10.72 0.99 2.43
CA TYR A 12 -9.44 1.12 1.73
C TYR A 12 -9.69 1.41 0.24
N ILE A 13 -8.61 1.59 -0.50
CA ILE A 13 -8.73 1.86 -1.94
C ILE A 13 -8.06 0.79 -2.77
N TYR A 14 -8.64 0.51 -3.91
CA TYR A 14 -8.10 -0.43 -4.87
C TYR A 14 -7.29 0.32 -5.88
N ILE A 15 -6.11 -0.19 -6.17
CA ILE A 15 -5.24 0.40 -7.13
C ILE A 15 -5.13 -0.52 -8.33
N GLY A 16 -5.22 0.06 -9.51
CA GLY A 16 -5.24 -0.72 -10.74
C GLY A 16 -3.87 -1.02 -11.29
N ASN A 17 -3.87 -1.50 -12.54
CA ASN A 17 -2.66 -1.93 -13.25
C ASN A 17 -1.45 -1.01 -13.01
N LEU A 18 -0.46 -1.56 -12.34
CA LEU A 18 0.77 -0.86 -12.06
C LEU A 18 1.90 -1.41 -12.91
N ASN A 19 3.03 -0.74 -12.89
CA ASN A 19 4.19 -1.16 -13.65
C ASN A 19 5.01 -2.15 -12.82
N ARG A 20 5.57 -3.16 -13.48
CA ARG A 20 6.41 -4.17 -12.80
C ARG A 20 7.63 -3.53 -12.15
N GLU A 21 8.03 -2.37 -12.66
CA GLU A 21 9.18 -1.65 -12.14
C GLU A 21 8.78 -0.72 -11.00
N LEU A 22 7.47 -0.60 -10.79
CA LEU A 22 6.94 0.27 -9.75
C LEU A 22 6.79 -0.53 -8.46
N THR A 23 7.61 -0.21 -7.47
CA THR A 23 7.57 -0.93 -6.23
C THR A 23 6.62 -0.25 -5.24
N GLU A 24 6.42 -0.91 -4.10
CA GLU A 24 5.57 -0.37 -3.04
C GLU A 24 6.20 0.89 -2.46
N GLY A 25 7.50 1.05 -2.68
CA GLY A 25 8.22 2.19 -2.19
C GLY A 25 7.82 3.41 -2.93
N ASP A 26 7.72 3.27 -4.24
CA ASP A 26 7.28 4.34 -5.10
C ASP A 26 5.84 4.70 -4.74
N ILE A 27 5.04 3.67 -4.49
CA ILE A 27 3.65 3.84 -4.09
C ILE A 27 3.55 4.66 -2.80
N LEU A 28 4.27 4.23 -1.76
CA LEU A 28 4.24 4.92 -0.48
C LEU A 28 4.78 6.32 -0.62
N THR A 29 5.74 6.49 -1.51
CA THR A 29 6.34 7.78 -1.77
C THR A 29 5.27 8.77 -2.26
N VAL A 30 4.44 8.31 -3.18
CA VAL A 30 3.37 9.13 -3.72
C VAL A 30 2.37 9.51 -2.62
N PHE A 31 2.05 8.55 -1.76
CA PHE A 31 1.12 8.80 -0.67
C PHE A 31 1.78 9.62 0.45
N SER A 32 3.10 9.58 0.51
CA SER A 32 3.84 10.38 1.46
C SER A 32 3.83 11.85 1.05
N GLU A 33 3.50 12.11 -0.22
CA GLU A 33 3.39 13.46 -0.72
C GLU A 33 2.24 14.18 -0.01
N TYR A 34 1.20 13.43 0.32
CA TYR A 34 0.07 13.97 1.06
C TYR A 34 0.29 13.81 2.54
N GLY A 35 1.24 12.95 2.88
CA GLY A 35 1.56 12.72 4.27
C GLY A 35 0.68 11.67 4.90
N VAL A 36 0.46 10.56 4.19
CA VAL A 36 -0.35 9.50 4.72
C VAL A 36 0.27 8.11 4.44
N PRO A 37 1.14 7.64 5.34
CA PRO A 37 1.77 6.34 5.26
C PRO A 37 1.04 5.29 6.11
N VAL A 38 0.21 4.49 5.49
CA VAL A 38 -0.56 3.47 6.18
C VAL A 38 -0.40 2.11 5.45
N ASP A 39 -1.26 1.15 5.78
CA ASP A 39 -1.11 -0.22 5.29
C ASP A 39 -1.26 -0.31 3.76
N VAL A 40 -0.19 -0.72 3.11
CA VAL A 40 -0.22 -0.92 1.66
C VAL A 40 -0.10 -2.42 1.37
N ILE A 41 -1.00 -2.93 0.55
CA ILE A 41 -0.99 -4.34 0.23
C ILE A 41 -0.82 -4.55 -1.26
N LEU A 42 0.35 -4.98 -1.67
CA LEU A 42 0.61 -5.27 -3.06
C LEU A 42 0.20 -6.69 -3.37
N SER A 43 -0.55 -6.87 -4.44
CA SER A 43 -0.99 -8.20 -4.83
C SER A 43 0.18 -8.95 -5.45
N ARG A 44 0.76 -9.84 -4.69
CA ARG A 44 1.89 -10.61 -5.14
C ARG A 44 1.51 -12.07 -5.20
N ASP A 45 2.10 -12.81 -6.10
CA ASP A 45 1.82 -14.23 -6.23
C ASP A 45 2.34 -14.99 -5.02
N GLU A 46 1.52 -15.88 -4.51
CA GLU A 46 1.82 -16.66 -3.31
C GLU A 46 3.11 -17.50 -3.45
N ASN A 47 3.45 -17.90 -4.67
CA ASN A 47 4.62 -18.76 -4.88
C ASN A 47 5.88 -17.96 -5.27
N THR A 48 5.78 -17.19 -6.35
CA THR A 48 6.93 -16.45 -6.84
C THR A 48 7.11 -15.11 -6.12
N GLY A 49 6.03 -14.59 -5.54
CA GLY A 49 6.12 -13.34 -4.78
C GLY A 49 6.08 -12.09 -5.66
N GLU A 50 6.10 -12.28 -6.96
CA GLU A 50 6.09 -11.16 -7.90
C GLU A 50 4.72 -10.48 -7.93
N SER A 51 4.70 -9.21 -8.32
CA SER A 51 3.47 -8.43 -8.36
C SER A 51 2.55 -8.93 -9.47
N GLN A 52 1.27 -9.01 -9.16
CA GLN A 52 0.28 -9.45 -10.12
C GLN A 52 -0.20 -8.29 -11.00
N GLY A 53 0.27 -7.08 -10.68
CA GLY A 53 -0.06 -5.94 -11.50
C GLY A 53 -1.05 -4.97 -10.87
N PHE A 54 -1.39 -5.18 -9.61
CA PHE A 54 -2.32 -4.29 -8.91
C PHE A 54 -2.04 -4.28 -7.41
N ALA A 55 -2.64 -3.32 -6.70
CA ALA A 55 -2.38 -3.19 -5.27
C ALA A 55 -3.57 -2.62 -4.52
N TYR A 56 -3.43 -2.55 -3.22
CA TYR A 56 -4.44 -2.00 -2.34
C TYR A 56 -3.78 -1.09 -1.31
N LEU A 57 -4.50 -0.12 -0.81
CA LEU A 57 -3.98 0.76 0.23
C LEU A 57 -5.06 1.09 1.23
N LYS A 58 -4.78 0.85 2.50
CA LYS A 58 -5.74 1.13 3.56
C LYS A 58 -5.19 2.20 4.48
N TYR A 59 -5.85 3.34 4.46
CA TYR A 59 -5.50 4.44 5.34
C TYR A 59 -6.72 4.88 6.12
N GLU A 60 -6.50 5.54 7.23
CA GLU A 60 -7.60 6.06 7.99
C GLU A 60 -7.78 7.54 7.80
N ASP A 61 -8.81 7.88 7.05
CA ASP A 61 -9.22 9.27 6.82
C ASP A 61 -10.36 9.29 5.83
N GLN A 62 -11.41 10.02 6.12
CA GLN A 62 -12.56 10.03 5.22
C GLN A 62 -12.33 10.96 4.04
N ARG A 63 -11.68 12.08 4.26
CA ARG A 63 -11.43 13.04 3.20
C ARG A 63 -10.38 12.48 2.24
N SER A 64 -9.36 11.85 2.79
CA SER A 64 -8.27 11.28 2.00
C SER A 64 -8.78 10.27 0.97
N THR A 65 -9.91 9.61 1.26
CA THR A 65 -10.47 8.64 0.34
C THR A 65 -10.80 9.31 -0.99
N ILE A 66 -11.56 10.38 -0.89
CA ILE A 66 -11.99 11.15 -2.05
C ILE A 66 -10.80 11.90 -2.64
N LEU A 67 -9.92 12.37 -1.76
CA LEU A 67 -8.73 13.10 -2.16
C LEU A 67 -7.87 12.25 -3.08
N ALA A 68 -7.40 11.11 -2.58
CA ALA A 68 -6.53 10.23 -3.34
C ALA A 68 -7.21 9.74 -4.62
N VAL A 69 -8.50 9.47 -4.55
CA VAL A 69 -9.24 9.01 -5.73
C VAL A 69 -9.29 10.08 -6.82
N ASP A 70 -9.61 11.30 -6.45
CA ASP A 70 -9.71 12.37 -7.44
C ASP A 70 -8.32 12.84 -7.88
N ASN A 71 -7.39 12.79 -6.96
CA ASN A 71 -6.03 13.27 -7.21
C ASN A 71 -5.19 12.28 -8.02
N LEU A 72 -5.12 11.04 -7.56
CA LEU A 72 -4.20 10.07 -8.14
C LEU A 72 -4.80 9.25 -9.27
N ASN A 73 -6.11 9.10 -9.33
CA ASN A 73 -6.71 8.33 -10.40
C ASN A 73 -6.53 9.05 -11.72
N GLY A 74 -5.68 8.50 -12.57
CA GLY A 74 -5.39 9.12 -13.84
C GLY A 74 -4.00 9.71 -13.87
N PHE A 75 -3.32 9.67 -12.73
CA PHE A 75 -1.96 10.19 -12.64
C PHE A 75 -0.99 9.22 -13.31
N LYS A 76 -0.20 9.73 -14.24
CA LYS A 76 0.73 8.91 -15.00
C LYS A 76 2.03 8.71 -14.24
N ILE A 77 2.38 7.45 -14.00
CA ILE A 77 3.63 7.10 -13.35
C ILE A 77 4.29 5.93 -14.06
N GLY A 78 5.49 6.15 -14.54
CA GLY A 78 6.25 5.11 -15.20
C GLY A 78 5.56 4.53 -16.41
N GLY A 79 4.86 5.38 -17.14
CA GLY A 79 4.20 4.94 -18.37
C GLY A 79 2.83 4.35 -18.14
N ARG A 80 2.35 4.36 -16.90
CA ARG A 80 1.03 3.80 -16.60
C ARG A 80 0.23 4.76 -15.74
N ALA A 81 -1.09 4.67 -15.81
CA ALA A 81 -1.96 5.55 -15.06
C ALA A 81 -2.50 4.86 -13.82
N LEU A 82 -2.48 5.56 -12.70
CA LEU A 82 -2.99 5.02 -11.45
C LEU A 82 -4.51 4.98 -11.46
N LYS A 83 -5.07 3.82 -11.20
CA LYS A 83 -6.52 3.68 -11.12
C LYS A 83 -6.91 3.47 -9.67
N ILE A 84 -7.76 4.35 -9.16
CA ILE A 84 -8.17 4.27 -7.76
C ILE A 84 -9.69 4.08 -7.65
N ASP A 85 -10.11 3.09 -6.86
CA ASP A 85 -11.53 2.80 -6.69
C ASP A 85 -11.85 2.47 -5.23
N HIS A 86 -13.06 2.86 -4.77
CA HIS A 86 -13.50 2.58 -3.39
C HIS A 86 -13.98 1.14 -3.25
N THR A 87 -13.48 0.45 -2.24
CA THR A 87 -13.83 -0.95 -2.04
C THR A 87 -13.64 -1.35 -0.57
N PHE A 88 -14.24 -2.47 -0.16
CA PHE A 88 -14.11 -2.96 1.20
C PHE A 88 -13.26 -4.24 1.23
N TYR A 89 -12.44 -4.39 2.27
CA TYR A 89 -11.56 -5.55 2.39
C TYR A 89 -11.72 -6.22 3.75
N ARG A 90 -11.77 -7.53 3.73
CA ARG A 90 -11.84 -8.31 4.94
C ARG A 90 -10.50 -9.00 5.15
N PRO A 91 -9.62 -8.39 5.97
CA PRO A 91 -8.25 -8.88 6.18
C PRO A 91 -8.20 -10.23 6.88
N LYS A 92 -7.20 -11.01 6.52
CA LYS A 92 -6.99 -12.32 7.12
C LYS A 92 -5.79 -12.28 8.03
N ARG A 93 -5.91 -12.89 9.20
CA ARG A 93 -4.83 -12.91 10.17
C ARG A 93 -3.69 -13.81 9.72
N SER A 94 -3.90 -14.53 8.63
CA SER A 94 -2.86 -15.35 8.05
C SER A 94 -1.86 -14.46 7.33
N LEU A 95 -2.34 -13.30 6.87
CA LEU A 95 -1.50 -12.35 6.14
C LEU A 95 -0.97 -11.28 7.08
N GLN A 96 -1.03 -11.54 8.38
CA GLN A 96 -0.54 -10.58 9.38
C GLN A 96 0.93 -10.27 9.16
N LYS A 97 1.65 -11.23 8.59
CA LYS A 97 3.06 -11.07 8.30
C LYS A 97 3.29 -9.90 7.35
N TYR A 98 2.41 -9.77 6.36
CA TYR A 98 2.55 -8.71 5.37
C TYR A 98 2.20 -7.35 5.98
N TYR A 99 1.08 -7.31 6.70
CA TYR A 99 0.61 -6.07 7.32
C TYR A 99 1.68 -5.51 8.27
N GLU A 100 2.15 -6.35 9.19
CA GLU A 100 3.14 -5.95 10.17
C GLU A 100 4.44 -5.52 9.50
N ALA A 101 4.88 -6.29 8.50
CA ALA A 101 6.12 -6.01 7.79
C ALA A 101 6.08 -4.64 7.15
N VAL A 102 5.00 -4.35 6.44
CA VAL A 102 4.82 -3.06 5.80
C VAL A 102 4.82 -1.94 6.83
N LYS A 103 4.06 -2.15 7.90
CA LYS A 103 3.92 -1.18 8.97
C LYS A 103 5.28 -0.81 9.56
N GLU A 104 6.03 -1.82 9.99
CA GLU A 104 7.32 -1.58 10.64
C GLU A 104 8.36 -1.06 9.65
N GLU A 105 8.21 -1.39 8.39
CA GLU A 105 9.15 -0.95 7.37
C GLU A 105 9.08 0.56 7.20
N LEU A 106 7.89 1.06 6.87
CA LEU A 106 7.71 2.49 6.69
C LEU A 106 7.90 3.21 8.02
N ASP A 107 7.60 2.52 9.09
CA ASP A 107 7.75 3.06 10.45
C ASP A 107 9.21 3.46 10.71
N ARG A 108 10.13 2.66 10.16
CA ARG A 108 11.55 2.94 10.33
C ARG A 108 11.97 4.13 9.47
N ASP A 109 11.38 4.24 8.28
CA ASP A 109 11.69 5.33 7.36
C ASP A 109 11.20 6.66 7.93
N ILE A 110 10.02 6.63 8.56
CA ILE A 110 9.45 7.78 9.21
C ILE A 110 10.33 8.23 10.39
N VAL A 111 10.93 7.25 11.08
CA VAL A 111 11.84 7.49 12.23
C VAL A 111 11.07 7.94 13.48
N SER A 112 10.38 9.05 13.38
CA SER A 112 9.59 9.55 14.47
C SER A 112 8.23 8.88 14.46
N LYS A 113 8.19 7.66 14.97
CA LYS A 113 6.99 6.85 14.96
C LYS A 113 5.89 7.43 15.85
N ASN A 114 6.28 8.24 16.83
CA ASN A 114 5.32 8.86 17.72
C ASN A 114 4.68 10.08 17.08
N ASN A 115 3.79 9.84 16.15
CA ASN A 115 3.05 10.90 15.49
C ASN A 115 1.78 11.20 16.28
N ALA A 116 1.24 10.16 16.88
CA ALA A 116 0.06 10.26 17.72
C ALA A 116 -0.05 9.02 18.57
N GLU A 117 0.25 9.16 19.86
CA GLU A 117 0.18 8.05 20.80
C GLU A 117 -1.25 7.61 21.00
N LYS A 118 -1.58 6.42 20.54
CA LYS A 118 -2.92 5.88 20.66
C LYS A 118 -3.12 5.23 22.03
N GLY B 1 5.31 -32.45 0.25
CA GLY B 1 3.89 -32.21 0.55
C GLY B 1 3.22 -31.39 -0.53
N SER B 2 3.19 -30.09 -0.35
CA SER B 2 2.58 -29.20 -1.30
C SER B 2 3.06 -27.76 -1.11
N LYS B 3 3.11 -27.02 -2.20
CA LYS B 3 3.53 -25.63 -2.15
C LYS B 3 2.38 -24.71 -1.75
N SER B 4 1.18 -25.29 -1.67
CA SER B 4 -0.01 -24.53 -1.30
C SER B 4 -0.25 -24.61 0.21
N GLN B 5 0.64 -25.29 0.91
CA GLN B 5 0.54 -25.41 2.37
C GLN B 5 0.86 -24.10 3.03
N TYR B 6 2.05 -23.60 2.76
CA TYR B 6 2.49 -22.35 3.33
C TYR B 6 2.13 -21.19 2.42
N ILE B 7 1.32 -20.27 2.93
CA ILE B 7 0.96 -19.10 2.15
C ILE B 7 1.29 -17.86 2.92
N ASP B 8 2.42 -17.29 2.60
CA ASP B 8 2.86 -16.09 3.21
C ASP B 8 3.59 -15.26 2.19
N ILE B 9 3.44 -13.98 2.28
CA ILE B 9 4.05 -13.08 1.33
C ILE B 9 4.70 -11.94 2.08
N MET B 10 5.83 -11.46 1.58
CA MET B 10 6.56 -10.40 2.23
C MET B 10 6.85 -9.25 1.29
N PRO B 11 6.73 -8.02 1.78
CA PRO B 11 7.05 -6.83 1.01
C PRO B 11 8.55 -6.65 0.86
N ASP B 12 8.94 -6.03 -0.22
CA ASP B 12 10.34 -5.79 -0.52
C ASP B 12 10.41 -4.65 -1.49
N PHE B 13 10.21 -3.47 -0.99
CA PHE B 13 10.12 -2.35 -1.85
C PHE B 13 11.28 -1.39 -1.75
N SER B 14 12.00 -1.29 -2.83
CA SER B 14 13.04 -0.31 -2.96
C SER B 14 12.60 0.74 -3.99
N PRO B 15 12.46 2.01 -3.57
CA PRO B 15 11.99 3.10 -4.43
C PRO B 15 12.79 3.21 -5.73
N SER B 16 12.13 2.93 -6.85
CA SER B 16 12.76 3.01 -8.15
C SER B 16 12.86 4.46 -8.61
N GLY B 17 11.80 5.22 -8.35
CA GLY B 17 11.80 6.62 -8.73
C GLY B 17 11.33 6.83 -10.15
N LEU B 18 10.34 6.06 -10.57
CA LEU B 18 9.81 6.19 -11.93
C LEU B 18 9.18 7.55 -12.11
N LEU B 19 8.48 8.00 -11.07
CA LEU B 19 7.81 9.30 -11.08
C LEU B 19 8.81 10.44 -11.15
N GLU B 20 10.06 10.14 -10.78
CA GLU B 20 11.12 11.13 -10.82
C GLU B 20 11.66 11.27 -12.23
N LEU B 21 11.70 10.16 -12.94
CA LEU B 21 12.24 10.12 -14.27
C LEU B 21 11.18 10.50 -15.31
N GLU B 22 10.21 9.61 -15.51
CA GLU B 22 9.12 9.80 -16.49
C GLU B 22 9.65 10.11 -17.90
N SER B 23 10.88 9.71 -18.17
CA SER B 23 11.49 9.96 -19.46
C SER B 23 11.70 8.64 -20.20
N GLY A 1 -19.96 -6.34 12.26
CA GLY A 1 -18.50 -6.44 12.28
C GLY A 1 -17.89 -5.64 13.42
N ALA A 2 -17.62 -4.37 13.16
CA ALA A 2 -17.02 -3.50 14.16
C ALA A 2 -18.01 -2.46 14.65
N MET A 3 -17.84 -2.02 15.88
CA MET A 3 -18.72 -1.01 16.46
C MET A 3 -18.09 0.38 16.41
N GLY A 4 -16.80 0.42 16.16
CA GLY A 4 -16.10 1.69 16.13
C GLY A 4 -16.03 2.27 14.74
N ASN A 5 -16.63 3.44 14.56
CA ASN A 5 -16.62 4.12 13.27
C ASN A 5 -15.31 4.87 13.08
N GLU A 6 -14.67 5.22 14.19
CA GLU A 6 -13.38 5.89 14.17
C GLU A 6 -12.37 5.02 13.46
N TYR A 7 -12.38 3.75 13.81
CA TYR A 7 -11.50 2.77 13.21
C TYR A 7 -12.13 2.28 11.93
N LYS A 8 -11.83 2.96 10.85
CA LYS A 8 -12.43 2.66 9.56
C LYS A 8 -11.86 1.40 8.95
N ASP A 9 -12.68 0.36 8.94
CA ASP A 9 -12.31 -0.93 8.38
C ASP A 9 -12.70 -0.98 6.92
N ASN A 10 -13.59 -0.11 6.53
CA ASN A 10 -14.08 -0.05 5.15
C ASN A 10 -13.27 0.96 4.32
N ALA A 11 -12.38 1.69 4.98
CA ALA A 11 -11.60 2.70 4.29
C ALA A 11 -10.40 2.11 3.56
N TYR A 12 -10.59 1.88 2.28
CA TYR A 12 -9.55 1.36 1.41
C TYR A 12 -9.74 1.94 0.02
N ILE A 13 -8.67 1.98 -0.75
CA ILE A 13 -8.76 2.42 -2.12
C ILE A 13 -8.19 1.38 -3.05
N TYR A 14 -8.92 1.09 -4.11
CA TYR A 14 -8.49 0.13 -5.08
C TYR A 14 -7.59 0.80 -6.09
N ILE A 15 -6.43 0.25 -6.26
CA ILE A 15 -5.50 0.73 -7.22
C ILE A 15 -5.47 -0.23 -8.40
N GLY A 16 -5.45 0.32 -9.59
CA GLY A 16 -5.54 -0.52 -10.77
C GLY A 16 -4.20 -1.03 -11.25
N ASN A 17 -4.22 -1.61 -12.44
CA ASN A 17 -3.05 -2.24 -13.04
C ASN A 17 -1.84 -1.29 -13.09
N LEU A 18 -0.82 -1.63 -12.32
CA LEU A 18 0.40 -0.85 -12.24
C LEU A 18 1.51 -1.52 -13.04
N ASN A 19 2.71 -0.99 -12.93
CA ASN A 19 3.87 -1.56 -13.61
C ASN A 19 4.39 -2.75 -12.85
N ARG A 20 4.94 -3.72 -13.57
CA ARG A 20 5.47 -4.93 -12.96
C ARG A 20 6.68 -4.60 -12.09
N GLU A 21 7.46 -3.63 -12.53
CA GLU A 21 8.67 -3.24 -11.80
C GLU A 21 8.37 -2.19 -10.74
N LEU A 22 7.10 -1.90 -10.52
CA LEU A 22 6.71 -0.93 -9.53
C LEU A 22 6.72 -1.58 -8.15
N THR A 23 7.68 -1.18 -7.35
CA THR A 23 7.85 -1.73 -6.03
C THR A 23 6.97 -1.05 -5.01
N GLU A 24 6.84 -1.66 -3.84
CA GLU A 24 6.04 -1.11 -2.76
C GLU A 24 6.65 0.19 -2.25
N GLY A 25 7.94 0.36 -2.49
CA GLY A 25 8.62 1.59 -2.11
C GLY A 25 8.12 2.77 -2.93
N ASP A 26 8.01 2.58 -4.23
CA ASP A 26 7.51 3.62 -5.13
C ASP A 26 6.06 3.94 -4.80
N ILE A 27 5.27 2.91 -4.52
CA ILE A 27 3.87 3.09 -4.14
C ILE A 27 3.74 3.99 -2.90
N LEU A 28 4.57 3.71 -1.89
CA LEU A 28 4.55 4.50 -0.66
C LEU A 28 5.05 5.91 -0.94
N THR A 29 5.95 6.01 -1.91
CA THR A 29 6.49 7.27 -2.34
C THR A 29 5.39 8.18 -2.88
N VAL A 30 4.49 7.59 -3.64
CA VAL A 30 3.39 8.32 -4.24
C VAL A 30 2.40 8.82 -3.17
N PHE A 31 2.04 7.93 -2.26
CA PHE A 31 1.04 8.27 -1.24
C PHE A 31 1.60 9.15 -0.12
N SER A 32 2.92 9.14 0.07
CA SER A 32 3.51 9.98 1.10
C SER A 32 3.44 11.45 0.72
N GLU A 33 3.15 11.71 -0.56
CA GLU A 33 3.02 13.08 -1.06
C GLU A 33 1.75 13.74 -0.53
N TYR A 34 0.90 12.97 0.12
CA TYR A 34 -0.32 13.51 0.73
C TYR A 34 -0.06 13.88 2.18
N GLY A 35 1.10 13.46 2.69
CA GLY A 35 1.45 13.75 4.06
C GLY A 35 0.75 12.83 5.05
N VAL A 36 0.12 11.78 4.52
CA VAL A 36 -0.60 10.83 5.36
C VAL A 36 -0.19 9.39 5.04
N PRO A 37 0.85 8.89 5.72
CA PRO A 37 1.31 7.52 5.55
C PRO A 37 0.58 6.54 6.46
N VAL A 38 -0.17 5.63 5.84
CA VAL A 38 -0.93 4.62 6.58
C VAL A 38 -0.66 3.24 5.90
N ASP A 39 -1.45 2.23 6.26
CA ASP A 39 -1.21 0.85 5.82
C ASP A 39 -1.30 0.70 4.29
N VAL A 40 -0.46 -0.15 3.74
CA VAL A 40 -0.42 -0.40 2.30
C VAL A 40 -0.37 -1.90 2.02
N ILE A 41 -1.10 -2.34 1.00
CA ILE A 41 -1.18 -3.76 0.68
C ILE A 41 -1.08 -3.97 -0.84
N LEU A 42 0.02 -4.55 -1.29
CA LEU A 42 0.21 -4.83 -2.71
C LEU A 42 -0.03 -6.30 -3.00
N SER A 43 -0.75 -6.60 -4.07
CA SER A 43 -1.00 -7.97 -4.41
C SER A 43 0.21 -8.58 -5.10
N ARG A 44 0.84 -9.52 -4.43
CA ARG A 44 2.00 -10.18 -4.97
C ARG A 44 1.77 -11.68 -5.00
N ASP A 45 2.37 -12.35 -5.95
CA ASP A 45 2.18 -13.78 -6.11
C ASP A 45 2.98 -14.54 -5.05
N GLU A 46 2.42 -15.62 -4.56
CA GLU A 46 3.06 -16.42 -3.52
C GLU A 46 4.13 -17.33 -4.09
N ASN A 47 3.95 -17.74 -5.33
CA ASN A 47 4.87 -18.66 -5.97
C ASN A 47 6.15 -17.96 -6.40
N THR A 48 6.01 -16.94 -7.24
CA THR A 48 7.16 -16.22 -7.74
C THR A 48 7.50 -15.01 -6.86
N GLY A 49 6.49 -14.29 -6.40
CA GLY A 49 6.74 -13.12 -5.56
C GLY A 49 6.49 -11.82 -6.30
N GLU A 50 6.30 -11.92 -7.60
CA GLU A 50 6.07 -10.77 -8.47
C GLU A 50 4.72 -10.11 -8.17
N SER A 51 4.58 -8.87 -8.59
CA SER A 51 3.36 -8.12 -8.38
C SER A 51 2.27 -8.57 -9.34
N GLN A 52 1.04 -8.63 -8.85
CA GLN A 52 -0.11 -9.03 -9.67
C GLN A 52 -0.63 -7.85 -10.48
N GLY A 53 -0.18 -6.66 -10.13
CA GLY A 53 -0.55 -5.48 -10.88
C GLY A 53 -1.47 -4.53 -10.13
N PHE A 54 -2.29 -5.05 -9.24
CA PHE A 54 -3.22 -4.19 -8.50
C PHE A 54 -2.82 -4.07 -7.03
N ALA A 55 -3.33 -3.06 -6.37
CA ALA A 55 -2.98 -2.82 -4.98
C ALA A 55 -4.13 -2.22 -4.19
N TYR A 56 -4.01 -2.24 -2.88
CA TYR A 56 -4.98 -1.67 -1.98
C TYR A 56 -4.27 -0.83 -0.93
N LEU A 57 -4.77 0.33 -0.67
CA LEU A 57 -4.18 1.17 0.37
C LEU A 57 -5.19 1.43 1.46
N LYS A 58 -4.73 1.47 2.69
CA LYS A 58 -5.60 1.71 3.81
C LYS A 58 -5.15 2.89 4.63
N TYR A 59 -6.01 3.87 4.71
CA TYR A 59 -5.82 5.02 5.54
C TYR A 59 -7.13 5.35 6.17
N GLU A 60 -7.11 5.80 7.38
CA GLU A 60 -8.35 6.07 8.03
C GLU A 60 -8.67 7.54 8.07
N ASP A 61 -9.60 7.92 7.21
CA ASP A 61 -10.14 9.27 7.10
C ASP A 61 -11.09 9.31 5.92
N GLN A 62 -12.19 10.02 6.04
CA GLN A 62 -13.17 10.09 4.96
C GLN A 62 -12.76 11.09 3.87
N ARG A 63 -12.18 12.20 4.26
CA ARG A 63 -11.85 13.27 3.33
C ARG A 63 -10.71 12.89 2.38
N SER A 64 -9.69 12.27 2.93
CA SER A 64 -8.53 11.86 2.16
C SER A 64 -8.88 10.82 1.09
N THR A 65 -9.99 10.09 1.27
CA THR A 65 -10.39 9.10 0.29
C THR A 65 -10.69 9.77 -1.03
N ILE A 66 -11.51 10.80 -0.96
CA ILE A 66 -11.91 11.57 -2.12
C ILE A 66 -10.71 12.28 -2.71
N LEU A 67 -9.82 12.75 -1.84
CA LEU A 67 -8.61 13.41 -2.26
C LEU A 67 -7.74 12.45 -3.09
N ALA A 68 -7.37 11.33 -2.48
CA ALA A 68 -6.49 10.35 -3.12
C ALA A 68 -7.09 9.82 -4.43
N VAL A 69 -8.37 9.47 -4.40
CA VAL A 69 -9.05 8.92 -5.57
C VAL A 69 -8.95 9.88 -6.76
N ASP A 70 -9.47 11.09 -6.59
CA ASP A 70 -9.47 12.07 -7.68
C ASP A 70 -8.08 12.57 -8.04
N ASN A 71 -7.20 12.62 -7.05
CA ASN A 71 -5.84 13.11 -7.24
C ASN A 71 -5.03 12.19 -8.15
N LEU A 72 -5.10 10.89 -7.87
CA LEU A 72 -4.31 9.92 -8.62
C LEU A 72 -5.06 9.31 -9.81
N ASN A 73 -6.37 9.36 -9.80
CA ASN A 73 -7.15 8.80 -10.91
C ASN A 73 -6.84 9.54 -12.21
N GLY A 74 -6.15 8.88 -13.10
CA GLY A 74 -5.79 9.47 -14.37
C GLY A 74 -4.39 10.06 -14.33
N PHE A 75 -3.67 9.80 -13.26
CA PHE A 75 -2.31 10.29 -13.10
C PHE A 75 -1.33 9.23 -13.60
N LYS A 76 -0.31 9.66 -14.31
CA LYS A 76 0.67 8.74 -14.87
C LYS A 76 1.77 8.42 -13.88
N ILE A 77 1.99 7.13 -13.68
CA ILE A 77 3.07 6.63 -12.84
C ILE A 77 3.80 5.54 -13.60
N GLY A 78 5.03 5.82 -14.00
CA GLY A 78 5.82 4.86 -14.72
C GLY A 78 5.29 4.66 -16.13
N GLY A 79 4.55 5.63 -16.61
CA GLY A 79 3.99 5.55 -17.94
C GLY A 79 2.56 5.05 -17.96
N ARG A 80 2.08 4.52 -16.84
CA ARG A 80 0.72 4.00 -16.80
C ARG A 80 -0.19 4.91 -15.99
N ALA A 81 -1.46 4.91 -16.32
CA ALA A 81 -2.43 5.75 -15.64
C ALA A 81 -3.00 5.03 -14.42
N LEU A 82 -3.05 5.74 -13.31
CA LEU A 82 -3.59 5.20 -12.08
C LEU A 82 -5.11 5.24 -12.09
N LYS A 83 -5.72 4.12 -11.76
CA LYS A 83 -7.15 4.04 -11.67
C LYS A 83 -7.52 3.77 -10.22
N ILE A 84 -8.08 4.76 -9.54
CA ILE A 84 -8.39 4.62 -8.12
C ILE A 84 -9.90 4.61 -7.89
N ASP A 85 -10.36 3.78 -6.96
CA ASP A 85 -11.79 3.68 -6.66
C ASP A 85 -12.01 3.27 -5.20
N HIS A 86 -13.18 3.62 -4.66
CA HIS A 86 -13.54 3.27 -3.28
C HIS A 86 -13.84 1.78 -3.18
N THR A 87 -13.19 1.12 -2.23
CA THR A 87 -13.39 -0.31 -2.03
C THR A 87 -13.09 -0.67 -0.59
N PHE A 88 -13.58 -1.82 -0.17
CA PHE A 88 -13.25 -2.32 1.15
C PHE A 88 -12.33 -3.51 0.97
N TYR A 89 -11.60 -3.85 2.00
CA TYR A 89 -10.68 -4.96 1.93
C TYR A 89 -10.53 -5.62 3.29
N ARG A 90 -10.50 -6.94 3.28
CA ARG A 90 -10.34 -7.67 4.52
C ARG A 90 -8.99 -8.37 4.52
N PRO A 91 -8.08 -7.96 5.42
CA PRO A 91 -6.76 -8.56 5.54
C PRO A 91 -6.82 -10.04 5.93
N LYS A 92 -5.97 -10.84 5.34
CA LYS A 92 -5.94 -12.25 5.65
C LYS A 92 -4.90 -12.53 6.72
N ARG A 93 -5.32 -13.22 7.77
CA ARG A 93 -4.43 -13.52 8.88
C ARG A 93 -3.40 -14.57 8.47
N SER A 94 -3.65 -15.24 7.36
CA SER A 94 -2.73 -16.21 6.82
C SER A 94 -1.46 -15.49 6.35
N LEU A 95 -1.62 -14.25 5.94
CA LEU A 95 -0.53 -13.42 5.48
C LEU A 95 -0.16 -12.40 6.56
N GLN A 96 -0.37 -12.80 7.81
CA GLN A 96 -0.13 -11.94 8.97
C GLN A 96 1.29 -11.36 8.98
N LYS A 97 2.25 -12.12 8.47
CA LYS A 97 3.63 -11.66 8.45
C LYS A 97 3.85 -10.54 7.44
N TYR A 98 3.04 -10.51 6.39
CA TYR A 98 3.14 -9.45 5.40
C TYR A 98 2.72 -8.13 6.02
N TYR A 99 1.55 -8.13 6.67
CA TYR A 99 1.04 -6.95 7.33
C TYR A 99 1.97 -6.55 8.49
N GLU A 100 2.57 -7.55 9.11
CA GLU A 100 3.51 -7.33 10.20
C GLU A 100 4.74 -6.57 9.70
N ALA A 101 5.37 -7.10 8.65
CA ALA A 101 6.56 -6.51 8.08
C ALA A 101 6.31 -5.11 7.54
N VAL A 102 5.16 -4.91 6.92
CA VAL A 102 4.84 -3.61 6.36
C VAL A 102 4.57 -2.61 7.47
N LYS A 103 4.11 -3.10 8.62
CA LYS A 103 3.80 -2.25 9.75
C LYS A 103 5.07 -1.80 10.47
N GLU A 104 6.01 -2.74 10.65
CA GLU A 104 7.27 -2.44 11.33
C GLU A 104 8.12 -1.44 10.52
N GLU A 105 7.91 -1.44 9.21
CA GLU A 105 8.63 -0.52 8.33
C GLU A 105 7.87 0.79 8.22
N LEU A 106 6.56 0.71 8.33
CA LEU A 106 5.69 1.85 8.20
C LEU A 106 5.95 2.87 9.29
N ASP A 107 5.68 2.49 10.53
CA ASP A 107 5.87 3.40 11.67
C ASP A 107 7.30 3.87 11.80
N ARG A 108 8.24 3.00 11.43
CA ARG A 108 9.65 3.36 11.48
C ARG A 108 9.96 4.48 10.50
N ASP A 109 9.42 4.36 9.28
CA ASP A 109 9.64 5.37 8.24
C ASP A 109 9.01 6.69 8.64
N ILE A 110 7.86 6.62 9.29
CA ILE A 110 7.16 7.82 9.77
C ILE A 110 7.95 8.46 10.93
N VAL A 111 8.96 7.74 11.42
CA VAL A 111 9.82 8.18 12.54
C VAL A 111 9.04 8.08 13.86
N SER A 112 7.83 7.56 13.78
CA SER A 112 6.98 7.43 14.92
C SER A 112 7.27 6.11 15.63
N LYS A 113 8.21 6.14 16.56
CA LYS A 113 8.54 4.97 17.34
C LYS A 113 9.06 5.39 18.70
N ASN A 114 8.67 6.58 19.12
CA ASN A 114 9.12 7.14 20.39
C ASN A 114 8.56 6.37 21.58
N ASN A 115 7.35 5.89 21.45
CA ASN A 115 6.72 5.12 22.52
C ASN A 115 6.74 3.64 22.20
N ALA A 116 6.66 3.32 20.91
CA ALA A 116 6.69 1.94 20.46
C ALA A 116 8.05 1.31 20.74
N GLU A 117 9.10 2.09 20.53
CA GLU A 117 10.45 1.64 20.76
C GLU A 117 11.06 2.38 21.94
N LYS A 118 12.07 1.80 22.54
CA LYS A 118 12.74 2.40 23.67
C LYS A 118 14.24 2.21 23.56
N GLY B 1 9.30 -31.61 4.75
CA GLY B 1 8.05 -31.21 5.40
C GLY B 1 7.06 -30.62 4.43
N SER B 2 5.88 -30.31 4.92
CA SER B 2 4.84 -29.72 4.10
C SER B 2 4.52 -28.31 4.60
N LYS B 3 5.46 -27.72 5.31
CA LYS B 3 5.26 -26.39 5.87
C LYS B 3 5.40 -25.31 4.81
N SER B 4 5.82 -25.69 3.62
CA SER B 4 5.97 -24.74 2.53
C SER B 4 4.63 -24.42 1.87
N GLN B 5 3.54 -24.94 2.44
CA GLN B 5 2.22 -24.71 1.90
C GLN B 5 1.76 -23.27 2.15
N TYR B 6 2.13 -22.73 3.30
CA TYR B 6 1.81 -21.35 3.61
C TYR B 6 2.94 -20.44 3.18
N ILE B 7 2.67 -19.58 2.23
CA ILE B 7 3.68 -18.67 1.72
C ILE B 7 3.62 -17.35 2.44
N ASP B 8 4.78 -16.90 2.85
CA ASP B 8 4.91 -15.65 3.52
C ASP B 8 5.62 -14.66 2.61
N ILE B 9 4.95 -13.57 2.32
CA ILE B 9 5.50 -12.57 1.42
C ILE B 9 5.89 -11.35 2.22
N MET B 10 7.09 -10.86 1.98
CA MET B 10 7.59 -9.71 2.69
C MET B 10 7.62 -8.49 1.79
N PRO B 11 7.15 -7.33 2.30
CA PRO B 11 7.10 -6.08 1.55
C PRO B 11 8.48 -5.61 1.14
N ASP B 12 8.62 -5.32 -0.12
CA ASP B 12 9.88 -4.87 -0.67
C ASP B 12 9.87 -3.38 -0.88
N PHE B 13 10.51 -2.65 0.01
CA PHE B 13 10.60 -1.24 -0.15
C PHE B 13 11.91 -0.87 -0.81
N SER B 14 11.92 -0.97 -2.11
CA SER B 14 13.06 -0.58 -2.89
C SER B 14 12.68 0.62 -3.73
N PRO B 15 13.37 1.74 -3.54
CA PRO B 15 13.09 2.93 -4.34
C PRO B 15 13.57 2.75 -5.77
N SER B 16 12.65 2.38 -6.64
CA SER B 16 12.96 2.17 -8.03
C SER B 16 12.97 3.52 -8.74
N GLY B 17 11.97 4.32 -8.42
CA GLY B 17 11.90 5.65 -8.96
C GLY B 17 11.33 5.67 -10.36
N LEU B 18 10.32 4.84 -10.62
CA LEU B 18 9.70 4.84 -11.94
C LEU B 18 9.07 6.18 -12.22
N LEU B 19 8.48 6.77 -11.18
CA LEU B 19 7.88 8.09 -11.28
C LEU B 19 8.95 9.18 -11.19
N GLU B 20 10.09 8.84 -10.60
CA GLU B 20 11.19 9.79 -10.42
C GLU B 20 11.80 10.13 -11.78
N LEU B 21 12.14 9.11 -12.55
CA LEU B 21 12.69 9.31 -13.89
C LEU B 21 11.60 9.79 -14.85
N GLU B 22 10.36 9.64 -14.44
CA GLU B 22 9.22 10.05 -15.23
C GLU B 22 8.99 11.55 -15.05
N SER B 23 9.36 12.03 -13.89
CA SER B 23 9.23 13.44 -13.52
C SER B 23 7.76 13.89 -13.53
N GLY A 1 -6.08 2.06 18.83
CA GLY A 1 -6.66 3.41 18.94
C GLY A 1 -7.89 3.58 18.10
N ALA A 2 -9.05 3.30 18.68
CA ALA A 2 -10.31 3.45 17.98
C ALA A 2 -11.00 4.73 18.40
N MET A 3 -10.92 5.73 17.55
CA MET A 3 -11.52 7.03 17.84
C MET A 3 -12.86 7.17 17.13
N GLY A 4 -13.03 6.38 16.08
CA GLY A 4 -14.24 6.44 15.29
C GLY A 4 -15.44 5.88 16.02
N ASN A 5 -16.20 6.74 16.67
CA ASN A 5 -17.42 6.33 17.39
C ASN A 5 -18.53 6.02 16.43
N GLU A 6 -18.30 6.31 15.16
CA GLU A 6 -19.26 6.00 14.12
C GLU A 6 -18.74 4.88 13.25
N TYR A 7 -17.52 4.44 13.57
CA TYR A 7 -16.88 3.28 12.95
C TYR A 7 -16.80 3.42 11.43
N LYS A 8 -16.54 4.63 10.96
CA LYS A 8 -16.40 4.89 9.53
C LYS A 8 -15.01 4.44 9.05
N ASP A 9 -14.69 3.19 9.37
CA ASP A 9 -13.42 2.58 9.02
C ASP A 9 -13.53 1.89 7.65
N ASN A 10 -14.64 2.15 6.97
CA ASN A 10 -14.94 1.55 5.67
C ASN A 10 -14.22 2.31 4.54
N ALA A 11 -13.07 2.87 4.85
CA ALA A 11 -12.31 3.61 3.87
C ALA A 11 -11.20 2.75 3.29
N TYR A 12 -11.45 2.18 2.14
CA TYR A 12 -10.48 1.35 1.45
C TYR A 12 -10.54 1.65 -0.04
N ILE A 13 -9.38 1.73 -0.66
CA ILE A 13 -9.33 2.01 -2.08
C ILE A 13 -8.62 0.91 -2.83
N TYR A 14 -9.21 0.52 -3.94
CA TYR A 14 -8.62 -0.45 -4.82
C TYR A 14 -7.74 0.27 -5.81
N ILE A 15 -6.56 -0.23 -5.97
CA ILE A 15 -5.62 0.32 -6.90
C ILE A 15 -5.51 -0.62 -8.08
N GLY A 16 -5.59 -0.07 -9.27
CA GLY A 16 -5.62 -0.88 -10.47
C GLY A 16 -4.26 -1.26 -10.98
N ASN A 17 -4.25 -1.79 -12.20
CA ASN A 17 -3.04 -2.31 -12.84
C ASN A 17 -1.88 -1.31 -12.82
N LEU A 18 -0.90 -1.62 -12.00
CA LEU A 18 0.32 -0.86 -11.89
C LEU A 18 1.36 -1.49 -12.78
N ASN A 19 2.61 -1.12 -12.59
CA ASN A 19 3.70 -1.70 -13.36
C ASN A 19 4.41 -2.73 -12.53
N ARG A 20 4.96 -3.74 -13.17
CA ARG A 20 5.74 -4.75 -12.46
C ARG A 20 7.08 -4.13 -12.04
N GLU A 21 7.50 -3.13 -12.80
CA GLU A 21 8.73 -2.41 -12.52
C GLU A 21 8.52 -1.52 -11.30
N LEU A 22 7.27 -1.27 -10.98
CA LEU A 22 6.91 -0.44 -9.84
C LEU A 22 6.91 -1.29 -8.59
N THR A 23 7.88 -1.07 -7.74
CA THR A 23 7.98 -1.83 -6.52
C THR A 23 7.24 -1.14 -5.39
N GLU A 24 7.23 -1.78 -4.22
CA GLU A 24 6.53 -1.26 -3.06
C GLU A 24 7.23 -0.04 -2.48
N GLY A 25 8.44 0.23 -2.96
CA GLY A 25 9.18 1.40 -2.52
C GLY A 25 8.53 2.66 -3.04
N ASP A 26 8.18 2.65 -4.32
CA ASP A 26 7.49 3.76 -4.95
C ASP A 26 6.10 3.91 -4.38
N ILE A 27 5.45 2.77 -4.14
CA ILE A 27 4.11 2.74 -3.56
C ILE A 27 4.06 3.59 -2.28
N LEU A 28 4.99 3.32 -1.38
CA LEU A 28 5.06 4.04 -0.11
C LEU A 28 5.42 5.50 -0.34
N THR A 29 6.29 5.71 -1.30
CA THR A 29 6.77 7.05 -1.63
C THR A 29 5.62 7.95 -2.11
N VAL A 30 4.76 7.40 -2.93
CA VAL A 30 3.65 8.16 -3.50
C VAL A 30 2.52 8.40 -2.50
N PHE A 31 2.12 7.38 -1.77
CA PHE A 31 0.97 7.49 -0.87
C PHE A 31 1.29 8.19 0.46
N SER A 32 2.55 8.21 0.86
CA SER A 32 2.92 8.86 2.12
C SER A 32 2.91 10.38 1.98
N GLU A 33 2.84 10.85 0.74
CA GLU A 33 2.87 12.28 0.42
C GLU A 33 1.72 13.04 1.13
N TYR A 34 0.66 12.33 1.47
CA TYR A 34 -0.49 12.95 2.12
C TYR A 34 -0.21 13.25 3.60
N GLY A 35 0.99 12.88 4.06
CA GLY A 35 1.40 13.22 5.41
C GLY A 35 1.26 12.09 6.41
N VAL A 36 0.41 11.14 6.10
CA VAL A 36 0.17 10.04 7.01
C VAL A 36 0.26 8.70 6.29
N PRO A 37 1.34 7.94 6.51
CA PRO A 37 1.48 6.61 5.93
C PRO A 37 0.61 5.60 6.68
N VAL A 38 -0.53 5.28 6.10
CA VAL A 38 -1.47 4.34 6.70
C VAL A 38 -1.33 2.95 6.06
N ASP A 39 -2.30 2.08 6.30
CA ASP A 39 -2.24 0.69 5.87
C ASP A 39 -2.19 0.57 4.35
N VAL A 40 -1.23 -0.17 3.85
CA VAL A 40 -1.04 -0.34 2.42
C VAL A 40 -0.78 -1.81 2.11
N ILE A 41 -1.43 -2.31 1.09
CA ILE A 41 -1.34 -3.71 0.74
C ILE A 41 -1.07 -3.89 -0.74
N LEU A 42 0.15 -4.26 -1.09
CA LEU A 42 0.51 -4.54 -2.45
C LEU A 42 0.32 -6.02 -2.71
N SER A 43 -0.42 -6.37 -3.74
CA SER A 43 -0.69 -7.75 -4.03
C SER A 43 0.53 -8.43 -4.65
N ARG A 44 1.35 -9.01 -3.80
CA ARG A 44 2.53 -9.74 -4.23
C ARG A 44 2.15 -11.20 -4.41
N ASP A 45 2.60 -11.83 -5.49
CA ASP A 45 2.23 -13.23 -5.74
C ASP A 45 3.09 -14.18 -4.93
N GLU A 46 2.50 -15.28 -4.53
CA GLU A 46 3.19 -16.29 -3.75
C GLU A 46 4.04 -17.23 -4.62
N ASN A 47 3.88 -17.11 -5.94
CA ASN A 47 4.58 -17.99 -6.86
C ASN A 47 6.05 -17.61 -6.99
N THR A 48 6.29 -16.41 -7.49
CA THR A 48 7.65 -15.93 -7.66
C THR A 48 7.90 -14.75 -6.71
N GLY A 49 6.83 -14.15 -6.23
CA GLY A 49 6.95 -13.06 -5.29
C GLY A 49 7.00 -11.70 -5.96
N GLU A 50 6.33 -11.58 -7.09
CA GLU A 50 6.27 -10.31 -7.82
C GLU A 50 4.94 -9.61 -7.62
N SER A 51 4.85 -8.38 -8.08
CA SER A 51 3.60 -7.64 -8.01
C SER A 51 2.61 -8.20 -9.01
N GLN A 52 1.39 -8.47 -8.57
CA GLN A 52 0.36 -8.98 -9.45
C GLN A 52 -0.23 -7.86 -10.29
N GLY A 53 0.14 -6.63 -9.98
CA GLY A 53 -0.30 -5.51 -10.75
C GLY A 53 -1.36 -4.69 -10.07
N PHE A 54 -1.81 -5.10 -8.91
CA PHE A 54 -2.83 -4.32 -8.22
C PHE A 54 -2.52 -4.22 -6.73
N ALA A 55 -3.17 -3.27 -6.07
CA ALA A 55 -2.93 -3.04 -4.65
C ALA A 55 -4.15 -2.47 -3.98
N TYR A 56 -4.06 -2.31 -2.66
CA TYR A 56 -5.12 -1.74 -1.86
C TYR A 56 -4.51 -0.81 -0.83
N LEU A 57 -5.23 0.24 -0.47
CA LEU A 57 -4.74 1.18 0.53
C LEU A 57 -5.86 1.56 1.48
N LYS A 58 -5.51 1.76 2.73
CA LYS A 58 -6.47 2.16 3.71
C LYS A 58 -5.93 3.31 4.53
N TYR A 59 -6.66 4.39 4.54
CA TYR A 59 -6.33 5.57 5.31
C TYR A 59 -7.56 6.05 6.02
N GLU A 60 -7.41 6.66 7.17
CA GLU A 60 -8.57 7.16 7.85
C GLU A 60 -8.75 8.63 7.65
N ASP A 61 -9.68 8.96 6.79
CA ASP A 61 -10.10 10.33 6.51
C ASP A 61 -11.10 10.32 5.38
N GLN A 62 -12.28 10.86 5.60
CA GLN A 62 -13.31 10.86 4.59
C GLN A 62 -12.93 11.79 3.42
N ARG A 63 -12.24 12.86 3.72
CA ARG A 63 -11.83 13.83 2.71
C ARG A 63 -10.80 13.24 1.78
N SER A 64 -9.86 12.51 2.34
CA SER A 64 -8.78 11.90 1.58
C SER A 64 -9.30 10.90 0.55
N THR A 65 -10.47 10.31 0.80
CA THR A 65 -11.03 9.34 -0.14
C THR A 65 -11.29 10.01 -1.49
N ILE A 66 -11.97 11.13 -1.44
CA ILE A 66 -12.32 11.89 -2.60
C ILE A 66 -11.08 12.56 -3.19
N LEU A 67 -10.17 12.96 -2.30
CA LEU A 67 -8.92 13.59 -2.71
C LEU A 67 -8.09 12.62 -3.56
N ALA A 68 -7.78 11.47 -2.99
CA ALA A 68 -6.95 10.47 -3.67
C ALA A 68 -7.56 10.04 -5.01
N VAL A 69 -8.88 9.88 -5.05
CA VAL A 69 -9.56 9.48 -6.29
C VAL A 69 -9.51 10.60 -7.35
N ASP A 70 -9.48 11.84 -6.91
CA ASP A 70 -9.45 12.98 -7.83
C ASP A 70 -8.01 13.34 -8.19
N ASN A 71 -7.12 13.13 -7.27
CA ASN A 71 -5.74 13.53 -7.41
C ASN A 71 -4.87 12.44 -8.04
N LEU A 72 -5.01 11.21 -7.58
CA LEU A 72 -4.13 10.13 -8.06
C LEU A 72 -4.74 9.32 -9.18
N ASN A 73 -6.05 9.19 -9.22
CA ASN A 73 -6.69 8.41 -10.27
C ASN A 73 -6.52 9.08 -11.62
N GLY A 74 -5.71 8.47 -12.46
CA GLY A 74 -5.45 9.02 -13.77
C GLY A 74 -4.04 9.55 -13.90
N PHE A 75 -3.32 9.60 -12.77
CA PHE A 75 -1.96 10.09 -12.76
C PHE A 75 -1.03 9.05 -13.41
N LYS A 76 -0.18 9.51 -14.31
CA LYS A 76 0.70 8.62 -15.03
C LYS A 76 1.95 8.25 -14.23
N ILE A 77 2.06 6.98 -13.93
CA ILE A 77 3.21 6.43 -13.23
C ILE A 77 3.82 5.31 -14.05
N GLY A 78 5.00 5.56 -14.60
CA GLY A 78 5.68 4.55 -15.40
C GLY A 78 4.94 4.22 -16.69
N GLY A 79 4.23 5.20 -17.22
CA GLY A 79 3.52 5.00 -18.47
C GLY A 79 2.08 4.52 -18.27
N ARG A 80 1.76 4.09 -17.06
CA ARG A 80 0.41 3.62 -16.75
C ARG A 80 -0.26 4.56 -15.77
N ALA A 81 -1.56 4.68 -15.87
CA ALA A 81 -2.31 5.56 -14.98
C ALA A 81 -2.76 4.84 -13.73
N LEU A 82 -2.75 5.56 -12.61
CA LEU A 82 -3.19 5.02 -11.34
C LEU A 82 -4.71 4.96 -11.29
N LYS A 83 -5.25 3.80 -11.03
CA LYS A 83 -6.68 3.63 -10.94
C LYS A 83 -7.08 3.48 -9.48
N ILE A 84 -7.87 4.43 -8.99
CA ILE A 84 -8.31 4.43 -7.59
C ILE A 84 -9.82 4.24 -7.53
N ASP A 85 -10.26 3.16 -6.93
CA ASP A 85 -11.69 2.86 -6.83
C ASP A 85 -12.10 2.59 -5.38
N HIS A 86 -13.33 2.99 -5.02
CA HIS A 86 -13.85 2.76 -3.68
C HIS A 86 -14.34 1.33 -3.53
N THR A 87 -13.84 0.62 -2.54
CA THR A 87 -14.24 -0.77 -2.35
C THR A 87 -14.06 -1.18 -0.89
N PHE A 88 -14.74 -2.24 -0.50
CA PHE A 88 -14.59 -2.78 0.83
C PHE A 88 -13.66 -3.99 0.81
N TYR A 89 -12.42 -3.77 1.17
CA TYR A 89 -11.45 -4.84 1.19
C TYR A 89 -10.98 -5.09 2.61
N ARG A 90 -10.95 -6.34 3.00
CA ARG A 90 -10.46 -6.71 4.30
C ARG A 90 -9.17 -7.53 4.16
N PRO A 91 -8.14 -7.18 4.94
CA PRO A 91 -6.85 -7.87 4.91
C PRO A 91 -6.96 -9.31 5.42
N LYS A 92 -5.95 -10.11 5.12
CA LYS A 92 -5.94 -11.50 5.55
C LYS A 92 -5.09 -11.66 6.80
N ARG A 93 -5.63 -12.30 7.82
CA ARG A 93 -4.89 -12.49 9.05
C ARG A 93 -3.84 -13.58 8.89
N SER A 94 -3.92 -14.31 7.80
CA SER A 94 -2.96 -15.35 7.48
C SER A 94 -1.64 -14.72 7.01
N LEU A 95 -1.75 -13.60 6.32
CA LEU A 95 -0.60 -12.89 5.79
C LEU A 95 -0.05 -11.90 6.82
N GLN A 96 -0.16 -12.26 8.09
CA GLN A 96 0.29 -11.42 9.20
C GLN A 96 1.74 -10.95 9.00
N LYS A 97 2.58 -11.80 8.44
CA LYS A 97 3.98 -11.46 8.20
C LYS A 97 4.11 -10.26 7.29
N TYR A 98 3.40 -10.30 6.17
CA TYR A 98 3.46 -9.24 5.18
C TYR A 98 3.03 -7.90 5.78
N TYR A 99 1.87 -7.89 6.42
CA TYR A 99 1.35 -6.66 7.00
C TYR A 99 2.28 -6.12 8.07
N GLU A 100 2.90 -7.01 8.82
CA GLU A 100 3.84 -6.60 9.85
C GLU A 100 5.07 -5.97 9.22
N ALA A 101 5.67 -6.68 8.26
CA ALA A 101 6.86 -6.21 7.56
C ALA A 101 6.64 -4.83 6.95
N VAL A 102 5.45 -4.63 6.38
CA VAL A 102 5.10 -3.35 5.78
C VAL A 102 4.93 -2.29 6.87
N LYS A 103 4.14 -2.61 7.88
CA LYS A 103 3.84 -1.67 8.96
C LYS A 103 5.12 -1.19 9.66
N GLU A 104 6.01 -2.11 9.96
CA GLU A 104 7.26 -1.76 10.62
C GLU A 104 8.19 -0.99 9.68
N GLU A 105 8.01 -1.18 8.38
CA GLU A 105 8.79 -0.45 7.40
C GLU A 105 8.34 1.00 7.37
N LEU A 106 7.03 1.20 7.41
CA LEU A 106 6.45 2.52 7.48
C LEU A 106 6.89 3.20 8.77
N ASP A 107 6.87 2.42 9.85
CA ASP A 107 7.32 2.89 11.15
C ASP A 107 8.78 3.34 11.06
N ARG A 108 9.61 2.54 10.40
CA ARG A 108 11.02 2.86 10.20
C ARG A 108 11.19 4.17 9.45
N ASP A 109 10.31 4.42 8.47
CA ASP A 109 10.37 5.65 7.69
C ASP A 109 10.12 6.86 8.59
N ILE A 110 9.36 6.64 9.64
CA ILE A 110 9.06 7.68 10.61
C ILE A 110 10.21 7.84 11.59
N VAL A 111 10.71 6.72 12.10
CA VAL A 111 11.80 6.72 13.07
C VAL A 111 13.08 7.31 12.48
N SER A 112 13.31 7.07 11.19
CA SER A 112 14.51 7.56 10.52
C SER A 112 14.46 9.08 10.29
N LYS A 113 13.35 9.72 10.64
CA LYS A 113 13.24 11.16 10.51
C LYS A 113 13.80 11.82 11.77
N ASN A 114 15.09 12.17 11.72
CA ASN A 114 15.79 12.80 12.85
C ASN A 114 15.92 11.85 14.03
N ASN A 115 15.50 10.60 13.83
CA ASN A 115 15.53 9.56 14.86
C ASN A 115 14.69 10.00 16.08
N ALA A 116 13.65 10.77 15.80
CA ALA A 116 12.79 11.29 16.83
C ALA A 116 11.33 11.25 16.40
N GLU A 117 10.46 11.78 17.24
CA GLU A 117 9.03 11.82 16.95
C GLU A 117 8.58 13.27 16.78
N LYS A 118 7.28 13.48 16.72
CA LYS A 118 6.73 14.82 16.64
C LYS A 118 6.55 15.38 18.04
N GLY B 1 13.87 -29.58 1.26
CA GLY B 1 13.76 -28.55 2.31
C GLY B 1 13.84 -27.14 1.76
N SER B 2 12.88 -26.78 0.92
CA SER B 2 12.85 -25.45 0.33
C SER B 2 11.71 -24.64 0.93
N LYS B 3 12.01 -23.40 1.31
CA LYS B 3 11.01 -22.51 1.89
C LYS B 3 9.97 -22.08 0.86
N SER B 4 10.28 -22.27 -0.41
CA SER B 4 9.37 -21.93 -1.48
C SER B 4 8.16 -22.87 -1.48
N GLN B 5 8.27 -23.96 -0.72
CA GLN B 5 7.18 -24.91 -0.56
C GLN B 5 6.07 -24.27 0.26
N TYR B 6 6.47 -23.43 1.19
CA TYR B 6 5.56 -22.73 2.07
C TYR B 6 5.16 -21.40 1.46
N ILE B 7 4.02 -20.87 1.86
CA ILE B 7 3.59 -19.58 1.37
C ILE B 7 4.10 -18.49 2.30
N ASP B 8 5.18 -17.86 1.90
CA ASP B 8 5.81 -16.83 2.71
C ASP B 8 6.11 -15.63 1.82
N ILE B 9 5.28 -14.61 1.93
CA ILE B 9 5.42 -13.43 1.10
C ILE B 9 5.92 -12.24 1.90
N MET B 10 7.00 -11.63 1.42
CA MET B 10 7.57 -10.45 2.05
C MET B 10 7.60 -9.28 1.09
N PRO B 11 7.42 -8.05 1.61
CA PRO B 11 7.39 -6.84 0.78
C PRO B 11 8.77 -6.46 0.25
N ASP B 12 8.78 -5.88 -0.92
CA ASP B 12 10.02 -5.44 -1.55
C ASP B 12 10.03 -3.94 -1.72
N PHE B 13 10.69 -3.26 -0.81
CA PHE B 13 10.80 -1.81 -0.86
C PHE B 13 12.08 -1.41 -1.56
N SER B 14 12.02 -1.27 -2.86
CA SER B 14 13.16 -0.88 -3.63
C SER B 14 12.95 0.53 -4.17
N PRO B 15 14.00 1.38 -4.18
CA PRO B 15 13.91 2.71 -4.75
C PRO B 15 13.91 2.66 -6.27
N SER B 16 12.75 2.45 -6.85
CA SER B 16 12.62 2.39 -8.29
C SER B 16 12.55 3.78 -8.87
N GLY B 17 11.66 4.58 -8.32
CA GLY B 17 11.53 5.94 -8.75
C GLY B 17 11.00 6.06 -10.17
N LEU B 18 9.99 5.27 -10.50
CA LEU B 18 9.37 5.34 -11.83
C LEU B 18 8.79 6.73 -12.06
N LEU B 19 8.27 7.32 -11.01
CA LEU B 19 7.69 8.66 -11.09
C LEU B 19 8.80 9.72 -11.09
N GLU B 20 10.00 9.29 -10.77
CA GLU B 20 11.13 10.18 -10.70
C GLU B 20 11.92 10.16 -12.00
N LEU B 21 12.32 8.97 -12.40
CA LEU B 21 13.10 8.79 -13.62
C LEU B 21 12.19 8.86 -14.83
N GLU B 22 10.92 8.50 -14.64
CA GLU B 22 9.92 8.51 -15.70
C GLU B 22 10.32 7.63 -16.87
N SER B 23 11.11 6.61 -16.57
CA SER B 23 11.60 5.69 -17.59
C SER B 23 11.09 4.28 -17.32
N GLY A 1 -17.95 -7.23 15.06
CA GLY A 1 -18.29 -6.00 15.80
C GLY A 1 -18.68 -4.87 14.86
N ALA A 2 -18.76 -3.67 15.37
CA ALA A 2 -19.15 -2.52 14.57
C ALA A 2 -18.06 -1.47 14.56
N MET A 3 -17.35 -1.36 13.45
CA MET A 3 -16.31 -0.36 13.27
C MET A 3 -16.69 0.55 12.10
N GLY A 4 -17.83 0.23 11.48
CA GLY A 4 -18.31 0.96 10.35
C GLY A 4 -18.93 2.29 10.72
N ASN A 5 -19.02 2.55 12.02
CA ASN A 5 -19.57 3.80 12.52
C ASN A 5 -18.76 4.99 12.01
N GLU A 6 -17.44 4.81 11.92
CA GLU A 6 -16.57 5.83 11.36
C GLU A 6 -15.98 5.37 10.04
N TYR A 7 -16.48 4.22 9.56
CA TYR A 7 -16.07 3.64 8.27
C TYR A 7 -14.56 3.39 8.22
N LYS A 8 -13.97 3.24 9.40
CA LYS A 8 -12.52 3.05 9.53
C LYS A 8 -12.09 1.70 8.97
N ASP A 9 -12.99 0.73 9.01
CA ASP A 9 -12.71 -0.61 8.49
C ASP A 9 -13.26 -0.75 7.08
N ASN A 10 -13.74 0.37 6.55
CA ASN A 10 -14.33 0.38 5.22
C ASN A 10 -13.49 1.20 4.26
N ALA A 11 -12.60 2.02 4.80
CA ALA A 11 -11.77 2.87 3.99
C ALA A 11 -10.64 2.09 3.34
N TYR A 12 -10.86 1.72 2.09
CA TYR A 12 -9.89 1.02 1.28
C TYR A 12 -9.96 1.53 -0.14
N ILE A 13 -8.83 1.69 -0.76
CA ILE A 13 -8.79 2.12 -2.14
C ILE A 13 -8.19 1.05 -3.02
N TYR A 14 -8.85 0.78 -4.12
CA TYR A 14 -8.37 -0.19 -5.07
C TYR A 14 -7.45 0.47 -6.05
N ILE A 15 -6.28 -0.08 -6.17
CA ILE A 15 -5.31 0.38 -7.12
C ILE A 15 -5.24 -0.62 -8.26
N GLY A 16 -5.06 -0.14 -9.47
CA GLY A 16 -5.08 -1.02 -10.62
C GLY A 16 -3.74 -1.64 -10.92
N ASN A 17 -3.64 -2.26 -12.07
CA ASN A 17 -2.43 -2.94 -12.49
C ASN A 17 -1.24 -1.99 -12.55
N LEU A 18 -0.13 -2.42 -11.99
CA LEU A 18 1.08 -1.62 -11.92
C LEU A 18 2.24 -2.38 -12.52
N ASN A 19 3.30 -1.65 -12.89
CA ASN A 19 4.50 -2.27 -13.45
C ASN A 19 5.13 -3.21 -12.45
N ARG A 20 5.73 -4.29 -12.93
CA ARG A 20 6.39 -5.26 -12.05
C ARG A 20 7.62 -4.63 -11.41
N GLU A 21 8.13 -3.58 -12.03
CA GLU A 21 9.30 -2.87 -11.52
C GLU A 21 8.91 -1.90 -10.40
N LEU A 22 7.62 -1.66 -10.26
CA LEU A 22 7.13 -0.74 -9.26
C LEU A 22 6.91 -1.49 -7.95
N THR A 23 7.45 -0.95 -6.87
CA THR A 23 7.33 -1.59 -5.58
C THR A 23 6.39 -0.80 -4.67
N GLU A 24 6.20 -1.30 -3.47
CA GLU A 24 5.37 -0.61 -2.49
C GLU A 24 6.09 0.62 -1.96
N GLY A 25 7.41 0.61 -2.10
CA GLY A 25 8.19 1.77 -1.71
C GLY A 25 7.89 2.94 -2.61
N ASP A 26 7.63 2.62 -3.87
CA ASP A 26 7.26 3.61 -4.86
C ASP A 26 5.85 4.11 -4.59
N ILE A 27 4.99 3.19 -4.15
CA ILE A 27 3.64 3.55 -3.77
C ILE A 27 3.68 4.50 -2.57
N LEU A 28 4.60 4.20 -1.64
CA LEU A 28 4.79 5.03 -0.46
C LEU A 28 5.33 6.39 -0.89
N THR A 29 6.15 6.38 -1.94
CA THR A 29 6.70 7.59 -2.50
C THR A 29 5.58 8.52 -2.97
N VAL A 30 4.62 7.94 -3.66
CA VAL A 30 3.50 8.69 -4.18
C VAL A 30 2.60 9.19 -3.05
N PHE A 31 2.23 8.28 -2.15
CA PHE A 31 1.34 8.62 -1.03
C PHE A 31 2.06 9.49 0.01
N SER A 32 3.36 9.65 -0.13
CA SER A 32 4.15 10.49 0.75
C SER A 32 3.72 11.95 0.62
N GLU A 33 3.10 12.27 -0.52
CA GLU A 33 2.62 13.62 -0.78
C GLU A 33 1.44 13.97 0.14
N TYR A 34 0.82 12.95 0.69
CA TYR A 34 -0.31 13.14 1.61
C TYR A 34 0.20 13.42 3.02
N GLY A 35 1.45 13.05 3.27
CA GLY A 35 2.06 13.30 4.57
C GLY A 35 1.60 12.34 5.64
N VAL A 36 1.01 11.23 5.23
CA VAL A 36 0.54 10.24 6.17
C VAL A 36 0.67 8.82 5.59
N PRO A 37 1.67 8.06 6.06
CA PRO A 37 1.88 6.70 5.65
C PRO A 37 1.03 5.71 6.43
N VAL A 38 0.13 5.02 5.76
CA VAL A 38 -0.74 4.04 6.38
C VAL A 38 -0.60 2.69 5.64
N ASP A 39 -1.50 1.76 5.90
CA ASP A 39 -1.40 0.39 5.39
C ASP A 39 -1.43 0.34 3.87
N VAL A 40 -0.36 -0.19 3.28
CA VAL A 40 -0.30 -0.37 1.84
C VAL A 40 -0.09 -1.85 1.51
N ILE A 41 -1.10 -2.46 0.93
CA ILE A 41 -1.04 -3.88 0.62
C ILE A 41 -0.92 -4.12 -0.87
N LEU A 42 0.28 -4.48 -1.30
CA LEU A 42 0.51 -4.82 -2.69
C LEU A 42 0.14 -6.29 -2.88
N SER A 43 -0.80 -6.55 -3.77
CA SER A 43 -1.24 -7.92 -3.98
C SER A 43 -0.21 -8.71 -4.78
N ARG A 44 0.58 -9.48 -4.06
CA ARG A 44 1.61 -10.30 -4.68
C ARG A 44 1.18 -11.75 -4.73
N ASP A 45 1.94 -12.54 -5.44
CA ASP A 45 1.73 -13.97 -5.51
C ASP A 45 2.84 -14.67 -4.74
N GLU A 46 2.54 -15.81 -4.16
CA GLU A 46 3.53 -16.53 -3.35
C GLU A 46 4.48 -17.37 -4.21
N ASN A 47 4.19 -17.50 -5.49
CA ASN A 47 5.01 -18.32 -6.37
C ASN A 47 6.28 -17.60 -6.76
N THR A 48 6.13 -16.48 -7.44
CA THR A 48 7.29 -15.71 -7.87
C THR A 48 7.43 -14.45 -7.01
N GLY A 49 6.32 -13.94 -6.50
CA GLY A 49 6.37 -12.80 -5.60
C GLY A 49 6.16 -11.47 -6.29
N GLU A 50 5.50 -11.49 -7.43
CA GLU A 50 5.28 -10.25 -8.17
C GLU A 50 3.87 -9.74 -7.96
N SER A 51 3.60 -8.52 -8.40
CA SER A 51 2.29 -7.95 -8.29
C SER A 51 1.32 -8.68 -9.20
N GLN A 52 0.17 -9.05 -8.67
CA GLN A 52 -0.84 -9.76 -9.45
C GLN A 52 -1.63 -8.82 -10.33
N GLY A 53 -1.27 -7.54 -10.32
CA GLY A 53 -1.93 -6.57 -11.15
C GLY A 53 -2.93 -5.73 -10.41
N PHE A 54 -2.75 -5.62 -9.09
CA PHE A 54 -3.62 -4.80 -8.27
C PHE A 54 -3.07 -4.64 -6.86
N ALA A 55 -3.59 -3.65 -6.15
CA ALA A 55 -3.15 -3.38 -4.79
C ALA A 55 -4.27 -2.70 -4.01
N TYR A 56 -4.16 -2.74 -2.70
CA TYR A 56 -5.14 -2.11 -1.83
C TYR A 56 -4.44 -1.30 -0.77
N LEU A 57 -4.86 -0.08 -0.58
CA LEU A 57 -4.28 0.74 0.45
C LEU A 57 -5.35 1.19 1.43
N LYS A 58 -5.02 1.17 2.69
CA LYS A 58 -5.96 1.52 3.74
C LYS A 58 -5.41 2.62 4.63
N TYR A 59 -6.15 3.71 4.68
CA TYR A 59 -5.85 4.82 5.55
C TYR A 59 -7.09 5.21 6.28
N GLU A 60 -6.95 5.75 7.45
CA GLU A 60 -8.12 6.13 8.17
C GLU A 60 -8.36 7.62 8.11
N ASP A 61 -9.35 7.98 7.32
CA ASP A 61 -9.79 9.37 7.16
C ASP A 61 -10.87 9.43 6.10
N GLN A 62 -11.91 10.20 6.35
CA GLN A 62 -13.01 10.29 5.40
C GLN A 62 -12.65 11.21 4.23
N ARG A 63 -12.00 12.31 4.52
CA ARG A 63 -11.65 13.29 3.48
C ARG A 63 -10.59 12.75 2.53
N SER A 64 -9.61 12.06 3.10
CA SER A 64 -8.50 11.50 2.35
C SER A 64 -8.98 10.53 1.24
N THR A 65 -10.15 9.92 1.44
CA THR A 65 -10.67 8.99 0.45
C THR A 65 -10.95 9.70 -0.87
N ILE A 66 -11.53 10.88 -0.75
CA ILE A 66 -11.88 11.70 -1.88
C ILE A 66 -10.63 12.35 -2.47
N LEU A 67 -9.76 12.80 -1.59
CA LEU A 67 -8.50 13.43 -1.98
C LEU A 67 -7.65 12.46 -2.81
N ALA A 68 -7.42 11.28 -2.26
CA ALA A 68 -6.60 10.27 -2.92
C ALA A 68 -7.13 9.91 -4.30
N VAL A 69 -8.43 9.74 -4.42
CA VAL A 69 -9.03 9.41 -5.70
C VAL A 69 -8.81 10.54 -6.72
N ASP A 70 -9.25 11.73 -6.39
CA ASP A 70 -9.15 12.87 -7.31
C ASP A 70 -7.70 13.23 -7.64
N ASN A 71 -6.79 12.87 -6.75
CA ASN A 71 -5.38 13.17 -6.96
C ASN A 71 -4.71 12.13 -7.85
N LEU A 72 -4.85 10.86 -7.48
CA LEU A 72 -4.12 9.80 -8.17
C LEU A 72 -4.89 9.13 -9.31
N ASN A 73 -6.20 9.31 -9.36
CA ASN A 73 -6.98 8.70 -10.44
C ASN A 73 -6.57 9.29 -11.78
N GLY A 74 -5.91 8.50 -12.58
CA GLY A 74 -5.48 8.95 -13.89
C GLY A 74 -4.05 9.43 -13.88
N PHE A 75 -3.40 9.38 -12.72
CA PHE A 75 -2.01 9.82 -12.60
C PHE A 75 -1.10 8.85 -13.35
N LYS A 76 -0.15 9.38 -14.08
CA LYS A 76 0.73 8.57 -14.91
C LYS A 76 1.98 8.11 -14.15
N ILE A 77 2.18 6.80 -14.10
CA ILE A 77 3.38 6.21 -13.51
C ILE A 77 3.85 5.05 -14.36
N GLY A 78 5.05 5.16 -14.89
CA GLY A 78 5.61 4.09 -15.71
C GLY A 78 4.98 4.02 -17.08
N GLY A 79 4.18 5.02 -17.39
CA GLY A 79 3.55 5.09 -18.68
C GLY A 79 2.15 4.61 -18.60
N ARG A 80 1.70 4.42 -17.38
CA ARG A 80 0.40 3.89 -17.13
C ARG A 80 -0.35 4.77 -16.14
N ALA A 81 -1.65 4.86 -16.31
CA ALA A 81 -2.49 5.68 -15.43
C ALA A 81 -2.96 4.87 -14.23
N LEU A 82 -2.92 5.49 -13.06
CA LEU A 82 -3.34 4.85 -11.83
C LEU A 82 -4.86 4.84 -11.72
N LYS A 83 -5.41 3.65 -11.62
CA LYS A 83 -6.84 3.50 -11.43
C LYS A 83 -7.16 3.42 -9.95
N ILE A 84 -7.84 4.42 -9.43
CA ILE A 84 -8.17 4.48 -8.01
C ILE A 84 -9.68 4.49 -7.81
N ASP A 85 -10.19 3.48 -7.12
CA ASP A 85 -11.63 3.38 -6.83
C ASP A 85 -11.85 2.98 -5.38
N HIS A 86 -12.96 3.43 -4.80
CA HIS A 86 -13.32 3.05 -3.44
C HIS A 86 -13.87 1.64 -3.42
N THR A 87 -13.41 0.84 -2.47
CA THR A 87 -13.86 -0.52 -2.36
C THR A 87 -13.60 -1.05 -0.97
N PHE A 88 -14.29 -2.10 -0.60
CA PHE A 88 -14.05 -2.74 0.69
C PHE A 88 -13.01 -3.83 0.49
N TYR A 89 -12.27 -4.14 1.52
CA TYR A 89 -11.24 -5.15 1.42
C TYR A 89 -11.09 -5.90 2.73
N ARG A 90 -11.33 -7.20 2.67
CA ARG A 90 -11.17 -8.06 3.83
C ARG A 90 -10.00 -9.00 3.61
N PRO A 91 -8.84 -8.67 4.18
CA PRO A 91 -7.62 -9.45 4.03
C PRO A 91 -7.66 -10.73 4.84
N LYS A 92 -6.98 -11.74 4.33
CA LYS A 92 -6.89 -13.00 5.02
C LYS A 92 -5.75 -12.93 6.01
N ARG A 93 -5.87 -13.65 7.13
CA ARG A 93 -4.82 -13.63 8.15
C ARG A 93 -3.54 -14.29 7.64
N SER A 94 -3.65 -14.91 6.48
CA SER A 94 -2.53 -15.57 5.85
C SER A 94 -1.48 -14.56 5.39
N LEU A 95 -1.87 -13.30 5.24
CA LEU A 95 -0.95 -12.26 4.78
C LEU A 95 -0.77 -11.17 5.83
N GLN A 96 -0.99 -11.51 7.08
CA GLN A 96 -0.88 -10.53 8.15
C GLN A 96 0.59 -10.12 8.38
N LYS A 97 1.51 -11.03 8.03
CA LYS A 97 2.94 -10.73 8.18
C LYS A 97 3.37 -9.63 7.22
N TYR A 98 2.62 -9.46 6.14
CA TYR A 98 2.88 -8.41 5.18
C TYR A 98 2.54 -7.08 5.83
N TYR A 99 1.48 -7.09 6.64
CA TYR A 99 1.06 -5.92 7.40
C TYR A 99 2.08 -5.60 8.48
N GLU A 100 2.57 -6.64 9.14
CA GLU A 100 3.57 -6.48 10.19
C GLU A 100 4.82 -5.80 9.62
N ALA A 101 5.31 -6.33 8.51
CA ALA A 101 6.51 -5.80 7.87
C ALA A 101 6.34 -4.33 7.50
N VAL A 102 5.24 -4.01 6.81
CA VAL A 102 5.00 -2.63 6.38
C VAL A 102 4.81 -1.71 7.58
N LYS A 103 4.14 -2.21 8.62
CA LYS A 103 3.93 -1.43 9.84
C LYS A 103 5.26 -1.08 10.48
N GLU A 104 6.12 -2.09 10.65
CA GLU A 104 7.42 -1.88 11.26
C GLU A 104 8.29 -0.98 10.40
N GLU A 105 8.20 -1.15 9.08
CA GLU A 105 8.98 -0.34 8.16
C GLU A 105 8.60 1.13 8.28
N LEU A 106 7.30 1.41 8.24
CA LEU A 106 6.79 2.76 8.37
C LEU A 106 7.08 3.28 9.77
N ASP A 107 6.87 2.43 10.76
CA ASP A 107 7.10 2.75 12.16
C ASP A 107 8.55 3.22 12.37
N ARG A 108 9.46 2.52 11.72
CA ARG A 108 10.88 2.83 11.78
C ARG A 108 11.17 4.15 11.05
N ASP A 109 10.49 4.34 9.92
CA ASP A 109 10.65 5.55 9.10
C ASP A 109 10.14 6.79 9.84
N ILE A 110 9.02 6.63 10.54
CA ILE A 110 8.43 7.72 11.31
C ILE A 110 9.32 8.06 12.50
N VAL A 111 10.03 7.04 13.00
CA VAL A 111 10.96 7.19 14.13
C VAL A 111 10.23 7.31 15.46
N SER A 112 9.43 8.34 15.60
CA SER A 112 8.70 8.59 16.82
C SER A 112 7.31 9.08 16.52
N LYS A 113 6.38 8.16 16.41
CA LYS A 113 5.02 8.52 16.14
C LYS A 113 4.27 8.80 17.42
N ASN A 114 4.20 10.06 17.78
CA ASN A 114 3.49 10.48 18.98
C ASN A 114 2.08 10.94 18.63
N ASN A 115 1.09 10.42 19.32
CA ASN A 115 -0.30 10.77 19.08
C ASN A 115 -0.54 12.26 19.29
N ALA A 116 0.04 12.78 20.38
CA ALA A 116 -0.06 14.21 20.74
C ALA A 116 -1.50 14.61 21.06
N GLU A 117 -1.83 14.64 22.34
CA GLU A 117 -3.17 15.01 22.79
C GLU A 117 -3.48 16.44 22.38
N LYS A 118 -4.67 16.65 21.87
CA LYS A 118 -5.08 17.97 21.45
C LYS A 118 -5.79 18.68 22.61
N GLY B 1 1.78 -29.34 3.59
CA GLY B 1 2.65 -28.69 4.59
C GLY B 1 2.00 -27.47 5.20
N SER B 2 1.90 -27.45 6.53
CA SER B 2 1.27 -26.35 7.25
C SER B 2 1.94 -25.01 6.97
N LYS B 3 3.26 -25.02 6.85
CA LYS B 3 4.03 -23.79 6.63
C LYS B 3 3.80 -23.25 5.22
N SER B 4 3.39 -24.11 4.30
CA SER B 4 3.14 -23.71 2.94
C SER B 4 1.71 -23.19 2.79
N GLN B 5 0.85 -23.54 3.73
CA GLN B 5 -0.54 -23.09 3.71
C GLN B 5 -0.60 -21.60 3.97
N TYR B 6 0.25 -21.15 4.88
CA TYR B 6 0.32 -19.74 5.21
C TYR B 6 1.34 -19.05 4.35
N ILE B 7 0.90 -18.04 3.65
CA ILE B 7 1.74 -17.31 2.73
C ILE B 7 2.62 -16.31 3.44
N ASP B 8 3.91 -16.46 3.25
CA ASP B 8 4.86 -15.57 3.86
C ASP B 8 5.65 -14.79 2.81
N ILE B 9 5.22 -13.57 2.57
CA ILE B 9 5.87 -12.71 1.60
C ILE B 9 6.17 -11.37 2.26
N MET B 10 7.34 -10.83 1.99
CA MET B 10 7.74 -9.56 2.57
C MET B 10 7.79 -8.44 1.54
N PRO B 11 7.42 -7.21 1.94
CA PRO B 11 7.45 -6.05 1.06
C PRO B 11 8.87 -5.61 0.71
N ASP B 12 9.13 -5.45 -0.58
CA ASP B 12 10.44 -5.05 -1.06
C ASP B 12 10.49 -3.55 -1.29
N PHE B 13 10.73 -2.81 -0.22
CA PHE B 13 10.82 -1.35 -0.33
C PHE B 13 12.04 -0.93 -1.13
N SER B 14 11.85 -0.83 -2.43
CA SER B 14 12.91 -0.45 -3.33
C SER B 14 12.62 0.92 -3.91
N PRO B 15 13.58 1.84 -3.87
CA PRO B 15 13.41 3.17 -4.45
C PRO B 15 13.60 3.13 -5.96
N SER B 16 12.63 2.53 -6.64
CA SER B 16 12.67 2.42 -8.08
C SER B 16 12.56 3.81 -8.70
N GLY B 17 11.56 4.55 -8.24
CA GLY B 17 11.36 5.90 -8.69
C GLY B 17 11.01 5.97 -10.16
N LEU B 18 10.13 5.09 -10.61
CA LEU B 18 9.73 5.08 -12.02
C LEU B 18 9.18 6.44 -12.39
N LEU B 19 8.25 6.93 -11.58
CA LEU B 19 7.62 8.23 -11.80
C LEU B 19 8.63 9.37 -11.65
N GLU B 20 9.62 9.17 -10.78
CA GLU B 20 10.63 10.19 -10.52
C GLU B 20 11.44 10.50 -11.77
N LEU B 21 11.73 9.46 -12.55
CA LEU B 21 12.49 9.64 -13.78
C LEU B 21 11.62 10.20 -14.91
N GLU B 22 10.32 10.12 -14.72
CA GLU B 22 9.39 10.62 -15.74
C GLU B 22 9.07 12.09 -15.52
N SER B 23 9.25 12.53 -14.31
CA SER B 23 8.96 13.90 -13.94
C SER B 23 10.25 14.68 -13.71
N GLY A 1 -16.38 -0.57 16.97
CA GLY A 1 -15.08 0.09 17.24
C GLY A 1 -15.16 1.59 17.03
N ALA A 2 -14.19 2.32 17.60
CA ALA A 2 -14.14 3.77 17.49
C ALA A 2 -13.95 4.21 16.04
N MET A 3 -13.01 3.57 15.37
CA MET A 3 -12.73 3.89 13.97
C MET A 3 -13.92 3.50 13.10
N GLY A 4 -14.70 2.55 13.59
CA GLY A 4 -15.85 2.08 12.86
C GLY A 4 -16.98 3.09 12.80
N ASN A 5 -16.99 4.02 13.76
CA ASN A 5 -18.04 5.06 13.81
C ASN A 5 -18.11 5.83 12.50
N GLU A 6 -16.98 6.34 12.05
CA GLU A 6 -16.93 7.07 10.80
C GLU A 6 -16.34 6.23 9.68
N TYR A 7 -16.21 4.93 9.94
CA TYR A 7 -15.74 3.95 8.95
C TYR A 7 -14.30 4.23 8.55
N LYS A 8 -13.55 4.80 9.47
CA LYS A 8 -12.15 5.15 9.26
C LYS A 8 -11.33 3.89 9.03
N ASP A 9 -11.76 2.80 9.64
CA ASP A 9 -11.07 1.52 9.54
C ASP A 9 -11.50 0.78 8.29
N ASN A 10 -12.38 1.39 7.52
CA ASN A 10 -12.86 0.81 6.29
C ASN A 10 -12.41 1.66 5.11
N ALA A 11 -11.56 2.64 5.39
CA ALA A 11 -11.05 3.52 4.37
C ALA A 11 -9.92 2.85 3.59
N TYR A 12 -10.26 2.30 2.45
CA TYR A 12 -9.29 1.64 1.59
C TYR A 12 -9.46 2.10 0.16
N ILE A 13 -8.37 2.18 -0.55
CA ILE A 13 -8.41 2.52 -1.95
C ILE A 13 -7.89 1.39 -2.79
N TYR A 14 -8.57 1.12 -3.87
CA TYR A 14 -8.14 0.11 -4.79
C TYR A 14 -7.15 0.68 -5.75
N ILE A 15 -6.04 0.03 -5.89
CA ILE A 15 -5.02 0.44 -6.81
C ILE A 15 -4.92 -0.59 -7.92
N GLY A 16 -4.90 -0.12 -9.15
CA GLY A 16 -4.89 -1.01 -10.29
C GLY A 16 -3.48 -1.42 -10.70
N ASN A 17 -3.39 -2.04 -11.87
CA ASN A 17 -2.12 -2.54 -12.42
C ASN A 17 -1.02 -1.48 -12.39
N LEU A 18 0.05 -1.80 -11.69
CA LEU A 18 1.19 -0.90 -11.56
C LEU A 18 2.35 -1.45 -12.38
N ASN A 19 3.45 -0.71 -12.37
CA ASN A 19 4.66 -1.13 -13.06
C ASN A 19 5.42 -2.11 -12.20
N ARG A 20 6.15 -3.00 -12.83
CA ARG A 20 6.93 -4.01 -12.13
C ARG A 20 8.16 -3.39 -11.47
N GLU A 21 8.52 -2.20 -11.92
CA GLU A 21 9.64 -1.47 -11.35
C GLU A 21 9.19 -0.64 -10.15
N LEU A 22 7.87 -0.47 -10.03
CA LEU A 22 7.31 0.28 -8.91
C LEU A 22 7.17 -0.62 -7.71
N THR A 23 8.00 -0.38 -6.72
CA THR A 23 7.97 -1.17 -5.53
C THR A 23 7.00 -0.58 -4.52
N GLU A 24 6.82 -1.26 -3.40
CA GLU A 24 5.96 -0.79 -2.34
C GLU A 24 6.47 0.53 -1.80
N GLY A 25 7.77 0.78 -1.95
CA GLY A 25 8.35 2.02 -1.52
C GLY A 25 7.92 3.16 -2.42
N ASP A 26 7.96 2.92 -3.73
CA ASP A 26 7.54 3.93 -4.71
C ASP A 26 6.07 4.25 -4.57
N ILE A 27 5.29 3.24 -4.19
CA ILE A 27 3.87 3.42 -3.97
C ILE A 27 3.63 4.48 -2.90
N LEU A 28 4.26 4.32 -1.75
CA LEU A 28 4.10 5.26 -0.65
C LEU A 28 4.79 6.57 -0.96
N THR A 29 5.74 6.52 -1.88
CA THR A 29 6.42 7.70 -2.35
C THR A 29 5.42 8.63 -3.04
N VAL A 30 4.56 8.05 -3.85
CA VAL A 30 3.52 8.79 -4.55
C VAL A 30 2.40 9.15 -3.58
N PHE A 31 1.94 8.17 -2.82
CA PHE A 31 0.83 8.33 -1.89
C PHE A 31 1.16 9.17 -0.66
N SER A 32 2.42 9.54 -0.49
CA SER A 32 2.84 10.40 0.63
C SER A 32 1.97 11.66 0.75
N GLU A 33 1.70 12.29 -0.39
CA GLU A 33 0.88 13.50 -0.44
C GLU A 33 -0.62 13.17 -0.30
N TYR A 34 -0.89 11.89 -0.29
CA TYR A 34 -2.26 11.38 -0.27
C TYR A 34 -2.50 10.48 0.95
N GLY A 35 -1.75 10.69 2.03
CA GLY A 35 -1.86 9.77 3.15
C GLY A 35 -0.56 9.05 3.46
N VAL A 36 0.41 9.82 3.98
CA VAL A 36 1.77 9.34 4.33
C VAL A 36 1.75 7.98 5.06
N PRO A 37 2.81 7.16 4.81
CA PRO A 37 2.96 5.77 5.27
C PRO A 37 1.96 5.27 6.31
N VAL A 38 0.96 4.56 5.82
CA VAL A 38 -0.05 3.91 6.64
C VAL A 38 -0.14 2.45 6.20
N ASP A 39 -1.19 1.76 6.59
CA ASP A 39 -1.30 0.34 6.30
C ASP A 39 -1.52 0.11 4.81
N VAL A 40 -0.51 -0.42 4.13
CA VAL A 40 -0.60 -0.69 2.70
C VAL A 40 -0.60 -2.20 2.44
N ILE A 41 -1.36 -2.62 1.46
CA ILE A 41 -1.47 -4.02 1.12
C ILE A 41 -1.16 -4.24 -0.36
N LEU A 42 0.00 -4.79 -0.65
CA LEU A 42 0.40 -5.07 -2.01
C LEU A 42 0.05 -6.52 -2.34
N SER A 43 -0.77 -6.74 -3.36
CA SER A 43 -1.18 -8.07 -3.72
C SER A 43 -0.06 -8.78 -4.48
N ARG A 44 0.54 -9.77 -3.86
CA ARG A 44 1.61 -10.54 -4.47
C ARG A 44 1.14 -11.95 -4.76
N ASP A 45 1.77 -12.55 -5.74
CA ASP A 45 1.49 -13.94 -6.09
C ASP A 45 2.06 -14.84 -5.00
N GLU A 46 1.32 -15.86 -4.65
CA GLU A 46 1.71 -16.75 -3.55
C GLU A 46 2.84 -17.69 -3.94
N ASN A 47 3.18 -17.72 -5.22
CA ASN A 47 4.21 -18.62 -5.70
C ASN A 47 5.47 -17.85 -6.12
N THR A 48 5.33 -16.97 -7.09
CA THR A 48 6.46 -16.24 -7.62
C THR A 48 6.71 -14.93 -6.86
N GLY A 49 5.77 -14.53 -6.02
CA GLY A 49 5.94 -13.33 -5.20
C GLY A 49 5.81 -12.02 -5.97
N GLU A 50 5.48 -12.11 -7.25
CA GLU A 50 5.32 -10.91 -8.08
C GLU A 50 3.97 -10.26 -7.82
N SER A 51 3.87 -8.98 -8.10
CA SER A 51 2.62 -8.26 -7.90
C SER A 51 1.54 -8.81 -8.82
N GLN A 52 0.38 -9.15 -8.26
CA GLN A 52 -0.72 -9.70 -9.03
C GLN A 52 -1.34 -8.66 -9.97
N GLY A 53 -1.02 -7.40 -9.75
CA GLY A 53 -1.52 -6.35 -10.60
C GLY A 53 -2.53 -5.45 -9.92
N PHE A 54 -2.55 -5.48 -8.59
CA PHE A 54 -3.43 -4.62 -7.83
C PHE A 54 -2.98 -4.50 -6.39
N ALA A 55 -3.42 -3.45 -5.72
CA ALA A 55 -3.05 -3.20 -4.35
C ALA A 55 -4.15 -2.44 -3.63
N TYR A 56 -3.99 -2.33 -2.33
CA TYR A 56 -4.93 -1.60 -1.49
C TYR A 56 -4.17 -0.74 -0.51
N LEU A 57 -4.63 0.46 -0.28
CA LEU A 57 -3.96 1.36 0.65
C LEU A 57 -4.95 1.87 1.69
N LYS A 58 -4.59 1.77 2.95
CA LYS A 58 -5.41 2.26 4.02
C LYS A 58 -4.72 3.39 4.76
N TYR A 59 -5.17 4.60 4.49
CA TYR A 59 -4.69 5.79 5.17
C TYR A 59 -5.82 6.44 5.90
N GLU A 60 -5.53 7.16 6.96
CA GLU A 60 -6.61 7.73 7.74
C GLU A 60 -6.82 9.19 7.42
N ASP A 61 -7.88 9.44 6.70
CA ASP A 61 -8.34 10.79 6.35
C ASP A 61 -9.54 10.68 5.42
N GLN A 62 -10.72 11.01 5.90
CA GLN A 62 -11.96 10.86 5.12
C GLN A 62 -12.08 11.92 4.01
N ARG A 63 -11.20 12.89 4.03
CA ARG A 63 -11.18 13.93 2.99
C ARG A 63 -10.25 13.53 1.85
N SER A 64 -9.05 13.12 2.23
CA SER A 64 -8.02 12.73 1.29
C SER A 64 -8.45 11.50 0.49
N THR A 65 -9.31 10.67 1.08
CA THR A 65 -9.80 9.50 0.37
C THR A 65 -10.50 9.91 -0.91
N ILE A 66 -11.28 10.97 -0.83
CA ILE A 66 -12.03 11.46 -1.97
C ILE A 66 -11.06 12.05 -2.99
N LEU A 67 -10.17 12.90 -2.50
CA LEU A 67 -9.19 13.59 -3.34
C LEU A 67 -8.26 12.58 -4.04
N ALA A 68 -7.61 11.74 -3.25
CA ALA A 68 -6.64 10.77 -3.77
C ALA A 68 -7.24 9.89 -4.85
N VAL A 69 -8.42 9.34 -4.60
CA VAL A 69 -9.07 8.46 -5.56
C VAL A 69 -9.34 9.16 -6.89
N ASP A 70 -9.91 10.35 -6.82
CA ASP A 70 -10.30 11.05 -8.04
C ASP A 70 -9.11 11.73 -8.71
N ASN A 71 -8.18 12.21 -7.92
CA ASN A 71 -7.02 12.95 -8.45
C ASN A 71 -6.00 12.01 -9.08
N LEU A 72 -5.69 10.91 -8.39
CA LEU A 72 -4.70 9.96 -8.88
C LEU A 72 -5.27 9.05 -9.95
N ASN A 73 -6.59 9.02 -10.06
CA ASN A 73 -7.23 8.24 -11.10
C ASN A 73 -6.94 8.86 -12.45
N GLY A 74 -6.12 8.20 -13.23
CA GLY A 74 -5.74 8.72 -14.53
C GLY A 74 -4.38 9.38 -14.50
N PHE A 75 -3.85 9.55 -13.29
CA PHE A 75 -2.54 10.17 -13.12
C PHE A 75 -1.47 9.16 -13.51
N LYS A 76 -0.56 9.57 -14.37
CA LYS A 76 0.44 8.66 -14.89
C LYS A 76 1.67 8.60 -14.00
N ILE A 77 2.11 7.39 -13.77
CA ILE A 77 3.31 7.09 -13.00
C ILE A 77 4.05 5.95 -13.66
N GLY A 78 5.19 6.24 -14.24
CA GLY A 78 5.98 5.23 -14.92
C GLY A 78 5.37 4.87 -16.26
N GLY A 79 4.58 5.78 -16.81
CA GLY A 79 3.94 5.54 -18.08
C GLY A 79 2.57 4.90 -17.93
N ARG A 80 2.20 4.58 -16.70
CA ARG A 80 0.92 3.94 -16.43
C ARG A 80 -0.03 4.91 -15.73
N ALA A 81 -1.19 5.13 -16.33
CA ALA A 81 -2.22 5.94 -15.70
C ALA A 81 -2.89 5.14 -14.60
N LEU A 82 -2.61 5.51 -13.36
CA LEU A 82 -3.10 4.81 -12.19
C LEU A 82 -4.62 4.78 -12.12
N LYS A 83 -5.16 3.67 -11.64
CA LYS A 83 -6.60 3.53 -11.47
C LYS A 83 -6.89 3.40 -9.99
N ILE A 84 -7.54 4.39 -9.42
CA ILE A 84 -7.85 4.38 -8.01
C ILE A 84 -9.37 4.33 -7.83
N ASP A 85 -9.83 3.55 -6.88
CA ASP A 85 -11.27 3.42 -6.64
C ASP A 85 -11.56 3.20 -5.15
N HIS A 86 -12.69 3.72 -4.68
CA HIS A 86 -13.09 3.52 -3.28
C HIS A 86 -13.53 2.08 -3.09
N THR A 87 -12.93 1.39 -2.15
CA THR A 87 -13.25 0.00 -1.93
C THR A 87 -13.12 -0.36 -0.47
N PHE A 88 -13.74 -1.44 -0.08
CA PHE A 88 -13.64 -1.94 1.26
C PHE A 88 -12.79 -3.20 1.24
N TYR A 89 -11.68 -3.16 1.92
CA TYR A 89 -10.79 -4.30 1.92
C TYR A 89 -10.90 -5.11 3.20
N ARG A 90 -11.12 -6.39 3.04
CA ARG A 90 -11.13 -7.33 4.14
C ARG A 90 -9.79 -8.04 4.17
N PRO A 91 -8.90 -7.63 5.10
CA PRO A 91 -7.53 -8.16 5.18
C PRO A 91 -7.47 -9.67 5.34
N LYS A 92 -6.71 -10.31 4.46
CA LYS A 92 -6.50 -11.75 4.56
C LYS A 92 -5.50 -12.02 5.66
N ARG A 93 -5.84 -12.90 6.58
CA ARG A 93 -4.97 -13.15 7.72
C ARG A 93 -3.78 -14.03 7.33
N SER A 94 -3.84 -14.62 6.15
CA SER A 94 -2.73 -15.41 5.65
C SER A 94 -1.52 -14.51 5.42
N LEU A 95 -1.77 -13.22 5.24
CA LEU A 95 -0.74 -12.23 5.02
C LEU A 95 -0.41 -11.51 6.34
N GLN A 96 -0.65 -12.19 7.46
CA GLN A 96 -0.40 -11.61 8.79
C GLN A 96 1.04 -11.09 8.92
N LYS A 97 2.00 -11.91 8.49
CA LYS A 97 3.41 -11.54 8.59
C LYS A 97 3.74 -10.45 7.59
N TYR A 98 3.00 -10.41 6.50
CA TYR A 98 3.20 -9.41 5.46
C TYR A 98 2.83 -8.04 6.01
N TYR A 99 1.64 -7.96 6.63
CA TYR A 99 1.16 -6.71 7.22
C TYR A 99 2.13 -6.23 8.29
N GLU A 100 2.57 -7.17 9.13
CA GLU A 100 3.50 -6.89 10.20
C GLU A 100 4.81 -6.33 9.64
N ALA A 101 5.40 -7.07 8.69
CA ALA A 101 6.66 -6.66 8.07
C ALA A 101 6.56 -5.26 7.49
N VAL A 102 5.47 -5.01 6.76
CA VAL A 102 5.24 -3.71 6.15
C VAL A 102 5.21 -2.60 7.21
N LYS A 103 4.43 -2.83 8.26
CA LYS A 103 4.27 -1.84 9.30
C LYS A 103 5.58 -1.57 10.02
N GLU A 104 6.31 -2.64 10.36
CA GLU A 104 7.60 -2.49 11.03
C GLU A 104 8.58 -1.72 10.16
N GLU A 105 8.60 -2.06 8.87
CA GLU A 105 9.48 -1.40 7.91
C GLU A 105 9.22 0.11 7.89
N LEU A 106 7.95 0.48 7.90
CA LEU A 106 7.55 1.88 7.88
C LEU A 106 7.89 2.57 9.20
N ASP A 107 7.62 1.89 10.30
CA ASP A 107 7.90 2.44 11.63
C ASP A 107 9.39 2.67 11.82
N ARG A 108 10.21 1.85 11.17
CA ARG A 108 11.65 1.99 11.25
C ARG A 108 12.16 3.04 10.28
N ASP A 109 11.33 3.40 9.33
CA ASP A 109 11.68 4.43 8.37
C ASP A 109 11.41 5.79 8.96
N ILE A 110 10.30 5.90 9.67
CA ILE A 110 9.92 7.15 10.30
C ILE A 110 10.66 7.30 11.64
N VAL A 111 10.26 6.48 12.61
CA VAL A 111 10.83 6.45 13.96
C VAL A 111 10.54 7.73 14.72
N SER A 112 11.25 8.80 14.34
CA SER A 112 11.18 10.11 15.01
C SER A 112 11.71 10.01 16.45
N LYS A 113 10.99 9.30 17.30
CA LYS A 113 11.38 9.09 18.68
C LYS A 113 11.70 7.61 18.90
N ASN A 114 12.95 7.32 19.17
CA ASN A 114 13.38 5.94 19.39
C ASN A 114 13.28 5.60 20.86
N ASN A 115 14.00 6.36 21.69
CA ASN A 115 14.03 6.15 23.13
C ASN A 115 14.53 4.76 23.49
N ALA A 116 15.83 4.59 23.47
CA ALA A 116 16.44 3.33 23.83
C ALA A 116 17.05 3.42 25.21
N GLU A 117 16.34 2.90 26.20
CA GLU A 117 16.81 2.95 27.57
C GLU A 117 16.10 1.92 28.46
N LYS A 118 15.15 1.21 27.87
CA LYS A 118 14.39 0.22 28.60
C LYS A 118 14.75 -1.18 28.11
N GLY B 1 3.77 -33.81 5.58
CA GLY B 1 3.44 -32.71 6.51
C GLY B 1 3.09 -31.43 5.78
N SER B 2 1.80 -31.21 5.58
CA SER B 2 1.31 -30.05 4.85
C SER B 2 1.53 -28.76 5.66
N LYS B 3 1.81 -28.90 6.95
CA LYS B 3 2.06 -27.73 7.80
C LYS B 3 3.33 -27.00 7.38
N SER B 4 4.20 -27.70 6.67
CA SER B 4 5.43 -27.10 6.17
C SER B 4 5.22 -26.53 4.77
N GLN B 5 4.03 -26.74 4.23
CA GLN B 5 3.68 -26.25 2.89
C GLN B 5 2.94 -24.91 3.00
N TYR B 6 3.28 -24.16 4.03
CA TYR B 6 2.68 -22.86 4.26
C TYR B 6 3.12 -21.85 3.21
N ILE B 7 2.33 -20.82 3.03
CA ILE B 7 2.65 -19.78 2.09
C ILE B 7 3.42 -18.67 2.79
N ASP B 8 4.56 -18.30 2.25
CA ASP B 8 5.39 -17.29 2.87
C ASP B 8 5.70 -16.17 1.88
N ILE B 9 5.12 -15.01 2.13
CA ILE B 9 5.32 -13.86 1.27
C ILE B 9 5.84 -12.68 2.08
N MET B 10 6.90 -12.05 1.61
CA MET B 10 7.47 -10.89 2.28
C MET B 10 7.55 -9.69 1.35
N PRO B 11 7.44 -8.47 1.91
CA PRO B 11 7.46 -7.22 1.13
C PRO B 11 8.88 -6.78 0.75
N ASP B 12 8.96 -5.78 -0.11
CA ASP B 12 10.23 -5.25 -0.59
C ASP B 12 10.12 -3.77 -0.86
N PHE B 13 10.84 -2.97 -0.09
CA PHE B 13 10.84 -1.55 -0.26
C PHE B 13 12.16 -1.07 -0.85
N SER B 14 12.24 -1.06 -2.17
CA SER B 14 13.43 -0.60 -2.87
C SER B 14 13.12 0.70 -3.60
N PRO B 15 13.83 1.80 -3.27
CA PRO B 15 13.61 3.11 -3.90
C PRO B 15 13.90 3.08 -5.41
N SER B 16 12.86 3.20 -6.21
CA SER B 16 13.02 3.24 -7.65
C SER B 16 12.91 4.69 -8.15
N GLY B 17 11.85 5.37 -7.73
CA GLY B 17 11.67 6.76 -8.07
C GLY B 17 11.27 6.99 -9.51
N LEU B 18 10.39 6.15 -10.06
CA LEU B 18 9.96 6.31 -11.45
C LEU B 18 9.13 7.57 -11.64
N LEU B 19 8.42 7.97 -10.60
CA LEU B 19 7.58 9.16 -10.64
C LEU B 19 8.43 10.42 -10.84
N GLU B 20 9.68 10.37 -10.39
CA GLU B 20 10.57 11.52 -10.45
C GLU B 20 11.14 11.68 -11.86
N LEU B 21 11.06 10.62 -12.64
CA LEU B 21 11.58 10.62 -14.01
C LEU B 21 10.59 11.28 -14.97
N GLU B 22 9.42 11.64 -14.45
CA GLU B 22 8.34 12.25 -15.25
C GLU B 22 7.93 11.32 -16.38
N SER B 23 7.03 10.42 -16.09
CA SER B 23 6.59 9.45 -17.07
C SER B 23 5.10 9.15 -16.86
N GLY A 1 -28.35 -3.29 17.50
CA GLY A 1 -27.10 -3.84 16.91
C GLY A 1 -26.08 -2.76 16.65
N ALA A 2 -25.10 -3.07 15.83
CA ALA A 2 -24.06 -2.10 15.50
C ALA A 2 -24.60 -1.03 14.56
N MET A 3 -24.08 0.17 14.68
CA MET A 3 -24.54 1.26 13.85
C MET A 3 -23.73 1.35 12.56
N GLY A 4 -22.57 0.72 12.56
CA GLY A 4 -21.74 0.70 11.38
C GLY A 4 -20.50 1.55 11.52
N ASN A 5 -20.58 2.58 12.37
CA ASN A 5 -19.46 3.50 12.56
C ASN A 5 -18.29 2.83 13.30
N GLU A 6 -18.52 1.64 13.83
CA GLU A 6 -17.51 0.88 14.51
C GLU A 6 -16.51 0.30 13.50
N TYR A 7 -16.99 -0.03 12.32
CA TYR A 7 -16.14 -0.60 11.28
C TYR A 7 -15.39 0.49 10.56
N LYS A 8 -14.38 1.04 11.21
CA LYS A 8 -13.60 2.11 10.66
C LYS A 8 -12.41 1.57 9.85
N ASP A 9 -12.32 0.25 9.80
CA ASP A 9 -11.22 -0.42 9.10
C ASP A 9 -11.58 -0.68 7.65
N ASN A 10 -12.69 -0.12 7.20
CA ASN A 10 -13.15 -0.33 5.82
C ASN A 10 -12.48 0.64 4.85
N ALA A 11 -11.62 1.49 5.37
CA ALA A 11 -10.95 2.48 4.55
C ALA A 11 -9.85 1.84 3.70
N TYR A 12 -10.19 1.54 2.46
CA TYR A 12 -9.26 0.93 1.52
C TYR A 12 -9.56 1.41 0.11
N ILE A 13 -8.54 1.50 -0.70
CA ILE A 13 -8.69 1.86 -2.10
C ILE A 13 -8.07 0.82 -2.99
N TYR A 14 -8.78 0.48 -4.04
CA TYR A 14 -8.29 -0.47 -5.01
C TYR A 14 -7.46 0.24 -6.04
N ILE A 15 -6.30 -0.28 -6.31
CA ILE A 15 -5.43 0.25 -7.30
C ILE A 15 -5.31 -0.75 -8.43
N GLY A 16 -5.33 -0.27 -9.66
CA GLY A 16 -5.33 -1.15 -10.80
C GLY A 16 -3.94 -1.57 -11.23
N ASN A 17 -3.88 -2.23 -12.39
CA ASN A 17 -2.63 -2.76 -12.93
C ASN A 17 -1.59 -1.66 -13.15
N LEU A 18 -0.61 -1.60 -12.26
CA LEU A 18 0.45 -0.62 -12.32
C LEU A 18 1.66 -1.20 -13.03
N ASN A 19 2.76 -0.47 -13.01
CA ASN A 19 3.99 -0.97 -13.57
C ASN A 19 4.60 -1.97 -12.59
N ARG A 20 4.95 -3.13 -13.09
CA ARG A 20 5.47 -4.23 -12.27
C ARG A 20 6.83 -3.92 -11.63
N GLU A 21 7.35 -2.73 -11.86
CA GLU A 21 8.60 -2.33 -11.28
C GLU A 21 8.39 -1.54 -9.98
N LEU A 22 7.15 -1.15 -9.71
CA LEU A 22 6.85 -0.39 -8.48
C LEU A 22 6.85 -1.29 -7.27
N THR A 23 7.39 -0.77 -6.18
CA THR A 23 7.43 -1.49 -4.94
C THR A 23 6.49 -0.84 -3.93
N GLU A 24 6.45 -1.37 -2.71
CA GLU A 24 5.63 -0.79 -1.66
C GLU A 24 6.12 0.62 -1.37
N GLY A 25 7.44 0.78 -1.44
CA GLY A 25 8.06 2.06 -1.16
C GLY A 25 7.68 3.12 -2.16
N ASP A 26 7.61 2.73 -3.43
CA ASP A 26 7.25 3.67 -4.49
C ASP A 26 5.83 4.17 -4.29
N ILE A 27 4.91 3.25 -4.03
CA ILE A 27 3.52 3.59 -3.79
C ILE A 27 3.39 4.48 -2.55
N LEU A 28 4.13 4.13 -1.49
CA LEU A 28 4.10 4.91 -0.25
C LEU A 28 4.63 6.30 -0.50
N THR A 29 5.65 6.39 -1.33
CA THR A 29 6.25 7.65 -1.69
C THR A 29 5.22 8.61 -2.26
N VAL A 30 4.39 8.09 -3.14
CA VAL A 30 3.35 8.88 -3.80
C VAL A 30 2.29 9.39 -2.80
N PHE A 31 1.83 8.52 -1.92
CA PHE A 31 0.77 8.88 -0.97
C PHE A 31 1.31 9.58 0.28
N SER A 32 2.59 9.40 0.56
CA SER A 32 3.23 10.01 1.72
C SER A 32 3.21 11.53 1.62
N GLU A 33 3.13 12.02 0.39
CA GLU A 33 3.14 13.46 0.13
C GLU A 33 1.86 14.13 0.63
N TYR A 34 0.90 13.34 1.07
CA TYR A 34 -0.33 13.87 1.59
C TYR A 34 -0.22 14.15 3.09
N GLY A 35 0.93 13.78 3.66
CA GLY A 35 1.20 14.09 5.06
C GLY A 35 1.18 12.89 5.97
N VAL A 36 0.53 11.81 5.55
CA VAL A 36 0.44 10.62 6.39
C VAL A 36 0.68 9.34 5.58
N PRO A 37 1.82 8.65 5.83
CA PRO A 37 2.11 7.38 5.20
C PRO A 37 1.47 6.22 5.97
N VAL A 38 0.46 5.60 5.37
CA VAL A 38 -0.25 4.50 6.01
C VAL A 38 0.06 3.18 5.27
N ASP A 39 -0.71 2.12 5.56
CA ASP A 39 -0.39 0.78 5.07
C ASP A 39 -0.67 0.62 3.57
N VAL A 40 0.15 -0.20 2.93
CA VAL A 40 -0.01 -0.50 1.52
C VAL A 40 0.15 -2.00 1.29
N ILE A 41 -0.66 -2.57 0.43
CA ILE A 41 -0.58 -3.99 0.14
C ILE A 41 -0.61 -4.23 -1.37
N LEU A 42 0.54 -4.46 -1.96
CA LEU A 42 0.60 -4.77 -3.38
C LEU A 42 0.39 -6.28 -3.53
N SER A 43 -0.63 -6.65 -4.31
CA SER A 43 -0.96 -8.04 -4.50
C SER A 43 0.13 -8.78 -5.27
N ARG A 44 0.67 -9.82 -4.66
CA ARG A 44 1.71 -10.61 -5.28
C ARG A 44 1.29 -12.07 -5.41
N ASP A 45 1.98 -12.78 -6.27
CA ASP A 45 1.67 -14.19 -6.53
C ASP A 45 2.38 -15.10 -5.53
N GLU A 46 1.75 -16.21 -5.20
CA GLU A 46 2.28 -17.15 -4.20
C GLU A 46 3.47 -17.94 -4.73
N ASN A 47 3.55 -18.10 -6.04
CA ASN A 47 4.60 -18.92 -6.64
C ASN A 47 5.81 -18.09 -7.02
N THR A 48 5.62 -17.13 -7.90
CA THR A 48 6.73 -16.30 -8.35
C THR A 48 7.05 -15.18 -7.35
N GLY A 49 6.06 -14.80 -6.55
CA GLY A 49 6.26 -13.76 -5.55
C GLY A 49 6.21 -12.36 -6.13
N GLU A 50 6.02 -12.27 -7.44
CA GLU A 50 5.95 -10.99 -8.12
C GLU A 50 4.58 -10.38 -7.98
N SER A 51 4.48 -9.12 -8.31
CA SER A 51 3.24 -8.40 -8.25
C SER A 51 2.27 -8.89 -9.32
N GLN A 52 1.00 -8.96 -8.97
CA GLN A 52 -0.03 -9.38 -9.89
C GLN A 52 -0.56 -8.19 -10.68
N GLY A 53 0.04 -7.03 -10.44
CA GLY A 53 -0.29 -5.83 -11.18
C GLY A 53 -1.17 -4.86 -10.39
N PHE A 54 -2.02 -5.39 -9.54
CA PHE A 54 -2.93 -4.54 -8.79
C PHE A 54 -2.54 -4.49 -7.31
N ALA A 55 -3.06 -3.49 -6.60
CA ALA A 55 -2.72 -3.30 -5.21
C ALA A 55 -3.87 -2.69 -4.44
N TYR A 56 -3.71 -2.64 -3.13
CA TYR A 56 -4.67 -2.05 -2.23
C TYR A 56 -3.95 -1.17 -1.23
N LEU A 57 -4.44 0.03 -1.02
CA LEU A 57 -3.84 0.92 -0.05
C LEU A 57 -4.79 1.16 1.10
N LYS A 58 -4.24 1.30 2.29
CA LYS A 58 -5.03 1.52 3.48
C LYS A 58 -4.57 2.76 4.22
N TYR A 59 -5.50 3.67 4.41
CA TYR A 59 -5.25 4.87 5.18
C TYR A 59 -6.53 5.28 5.86
N GLU A 60 -6.43 5.82 7.03
CA GLU A 60 -7.62 6.17 7.75
C GLU A 60 -7.96 7.63 7.66
N ASP A 61 -8.97 7.91 6.87
CA ASP A 61 -9.54 9.25 6.72
C ASP A 61 -10.60 9.24 5.64
N GLN A 62 -11.73 9.85 5.93
CA GLN A 62 -12.82 9.90 4.97
C GLN A 62 -12.46 10.77 3.77
N ARG A 63 -12.05 12.00 4.03
CA ARG A 63 -11.71 12.95 2.96
C ARG A 63 -10.58 12.44 2.07
N SER A 64 -9.60 11.81 2.68
CA SER A 64 -8.47 11.28 1.94
C SER A 64 -8.88 10.24 0.91
N THR A 65 -9.99 9.53 1.17
CA THR A 65 -10.44 8.54 0.19
C THR A 65 -10.96 9.24 -1.05
N ILE A 66 -11.60 10.38 -0.84
CA ILE A 66 -12.15 11.16 -1.92
C ILE A 66 -11.00 11.81 -2.70
N LEU A 67 -10.09 12.42 -1.95
CA LEU A 67 -8.94 13.10 -2.53
C LEU A 67 -8.08 12.14 -3.33
N ALA A 68 -7.65 11.05 -2.69
CA ALA A 68 -6.79 10.07 -3.34
C ALA A 68 -7.39 9.52 -4.63
N VAL A 69 -8.65 9.13 -4.58
CA VAL A 69 -9.31 8.59 -5.77
C VAL A 69 -9.33 9.62 -6.90
N ASP A 70 -9.75 10.84 -6.59
CA ASP A 70 -9.84 11.89 -7.61
C ASP A 70 -8.47 12.33 -8.11
N ASN A 71 -7.53 12.45 -7.19
CA ASN A 71 -6.19 12.95 -7.51
C ASN A 71 -5.37 11.94 -8.31
N LEU A 72 -5.25 10.72 -7.80
CA LEU A 72 -4.36 9.73 -8.42
C LEU A 72 -4.97 9.06 -9.64
N ASN A 73 -6.30 8.99 -9.71
CA ASN A 73 -6.97 8.33 -10.83
C ASN A 73 -6.64 9.01 -12.15
N GLY A 74 -5.85 8.33 -12.97
CA GLY A 74 -5.49 8.87 -14.27
C GLY A 74 -4.09 9.44 -14.31
N PHE A 75 -3.43 9.48 -13.16
CA PHE A 75 -2.07 10.01 -13.09
C PHE A 75 -1.08 9.06 -13.74
N LYS A 76 -0.23 9.59 -14.61
CA LYS A 76 0.74 8.80 -15.34
C LYS A 76 2.03 8.59 -14.57
N ILE A 77 2.32 7.34 -14.28
CA ILE A 77 3.58 6.96 -13.67
C ILE A 77 4.22 5.87 -14.50
N GLY A 78 5.24 6.24 -15.22
CA GLY A 78 5.92 5.30 -16.09
C GLY A 78 5.06 4.89 -17.26
N GLY A 79 4.18 5.79 -17.68
CA GLY A 79 3.29 5.49 -18.78
C GLY A 79 1.98 4.88 -18.32
N ARG A 80 1.98 4.35 -17.11
CA ARG A 80 0.80 3.70 -16.56
C ARG A 80 -0.05 4.71 -15.82
N ALA A 81 -1.34 4.55 -15.91
CA ALA A 81 -2.26 5.44 -15.24
C ALA A 81 -2.78 4.79 -13.96
N LEU A 82 -2.66 5.52 -12.87
CA LEU A 82 -3.13 5.03 -11.59
C LEU A 82 -4.64 4.92 -11.55
N LYS A 83 -5.14 3.70 -11.53
CA LYS A 83 -6.57 3.47 -11.46
C LYS A 83 -6.97 3.25 -10.01
N ILE A 84 -7.72 4.19 -9.45
CA ILE A 84 -8.13 4.10 -8.06
C ILE A 84 -9.65 3.91 -7.95
N ASP A 85 -10.08 3.11 -7.00
CA ASP A 85 -11.50 2.84 -6.81
C ASP A 85 -11.79 2.54 -5.33
N HIS A 86 -12.99 2.89 -4.87
CA HIS A 86 -13.37 2.64 -3.47
C HIS A 86 -13.74 1.18 -3.27
N THR A 87 -13.03 0.50 -2.37
CA THR A 87 -13.28 -0.91 -2.13
C THR A 87 -13.36 -1.22 -0.63
N PHE A 88 -13.96 -2.34 -0.28
CA PHE A 88 -14.08 -2.77 1.10
C PHE A 88 -13.14 -3.92 1.37
N TYR A 89 -12.21 -3.72 2.27
CA TYR A 89 -11.26 -4.76 2.63
C TYR A 89 -10.82 -4.58 4.07
N ARG A 90 -10.28 -5.64 4.65
CA ARG A 90 -9.77 -5.59 6.01
C ARG A 90 -8.62 -6.59 6.18
N PRO A 91 -7.72 -6.35 7.15
CA PRO A 91 -6.55 -7.21 7.38
C PRO A 91 -6.90 -8.67 7.67
N LYS A 92 -6.21 -9.57 6.99
CA LYS A 92 -6.40 -11.00 7.20
C LYS A 92 -5.24 -11.56 8.01
N ARG A 93 -5.53 -12.51 8.89
CA ARG A 93 -4.50 -13.12 9.72
C ARG A 93 -3.61 -14.05 8.89
N SER A 94 -4.09 -14.42 7.72
CA SER A 94 -3.34 -15.28 6.82
C SER A 94 -2.22 -14.49 6.16
N LEU A 95 -2.41 -13.19 6.04
CA LEU A 95 -1.43 -12.31 5.43
C LEU A 95 -0.87 -11.35 6.47
N GLN A 96 -0.86 -11.79 7.72
CA GLN A 96 -0.38 -11.00 8.85
C GLN A 96 1.04 -10.46 8.61
N LYS A 97 1.89 -11.28 7.97
CA LYS A 97 3.27 -10.90 7.73
C LYS A 97 3.37 -9.75 6.74
N TYR A 98 2.35 -9.60 5.90
CA TYR A 98 2.32 -8.54 4.91
C TYR A 98 2.11 -7.19 5.56
N TYR A 99 1.08 -7.11 6.39
CA TYR A 99 0.73 -5.86 7.05
C TYR A 99 1.85 -5.42 7.97
N GLU A 100 2.43 -6.37 8.69
CA GLU A 100 3.52 -6.07 9.60
C GLU A 100 4.73 -5.54 8.85
N ALA A 101 5.16 -6.27 7.80
CA ALA A 101 6.34 -5.90 7.01
C ALA A 101 6.27 -4.46 6.52
N VAL A 102 5.15 -4.09 5.96
CA VAL A 102 4.95 -2.75 5.46
C VAL A 102 4.89 -1.74 6.59
N LYS A 103 4.13 -2.07 7.63
CA LYS A 103 3.94 -1.20 8.77
C LYS A 103 5.27 -0.95 9.51
N GLU A 104 6.20 -1.88 9.39
CA GLU A 104 7.50 -1.74 10.06
C GLU A 104 8.24 -0.48 9.60
N GLU A 105 8.20 -0.19 8.30
CA GLU A 105 8.87 1.01 7.79
C GLU A 105 8.07 2.26 8.16
N LEU A 106 6.78 2.10 8.35
CA LEU A 106 5.92 3.20 8.74
C LEU A 106 6.16 3.52 10.21
N ASP A 107 6.29 2.46 11.00
CA ASP A 107 6.55 2.56 12.44
C ASP A 107 7.88 3.28 12.69
N ARG A 108 8.77 3.21 11.70
CA ARG A 108 10.06 3.86 11.77
C ARG A 108 9.89 5.38 11.90
N ASP A 109 8.85 5.91 11.27
CA ASP A 109 8.55 7.34 11.34
C ASP A 109 7.91 7.66 12.67
N ILE A 110 7.14 6.71 13.18
CA ILE A 110 6.48 6.85 14.46
C ILE A 110 7.51 6.99 15.60
N VAL A 111 8.46 6.03 15.65
CA VAL A 111 9.51 6.00 16.67
C VAL A 111 8.93 5.70 18.06
N SER A 112 8.09 6.59 18.53
CA SER A 112 7.43 6.45 19.82
C SER A 112 6.12 7.25 19.83
N LYS A 113 5.76 7.80 18.67
CA LYS A 113 4.55 8.57 18.54
C LYS A 113 3.59 7.89 17.57
N ASN A 114 2.77 7.01 18.09
CA ASN A 114 1.82 6.28 17.27
C ASN A 114 0.42 6.86 17.43
N ASN A 115 -0.60 6.07 17.08
CA ASN A 115 -2.00 6.49 17.17
C ASN A 115 -2.32 7.04 18.56
N ALA A 116 -2.45 6.12 19.53
CA ALA A 116 -2.74 6.47 20.92
C ALA A 116 -2.78 5.22 21.78
N GLU A 117 -1.87 5.14 22.75
CA GLU A 117 -1.85 4.02 23.68
C GLU A 117 -1.00 4.35 24.90
N LYS A 118 -1.38 3.76 26.04
CA LYS A 118 -0.65 3.91 27.31
C LYS A 118 -1.37 3.15 28.42
N GLY B 1 6.30 -34.91 5.38
CA GLY B 1 5.87 -34.90 3.97
C GLY B 1 6.34 -33.65 3.25
N SER B 2 5.55 -33.21 2.27
CA SER B 2 5.89 -32.05 1.48
C SER B 2 5.67 -30.76 2.25
N LYS B 3 6.39 -29.72 1.86
CA LYS B 3 6.30 -28.43 2.51
C LYS B 3 5.41 -27.50 1.69
N SER B 4 4.72 -28.07 0.69
CA SER B 4 3.82 -27.33 -0.19
C SER B 4 2.73 -26.62 0.60
N GLN B 5 2.42 -27.17 1.76
CA GLN B 5 1.42 -26.62 2.66
C GLN B 5 1.80 -25.18 3.07
N TYR B 6 3.09 -24.96 3.25
CA TYR B 6 3.57 -23.67 3.69
C TYR B 6 3.89 -22.76 2.53
N ILE B 7 3.10 -21.71 2.41
CA ILE B 7 3.28 -20.71 1.38
C ILE B 7 3.67 -19.40 2.04
N ASP B 8 4.76 -18.84 1.59
CA ASP B 8 5.26 -17.62 2.17
C ASP B 8 5.47 -16.56 1.09
N ILE B 9 5.01 -15.35 1.38
CA ILE B 9 5.15 -14.23 0.46
C ILE B 9 5.55 -12.98 1.24
N MET B 10 6.44 -12.20 0.68
CA MET B 10 6.90 -10.98 1.35
C MET B 10 6.97 -9.81 0.39
N PRO B 11 6.44 -8.65 0.80
CA PRO B 11 6.51 -7.43 0.00
C PRO B 11 7.95 -6.91 -0.05
N ASP B 12 8.34 -6.38 -1.19
CA ASP B 12 9.70 -5.91 -1.37
C ASP B 12 9.77 -4.39 -1.32
N PHE B 13 10.74 -3.90 -0.56
CA PHE B 13 10.93 -2.47 -0.42
C PHE B 13 12.21 -2.02 -1.11
N SER B 14 12.11 -1.74 -2.39
CA SER B 14 13.22 -1.20 -3.14
C SER B 14 12.89 0.21 -3.57
N PRO B 15 13.68 1.20 -3.15
CA PRO B 15 13.47 2.58 -3.55
C PRO B 15 13.78 2.78 -5.04
N SER B 16 12.81 2.46 -5.88
CA SER B 16 12.97 2.57 -7.32
C SER B 16 12.97 4.03 -7.73
N GLY B 17 11.96 4.76 -7.28
CA GLY B 17 11.85 6.17 -7.62
C GLY B 17 11.38 6.34 -9.03
N LEU B 18 10.55 5.40 -9.48
CA LEU B 18 10.04 5.40 -10.84
C LEU B 18 9.27 6.67 -11.16
N LEU B 19 8.56 7.20 -10.17
CA LEU B 19 7.81 8.43 -10.34
C LEU B 19 8.74 9.63 -10.48
N GLU B 20 9.90 9.54 -9.85
CA GLU B 20 10.89 10.61 -9.88
C GLU B 20 11.54 10.67 -11.26
N LEU B 21 11.61 9.51 -11.91
CA LEU B 21 12.17 9.41 -13.25
C LEU B 21 11.22 10.04 -14.27
N GLU B 22 9.96 10.14 -13.87
CA GLU B 22 8.94 10.73 -14.70
C GLU B 22 8.81 12.20 -14.36
N SER B 23 7.61 12.74 -14.56
CA SER B 23 7.32 14.14 -14.29
C SER B 23 8.27 15.07 -15.05
N GLY A 1 -18.14 -9.13 14.09
CA GLY A 1 -18.02 -8.08 15.12
C GLY A 1 -17.90 -6.71 14.51
N ALA A 2 -17.31 -5.78 15.25
CA ALA A 2 -17.11 -4.43 14.75
C ALA A 2 -15.87 -4.37 13.88
N MET A 3 -16.05 -4.07 12.61
CA MET A 3 -14.92 -3.99 11.67
C MET A 3 -14.15 -2.69 11.88
N GLY A 4 -14.75 -1.75 12.59
CA GLY A 4 -14.09 -0.48 12.85
C GLY A 4 -14.52 0.60 11.90
N ASN A 5 -15.82 0.78 11.77
CA ASN A 5 -16.38 1.82 10.90
C ASN A 5 -16.03 3.19 11.45
N GLU A 6 -16.05 3.29 12.77
CA GLU A 6 -15.77 4.54 13.49
C GLU A 6 -14.38 5.06 13.14
N TYR A 7 -13.41 4.17 13.20
CA TYR A 7 -12.03 4.53 12.91
C TYR A 7 -11.74 4.37 11.43
N LYS A 8 -12.75 3.93 10.69
CA LYS A 8 -12.69 3.78 9.24
C LYS A 8 -11.57 2.81 8.83
N ASP A 9 -11.55 1.64 9.45
CA ASP A 9 -10.56 0.61 9.13
C ASP A 9 -10.82 0.01 7.76
N ASN A 10 -12.02 0.24 7.27
CA ASN A 10 -12.44 -0.27 5.96
C ASN A 10 -11.97 0.65 4.84
N ALA A 11 -11.24 1.68 5.21
CA ALA A 11 -10.76 2.65 4.26
C ALA A 11 -9.59 2.10 3.46
N TYR A 12 -9.88 1.65 2.26
CA TYR A 12 -8.89 1.14 1.34
C TYR A 12 -9.15 1.72 -0.03
N ILE A 13 -8.10 1.85 -0.80
CA ILE A 13 -8.25 2.29 -2.16
C ILE A 13 -7.70 1.28 -3.12
N TYR A 14 -8.48 0.97 -4.13
CA TYR A 14 -8.08 0.04 -5.15
C TYR A 14 -7.11 0.71 -6.09
N ILE A 15 -6.01 0.06 -6.32
CA ILE A 15 -5.00 0.56 -7.23
C ILE A 15 -4.89 -0.40 -8.41
N GLY A 16 -4.64 0.15 -9.59
CA GLY A 16 -4.61 -0.66 -10.79
C GLY A 16 -3.25 -1.25 -11.09
N ASN A 17 -3.13 -1.80 -12.29
CA ASN A 17 -1.90 -2.45 -12.77
C ASN A 17 -0.71 -1.50 -12.66
N LEU A 18 0.25 -1.87 -11.85
CA LEU A 18 1.42 -1.04 -11.61
C LEU A 18 2.61 -1.57 -12.38
N ASN A 19 3.63 -0.73 -12.53
CA ASN A 19 4.86 -1.11 -13.19
C ASN A 19 5.54 -2.19 -12.39
N ARG A 20 6.28 -3.07 -13.05
CA ARG A 20 6.97 -4.13 -12.33
C ARG A 20 8.16 -3.56 -11.55
N GLU A 21 8.44 -2.29 -11.80
CA GLU A 21 9.50 -1.59 -11.11
C GLU A 21 8.94 -0.77 -9.95
N LEU A 22 7.61 -0.76 -9.81
CA LEU A 22 6.97 -0.03 -8.72
C LEU A 22 6.87 -0.88 -7.49
N THR A 23 7.59 -0.51 -6.47
CA THR A 23 7.56 -1.24 -5.23
C THR A 23 6.63 -0.53 -4.26
N GLU A 24 6.39 -1.17 -3.13
CA GLU A 24 5.57 -0.60 -2.09
C GLU A 24 6.16 0.71 -1.60
N GLY A 25 7.49 0.83 -1.72
CA GLY A 25 8.16 2.05 -1.34
C GLY A 25 7.81 3.19 -2.28
N ASP A 26 7.75 2.88 -3.55
CA ASP A 26 7.39 3.86 -4.57
C ASP A 26 5.95 4.25 -4.42
N ILE A 27 5.11 3.27 -4.07
CA ILE A 27 3.69 3.52 -3.83
C ILE A 27 3.51 4.52 -2.69
N LEU A 28 4.21 4.27 -1.58
CA LEU A 28 4.12 5.17 -0.42
C LEU A 28 4.67 6.51 -0.78
N THR A 29 5.66 6.52 -1.65
CA THR A 29 6.27 7.75 -2.09
C THR A 29 5.23 8.67 -2.74
N VAL A 30 4.41 8.10 -3.61
CA VAL A 30 3.37 8.84 -4.29
C VAL A 30 2.33 9.35 -3.28
N PHE A 31 1.99 8.52 -2.30
CA PHE A 31 0.98 8.88 -1.31
C PHE A 31 1.55 9.75 -0.18
N SER A 32 2.87 9.80 -0.08
CA SER A 32 3.52 10.67 0.93
C SER A 32 3.21 12.14 0.66
N GLU A 33 2.78 12.44 -0.57
CA GLU A 33 2.40 13.80 -0.95
C GLU A 33 1.15 14.23 -0.15
N TYR A 34 0.34 13.25 0.22
CA TYR A 34 -0.87 13.49 0.99
C TYR A 34 -0.53 13.71 2.47
N GLY A 35 0.69 13.37 2.83
CA GLY A 35 1.14 13.54 4.19
C GLY A 35 0.76 12.40 5.10
N VAL A 36 0.35 11.28 4.52
CA VAL A 36 -0.06 10.12 5.31
C VAL A 36 0.56 8.81 4.81
N PRO A 37 1.75 8.45 5.32
CA PRO A 37 2.39 7.18 5.02
C PRO A 37 1.80 6.07 5.90
N VAL A 38 0.88 5.31 5.35
CA VAL A 38 0.18 4.26 6.10
C VAL A 38 0.29 2.91 5.34
N ASP A 39 -0.52 1.92 5.74
CA ASP A 39 -0.41 0.55 5.22
C ASP A 39 -0.60 0.46 3.71
N VAL A 40 0.28 -0.29 3.06
CA VAL A 40 0.22 -0.51 1.63
C VAL A 40 0.26 -2.01 1.33
N ILE A 41 -0.66 -2.48 0.50
CA ILE A 41 -0.72 -3.89 0.18
C ILE A 41 -0.78 -4.10 -1.33
N LEU A 42 0.34 -4.49 -1.91
CA LEU A 42 0.36 -4.81 -3.33
C LEU A 42 0.10 -6.31 -3.47
N SER A 43 -0.90 -6.67 -4.25
CA SER A 43 -1.30 -8.06 -4.38
C SER A 43 -0.31 -8.87 -5.23
N ARG A 44 0.24 -9.92 -4.63
CA ARG A 44 1.16 -10.82 -5.32
C ARG A 44 0.59 -12.23 -5.31
N ASP A 45 1.14 -13.10 -6.13
CA ASP A 45 0.69 -14.48 -6.17
C ASP A 45 1.50 -15.32 -5.17
N GLU A 46 0.96 -16.47 -4.81
CA GLU A 46 1.58 -17.35 -3.81
C GLU A 46 2.70 -18.20 -4.40
N ASN A 47 2.84 -18.19 -5.72
CA ASN A 47 3.81 -19.03 -6.38
C ASN A 47 5.15 -18.33 -6.60
N THR A 48 5.17 -17.35 -7.49
CA THR A 48 6.41 -16.67 -7.82
C THR A 48 6.56 -15.36 -7.06
N GLY A 49 5.48 -14.62 -6.92
CA GLY A 49 5.53 -13.35 -6.22
C GLY A 49 5.38 -12.18 -7.16
N GLU A 50 4.59 -12.38 -8.19
CA GLU A 50 4.32 -11.37 -9.18
C GLU A 50 3.09 -10.58 -8.80
N SER A 51 3.03 -9.35 -9.24
CA SER A 51 1.89 -8.50 -8.97
C SER A 51 0.68 -8.98 -9.76
N GLN A 52 -0.46 -9.13 -9.08
CA GLN A 52 -1.67 -9.63 -9.71
C GLN A 52 -2.34 -8.57 -10.59
N GLY A 53 -1.76 -7.38 -10.64
CA GLY A 53 -2.31 -6.32 -11.47
C GLY A 53 -3.18 -5.36 -10.69
N PHE A 54 -3.07 -5.40 -9.37
CA PHE A 54 -3.83 -4.52 -8.51
C PHE A 54 -3.23 -4.45 -7.10
N ALA A 55 -3.51 -3.37 -6.41
CA ALA A 55 -3.01 -3.17 -5.07
C ALA A 55 -4.05 -2.41 -4.24
N TYR A 56 -3.80 -2.32 -2.94
CA TYR A 56 -4.70 -1.62 -2.04
C TYR A 56 -3.89 -0.82 -1.03
N LEU A 57 -4.36 0.37 -0.72
CA LEU A 57 -3.70 1.19 0.29
C LEU A 57 -4.68 1.50 1.41
N LYS A 58 -4.20 1.46 2.64
CA LYS A 58 -5.05 1.72 3.79
C LYS A 58 -4.46 2.82 4.65
N TYR A 59 -5.17 3.92 4.73
CA TYR A 59 -4.77 5.05 5.53
C TYR A 59 -5.93 5.57 6.34
N GLU A 60 -5.64 6.27 7.41
CA GLU A 60 -6.69 6.84 8.22
C GLU A 60 -6.89 8.29 7.89
N ASP A 61 -7.95 8.57 7.18
CA ASP A 61 -8.33 9.93 6.82
C ASP A 61 -9.54 9.88 5.91
N GLN A 62 -10.60 10.57 6.25
CA GLN A 62 -11.81 10.53 5.45
C GLN A 62 -11.66 11.29 4.14
N ARG A 63 -11.28 12.56 4.23
CA ARG A 63 -11.18 13.41 3.03
C ARG A 63 -10.13 12.91 2.05
N SER A 64 -9.08 12.32 2.57
CA SER A 64 -8.01 11.82 1.72
C SER A 64 -8.45 10.61 0.90
N THR A 65 -9.51 9.93 1.31
CA THR A 65 -10.00 8.80 0.53
C THR A 65 -10.56 9.31 -0.78
N ILE A 66 -11.33 10.36 -0.67
CA ILE A 66 -11.98 11.00 -1.79
C ILE A 66 -10.94 11.70 -2.67
N LEU A 67 -9.99 12.38 -2.02
CA LEU A 67 -8.93 13.08 -2.71
C LEU A 67 -8.06 12.10 -3.50
N ALA A 68 -7.52 11.10 -2.81
CA ALA A 68 -6.63 10.11 -3.44
C ALA A 68 -7.24 9.48 -4.68
N VAL A 69 -8.49 9.04 -4.58
CA VAL A 69 -9.17 8.43 -5.70
C VAL A 69 -9.35 9.42 -6.85
N ASP A 70 -9.95 10.55 -6.56
CA ASP A 70 -10.25 11.56 -7.58
C ASP A 70 -8.98 12.16 -8.21
N ASN A 71 -7.93 12.24 -7.41
CA ASN A 71 -6.69 12.88 -7.84
C ASN A 71 -5.80 11.94 -8.67
N LEU A 72 -5.61 10.71 -8.19
CA LEU A 72 -4.68 9.79 -8.85
C LEU A 72 -5.34 8.88 -9.86
N ASN A 73 -6.66 8.79 -9.85
CA ASN A 73 -7.36 7.93 -10.81
C ASN A 73 -7.19 8.46 -12.22
N GLY A 74 -6.42 7.75 -13.01
CA GLY A 74 -6.16 8.17 -14.37
C GLY A 74 -4.80 8.82 -14.52
N PHE A 75 -4.09 8.98 -13.42
CA PHE A 75 -2.77 9.59 -13.44
C PHE A 75 -1.76 8.62 -14.03
N LYS A 76 -0.88 9.13 -14.86
CA LYS A 76 0.10 8.29 -15.54
C LYS A 76 1.39 8.14 -14.71
N ILE A 77 1.71 6.90 -14.40
CA ILE A 77 2.95 6.56 -13.71
C ILE A 77 3.66 5.47 -14.50
N GLY A 78 4.81 5.83 -15.07
CA GLY A 78 5.59 4.86 -15.83
C GLY A 78 4.83 4.33 -17.04
N GLY A 79 4.04 5.20 -17.66
CA GLY A 79 3.28 4.82 -18.84
C GLY A 79 1.94 4.19 -18.52
N ARG A 80 1.75 3.80 -17.27
CA ARG A 80 0.51 3.16 -16.86
C ARG A 80 -0.37 4.13 -16.09
N ALA A 81 -1.67 3.99 -16.24
CA ALA A 81 -2.60 4.86 -15.55
C ALA A 81 -3.07 4.23 -14.25
N LEU A 82 -2.99 4.99 -13.17
CA LEU A 82 -3.40 4.53 -11.86
C LEU A 82 -4.92 4.50 -11.77
N LYS A 83 -5.49 3.32 -11.77
CA LYS A 83 -6.92 3.17 -11.63
C LYS A 83 -7.28 3.02 -10.17
N ILE A 84 -7.81 4.09 -9.59
CA ILE A 84 -8.12 4.10 -8.17
C ILE A 84 -9.65 4.01 -7.96
N ASP A 85 -10.07 3.26 -6.95
CA ASP A 85 -11.50 3.10 -6.67
C ASP A 85 -11.73 2.84 -5.16
N HIS A 86 -12.91 3.21 -4.68
CA HIS A 86 -13.27 3.01 -3.26
C HIS A 86 -13.67 1.56 -3.01
N THR A 87 -12.94 0.88 -2.16
CA THR A 87 -13.23 -0.52 -1.87
C THR A 87 -12.59 -0.92 -0.53
N PHE A 88 -13.05 -2.01 0.06
CA PHE A 88 -12.45 -2.50 1.28
C PHE A 88 -11.76 -3.83 0.99
N TYR A 89 -10.64 -4.05 1.65
CA TYR A 89 -9.89 -5.27 1.45
C TYR A 89 -9.77 -6.03 2.75
N ARG A 90 -10.29 -7.25 2.76
CA ARG A 90 -10.22 -8.09 3.93
C ARG A 90 -9.26 -9.25 3.69
N PRO A 91 -8.06 -9.18 4.27
CA PRO A 91 -7.04 -10.20 4.11
C PRO A 91 -7.22 -11.32 5.13
N LYS A 92 -6.33 -12.29 5.09
CA LYS A 92 -6.34 -13.37 6.06
C LYS A 92 -5.20 -13.17 7.04
N ARG A 93 -5.38 -13.67 8.25
CA ARG A 93 -4.38 -13.51 9.30
C ARG A 93 -3.08 -14.28 8.99
N SER A 94 -3.12 -15.10 7.95
CA SER A 94 -1.94 -15.80 7.52
C SER A 94 -1.01 -14.83 6.77
N LEU A 95 -1.58 -13.73 6.32
CA LEU A 95 -0.85 -12.71 5.60
C LEU A 95 -0.59 -11.50 6.47
N GLN A 96 -0.71 -11.68 7.79
CA GLN A 96 -0.46 -10.59 8.74
C GLN A 96 0.99 -10.15 8.65
N LYS A 97 1.85 -11.07 8.20
CA LYS A 97 3.26 -10.79 8.00
C LYS A 97 3.45 -9.56 7.12
N TYR A 98 2.59 -9.45 6.12
CA TYR A 98 2.63 -8.36 5.17
C TYR A 98 2.36 -7.03 5.89
N TYR A 99 1.27 -7.01 6.65
CA TYR A 99 0.87 -5.82 7.39
C TYR A 99 1.88 -5.45 8.47
N GLU A 100 2.47 -6.45 9.09
CA GLU A 100 3.48 -6.22 10.12
C GLU A 100 4.71 -5.57 9.53
N ALA A 101 5.26 -6.19 8.49
CA ALA A 101 6.48 -5.69 7.83
C ALA A 101 6.32 -4.24 7.38
N VAL A 102 5.15 -3.91 6.83
CA VAL A 102 4.89 -2.56 6.38
C VAL A 102 4.90 -1.59 7.55
N LYS A 103 4.05 -1.84 8.54
CA LYS A 103 3.92 -0.94 9.68
C LYS A 103 5.21 -0.82 10.47
N GLU A 104 5.90 -1.93 10.66
CA GLU A 104 7.15 -1.93 11.40
C GLU A 104 8.20 -1.05 10.72
N GLU A 105 8.20 -1.06 9.40
CA GLU A 105 9.13 -0.24 8.65
C GLU A 105 8.71 1.23 8.73
N LEU A 106 7.40 1.46 8.78
CA LEU A 106 6.86 2.81 8.91
C LEU A 106 7.27 3.44 10.23
N ASP A 107 7.09 2.70 11.33
CA ASP A 107 7.49 3.19 12.66
C ASP A 107 8.98 3.50 12.69
N ARG A 108 9.74 2.72 11.93
CA ARG A 108 11.18 2.92 11.82
C ARG A 108 11.50 4.19 11.04
N ASP A 109 10.60 4.60 10.16
CA ASP A 109 10.79 5.81 9.36
C ASP A 109 10.39 7.04 10.16
N ILE A 110 9.32 6.90 10.95
CA ILE A 110 8.84 7.99 11.80
C ILE A 110 9.95 8.43 12.75
N VAL A 111 10.57 7.47 13.39
CA VAL A 111 11.68 7.73 14.29
C VAL A 111 12.94 8.06 13.49
N SER A 112 13.05 7.45 12.31
CA SER A 112 14.19 7.62 11.42
C SER A 112 15.43 6.91 11.98
N LYS A 113 15.99 6.01 11.17
CA LYS A 113 17.15 5.20 11.57
C LYS A 113 16.74 4.20 12.62
N ASN A 114 15.63 3.50 12.34
CA ASN A 114 15.06 2.50 13.24
C ASN A 114 14.45 3.15 14.46
N ASN A 115 13.74 2.37 15.26
CA ASN A 115 13.07 2.89 16.45
C ASN A 115 14.03 3.01 17.62
N ALA A 116 14.18 1.92 18.37
CA ALA A 116 15.03 1.87 19.56
C ALA A 116 14.81 0.54 20.28
N GLU A 117 13.60 0.36 20.79
CA GLU A 117 13.20 -0.85 21.50
C GLU A 117 11.71 -0.77 21.82
N LYS A 118 11.03 -1.89 21.74
CA LYS A 118 9.60 -1.93 21.97
C LYS A 118 9.27 -2.84 23.15
N GLY B 1 10.55 -26.10 -0.85
CA GLY B 1 10.13 -24.71 -0.62
C GLY B 1 9.18 -24.59 0.55
N SER B 2 9.13 -23.42 1.16
CA SER B 2 8.28 -23.19 2.31
C SER B 2 6.89 -22.72 1.89
N LYS B 3 6.80 -22.14 0.68
CA LYS B 3 5.54 -21.61 0.17
C LYS B 3 4.61 -22.74 -0.26
N SER B 4 5.13 -23.96 -0.24
CA SER B 4 4.36 -25.14 -0.58
C SER B 4 3.35 -25.46 0.52
N GLN B 5 3.57 -24.90 1.69
CA GLN B 5 2.68 -25.11 2.82
C GLN B 5 2.31 -23.78 3.45
N TYR B 6 3.32 -23.03 3.85
CA TYR B 6 3.11 -21.72 4.45
C TYR B 6 3.10 -20.65 3.38
N ILE B 7 2.07 -19.83 3.37
CA ILE B 7 1.98 -18.76 2.40
C ILE B 7 2.88 -17.61 2.83
N ASP B 8 4.03 -17.50 2.19
CA ASP B 8 5.00 -16.48 2.52
C ASP B 8 5.05 -15.41 1.44
N ILE B 9 4.39 -14.30 1.69
CA ILE B 9 4.41 -13.17 0.78
C ILE B 9 4.76 -11.92 1.57
N MET B 10 5.99 -11.48 1.44
CA MET B 10 6.48 -10.34 2.17
C MET B 10 6.66 -9.14 1.25
N PRO B 11 6.30 -7.94 1.72
CA PRO B 11 6.44 -6.71 0.95
C PRO B 11 7.91 -6.32 0.79
N ASP B 12 8.20 -5.56 -0.24
CA ASP B 12 9.56 -5.12 -0.52
C ASP B 12 9.60 -3.62 -0.74
N PHE B 13 10.43 -2.94 0.02
CA PHE B 13 10.52 -1.50 -0.08
C PHE B 13 11.84 -1.07 -0.69
N SER B 14 11.87 -1.00 -2.01
CA SER B 14 13.05 -0.53 -2.71
C SER B 14 12.72 0.80 -3.38
N PRO B 15 13.40 1.88 -3.00
CA PRO B 15 13.16 3.19 -3.59
C PRO B 15 13.61 3.26 -5.04
N SER B 16 12.70 2.95 -5.95
CA SER B 16 13.01 2.98 -7.36
C SER B 16 13.03 4.42 -7.85
N GLY B 17 12.07 5.19 -7.38
CA GLY B 17 12.00 6.59 -7.74
C GLY B 17 11.56 6.80 -9.16
N LEU B 18 10.60 5.99 -9.60
CA LEU B 18 10.11 6.07 -10.97
C LEU B 18 9.43 7.41 -11.25
N LEU B 19 8.73 7.91 -10.25
CA LEU B 19 7.98 9.16 -10.40
C LEU B 19 8.89 10.38 -10.28
N GLU B 20 10.03 10.21 -9.61
CA GLU B 20 10.97 11.31 -9.44
C GLU B 20 12.13 11.19 -10.42
N LEU B 21 11.99 10.28 -11.38
CA LEU B 21 13.01 10.01 -12.38
C LEU B 21 13.45 11.30 -13.08
N GLU B 22 12.47 12.05 -13.57
CA GLU B 22 12.70 13.32 -14.28
C GLU B 22 13.54 13.12 -15.54
N SER B 23 12.87 12.92 -16.64
CA SER B 23 13.51 12.71 -17.91
C SER B 23 13.09 13.81 -18.88
N GLY A 1 -16.55 3.00 10.46
CA GLY A 1 -17.32 1.83 10.90
C GLY A 1 -18.77 2.17 11.20
N ALA A 2 -19.42 1.32 11.95
CA ALA A 2 -20.82 1.52 12.32
C ALA A 2 -20.95 2.60 13.37
N MET A 3 -20.18 2.48 14.43
CA MET A 3 -20.21 3.44 15.52
C MET A 3 -19.02 4.38 15.44
N GLY A 4 -17.87 3.86 15.06
CA GLY A 4 -16.69 4.68 14.96
C GLY A 4 -16.56 5.34 13.60
N ASN A 5 -16.70 6.67 13.58
CA ASN A 5 -16.58 7.42 12.33
C ASN A 5 -15.11 7.58 11.95
N GLU A 6 -14.30 7.93 12.93
CA GLU A 6 -12.87 8.12 12.71
C GLU A 6 -12.20 6.83 12.27
N TYR A 7 -12.71 5.72 12.79
CA TYR A 7 -12.16 4.42 12.49
C TYR A 7 -12.71 3.87 11.18
N LYS A 8 -11.95 4.03 10.12
CA LYS A 8 -12.35 3.53 8.83
C LYS A 8 -11.44 2.41 8.38
N ASP A 9 -11.72 1.22 8.88
CA ASP A 9 -10.94 0.03 8.55
C ASP A 9 -11.50 -0.64 7.31
N ASN A 10 -12.59 -0.08 6.80
CA ASN A 10 -13.22 -0.59 5.59
C ASN A 10 -12.91 0.34 4.42
N ALA A 11 -12.14 1.38 4.71
CA ALA A 11 -11.78 2.37 3.69
C ALA A 11 -10.50 1.96 2.97
N TYR A 12 -10.65 1.40 1.80
CA TYR A 12 -9.54 0.99 0.98
C TYR A 12 -9.66 1.57 -0.41
N ILE A 13 -8.56 2.01 -0.97
CA ILE A 13 -8.57 2.50 -2.32
C ILE A 13 -7.89 1.51 -3.23
N TYR A 14 -8.61 1.08 -4.24
CA TYR A 14 -8.10 0.14 -5.21
C TYR A 14 -7.36 0.84 -6.31
N ILE A 15 -6.16 0.42 -6.56
CA ILE A 15 -5.38 0.95 -7.64
C ILE A 15 -5.25 -0.13 -8.70
N GLY A 16 -5.30 0.28 -9.96
CA GLY A 16 -5.30 -0.68 -11.04
C GLY A 16 -3.92 -1.07 -11.48
N ASN A 17 -3.87 -1.78 -12.62
CA ASN A 17 -2.63 -2.35 -13.19
C ASN A 17 -1.42 -1.46 -13.06
N LEU A 18 -0.49 -1.90 -12.24
CA LEU A 18 0.78 -1.21 -12.05
C LEU A 18 1.90 -2.02 -12.69
N ASN A 19 3.11 -1.53 -12.57
CA ASN A 19 4.27 -2.21 -13.11
C ASN A 19 4.80 -3.22 -12.11
N ARG A 20 5.38 -4.29 -12.61
CA ARG A 20 5.94 -5.33 -11.75
C ARG A 20 7.25 -4.89 -11.16
N GLU A 21 7.86 -3.90 -11.80
CA GLU A 21 9.11 -3.32 -11.33
C GLU A 21 8.81 -2.29 -10.25
N LEU A 22 7.54 -1.96 -10.11
CA LEU A 22 7.07 -0.98 -9.15
C LEU A 22 6.82 -1.66 -7.82
N THR A 23 7.62 -1.35 -6.82
CA THR A 23 7.49 -1.97 -5.52
C THR A 23 6.80 -1.02 -4.54
N GLU A 24 6.66 -1.48 -3.30
CA GLU A 24 6.04 -0.71 -2.24
C GLU A 24 6.79 0.60 -1.99
N GLY A 25 8.06 0.64 -2.39
CA GLY A 25 8.87 1.83 -2.21
C GLY A 25 8.27 3.03 -2.92
N ASP A 26 7.98 2.88 -4.19
CA ASP A 26 7.39 3.96 -4.98
C ASP A 26 5.97 4.22 -4.55
N ILE A 27 5.23 3.15 -4.29
CA ILE A 27 3.84 3.25 -3.85
C ILE A 27 3.74 4.09 -2.56
N LEU A 28 4.65 3.84 -1.63
CA LEU A 28 4.69 4.58 -0.38
C LEU A 28 5.08 6.01 -0.64
N THR A 29 5.98 6.19 -1.60
CA THR A 29 6.45 7.50 -2.00
C THR A 29 5.29 8.37 -2.51
N VAL A 30 4.36 7.74 -3.19
CA VAL A 30 3.20 8.43 -3.70
C VAL A 30 2.24 8.80 -2.57
N PHE A 31 2.10 7.89 -1.60
CA PHE A 31 1.17 8.11 -0.49
C PHE A 31 1.73 9.09 0.55
N SER A 32 3.05 9.15 0.67
CA SER A 32 3.68 10.07 1.62
C SER A 32 3.45 11.53 1.23
N GLU A 33 2.97 11.72 0.00
CA GLU A 33 2.66 13.05 -0.50
C GLU A 33 1.47 13.64 0.26
N TYR A 34 0.67 12.77 0.87
CA TYR A 34 -0.50 13.20 1.64
C TYR A 34 -0.11 13.55 3.08
N GLY A 35 1.17 13.36 3.40
CA GLY A 35 1.68 13.72 4.72
C GLY A 35 1.40 12.69 5.79
N VAL A 36 0.81 11.56 5.41
CA VAL A 36 0.50 10.53 6.40
C VAL A 36 0.45 9.13 5.75
N PRO A 37 1.48 8.30 6.01
CA PRO A 37 1.52 6.92 5.53
C PRO A 37 0.74 5.97 6.45
N VAL A 38 -0.34 5.41 5.93
CA VAL A 38 -1.17 4.47 6.68
C VAL A 38 -1.03 3.06 6.05
N ASP A 39 -1.92 2.13 6.40
CA ASP A 39 -1.79 0.73 5.98
C ASP A 39 -1.83 0.58 4.46
N VAL A 40 -0.71 0.19 3.88
CA VAL A 40 -0.63 -0.02 2.45
C VAL A 40 -0.45 -1.50 2.13
N ILE A 41 -1.27 -2.01 1.23
CA ILE A 41 -1.23 -3.42 0.84
C ILE A 41 -0.99 -3.55 -0.66
N LEU A 42 -0.03 -4.38 -1.04
CA LEU A 42 0.26 -4.62 -2.44
C LEU A 42 -0.01 -6.07 -2.79
N SER A 43 -0.58 -6.30 -3.96
CA SER A 43 -0.85 -7.65 -4.43
C SER A 43 0.46 -8.32 -4.84
N ARG A 44 0.95 -9.20 -4.01
CA ARG A 44 2.18 -9.90 -4.29
C ARG A 44 1.87 -11.35 -4.66
N ASP A 45 2.47 -11.82 -5.75
CA ASP A 45 2.27 -13.19 -6.22
C ASP A 45 2.84 -14.18 -5.22
N GLU A 46 2.10 -15.25 -4.97
CA GLU A 46 2.47 -16.25 -3.98
C GLU A 46 3.53 -17.24 -4.49
N ASN A 47 3.82 -17.21 -5.78
CA ASN A 47 4.75 -18.15 -6.37
C ASN A 47 6.03 -17.47 -6.81
N THR A 48 5.91 -16.49 -7.69
CA THR A 48 7.06 -15.80 -8.23
C THR A 48 7.54 -14.75 -7.27
N GLY A 49 6.60 -14.07 -6.67
CA GLY A 49 6.91 -13.02 -5.79
C GLY A 49 6.91 -11.68 -6.48
N GLU A 50 6.27 -11.64 -7.65
CA GLU A 50 6.13 -10.42 -8.42
C GLU A 50 4.89 -9.66 -7.95
N SER A 51 4.72 -8.44 -8.40
CA SER A 51 3.53 -7.70 -8.06
C SER A 51 2.41 -8.02 -9.07
N GLN A 52 1.23 -8.35 -8.56
CA GLN A 52 0.11 -8.72 -9.41
C GLN A 52 -0.42 -7.51 -10.17
N GLY A 53 -0.12 -6.32 -9.67
CA GLY A 53 -0.52 -5.11 -10.35
C GLY A 53 -1.61 -4.34 -9.64
N PHE A 54 -2.11 -4.86 -8.53
CA PHE A 54 -3.16 -4.17 -7.79
C PHE A 54 -2.61 -3.63 -6.48
N ALA A 55 -3.06 -2.48 -6.09
CA ALA A 55 -2.64 -1.90 -4.83
C ALA A 55 -3.85 -1.44 -4.02
N TYR A 56 -3.78 -1.62 -2.72
CA TYR A 56 -4.86 -1.23 -1.84
C TYR A 56 -4.31 -0.43 -0.67
N LEU A 57 -4.76 0.80 -0.53
CA LEU A 57 -4.33 1.61 0.60
C LEU A 57 -5.49 1.84 1.55
N LYS A 58 -5.20 1.72 2.83
CA LYS A 58 -6.18 1.91 3.87
C LYS A 58 -5.73 3.02 4.81
N TYR A 59 -6.54 4.04 4.92
CA TYR A 59 -6.26 5.16 5.79
C TYR A 59 -7.53 5.62 6.46
N GLU A 60 -7.38 6.27 7.59
CA GLU A 60 -8.54 6.73 8.30
C GLU A 60 -8.79 8.21 8.06
N ASP A 61 -9.81 8.48 7.27
CA ASP A 61 -10.25 9.85 6.99
C ASP A 61 -11.36 9.80 5.95
N GLN A 62 -12.38 10.63 6.09
CA GLN A 62 -13.45 10.64 5.11
C GLN A 62 -13.06 11.45 3.87
N ARG A 63 -12.60 12.66 4.10
CA ARG A 63 -12.26 13.56 3.01
C ARG A 63 -11.12 13.01 2.17
N SER A 64 -10.16 12.39 2.84
CA SER A 64 -8.99 11.84 2.18
C SER A 64 -9.37 10.75 1.16
N THR A 65 -10.49 10.05 1.38
CA THR A 65 -10.93 9.01 0.44
C THR A 65 -11.24 9.62 -0.91
N ILE A 66 -11.98 10.69 -0.87
CA ILE A 66 -12.41 11.40 -2.05
C ILE A 66 -11.22 12.13 -2.66
N LEU A 67 -10.38 12.70 -1.80
CA LEU A 67 -9.20 13.42 -2.22
C LEU A 67 -8.26 12.50 -3.00
N ALA A 68 -7.80 11.43 -2.34
CA ALA A 68 -6.85 10.50 -2.94
C ALA A 68 -7.35 9.89 -4.25
N VAL A 69 -8.61 9.45 -4.25
CA VAL A 69 -9.19 8.82 -5.43
C VAL A 69 -9.20 9.76 -6.64
N ASP A 70 -9.79 10.93 -6.47
CA ASP A 70 -9.93 11.86 -7.59
C ASP A 70 -8.62 12.60 -7.89
N ASN A 71 -7.64 12.47 -7.02
CA ASN A 71 -6.35 13.14 -7.23
C ASN A 71 -5.41 12.28 -8.07
N LEU A 72 -5.20 11.04 -7.64
CA LEU A 72 -4.27 10.15 -8.32
C LEU A 72 -4.87 9.52 -9.57
N ASN A 73 -6.19 9.52 -9.66
CA ASN A 73 -6.86 8.92 -10.80
C ASN A 73 -6.46 9.59 -12.12
N GLY A 74 -5.69 8.87 -12.92
CA GLY A 74 -5.26 9.40 -14.19
C GLY A 74 -3.77 9.73 -14.21
N PHE A 75 -3.13 9.69 -13.05
CA PHE A 75 -1.71 9.99 -12.95
C PHE A 75 -0.89 8.84 -13.54
N LYS A 76 0.08 9.17 -14.38
CA LYS A 76 0.89 8.16 -15.05
C LYS A 76 2.17 7.84 -14.27
N ILE A 77 2.34 6.58 -13.94
CA ILE A 77 3.55 6.10 -13.31
C ILE A 77 4.11 4.94 -14.11
N GLY A 78 5.26 5.16 -14.72
CA GLY A 78 5.87 4.13 -15.52
C GLY A 78 5.05 3.79 -16.75
N GLY A 79 4.21 4.72 -17.18
CA GLY A 79 3.37 4.50 -18.33
C GLY A 79 1.98 4.04 -17.96
N ARG A 80 1.81 3.59 -16.72
CA ARG A 80 0.52 3.11 -16.26
C ARG A 80 -0.23 4.20 -15.52
N ALA A 81 -1.52 4.27 -15.74
CA ALA A 81 -2.34 5.27 -15.10
C ALA A 81 -2.90 4.76 -13.79
N LEU A 82 -2.82 5.56 -12.76
CA LEU A 82 -3.35 5.21 -11.47
C LEU A 82 -4.86 5.31 -11.47
N LYS A 83 -5.51 4.18 -11.57
CA LYS A 83 -6.96 4.14 -11.52
C LYS A 83 -7.39 3.79 -10.12
N ILE A 84 -7.95 4.77 -9.41
CA ILE A 84 -8.35 4.57 -8.03
C ILE A 84 -9.86 4.34 -7.92
N ASP A 85 -10.24 3.32 -7.18
CA ASP A 85 -11.64 2.97 -6.97
C ASP A 85 -11.92 2.70 -5.50
N HIS A 86 -13.09 3.12 -5.01
CA HIS A 86 -13.47 2.88 -3.61
C HIS A 86 -13.81 1.41 -3.42
N THR A 87 -13.01 0.69 -2.66
CA THR A 87 -13.21 -0.73 -2.47
C THR A 87 -13.10 -1.10 -0.99
N PHE A 88 -13.64 -2.25 -0.65
CA PHE A 88 -13.55 -2.75 0.70
C PHE A 88 -12.70 -4.02 0.75
N TYR A 89 -11.47 -3.86 1.14
CA TYR A 89 -10.53 -4.97 1.20
C TYR A 89 -10.49 -5.55 2.60
N ARG A 90 -10.43 -6.85 2.69
CA ARG A 90 -10.38 -7.52 3.97
C ARG A 90 -9.02 -8.15 4.18
N PRO A 91 -8.28 -7.69 5.21
CA PRO A 91 -6.95 -8.22 5.53
C PRO A 91 -6.97 -9.72 5.76
N LYS A 92 -6.09 -10.42 5.09
CA LYS A 92 -6.01 -11.86 5.21
C LYS A 92 -4.96 -12.25 6.23
N ARG A 93 -5.35 -13.10 7.18
CA ARG A 93 -4.44 -13.50 8.26
C ARG A 93 -3.31 -14.36 7.74
N SER A 94 -3.51 -14.96 6.58
CA SER A 94 -2.47 -15.77 5.97
C SER A 94 -1.39 -14.88 5.34
N LEU A 95 -1.65 -13.58 5.34
CA LEU A 95 -0.73 -12.60 4.78
C LEU A 95 -0.33 -11.57 5.84
N GLN A 96 -0.46 -11.94 7.11
CA GLN A 96 -0.12 -11.05 8.22
C GLN A 96 1.37 -10.69 8.20
N LYS A 97 2.18 -11.57 7.62
CA LYS A 97 3.60 -11.35 7.49
C LYS A 97 3.86 -10.08 6.69
N TYR A 98 3.04 -9.87 5.68
CA TYR A 98 3.16 -8.73 4.81
C TYR A 98 2.72 -7.47 5.53
N TYR A 99 1.61 -7.57 6.25
CA TYR A 99 1.04 -6.43 6.97
C TYR A 99 1.98 -5.93 8.08
N GLU A 100 2.56 -6.86 8.82
CA GLU A 100 3.46 -6.51 9.91
C GLU A 100 4.76 -5.91 9.41
N ALA A 101 5.36 -6.54 8.41
CA ALA A 101 6.63 -6.07 7.86
C ALA A 101 6.49 -4.65 7.32
N VAL A 102 5.42 -4.38 6.59
CA VAL A 102 5.15 -3.06 6.03
C VAL A 102 4.99 -2.02 7.14
N LYS A 103 4.19 -2.35 8.15
CA LYS A 103 3.91 -1.46 9.26
C LYS A 103 5.20 -1.04 9.96
N GLU A 104 6.09 -1.99 10.13
CA GLU A 104 7.36 -1.74 10.79
C GLU A 104 8.24 -0.78 10.00
N GLU A 105 8.20 -0.89 8.68
CA GLU A 105 8.99 -0.01 7.83
C GLU A 105 8.41 1.39 7.83
N LEU A 106 7.08 1.48 7.81
CA LEU A 106 6.39 2.76 7.81
C LEU A 106 6.77 3.59 9.03
N ASP A 107 6.62 2.99 10.21
CA ASP A 107 6.91 3.68 11.48
C ASP A 107 8.37 4.15 11.53
N ARG A 108 9.26 3.34 11.00
CA ARG A 108 10.68 3.68 10.99
C ARG A 108 10.99 4.79 9.99
N ASP A 109 10.32 4.77 8.85
CA ASP A 109 10.55 5.77 7.81
C ASP A 109 10.06 7.14 8.26
N ILE A 110 8.95 7.16 8.99
CA ILE A 110 8.39 8.39 9.51
C ILE A 110 9.34 9.02 10.55
N VAL A 111 9.86 8.18 11.44
CA VAL A 111 10.80 8.60 12.51
C VAL A 111 10.10 9.41 13.59
N SER A 112 9.54 10.54 13.20
CA SER A 112 8.86 11.41 14.13
C SER A 112 7.37 11.06 14.18
N LYS A 113 6.99 10.35 15.22
CA LYS A 113 5.61 9.94 15.39
C LYS A 113 4.74 11.13 15.75
N ASN A 114 5.15 11.86 16.76
CA ASN A 114 4.43 13.03 17.23
C ASN A 114 5.24 13.75 18.30
N ASN A 115 5.04 15.06 18.41
CA ASN A 115 5.79 15.85 19.38
C ASN A 115 5.15 15.76 20.76
N ALA A 116 3.95 15.22 20.81
CA ALA A 116 3.26 15.00 22.06
C ALA A 116 3.88 13.81 22.78
N GLU A 117 4.10 13.96 24.07
CA GLU A 117 4.72 12.91 24.84
C GLU A 117 3.83 12.44 25.98
N LYS A 118 4.25 11.36 26.65
CA LYS A 118 3.51 10.78 27.77
C LYS A 118 2.09 10.39 27.36
N GLY B 1 9.85 -32.39 -0.09
CA GLY B 1 8.58 -32.87 0.49
C GLY B 1 7.39 -32.15 -0.10
N SER B 2 6.27 -32.83 -0.22
CA SER B 2 5.07 -32.25 -0.80
C SER B 2 4.30 -31.40 0.22
N LYS B 3 4.81 -31.35 1.44
CA LYS B 3 4.17 -30.56 2.50
C LYS B 3 4.73 -29.15 2.56
N SER B 4 5.44 -28.75 1.52
CA SER B 4 6.02 -27.41 1.44
C SER B 4 4.98 -26.40 0.95
N GLN B 5 3.71 -26.74 1.10
CA GLN B 5 2.60 -25.92 0.61
C GLN B 5 2.42 -24.64 1.42
N TYR B 6 3.24 -24.47 2.47
CA TYR B 6 3.18 -23.27 3.29
C TYR B 6 3.53 -22.04 2.46
N ILE B 7 2.58 -21.15 2.30
CA ILE B 7 2.78 -19.94 1.54
C ILE B 7 3.15 -18.80 2.46
N ASP B 8 4.31 -18.21 2.23
CA ASP B 8 4.81 -17.11 3.03
C ASP B 8 5.39 -16.05 2.12
N ILE B 9 4.98 -14.81 2.32
CA ILE B 9 5.44 -13.73 1.47
C ILE B 9 5.90 -12.53 2.30
N MET B 10 6.97 -11.91 1.87
CA MET B 10 7.49 -10.72 2.53
C MET B 10 7.54 -9.54 1.56
N PRO B 11 7.27 -8.31 2.06
CA PRO B 11 7.30 -7.10 1.24
C PRO B 11 8.71 -6.71 0.85
N ASP B 12 8.82 -5.74 -0.04
CA ASP B 12 10.12 -5.29 -0.48
C ASP B 12 10.09 -3.82 -0.87
N PHE B 13 10.72 -2.99 -0.07
CA PHE B 13 10.80 -1.58 -0.35
C PHE B 13 12.07 -1.28 -1.14
N SER B 14 11.96 -1.35 -2.44
CA SER B 14 13.09 -1.10 -3.30
C SER B 14 12.85 0.21 -4.06
N PRO B 15 13.90 1.00 -4.28
CA PRO B 15 13.78 2.24 -5.03
C PRO B 15 13.55 1.98 -6.51
N SER B 16 12.29 1.92 -6.91
CA SER B 16 11.94 1.69 -8.28
C SER B 16 12.11 2.98 -9.08
N GLY B 17 11.58 4.07 -8.54
CA GLY B 17 11.75 5.38 -9.14
C GLY B 17 11.00 5.55 -10.45
N LEU B 18 9.90 4.83 -10.61
CA LEU B 18 9.13 4.92 -11.85
C LEU B 18 8.38 6.24 -11.91
N LEU B 19 8.19 6.86 -10.77
CA LEU B 19 7.53 8.16 -10.73
C LEU B 19 8.58 9.27 -10.77
N GLU B 20 9.85 8.87 -10.66
CA GLU B 20 10.95 9.82 -10.65
C GLU B 20 11.63 9.89 -12.02
N LEU B 21 11.86 8.74 -12.63
CA LEU B 21 12.50 8.66 -13.95
C LEU B 21 11.55 9.10 -15.05
N GLU B 22 10.29 9.26 -14.70
CA GLU B 22 9.29 9.74 -15.62
C GLU B 22 9.28 11.24 -15.61
N SER B 23 9.90 11.81 -16.63
CA SER B 23 10.02 13.26 -16.79
C SER B 23 10.98 13.84 -15.75
N GLY A 1 -11.76 10.53 9.80
CA GLY A 1 -10.75 11.06 10.73
C GLY A 1 -10.68 10.26 12.00
N ALA A 2 -9.81 10.67 12.92
CA ALA A 2 -9.60 9.96 14.16
C ALA A 2 -10.63 10.35 15.23
N MET A 3 -11.52 11.28 14.89
CA MET A 3 -12.56 11.70 15.83
C MET A 3 -13.52 10.56 16.11
N GLY A 4 -13.89 9.84 15.06
CA GLY A 4 -14.79 8.72 15.21
C GLY A 4 -16.24 9.15 15.06
N ASN A 5 -16.52 9.92 14.03
CA ASN A 5 -17.87 10.39 13.77
C ASN A 5 -18.74 9.26 13.28
N GLU A 6 -18.40 8.71 12.13
CA GLU A 6 -19.14 7.60 11.54
C GLU A 6 -18.30 6.33 11.55
N TYR A 7 -16.98 6.49 11.80
CA TYR A 7 -16.00 5.36 11.96
C TYR A 7 -16.24 4.21 10.97
N LYS A 8 -15.59 4.28 9.84
CA LYS A 8 -15.75 3.26 8.83
C LYS A 8 -14.46 2.48 8.61
N ASP A 9 -14.47 1.24 9.08
CA ASP A 9 -13.32 0.33 8.93
C ASP A 9 -13.21 -0.17 7.49
N ASN A 10 -14.28 0.03 6.73
CA ASN A 10 -14.34 -0.41 5.34
C ASN A 10 -13.70 0.61 4.39
N ALA A 11 -12.91 1.52 4.93
CA ALA A 11 -12.28 2.55 4.12
C ALA A 11 -11.02 2.01 3.43
N TYR A 12 -11.18 1.64 2.17
CA TYR A 12 -10.08 1.14 1.35
C TYR A 12 -10.19 1.67 -0.07
N ILE A 13 -9.06 1.87 -0.71
CA ILE A 13 -9.05 2.28 -2.10
C ILE A 13 -8.43 1.21 -2.97
N TYR A 14 -9.01 1.00 -4.14
CA TYR A 14 -8.49 0.04 -5.07
C TYR A 14 -7.55 0.71 -6.02
N ILE A 15 -6.41 0.11 -6.20
CA ILE A 15 -5.41 0.61 -7.11
C ILE A 15 -5.31 -0.32 -8.31
N GLY A 16 -5.33 0.26 -9.49
CA GLY A 16 -5.35 -0.52 -10.71
C GLY A 16 -3.97 -0.91 -11.21
N ASN A 17 -3.94 -1.39 -12.46
CA ASN A 17 -2.72 -1.87 -13.14
C ASN A 17 -1.50 -1.01 -12.85
N LEU A 18 -0.44 -1.66 -12.38
CA LEU A 18 0.82 -0.99 -12.06
C LEU A 18 1.96 -1.62 -12.85
N ASN A 19 3.07 -0.91 -12.94
CA ASN A 19 4.26 -1.42 -13.64
C ASN A 19 4.92 -2.51 -12.82
N ARG A 20 5.63 -3.40 -13.49
CA ARG A 20 6.32 -4.49 -12.83
C ARG A 20 7.47 -3.96 -11.97
N GLU A 21 8.14 -2.93 -12.49
CA GLU A 21 9.27 -2.33 -11.80
C GLU A 21 8.80 -1.37 -10.71
N LEU A 22 7.49 -1.25 -10.55
CA LEU A 22 6.93 -0.40 -9.53
C LEU A 22 6.79 -1.19 -8.23
N THR A 23 7.63 -0.86 -7.27
CA THR A 23 7.62 -1.56 -6.00
C THR A 23 6.73 -0.86 -4.99
N GLU A 24 6.58 -1.46 -3.82
CA GLU A 24 5.79 -0.89 -2.75
C GLU A 24 6.43 0.39 -2.24
N GLY A 25 7.72 0.53 -2.50
CA GLY A 25 8.43 1.73 -2.12
C GLY A 25 7.88 2.94 -2.84
N ASP A 26 7.74 2.81 -4.16
CA ASP A 26 7.19 3.89 -4.97
C ASP A 26 5.73 4.13 -4.65
N ILE A 27 5.02 3.04 -4.36
CA ILE A 27 3.62 3.14 -3.98
C ILE A 27 3.48 4.03 -2.74
N LEU A 28 4.34 3.79 -1.75
CA LEU A 28 4.32 4.59 -0.53
C LEU A 28 4.78 6.00 -0.86
N THR A 29 5.76 6.10 -1.75
CA THR A 29 6.28 7.38 -2.20
C THR A 29 5.15 8.26 -2.74
N VAL A 30 4.31 7.66 -3.57
CA VAL A 30 3.18 8.35 -4.16
C VAL A 30 2.19 8.81 -3.09
N PHE A 31 1.85 7.94 -2.15
CA PHE A 31 0.89 8.28 -1.10
C PHE A 31 1.50 9.20 -0.04
N SER A 32 2.80 9.39 -0.10
CA SER A 32 3.49 10.28 0.81
C SER A 32 3.14 11.74 0.51
N GLU A 33 2.57 11.99 -0.67
CA GLU A 33 2.14 13.33 -1.06
C GLU A 33 1.04 13.82 -0.12
N TYR A 34 0.21 12.88 0.33
CA TYR A 34 -0.90 13.18 1.23
C TYR A 34 -0.50 12.89 2.67
N GLY A 35 0.60 12.18 2.83
CA GLY A 35 1.05 11.80 4.15
C GLY A 35 0.25 10.64 4.69
N VAL A 36 0.32 9.51 3.99
CA VAL A 36 -0.43 8.33 4.38
C VAL A 36 0.49 7.20 4.86
N PRO A 37 0.78 7.14 6.17
CA PRO A 37 1.57 6.08 6.77
C PRO A 37 0.66 5.02 7.41
N VAL A 38 -0.50 4.82 6.81
CA VAL A 38 -1.48 3.86 7.30
C VAL A 38 -1.29 2.51 6.57
N ASP A 39 -2.26 1.61 6.68
CA ASP A 39 -2.09 0.24 6.17
C ASP A 39 -2.17 0.17 4.65
N VAL A 40 -1.29 -0.61 4.05
CA VAL A 40 -1.25 -0.80 2.61
C VAL A 40 -1.06 -2.29 2.28
N ILE A 41 -1.83 -2.78 1.31
CA ILE A 41 -1.73 -4.18 0.91
C ILE A 41 -1.58 -4.30 -0.60
N LEU A 42 -0.43 -4.82 -1.05
CA LEU A 42 -0.19 -5.05 -2.48
C LEU A 42 -0.36 -6.52 -2.79
N SER A 43 -0.79 -6.81 -4.01
CA SER A 43 -0.99 -8.19 -4.44
C SER A 43 0.36 -8.87 -4.68
N ARG A 44 0.73 -9.76 -3.79
CA ARG A 44 1.98 -10.48 -3.90
C ARG A 44 1.70 -11.96 -4.12
N ASP A 45 2.33 -12.52 -5.14
CA ASP A 45 2.17 -13.94 -5.46
C ASP A 45 2.86 -14.80 -4.41
N GLU A 46 2.23 -15.91 -4.02
CA GLU A 46 2.75 -16.78 -2.96
C GLU A 46 3.88 -17.68 -3.45
N ASN A 47 4.05 -17.77 -4.75
CA ASN A 47 5.06 -18.66 -5.32
C ASN A 47 6.29 -17.88 -5.75
N THR A 48 6.09 -16.93 -6.64
CA THR A 48 7.20 -16.15 -7.17
C THR A 48 7.46 -14.90 -6.31
N GLY A 49 6.47 -14.51 -5.51
CA GLY A 49 6.62 -13.37 -4.62
C GLY A 49 6.61 -12.03 -5.33
N GLU A 50 6.07 -12.00 -6.53
CA GLU A 50 6.03 -10.77 -7.32
C GLU A 50 4.70 -10.06 -7.17
N SER A 51 4.64 -8.85 -7.68
CA SER A 51 3.43 -8.04 -7.64
C SER A 51 2.51 -8.44 -8.80
N GLN A 52 1.22 -8.53 -8.54
CA GLN A 52 0.26 -8.93 -9.57
C GLN A 52 -0.24 -7.74 -10.37
N GLY A 53 -0.06 -6.54 -9.86
CA GLY A 53 -0.44 -5.35 -10.61
C GLY A 53 -1.68 -4.63 -10.08
N PHE A 54 -1.98 -4.83 -8.81
CA PHE A 54 -3.10 -4.14 -8.18
C PHE A 54 -2.89 -4.09 -6.68
N ALA A 55 -3.48 -3.10 -6.01
CA ALA A 55 -3.28 -2.95 -4.57
C ALA A 55 -4.50 -2.37 -3.88
N TYR A 56 -4.45 -2.40 -2.55
CA TYR A 56 -5.49 -1.86 -1.70
C TYR A 56 -4.83 -1.01 -0.60
N LEU A 57 -5.32 0.18 -0.38
CA LEU A 57 -4.77 1.04 0.66
C LEU A 57 -5.83 1.43 1.68
N LYS A 58 -5.45 1.41 2.94
CA LYS A 58 -6.35 1.75 4.03
C LYS A 58 -5.82 2.93 4.81
N TYR A 59 -6.54 4.03 4.76
CA TYR A 59 -6.18 5.21 5.52
C TYR A 59 -7.43 5.87 6.08
N GLU A 60 -7.28 6.49 7.23
CA GLU A 60 -8.41 7.11 7.89
C GLU A 60 -8.43 8.61 7.66
N ASP A 61 -9.34 9.02 6.82
CA ASP A 61 -9.61 10.43 6.52
C ASP A 61 -10.64 10.54 5.40
N GLN A 62 -11.74 11.23 5.67
CA GLN A 62 -12.77 11.39 4.65
C GLN A 62 -12.38 12.51 3.67
N ARG A 63 -11.38 13.29 4.02
CA ARG A 63 -10.90 14.34 3.15
C ARG A 63 -9.87 13.79 2.19
N SER A 64 -8.89 13.07 2.73
CA SER A 64 -7.82 12.49 1.93
C SER A 64 -8.33 11.39 1.01
N THR A 65 -9.48 10.79 1.33
CA THR A 65 -10.04 9.73 0.49
C THR A 65 -10.37 10.25 -0.90
N ILE A 66 -11.24 11.24 -0.96
CA ILE A 66 -11.63 11.85 -2.22
C ILE A 66 -10.42 12.51 -2.90
N LEU A 67 -9.57 13.12 -2.07
CA LEU A 67 -8.34 13.77 -2.54
C LEU A 67 -7.45 12.78 -3.28
N ALA A 68 -7.14 11.66 -2.63
CA ALA A 68 -6.26 10.64 -3.21
C ALA A 68 -6.81 10.09 -4.51
N VAL A 69 -8.13 9.89 -4.54
CA VAL A 69 -8.77 9.36 -5.73
C VAL A 69 -8.62 10.32 -6.92
N ASP A 70 -9.13 11.54 -6.78
CA ASP A 70 -9.11 12.50 -7.88
C ASP A 70 -7.70 12.90 -8.28
N ASN A 71 -6.81 12.96 -7.32
CA ASN A 71 -5.44 13.35 -7.59
C ASN A 71 -4.70 12.29 -8.41
N LEU A 72 -4.79 11.04 -7.97
CA LEU A 72 -4.06 9.96 -8.63
C LEU A 72 -4.79 9.38 -9.83
N ASN A 73 -6.11 9.45 -9.84
CA ASN A 73 -6.89 8.90 -10.95
C ASN A 73 -6.52 9.57 -12.26
N GLY A 74 -5.82 8.83 -13.11
CA GLY A 74 -5.41 9.36 -14.39
C GLY A 74 -3.97 9.84 -14.41
N PHE A 75 -3.33 9.83 -13.24
CA PHE A 75 -1.96 10.30 -13.12
C PHE A 75 -1.00 9.26 -13.71
N LYS A 76 -0.10 9.72 -14.57
CA LYS A 76 0.81 8.81 -15.27
C LYS A 76 2.00 8.39 -14.41
N ILE A 77 2.16 7.09 -14.26
CA ILE A 77 3.28 6.50 -13.54
C ILE A 77 3.91 5.43 -14.42
N GLY A 78 5.06 5.72 -14.99
CA GLY A 78 5.75 4.75 -15.84
C GLY A 78 5.01 4.48 -17.14
N GLY A 79 4.13 5.40 -17.51
CA GLY A 79 3.38 5.27 -18.74
C GLY A 79 2.00 4.77 -18.48
N ARG A 80 1.76 4.38 -17.24
CA ARG A 80 0.48 3.85 -16.84
C ARG A 80 -0.21 4.81 -15.90
N ALA A 81 -1.45 5.12 -16.18
CA ALA A 81 -2.22 6.01 -15.35
C ALA A 81 -2.79 5.27 -14.15
N LEU A 82 -2.59 5.82 -12.98
CA LEU A 82 -3.10 5.24 -11.76
C LEU A 82 -4.61 5.28 -11.75
N LYS A 83 -5.22 4.15 -11.52
CA LYS A 83 -6.66 4.09 -11.45
C LYS A 83 -7.08 3.82 -10.02
N ILE A 84 -7.78 4.77 -9.43
CA ILE A 84 -8.21 4.64 -8.04
C ILE A 84 -9.72 4.46 -7.97
N ASP A 85 -10.16 3.59 -7.09
CA ASP A 85 -11.58 3.33 -6.91
C ASP A 85 -11.85 2.98 -5.45
N HIS A 86 -13.12 2.88 -5.07
CA HIS A 86 -13.48 2.55 -3.70
C HIS A 86 -13.88 1.08 -3.60
N THR A 87 -13.29 0.37 -2.66
CA THR A 87 -13.55 -1.05 -2.51
C THR A 87 -13.29 -1.48 -1.06
N PHE A 88 -13.83 -2.63 -0.68
CA PHE A 88 -13.63 -3.14 0.67
C PHE A 88 -12.83 -4.43 0.66
N TYR A 89 -11.61 -4.36 1.14
CA TYR A 89 -10.74 -5.52 1.27
C TYR A 89 -10.28 -5.64 2.71
N ARG A 90 -10.59 -6.74 3.35
CA ARG A 90 -10.19 -6.93 4.73
C ARG A 90 -8.93 -7.80 4.82
N PRO A 91 -8.00 -7.43 5.73
CA PRO A 91 -6.75 -8.18 5.93
C PRO A 91 -7.00 -9.59 6.44
N LYS A 92 -6.28 -10.55 5.92
CA LYS A 92 -6.45 -11.94 6.31
C LYS A 92 -5.26 -12.46 7.10
N ARG A 93 -5.55 -13.32 8.07
CA ARG A 93 -4.54 -13.90 8.96
C ARG A 93 -3.41 -14.60 8.18
N SER A 94 -3.75 -15.15 7.02
CA SER A 94 -2.79 -15.86 6.20
C SER A 94 -1.69 -14.95 5.68
N LEU A 95 -1.96 -13.65 5.65
CA LEU A 95 -1.00 -12.69 5.15
C LEU A 95 -0.44 -11.85 6.29
N GLN A 96 -0.53 -12.38 7.51
CA GLN A 96 -0.03 -11.65 8.68
C GLN A 96 1.45 -11.31 8.53
N LYS A 97 2.23 -12.24 7.96
CA LYS A 97 3.65 -12.04 7.73
C LYS A 97 3.89 -10.78 6.92
N TYR A 98 3.08 -10.60 5.90
CA TYR A 98 3.19 -9.45 5.04
C TYR A 98 2.82 -8.17 5.79
N TYR A 99 1.70 -8.23 6.53
CA TYR A 99 1.23 -7.07 7.29
C TYR A 99 2.24 -6.66 8.36
N GLU A 100 2.78 -7.65 9.08
CA GLU A 100 3.77 -7.40 10.13
C GLU A 100 5.03 -6.76 9.55
N ALA A 101 5.45 -7.26 8.39
CA ALA A 101 6.63 -6.74 7.73
C ALA A 101 6.42 -5.31 7.23
N VAL A 102 5.23 -5.06 6.67
CA VAL A 102 4.88 -3.71 6.20
C VAL A 102 4.82 -2.74 7.37
N LYS A 103 4.31 -3.23 8.50
CA LYS A 103 4.21 -2.43 9.72
C LYS A 103 5.60 -1.99 10.14
N GLU A 104 6.57 -2.89 10.00
CA GLU A 104 7.94 -2.58 10.32
C GLU A 104 8.47 -1.47 9.44
N GLU A 105 8.26 -1.59 8.13
CA GLU A 105 8.74 -0.60 7.18
C GLU A 105 8.18 0.79 7.49
N LEU A 106 6.91 0.85 7.85
CA LEU A 106 6.28 2.11 8.21
C LEU A 106 6.91 2.66 9.47
N ASP A 107 7.15 1.79 10.43
CA ASP A 107 7.75 2.15 11.71
C ASP A 107 9.19 2.62 11.51
N ARG A 108 9.96 1.85 10.75
CA ARG A 108 11.37 2.14 10.50
C ARG A 108 11.54 3.46 9.74
N ASP A 109 10.62 3.72 8.82
CA ASP A 109 10.66 4.95 8.01
C ASP A 109 10.58 6.18 8.90
N ILE A 110 9.76 6.09 9.93
CA ILE A 110 9.58 7.19 10.86
C ILE A 110 10.84 7.40 11.69
N VAL A 111 11.36 6.31 12.26
CA VAL A 111 12.54 6.34 13.15
C VAL A 111 12.60 5.05 13.98
N SER A 112 11.49 4.32 13.94
CA SER A 112 11.29 3.09 14.69
C SER A 112 10.87 3.41 16.10
N LYS A 113 9.58 3.30 16.34
CA LYS A 113 9.00 3.67 17.60
C LYS A 113 9.31 2.66 18.68
N ASN A 114 10.34 2.94 19.45
CA ASN A 114 10.69 2.11 20.59
C ASN A 114 9.87 2.55 21.78
N ASN A 115 9.24 3.70 21.63
CA ASN A 115 8.33 4.22 22.62
C ASN A 115 7.08 3.38 22.64
N ALA A 116 7.11 2.36 23.45
CA ALA A 116 6.01 1.44 23.58
C ALA A 116 4.80 2.13 24.16
N GLU A 117 3.67 1.96 23.51
CA GLU A 117 2.45 2.59 23.96
C GLU A 117 1.72 1.71 24.95
N LYS A 118 1.82 2.09 26.23
CA LYS A 118 1.19 1.38 27.33
C LYS A 118 1.85 0.03 27.56
N GLY B 1 0.10 -32.65 3.46
CA GLY B 1 0.25 -31.18 3.52
C GLY B 1 1.61 -30.74 3.06
N SER B 2 1.70 -29.50 2.62
CA SER B 2 2.95 -28.95 2.15
C SER B 2 3.30 -27.69 2.95
N LYS B 3 4.43 -27.09 2.63
CA LYS B 3 4.87 -25.89 3.33
C LYS B 3 4.16 -24.66 2.77
N SER B 4 3.51 -24.83 1.62
CA SER B 4 2.81 -23.74 0.95
C SER B 4 1.57 -23.32 1.71
N GLN B 5 1.19 -24.10 2.71
CA GLN B 5 0.05 -23.78 3.55
C GLN B 5 0.37 -22.52 4.36
N TYR B 6 1.64 -22.37 4.70
CA TYR B 6 2.11 -21.23 5.45
C TYR B 6 2.55 -20.15 4.48
N ILE B 7 1.82 -19.04 4.46
CA ILE B 7 2.14 -17.96 3.56
C ILE B 7 3.10 -16.96 4.19
N ASP B 8 4.33 -17.00 3.73
CA ASP B 8 5.34 -16.07 4.21
C ASP B 8 5.81 -15.19 3.05
N ILE B 9 5.28 -13.99 3.00
CA ILE B 9 5.62 -13.05 1.96
C ILE B 9 6.14 -11.76 2.57
N MET B 10 7.26 -11.30 2.08
CA MET B 10 7.86 -10.09 2.60
C MET B 10 7.87 -9.00 1.54
N PRO B 11 7.51 -7.77 1.94
CA PRO B 11 7.47 -6.62 1.03
C PRO B 11 8.86 -6.23 0.56
N ASP B 12 8.91 -5.35 -0.42
CA ASP B 12 10.16 -4.91 -0.98
C ASP B 12 10.09 -3.44 -1.33
N PHE B 13 10.69 -2.61 -0.50
CA PHE B 13 10.72 -1.20 -0.74
C PHE B 13 12.03 -0.82 -1.39
N SER B 14 12.07 -0.90 -2.70
CA SER B 14 13.25 -0.54 -3.46
C SER B 14 12.97 0.73 -4.25
N PRO B 15 13.75 1.80 -4.01
CA PRO B 15 13.59 3.08 -4.71
C PRO B 15 13.52 2.89 -6.23
N SER B 16 12.32 3.03 -6.75
CA SER B 16 12.08 2.87 -8.17
C SER B 16 12.10 4.24 -8.85
N GLY B 17 11.35 5.17 -8.29
CA GLY B 17 11.32 6.52 -8.78
C GLY B 17 10.70 6.63 -10.16
N LEU B 18 9.72 5.80 -10.45
CA LEU B 18 9.08 5.81 -11.76
C LEU B 18 8.31 7.11 -11.96
N LEU B 19 7.76 7.64 -10.87
CA LEU B 19 7.02 8.89 -10.88
C LEU B 19 7.98 10.08 -10.96
N GLU B 20 9.24 9.82 -10.71
CA GLU B 20 10.24 10.86 -10.69
C GLU B 20 11.05 10.88 -11.98
N LEU B 21 11.47 9.71 -12.42
CA LEU B 21 12.29 9.57 -13.61
C LEU B 21 11.48 9.72 -14.88
N GLU B 22 10.40 8.96 -15.01
CA GLU B 22 9.61 8.97 -16.22
C GLU B 22 8.62 10.11 -16.24
N SER B 23 7.90 10.26 -15.17
CA SER B 23 6.89 11.29 -15.07
C SER B 23 7.55 12.67 -14.84
N GLY A 1 -17.43 9.29 14.25
CA GLY A 1 -17.00 8.02 14.85
C GLY A 1 -17.96 6.89 14.54
N ALA A 2 -17.76 5.74 15.20
CA ALA A 2 -18.62 4.55 15.02
C ALA A 2 -18.53 3.96 13.62
N MET A 3 -19.13 4.64 12.66
CA MET A 3 -19.20 4.18 11.28
C MET A 3 -17.80 3.91 10.71
N GLY A 4 -16.92 4.87 10.80
CA GLY A 4 -15.57 4.71 10.26
C GLY A 4 -14.61 4.16 11.29
N ASN A 5 -15.12 3.72 12.42
CA ASN A 5 -14.29 3.16 13.48
C ASN A 5 -14.50 1.66 13.61
N GLU A 6 -15.74 1.26 13.84
CA GLU A 6 -16.09 -0.14 13.99
C GLU A 6 -16.00 -0.86 12.66
N TYR A 7 -16.57 -0.25 11.64
CA TYR A 7 -16.59 -0.82 10.31
C TYR A 7 -15.51 -0.16 9.46
N LYS A 8 -14.38 0.16 10.10
CA LYS A 8 -13.25 0.86 9.46
C LYS A 8 -12.66 0.06 8.29
N ASP A 9 -13.09 -1.18 8.14
CA ASP A 9 -12.65 -2.04 7.06
C ASP A 9 -13.18 -1.56 5.71
N ASN A 10 -13.99 -0.50 5.75
CA ASN A 10 -14.54 0.08 4.53
C ASN A 10 -13.56 1.07 3.92
N ALA A 11 -12.53 1.42 4.69
CA ALA A 11 -11.54 2.35 4.21
C ALA A 11 -10.44 1.61 3.48
N TYR A 12 -10.57 1.55 2.17
CA TYR A 12 -9.60 0.88 1.32
C TYR A 12 -9.73 1.41 -0.08
N ILE A 13 -8.63 1.67 -0.72
CA ILE A 13 -8.66 2.11 -2.09
C ILE A 13 -8.01 1.08 -2.98
N TYR A 14 -8.71 0.73 -4.03
CA TYR A 14 -8.20 -0.24 -4.96
C TYR A 14 -7.37 0.45 -6.00
N ILE A 15 -6.14 0.03 -6.12
CA ILE A 15 -5.25 0.55 -7.11
C ILE A 15 -5.28 -0.35 -8.32
N GLY A 16 -5.37 0.25 -9.49
CA GLY A 16 -5.50 -0.54 -10.71
C GLY A 16 -4.17 -0.96 -11.28
N ASN A 17 -4.22 -1.47 -12.50
CA ASN A 17 -3.06 -2.02 -13.22
C ASN A 17 -1.78 -1.20 -13.02
N LEU A 18 -0.86 -1.77 -12.26
CA LEU A 18 0.44 -1.16 -11.99
C LEU A 18 1.52 -1.89 -12.75
N ASN A 19 2.59 -1.18 -13.06
CA ASN A 19 3.73 -1.79 -13.74
C ASN A 19 4.40 -2.80 -12.79
N ARG A 20 4.78 -3.94 -13.33
CA ARG A 20 5.42 -4.98 -12.52
C ARG A 20 6.75 -4.50 -11.93
N GLU A 21 7.33 -3.47 -12.53
CA GLU A 21 8.58 -2.91 -12.04
C GLU A 21 8.34 -1.97 -10.85
N LEU A 22 7.07 -1.76 -10.51
CA LEU A 22 6.72 -0.92 -9.38
C LEU A 22 6.80 -1.70 -8.09
N THR A 23 7.32 -1.06 -7.07
CA THR A 23 7.46 -1.68 -5.78
C THR A 23 6.48 -1.06 -4.78
N GLU A 24 6.35 -1.70 -3.62
CA GLU A 24 5.51 -1.19 -2.54
C GLU A 24 6.03 0.17 -2.09
N GLY A 25 7.33 0.39 -2.27
CA GLY A 25 7.94 1.64 -1.90
C GLY A 25 7.41 2.78 -2.72
N ASP A 26 7.22 2.53 -4.01
CA ASP A 26 6.70 3.54 -4.93
C ASP A 26 5.33 4.01 -4.49
N ILE A 27 4.47 3.08 -4.16
CA ILE A 27 3.13 3.39 -3.71
C ILE A 27 3.16 4.24 -2.45
N LEU A 28 3.99 3.84 -1.50
CA LEU A 28 4.10 4.55 -0.24
C LEU A 28 4.68 5.93 -0.47
N THR A 29 5.61 6.01 -1.42
CA THR A 29 6.26 7.25 -1.77
C THR A 29 5.24 8.31 -2.16
N VAL A 30 4.34 7.92 -3.05
CA VAL A 30 3.31 8.82 -3.54
C VAL A 30 2.34 9.25 -2.43
N PHE A 31 1.88 8.29 -1.64
CA PHE A 31 0.90 8.57 -0.60
C PHE A 31 1.50 9.28 0.61
N SER A 32 2.80 9.14 0.82
CA SER A 32 3.46 9.82 1.94
C SER A 32 3.38 11.33 1.76
N GLU A 33 3.25 11.77 0.51
CA GLU A 33 3.16 13.18 0.19
C GLU A 33 1.89 13.79 0.75
N TYR A 34 0.91 12.94 1.05
CA TYR A 34 -0.36 13.40 1.61
C TYR A 34 -0.29 13.41 3.13
N GLY A 35 0.83 12.97 3.67
CA GLY A 35 1.01 12.94 5.11
C GLY A 35 0.28 11.78 5.76
N VAL A 36 0.22 10.66 5.05
CA VAL A 36 -0.44 9.47 5.58
C VAL A 36 0.42 8.22 5.42
N PRO A 37 1.26 7.91 6.43
CA PRO A 37 2.10 6.73 6.43
C PRO A 37 1.37 5.55 7.05
N VAL A 38 0.48 4.95 6.28
CA VAL A 38 -0.32 3.84 6.75
C VAL A 38 0.01 2.57 5.95
N ASP A 39 -0.82 1.53 6.05
CA ASP A 39 -0.45 0.24 5.48
C ASP A 39 -0.81 0.11 4.00
N VAL A 40 0.03 -0.59 3.28
CA VAL A 40 -0.13 -0.81 1.86
C VAL A 40 0.07 -2.29 1.51
N ILE A 41 -0.82 -2.84 0.73
CA ILE A 41 -0.74 -4.23 0.32
C ILE A 41 -0.74 -4.31 -1.19
N LEU A 42 0.39 -4.64 -1.77
CA LEU A 42 0.48 -4.76 -3.21
C LEU A 42 0.22 -6.20 -3.60
N SER A 43 -0.60 -6.41 -4.61
CA SER A 43 -0.91 -7.75 -5.06
C SER A 43 0.33 -8.36 -5.70
N ARG A 44 1.07 -9.12 -4.92
CA ARG A 44 2.24 -9.81 -5.41
C ARG A 44 2.00 -11.29 -5.36
N ASP A 45 2.55 -12.01 -6.32
CA ASP A 45 2.37 -13.45 -6.40
C ASP A 45 2.90 -14.17 -5.19
N GLU A 46 2.29 -15.29 -4.88
CA GLU A 46 2.63 -16.06 -3.71
C GLU A 46 3.91 -16.88 -3.91
N ASN A 47 4.08 -17.48 -5.07
CA ASN A 47 5.23 -18.33 -5.32
C ASN A 47 6.46 -17.54 -5.71
N THR A 48 6.36 -16.80 -6.81
CA THR A 48 7.49 -16.06 -7.31
C THR A 48 7.64 -14.68 -6.65
N GLY A 49 6.58 -14.22 -5.98
CA GLY A 49 6.64 -12.94 -5.28
C GLY A 49 6.79 -11.74 -6.20
N GLU A 50 6.24 -11.84 -7.39
CA GLU A 50 6.32 -10.76 -8.36
C GLU A 50 5.13 -9.84 -8.25
N SER A 51 5.28 -8.60 -8.67
CA SER A 51 4.18 -7.66 -8.67
C SER A 51 3.13 -8.09 -9.70
N GLN A 52 1.96 -8.51 -9.19
CA GLN A 52 0.90 -9.02 -10.04
C GLN A 52 0.22 -7.88 -10.81
N GLY A 53 0.37 -6.66 -10.31
CA GLY A 53 -0.15 -5.50 -11.04
C GLY A 53 -1.34 -4.81 -10.38
N PHE A 54 -1.65 -5.16 -9.14
CA PHE A 54 -2.77 -4.51 -8.43
C PHE A 54 -2.31 -4.12 -7.04
N ALA A 55 -3.06 -3.28 -6.34
CA ALA A 55 -2.70 -2.91 -4.98
C ALA A 55 -3.89 -2.44 -4.17
N TYR A 56 -3.77 -2.57 -2.86
CA TYR A 56 -4.77 -2.12 -1.91
C TYR A 56 -4.09 -1.28 -0.84
N LEU A 57 -4.51 -0.05 -0.68
CA LEU A 57 -3.93 0.81 0.34
C LEU A 57 -4.97 1.15 1.39
N LYS A 58 -4.55 1.21 2.63
CA LYS A 58 -5.47 1.54 3.70
C LYS A 58 -4.90 2.61 4.61
N TYR A 59 -5.59 3.74 4.62
CA TYR A 59 -5.29 4.85 5.50
C TYR A 59 -6.55 5.27 6.19
N GLU A 60 -6.44 5.89 7.33
CA GLU A 60 -7.63 6.28 8.04
C GLU A 60 -7.95 7.76 7.89
N ASP A 61 -8.96 8.03 7.09
CA ASP A 61 -9.49 9.38 6.85
C ASP A 61 -10.61 9.29 5.82
N GLN A 62 -11.68 10.04 6.03
CA GLN A 62 -12.82 9.99 5.11
C GLN A 62 -12.61 10.84 3.85
N ARG A 63 -12.14 12.06 4.03
CA ARG A 63 -12.00 13.00 2.90
C ARG A 63 -10.81 12.66 2.01
N SER A 64 -9.77 12.07 2.59
CA SER A 64 -8.58 11.74 1.85
C SER A 64 -8.83 10.62 0.84
N THR A 65 -9.86 9.81 1.09
CA THR A 65 -10.20 8.73 0.18
C THR A 65 -10.55 9.29 -1.19
N ILE A 66 -11.38 10.32 -1.17
CA ILE A 66 -11.83 11.00 -2.36
C ILE A 66 -10.68 11.82 -2.95
N LEU A 67 -9.83 12.35 -2.07
CA LEU A 67 -8.68 13.12 -2.48
C LEU A 67 -7.75 12.25 -3.32
N ALA A 68 -7.38 11.09 -2.77
CA ALA A 68 -6.50 10.16 -3.46
C ALA A 68 -7.08 9.73 -4.80
N VAL A 69 -8.38 9.46 -4.81
CA VAL A 69 -9.05 9.06 -6.03
C VAL A 69 -9.02 10.16 -7.07
N ASP A 70 -9.30 11.39 -6.63
CA ASP A 70 -9.32 12.54 -7.53
C ASP A 70 -7.94 12.91 -8.03
N ASN A 71 -7.01 13.00 -7.10
CA ASN A 71 -5.65 13.45 -7.38
C ASN A 71 -4.88 12.47 -8.27
N LEU A 72 -4.90 11.20 -7.90
CA LEU A 72 -4.12 10.20 -8.62
C LEU A 72 -4.84 9.61 -9.82
N ASN A 73 -6.07 10.02 -10.05
CA ASN A 73 -6.81 9.52 -11.21
C ASN A 73 -6.17 10.03 -12.48
N GLY A 74 -5.54 9.15 -13.21
CA GLY A 74 -4.90 9.54 -14.44
C GLY A 74 -3.43 9.89 -14.24
N PHE A 75 -2.92 9.66 -13.04
CA PHE A 75 -1.53 9.93 -12.75
C PHE A 75 -0.66 8.89 -13.45
N LYS A 76 0.24 9.35 -14.30
CA LYS A 76 1.06 8.46 -15.10
C LYS A 76 2.29 7.97 -14.33
N ILE A 77 2.35 6.66 -14.12
CA ILE A 77 3.49 6.02 -13.50
C ILE A 77 3.89 4.80 -14.31
N GLY A 78 5.05 4.87 -14.91
CA GLY A 78 5.52 3.79 -15.75
C GLY A 78 4.83 3.80 -17.08
N GLY A 79 4.29 4.96 -17.44
CA GLY A 79 3.56 5.09 -18.67
C GLY A 79 2.11 4.66 -18.52
N ARG A 80 1.75 4.19 -17.33
CA ARG A 80 0.39 3.73 -17.07
C ARG A 80 -0.32 4.70 -16.13
N ALA A 81 -1.61 4.88 -16.32
CA ALA A 81 -2.37 5.81 -15.53
C ALA A 81 -2.97 5.14 -14.30
N LEU A 82 -2.88 5.80 -13.17
CA LEU A 82 -3.44 5.29 -11.94
C LEU A 82 -4.95 5.45 -11.92
N LYS A 83 -5.64 4.40 -11.53
CA LYS A 83 -7.08 4.42 -11.41
C LYS A 83 -7.46 3.93 -10.02
N ILE A 84 -8.00 4.81 -9.22
CA ILE A 84 -8.32 4.51 -7.84
C ILE A 84 -9.81 4.28 -7.66
N ASP A 85 -10.17 3.23 -6.94
CA ASP A 85 -11.58 2.92 -6.68
C ASP A 85 -11.83 2.71 -5.19
N HIS A 86 -13.08 2.88 -4.78
CA HIS A 86 -13.46 2.69 -3.38
C HIS A 86 -13.92 1.28 -3.15
N THR A 87 -13.43 0.66 -2.09
CA THR A 87 -13.79 -0.69 -1.79
C THR A 87 -13.51 -1.00 -0.33
N PHE A 88 -14.20 -1.99 0.20
CA PHE A 88 -13.94 -2.44 1.56
C PHE A 88 -13.22 -3.77 1.51
N TYR A 89 -12.31 -3.99 2.41
CA TYR A 89 -11.52 -5.20 2.39
C TYR A 89 -11.10 -5.61 3.79
N ARG A 90 -11.18 -6.89 4.06
CA ARG A 90 -10.76 -7.43 5.34
C ARG A 90 -9.43 -8.14 5.20
N PRO A 91 -8.52 -7.96 6.17
CA PRO A 91 -7.18 -8.55 6.12
C PRO A 91 -7.20 -10.09 6.18
N LYS A 92 -6.38 -10.69 5.34
CA LYS A 92 -6.24 -12.14 5.31
C LYS A 92 -5.37 -12.57 6.48
N ARG A 93 -5.74 -13.63 7.15
CA ARG A 93 -4.97 -14.11 8.29
C ARG A 93 -3.62 -14.67 7.85
N SER A 94 -3.55 -15.13 6.62
CA SER A 94 -2.31 -15.64 6.08
C SER A 94 -1.37 -14.50 5.69
N LEU A 95 -1.95 -13.36 5.31
CA LEU A 95 -1.16 -12.22 4.88
C LEU A 95 -1.14 -11.12 5.94
N GLN A 96 -1.46 -11.46 7.17
CA GLN A 96 -1.44 -10.50 8.27
C GLN A 96 -0.01 -10.02 8.52
N LYS A 97 0.95 -10.87 8.19
CA LYS A 97 2.35 -10.55 8.35
C LYS A 97 2.79 -9.51 7.34
N TYR A 98 2.02 -9.40 6.25
CA TYR A 98 2.31 -8.39 5.24
C TYR A 98 2.14 -7.01 5.87
N TYR A 99 1.03 -6.85 6.60
CA TYR A 99 0.74 -5.61 7.30
C TYR A 99 1.79 -5.36 8.38
N GLU A 100 2.21 -6.45 9.01
CA GLU A 100 3.22 -6.40 10.05
C GLU A 100 4.55 -5.90 9.51
N ALA A 101 4.98 -6.47 8.39
CA ALA A 101 6.22 -6.09 7.74
C ALA A 101 6.18 -4.64 7.27
N VAL A 102 5.01 -4.18 6.87
CA VAL A 102 4.85 -2.80 6.45
C VAL A 102 4.96 -1.86 7.65
N LYS A 103 4.35 -2.27 8.77
CA LYS A 103 4.35 -1.47 9.98
C LYS A 103 5.77 -1.13 10.44
N GLU A 104 6.64 -2.13 10.49
CA GLU A 104 8.02 -1.91 10.94
C GLU A 104 8.78 -0.97 9.99
N GLU A 105 8.33 -0.91 8.74
CA GLU A 105 8.94 0.00 7.77
C GLU A 105 8.40 1.41 7.95
N LEU A 106 7.21 1.51 8.51
CA LEU A 106 6.60 2.80 8.81
C LEU A 106 7.18 3.34 10.10
N ASP A 107 7.28 2.45 11.09
CA ASP A 107 7.87 2.78 12.39
C ASP A 107 9.36 3.03 12.27
N ARG A 108 9.91 2.72 11.09
CA ARG A 108 11.33 2.94 10.79
C ARG A 108 11.65 4.42 10.87
N ASP A 109 10.66 5.24 10.57
CA ASP A 109 10.82 6.69 10.62
C ASP A 109 11.02 7.17 12.06
N ILE A 110 10.33 6.52 12.99
CA ILE A 110 10.42 6.86 14.40
C ILE A 110 11.78 6.45 14.94
N VAL A 111 12.21 5.23 14.60
CA VAL A 111 13.49 4.67 15.05
C VAL A 111 13.45 4.32 16.52
N SER A 112 13.43 5.33 17.35
CA SER A 112 13.45 5.15 18.78
C SER A 112 13.26 6.51 19.47
N LYS A 113 13.47 6.52 20.76
CA LYS A 113 13.36 7.72 21.56
C LYS A 113 14.58 7.83 22.44
N ASN A 114 14.90 6.73 23.10
CA ASN A 114 16.03 6.63 23.98
C ASN A 114 16.54 5.19 24.01
N ASN A 115 17.77 4.99 23.57
CA ASN A 115 18.33 3.64 23.51
C ASN A 115 19.75 3.56 24.06
N ALA A 116 20.62 4.46 23.65
CA ALA A 116 22.01 4.43 24.11
C ALA A 116 22.57 5.84 24.27
N GLU A 117 23.86 5.91 24.57
CA GLU A 117 24.55 7.19 24.76
C GLU A 117 24.53 8.05 23.50
N LYS A 118 25.49 7.81 22.61
CA LYS A 118 25.58 8.55 21.36
C LYS A 118 26.10 7.64 20.27
N GLY B 1 11.49 -22.57 10.63
CA GLY B 1 10.41 -23.31 11.31
C GLY B 1 9.46 -23.95 10.32
N SER B 2 8.16 -23.82 10.58
CA SER B 2 7.15 -24.41 9.72
C SER B 2 6.13 -23.37 9.26
N LYS B 3 6.19 -22.17 9.84
CA LYS B 3 5.23 -21.12 9.51
C LYS B 3 5.57 -20.44 8.18
N SER B 4 6.83 -20.49 7.79
CA SER B 4 7.26 -19.89 6.54
C SER B 4 7.00 -20.82 5.36
N GLN B 5 6.39 -21.96 5.65
CA GLN B 5 6.03 -22.94 4.63
C GLN B 5 4.73 -22.52 3.95
N TYR B 6 3.96 -21.74 4.68
CA TYR B 6 2.67 -21.26 4.21
C TYR B 6 2.82 -19.92 3.50
N ILE B 7 1.73 -19.47 2.90
CA ILE B 7 1.73 -18.21 2.16
C ILE B 7 2.11 -17.03 3.06
N ASP B 8 3.34 -16.60 2.92
CA ASP B 8 3.87 -15.47 3.68
C ASP B 8 4.67 -14.56 2.78
N ILE B 9 4.04 -13.48 2.35
CA ILE B 9 4.66 -12.54 1.44
C ILE B 9 5.12 -11.30 2.18
N MET B 10 6.40 -11.01 2.07
CA MET B 10 6.98 -9.84 2.71
C MET B 10 7.17 -8.74 1.68
N PRO B 11 6.67 -7.54 1.97
CA PRO B 11 6.80 -6.38 1.07
C PRO B 11 8.26 -5.96 0.89
N ASP B 12 8.58 -5.49 -0.29
CA ASP B 12 9.92 -5.05 -0.61
C ASP B 12 9.92 -3.59 -1.02
N PHE B 13 10.61 -2.76 -0.24
CA PHE B 13 10.68 -1.36 -0.54
C PHE B 13 12.00 -1.02 -1.22
N SER B 14 12.03 -1.17 -2.53
CA SER B 14 13.21 -0.82 -3.29
C SER B 14 12.91 0.36 -4.20
N PRO B 15 13.64 1.48 -4.04
CA PRO B 15 13.46 2.66 -4.89
C PRO B 15 13.68 2.32 -6.35
N SER B 16 12.60 2.21 -7.10
CA SER B 16 12.66 1.88 -8.50
C SER B 16 12.98 3.12 -9.32
N GLY B 17 12.49 4.26 -8.84
CA GLY B 17 12.66 5.50 -9.56
C GLY B 17 11.69 5.57 -10.72
N LEU B 18 10.77 4.62 -10.72
CA LEU B 18 9.77 4.48 -11.77
C LEU B 18 8.94 5.74 -11.92
N LEU B 19 8.41 6.22 -10.81
CA LEU B 19 7.57 7.41 -10.83
C LEU B 19 8.40 8.68 -10.77
N GLU B 20 9.65 8.53 -10.37
CA GLU B 20 10.55 9.68 -10.21
C GLU B 20 10.77 10.42 -11.52
N LEU B 21 10.74 9.70 -12.62
CA LEU B 21 10.97 10.29 -13.94
C LEU B 21 9.69 10.95 -14.49
N GLU B 22 8.56 10.67 -13.88
CA GLU B 22 7.29 11.19 -14.38
C GLU B 22 6.57 12.04 -13.35
N SER B 23 7.27 12.42 -12.31
CA SER B 23 6.69 13.26 -11.28
C SER B 23 7.49 14.55 -11.14
N GLY A 1 -6.73 7.06 16.55
CA GLY A 1 -7.77 7.83 15.83
C GLY A 1 -9.16 7.31 16.12
N ALA A 2 -10.04 8.19 16.56
CA ALA A 2 -11.41 7.81 16.87
C ALA A 2 -12.39 8.84 16.34
N MET A 3 -13.00 8.53 15.20
CA MET A 3 -13.97 9.43 14.58
C MET A 3 -15.26 8.68 14.22
N GLY A 4 -15.10 7.46 13.75
CA GLY A 4 -16.24 6.65 13.36
C GLY A 4 -15.79 5.42 12.60
N ASN A 5 -16.20 4.26 13.06
CA ASN A 5 -15.78 3.00 12.44
C ASN A 5 -16.31 2.88 11.02
N GLU A 6 -17.44 3.52 10.74
CA GLU A 6 -18.06 3.48 9.40
C GLU A 6 -17.18 4.12 8.33
N TYR A 7 -16.18 4.87 8.77
CA TYR A 7 -15.26 5.51 7.85
C TYR A 7 -13.83 5.08 8.15
N LYS A 8 -13.71 4.02 8.95
CA LYS A 8 -12.43 3.52 9.35
C LYS A 8 -12.21 2.12 8.79
N ASP A 9 -13.24 1.29 8.81
CA ASP A 9 -13.13 -0.08 8.34
C ASP A 9 -13.15 -0.13 6.81
N ASN A 10 -13.99 0.71 6.20
CA ASN A 10 -14.15 0.71 4.75
C ASN A 10 -13.07 1.52 4.07
N ALA A 11 -12.16 2.09 4.85
CA ALA A 11 -11.10 2.89 4.29
C ALA A 11 -10.10 1.99 3.58
N TYR A 12 -10.27 1.87 2.26
CA TYR A 12 -9.42 1.05 1.39
C TYR A 12 -9.60 1.53 -0.05
N ILE A 13 -8.51 1.65 -0.77
CA ILE A 13 -8.58 2.02 -2.16
C ILE A 13 -7.98 0.94 -3.04
N TYR A 14 -8.65 0.66 -4.13
CA TYR A 14 -8.19 -0.31 -5.09
C TYR A 14 -7.31 0.37 -6.11
N ILE A 15 -6.17 -0.20 -6.36
CA ILE A 15 -5.25 0.31 -7.34
C ILE A 15 -5.15 -0.71 -8.48
N GLY A 16 -4.99 -0.21 -9.70
CA GLY A 16 -4.98 -1.09 -10.84
C GLY A 16 -3.61 -1.64 -11.15
N ASN A 17 -3.49 -2.27 -12.32
CA ASN A 17 -2.25 -2.90 -12.75
C ASN A 17 -1.17 -1.85 -12.97
N LEU A 18 -0.15 -1.88 -12.12
CA LEU A 18 0.92 -0.91 -12.17
C LEU A 18 2.10 -1.41 -13.01
N ASN A 19 3.10 -0.54 -13.14
CA ASN A 19 4.32 -0.88 -13.87
C ASN A 19 5.11 -1.91 -13.07
N ARG A 20 5.65 -2.90 -13.75
CA ARG A 20 6.40 -3.98 -13.12
C ARG A 20 7.62 -3.46 -12.37
N GLU A 21 8.08 -2.27 -12.72
CA GLU A 21 9.23 -1.68 -12.04
C GLU A 21 8.80 -0.73 -10.92
N LEU A 22 7.48 -0.62 -10.70
CA LEU A 22 6.96 0.18 -9.59
C LEU A 22 6.92 -0.67 -8.35
N THR A 23 7.79 -0.36 -7.41
CA THR A 23 7.88 -1.15 -6.22
C THR A 23 7.10 -0.51 -5.08
N GLU A 24 7.10 -1.20 -3.95
CA GLU A 24 6.40 -0.73 -2.76
C GLU A 24 6.97 0.59 -2.27
N GLY A 25 8.25 0.81 -2.56
CA GLY A 25 8.91 2.04 -2.16
C GLY A 25 8.34 3.22 -2.91
N ASP A 26 8.13 3.04 -4.21
CA ASP A 26 7.56 4.07 -5.06
C ASP A 26 6.15 4.38 -4.60
N ILE A 27 5.37 3.33 -4.39
CA ILE A 27 3.99 3.45 -3.96
C ILE A 27 3.91 4.21 -2.63
N LEU A 28 4.76 3.82 -1.68
CA LEU A 28 4.79 4.46 -0.38
C LEU A 28 5.15 5.92 -0.53
N THR A 29 6.12 6.19 -1.38
CA THR A 29 6.59 7.53 -1.64
C THR A 29 5.47 8.41 -2.18
N VAL A 30 4.75 7.92 -3.18
CA VAL A 30 3.67 8.66 -3.80
C VAL A 30 2.62 9.11 -2.76
N PHE A 31 2.22 8.19 -1.90
CA PHE A 31 1.23 8.51 -0.89
C PHE A 31 1.82 9.22 0.33
N SER A 32 3.13 9.05 0.52
CA SER A 32 3.83 9.67 1.64
C SER A 32 3.81 11.19 1.48
N GLU A 33 3.71 11.66 0.24
CA GLU A 33 3.70 13.09 -0.05
C GLU A 33 2.43 13.75 0.48
N TYR A 34 1.41 12.94 0.79
CA TYR A 34 0.17 13.46 1.33
C TYR A 34 0.26 13.58 2.84
N GLY A 35 1.39 13.12 3.40
CA GLY A 35 1.62 13.21 4.83
C GLY A 35 0.81 12.23 5.64
N VAL A 36 0.27 11.22 4.97
CA VAL A 36 -0.55 10.22 5.64
C VAL A 36 0.01 8.82 5.38
N PRO A 37 0.93 8.34 6.25
CA PRO A 37 1.53 7.03 6.12
C PRO A 37 0.74 5.96 6.85
N VAL A 38 0.03 5.13 6.09
CA VAL A 38 -0.78 4.06 6.66
C VAL A 38 -0.50 2.75 5.88
N ASP A 39 -1.33 1.73 6.07
CA ASP A 39 -1.05 0.39 5.54
C ASP A 39 -1.17 0.31 4.01
N VAL A 40 -0.25 -0.42 3.39
CA VAL A 40 -0.24 -0.60 1.94
C VAL A 40 -0.16 -2.08 1.59
N ILE A 41 -0.97 -2.52 0.61
CA ILE A 41 -1.00 -3.92 0.24
C ILE A 41 -0.79 -4.11 -1.27
N LEU A 42 0.41 -4.49 -1.65
CA LEU A 42 0.67 -4.79 -3.05
C LEU A 42 0.30 -6.25 -3.28
N SER A 43 -0.75 -6.48 -4.08
CA SER A 43 -1.26 -7.83 -4.29
C SER A 43 -0.26 -8.70 -5.03
N ARG A 44 0.15 -9.77 -4.36
CA ARG A 44 1.08 -10.72 -4.91
C ARG A 44 0.58 -12.13 -4.65
N ASP A 45 1.01 -13.07 -5.46
CA ASP A 45 0.59 -14.45 -5.32
C ASP A 45 1.24 -15.09 -4.11
N GLU A 46 0.46 -15.82 -3.34
CA GLU A 46 0.92 -16.45 -2.11
C GLU A 46 1.88 -17.62 -2.37
N ASN A 47 1.87 -18.15 -3.57
CA ASN A 47 2.72 -19.29 -3.89
C ASN A 47 4.04 -18.86 -4.54
N THR A 48 3.94 -18.23 -5.69
CA THR A 48 5.14 -17.82 -6.42
C THR A 48 5.68 -16.47 -5.92
N GLY A 49 4.79 -15.59 -5.50
CA GLY A 49 5.23 -14.31 -4.96
C GLY A 49 5.16 -13.17 -5.96
N GLU A 50 4.85 -13.49 -7.22
CA GLU A 50 4.77 -12.46 -8.26
C GLU A 50 3.53 -11.58 -8.04
N SER A 51 3.57 -10.36 -8.55
CA SER A 51 2.45 -9.44 -8.39
C SER A 51 1.24 -9.92 -9.21
N GLN A 52 0.06 -9.79 -8.62
CA GLN A 52 -1.17 -10.22 -9.27
C GLN A 52 -1.66 -9.18 -10.26
N GLY A 53 -1.04 -8.01 -10.24
CA GLY A 53 -1.39 -6.96 -11.18
C GLY A 53 -2.36 -5.95 -10.61
N PHE A 54 -2.30 -5.74 -9.31
CA PHE A 54 -3.14 -4.74 -8.64
C PHE A 54 -2.68 -4.56 -7.20
N ALA A 55 -3.22 -3.55 -6.52
CA ALA A 55 -2.82 -3.28 -5.15
C ALA A 55 -3.94 -2.60 -4.39
N TYR A 56 -3.75 -2.48 -3.09
CA TYR A 56 -4.69 -1.83 -2.21
C TYR A 56 -3.94 -0.94 -1.25
N LEU A 57 -4.61 0.05 -0.73
CA LEU A 57 -4.01 0.93 0.26
C LEU A 57 -5.04 1.28 1.31
N LYS A 58 -4.63 1.31 2.55
CA LYS A 58 -5.52 1.66 3.62
C LYS A 58 -5.00 2.83 4.40
N TYR A 59 -5.73 3.91 4.34
CA TYR A 59 -5.44 5.09 5.10
C TYR A 59 -6.71 5.55 5.75
N GLU A 60 -6.62 6.04 6.94
CA GLU A 60 -7.80 6.43 7.63
C GLU A 60 -8.03 7.94 7.64
N ASP A 61 -9.00 8.34 6.86
CA ASP A 61 -9.44 9.73 6.74
C ASP A 61 -10.57 9.81 5.71
N GLN A 62 -11.54 10.66 5.95
CA GLN A 62 -12.69 10.76 5.06
C GLN A 62 -12.39 11.58 3.81
N ARG A 63 -11.57 12.61 3.94
CA ARG A 63 -11.26 13.48 2.81
C ARG A 63 -10.14 12.88 1.95
N SER A 64 -9.20 12.22 2.61
CA SER A 64 -8.06 11.61 1.92
C SER A 64 -8.53 10.60 0.87
N THR A 65 -9.68 9.97 1.11
CA THR A 65 -10.23 9.01 0.16
C THR A 65 -10.46 9.71 -1.18
N ILE A 66 -11.18 10.82 -1.11
CA ILE A 66 -11.49 11.62 -2.25
C ILE A 66 -10.21 12.21 -2.84
N LEU A 67 -9.36 12.75 -1.95
CA LEU A 67 -8.08 13.35 -2.33
C LEU A 67 -7.27 12.44 -3.24
N ALA A 68 -6.97 11.25 -2.75
CA ALA A 68 -6.16 10.29 -3.49
C ALA A 68 -6.82 9.90 -4.80
N VAL A 69 -8.14 9.73 -4.78
CA VAL A 69 -8.86 9.34 -5.98
C VAL A 69 -8.83 10.47 -7.02
N ASP A 70 -9.31 11.65 -6.67
CA ASP A 70 -9.41 12.75 -7.64
C ASP A 70 -8.03 13.21 -8.11
N ASN A 71 -7.00 12.87 -7.35
CA ASN A 71 -5.63 13.24 -7.69
C ASN A 71 -4.95 12.18 -8.56
N LEU A 72 -4.92 10.95 -8.05
CA LEU A 72 -4.17 9.88 -8.70
C LEU A 72 -4.97 9.07 -9.72
N ASN A 73 -6.30 9.14 -9.67
CA ASN A 73 -7.11 8.40 -10.63
C ASN A 73 -6.89 8.97 -12.03
N GLY A 74 -6.20 8.20 -12.85
CA GLY A 74 -5.91 8.66 -14.20
C GLY A 74 -4.56 9.33 -14.30
N PHE A 75 -3.83 9.37 -13.19
CA PHE A 75 -2.52 10.00 -13.15
C PHE A 75 -1.48 9.09 -13.80
N LYS A 76 -0.53 9.68 -14.50
CA LYS A 76 0.48 8.93 -15.24
C LYS A 76 1.76 8.74 -14.42
N ILE A 77 2.06 7.50 -14.08
CA ILE A 77 3.29 7.16 -13.40
C ILE A 77 3.96 6.01 -14.13
N GLY A 78 5.15 6.26 -14.64
CA GLY A 78 5.88 5.24 -15.35
C GLY A 78 5.22 4.93 -16.67
N GLY A 79 4.65 5.96 -17.29
CA GLY A 79 3.97 5.79 -18.55
C GLY A 79 2.68 4.99 -18.42
N ARG A 80 2.13 4.95 -17.22
CA ARG A 80 0.90 4.20 -16.98
C ARG A 80 -0.05 4.99 -16.12
N ALA A 81 -1.32 4.70 -16.24
CA ALA A 81 -2.34 5.43 -15.49
C ALA A 81 -2.78 4.68 -14.25
N LEU A 82 -2.88 5.39 -13.15
CA LEU A 82 -3.30 4.82 -11.87
C LEU A 82 -4.80 4.77 -11.77
N LYS A 83 -5.35 3.60 -11.58
CA LYS A 83 -6.78 3.46 -11.38
C LYS A 83 -7.08 3.31 -9.90
N ILE A 84 -7.64 4.36 -9.31
CA ILE A 84 -7.96 4.37 -7.89
C ILE A 84 -9.47 4.28 -7.68
N ASP A 85 -9.91 3.29 -6.93
CA ASP A 85 -11.35 3.10 -6.70
C ASP A 85 -11.64 2.78 -5.22
N HIS A 86 -12.83 3.18 -4.75
CA HIS A 86 -13.25 2.92 -3.37
C HIS A 86 -13.69 1.46 -3.22
N THR A 87 -13.08 0.74 -2.30
CA THR A 87 -13.40 -0.67 -2.11
C THR A 87 -13.22 -1.08 -0.66
N PHE A 88 -13.81 -2.21 -0.28
CA PHE A 88 -13.63 -2.76 1.05
C PHE A 88 -12.91 -4.10 0.95
N TYR A 89 -11.67 -4.11 1.39
CA TYR A 89 -10.85 -5.31 1.35
C TYR A 89 -10.45 -5.72 2.75
N ARG A 90 -10.46 -7.02 3.02
CA ARG A 90 -10.04 -7.52 4.31
C ARG A 90 -8.70 -8.21 4.20
N PRO A 91 -7.77 -7.89 5.10
CA PRO A 91 -6.42 -8.47 5.11
C PRO A 91 -6.43 -9.99 5.30
N LYS A 92 -5.65 -10.69 4.48
CA LYS A 92 -5.55 -12.13 4.59
C LYS A 92 -4.66 -12.50 5.75
N ARG A 93 -5.14 -13.42 6.57
CA ARG A 93 -4.42 -13.87 7.74
C ARG A 93 -3.20 -14.70 7.34
N SER A 94 -3.24 -15.22 6.12
CA SER A 94 -2.15 -16.00 5.58
C SER A 94 -0.97 -15.10 5.19
N LEU A 95 -1.23 -13.81 5.11
CA LEU A 95 -0.23 -12.83 4.74
C LEU A 95 0.09 -11.91 5.91
N GLN A 96 -0.13 -12.39 7.13
CA GLN A 96 0.11 -11.59 8.34
C GLN A 96 1.56 -11.10 8.40
N LYS A 97 2.49 -11.93 7.91
CA LYS A 97 3.90 -11.56 7.87
C LYS A 97 4.09 -10.26 7.10
N TYR A 98 3.44 -10.18 5.96
CA TYR A 98 3.52 -9.01 5.12
C TYR A 98 2.97 -7.77 5.83
N TYR A 99 1.75 -7.89 6.33
CA TYR A 99 1.07 -6.78 7.00
C TYR A 99 1.85 -6.28 8.21
N GLU A 100 2.34 -7.22 9.02
CA GLU A 100 3.09 -6.85 10.22
C GLU A 100 4.44 -6.23 9.85
N ALA A 101 5.02 -6.69 8.76
CA ALA A 101 6.29 -6.14 8.29
C ALA A 101 6.12 -4.70 7.85
N VAL A 102 5.08 -4.45 7.06
CA VAL A 102 4.78 -3.10 6.59
C VAL A 102 4.46 -2.20 7.78
N LYS A 103 3.74 -2.75 8.74
CA LYS A 103 3.34 -2.02 9.94
C LYS A 103 4.54 -1.46 10.68
N GLU A 104 5.50 -2.33 11.01
CA GLU A 104 6.67 -1.90 11.77
C GLU A 104 7.57 -0.94 10.99
N GLU A 105 7.55 -1.08 9.66
CA GLU A 105 8.35 -0.21 8.80
C GLU A 105 7.88 1.24 8.90
N LEU A 106 6.58 1.45 8.72
CA LEU A 106 6.03 2.80 8.79
C LEU A 106 5.90 3.26 10.23
N ASP A 107 5.76 2.31 11.14
CA ASP A 107 5.67 2.59 12.58
C ASP A 107 6.91 3.34 13.05
N ARG A 108 8.03 3.13 12.36
CA ARG A 108 9.30 3.77 12.70
C ARG A 108 9.16 5.29 12.63
N ASP A 109 8.24 5.78 11.81
CA ASP A 109 7.99 7.21 11.67
C ASP A 109 7.25 7.74 12.90
N ILE A 110 6.34 6.91 13.41
CA ILE A 110 5.53 7.27 14.57
C ILE A 110 6.35 7.24 15.86
N VAL A 111 7.29 6.27 15.94
CA VAL A 111 8.15 6.11 17.11
C VAL A 111 8.98 7.37 17.38
N SER A 112 9.30 8.10 16.33
CA SER A 112 10.09 9.31 16.45
C SER A 112 9.22 10.46 16.94
N LYS A 113 9.12 10.59 18.26
CA LYS A 113 8.35 11.67 18.92
C LYS A 113 6.86 11.60 18.57
N ASN A 114 6.10 10.96 19.44
CA ASN A 114 4.67 10.83 19.21
C ASN A 114 3.86 11.38 20.39
N ASN A 115 4.02 12.69 20.64
CA ASN A 115 3.26 13.42 21.70
C ASN A 115 3.69 13.05 23.11
N ALA A 116 3.77 11.75 23.38
CA ALA A 116 4.13 11.24 24.70
C ALA A 116 5.54 11.62 25.09
N GLU A 117 5.66 12.44 26.12
CA GLU A 117 6.95 12.88 26.63
C GLU A 117 6.93 12.79 28.15
N LYS A 118 8.11 12.66 28.75
CA LYS A 118 8.25 12.58 30.21
C LYS A 118 7.54 11.34 30.78
N GLY B 1 5.51 -32.94 0.43
CA GLY B 1 4.41 -32.88 -0.56
C GLY B 1 4.18 -31.48 -1.05
N SER B 2 4.98 -31.05 -2.02
CA SER B 2 4.93 -29.72 -2.60
C SER B 2 5.51 -28.68 -1.63
N LYS B 3 5.90 -27.54 -2.16
CA LYS B 3 6.47 -26.47 -1.37
C LYS B 3 5.59 -25.23 -1.46
N SER B 4 4.50 -25.36 -2.23
CA SER B 4 3.57 -24.25 -2.45
C SER B 4 2.81 -23.88 -1.18
N GLN B 5 2.76 -24.83 -0.24
CA GLN B 5 2.09 -24.63 1.03
C GLN B 5 2.72 -23.48 1.81
N TYR B 6 4.02 -23.27 1.60
CA TYR B 6 4.75 -22.23 2.28
C TYR B 6 4.44 -20.86 1.68
N ILE B 7 3.87 -19.98 2.49
CA ILE B 7 3.55 -18.64 2.04
C ILE B 7 4.49 -17.64 2.69
N ASP B 8 5.34 -17.04 1.90
CA ASP B 8 6.31 -16.09 2.41
C ASP B 8 6.46 -14.92 1.46
N ILE B 9 5.89 -13.80 1.82
CA ILE B 9 5.96 -12.59 1.03
C ILE B 9 6.26 -11.41 1.93
N MET B 10 7.52 -11.01 1.96
CA MET B 10 7.92 -9.89 2.78
C MET B 10 8.13 -8.65 1.92
N PRO B 11 7.64 -7.50 2.38
CA PRO B 11 7.71 -6.25 1.62
C PRO B 11 9.13 -5.68 1.53
N ASP B 12 9.35 -4.88 0.50
CA ASP B 12 10.63 -4.22 0.30
C ASP B 12 10.42 -2.86 -0.34
N PHE B 13 10.79 -1.82 0.35
CA PHE B 13 10.61 -0.48 -0.15
C PHE B 13 11.79 -0.05 -1.00
N SER B 14 11.71 -0.34 -2.29
CA SER B 14 12.76 0.00 -3.23
C SER B 14 12.48 1.38 -3.85
N PRO B 15 13.52 2.19 -4.10
CA PRO B 15 13.36 3.46 -4.74
C PRO B 15 13.62 3.38 -6.25
N SER B 16 12.59 3.03 -7.00
CA SER B 16 12.71 2.95 -8.46
C SER B 16 12.79 4.35 -9.02
N GLY B 17 11.89 5.22 -8.56
CA GLY B 17 11.92 6.59 -8.97
C GLY B 17 11.20 6.83 -10.27
N LEU B 18 10.37 5.90 -10.66
CA LEU B 18 9.61 6.00 -11.91
C LEU B 18 8.71 7.23 -11.88
N LEU B 19 8.21 7.56 -10.69
CA LEU B 19 7.34 8.71 -10.50
C LEU B 19 8.08 10.03 -10.76
N GLU B 20 9.35 10.06 -10.40
CA GLU B 20 10.17 11.26 -10.55
C GLU B 20 10.56 11.47 -12.00
N LEU B 21 10.66 10.38 -12.74
CA LEU B 21 11.04 10.42 -14.14
C LEU B 21 9.88 10.90 -15.03
N GLU B 22 8.72 11.12 -14.40
CA GLU B 22 7.55 11.60 -15.12
C GLU B 22 7.45 13.11 -15.05
N SER B 23 8.52 13.74 -14.54
CA SER B 23 8.60 15.19 -14.42
C SER B 23 7.58 15.71 -13.40
N GLY A 1 -12.67 11.58 16.38
CA GLY A 1 -13.77 10.86 17.03
C GLY A 1 -14.28 9.71 16.18
N ALA A 2 -15.31 9.03 16.67
CA ALA A 2 -15.92 7.89 15.97
C ALA A 2 -14.89 6.80 15.68
N MET A 3 -14.66 5.96 16.67
CA MET A 3 -13.67 4.88 16.56
C MET A 3 -14.07 3.88 15.48
N GLY A 4 -15.28 3.38 15.56
CA GLY A 4 -15.75 2.41 14.59
C GLY A 4 -16.99 2.87 13.87
N ASN A 5 -17.60 3.93 14.37
CA ASN A 5 -18.84 4.47 13.79
C ASN A 5 -18.66 4.96 12.36
N GLU A 6 -17.42 5.22 11.96
CA GLU A 6 -17.17 5.67 10.60
C GLU A 6 -16.45 4.62 9.76
N TYR A 7 -16.24 3.43 10.36
CA TYR A 7 -15.67 2.26 9.65
C TYR A 7 -14.35 2.59 8.94
N LYS A 8 -13.56 3.46 9.55
CA LYS A 8 -12.31 3.95 8.98
C LYS A 8 -11.30 2.81 8.80
N ASP A 9 -11.43 1.78 9.60
CA ASP A 9 -10.52 0.63 9.54
C ASP A 9 -10.73 -0.17 8.25
N ASN A 10 -11.89 -0.03 7.65
CA ASN A 10 -12.23 -0.78 6.43
C ASN A 10 -12.00 0.07 5.21
N ALA A 11 -11.44 1.26 5.42
CA ALA A 11 -11.19 2.19 4.34
C ALA A 11 -10.03 1.72 3.46
N TYR A 12 -10.39 1.12 2.35
CA TYR A 12 -9.43 0.64 1.38
C TYR A 12 -9.71 1.21 0.01
N ILE A 13 -8.68 1.29 -0.81
CA ILE A 13 -8.84 1.72 -2.17
C ILE A 13 -8.16 0.74 -3.09
N TYR A 14 -8.80 0.46 -4.20
CA TYR A 14 -8.24 -0.46 -5.17
C TYR A 14 -7.58 0.30 -6.28
N ILE A 15 -6.33 0.01 -6.49
CA ILE A 15 -5.59 0.60 -7.56
C ILE A 15 -5.44 -0.44 -8.66
N GLY A 16 -5.53 -0.01 -9.89
CA GLY A 16 -5.52 -0.92 -11.01
C GLY A 16 -4.15 -1.30 -11.48
N ASN A 17 -4.10 -1.95 -12.64
CA ASN A 17 -2.88 -2.48 -13.24
C ASN A 17 -1.74 -1.44 -13.26
N LEU A 18 -0.74 -1.69 -12.45
CA LEU A 18 0.43 -0.84 -12.36
C LEU A 18 1.56 -1.41 -13.18
N ASN A 19 2.67 -0.70 -13.22
CA ASN A 19 3.84 -1.16 -13.95
C ASN A 19 4.60 -2.17 -13.10
N ARG A 20 5.15 -3.18 -13.75
CA ARG A 20 5.92 -4.23 -13.07
C ARG A 20 7.10 -3.64 -12.29
N GLU A 21 7.58 -2.49 -12.73
CA GLU A 21 8.71 -1.83 -12.09
C GLU A 21 8.29 -1.08 -10.83
N LEU A 22 7.00 -0.93 -10.62
CA LEU A 22 6.51 -0.22 -9.45
C LEU A 22 6.35 -1.16 -8.27
N THR A 23 7.21 -0.98 -7.29
CA THR A 23 7.17 -1.77 -6.09
C THR A 23 6.35 -1.04 -5.03
N GLU A 24 6.08 -1.70 -3.91
CA GLU A 24 5.31 -1.10 -2.84
C GLU A 24 6.02 0.10 -2.24
N GLY A 25 7.35 0.14 -2.41
CA GLY A 25 8.13 1.26 -1.92
C GLY A 25 7.79 2.54 -2.64
N ASP A 26 7.61 2.46 -3.95
CA ASP A 26 7.28 3.63 -4.75
C ASP A 26 5.83 4.02 -4.53
N ILE A 27 4.98 3.01 -4.39
CA ILE A 27 3.57 3.25 -4.12
C ILE A 27 3.43 4.00 -2.79
N LEU A 28 4.24 3.61 -1.81
CA LEU A 28 4.24 4.27 -0.52
C LEU A 28 4.70 5.70 -0.68
N THR A 29 5.68 5.89 -1.56
CA THR A 29 6.22 7.20 -1.88
C THR A 29 5.11 8.12 -2.40
N VAL A 30 4.30 7.58 -3.29
CA VAL A 30 3.18 8.31 -3.87
C VAL A 30 2.24 8.83 -2.79
N PHE A 31 1.84 7.95 -1.90
CA PHE A 31 0.91 8.31 -0.85
C PHE A 31 1.56 9.10 0.28
N SER A 32 2.89 9.05 0.34
CA SER A 32 3.63 9.84 1.32
C SER A 32 3.60 11.31 0.90
N GLU A 33 3.19 11.56 -0.35
CA GLU A 33 3.07 12.90 -0.86
C GLU A 33 1.89 13.60 -0.20
N TYR A 34 0.90 12.81 0.22
CA TYR A 34 -0.25 13.34 0.94
C TYR A 34 0.09 13.47 2.41
N GLY A 35 1.22 12.89 2.79
CA GLY A 35 1.68 12.95 4.16
C GLY A 35 1.08 11.85 5.02
N VAL A 36 0.45 10.87 4.40
CA VAL A 36 -0.16 9.79 5.14
C VAL A 36 0.39 8.41 4.74
N PRO A 37 1.45 7.96 5.42
CA PRO A 37 2.02 6.63 5.20
C PRO A 37 1.30 5.60 6.06
N VAL A 38 0.34 4.93 5.46
CA VAL A 38 -0.47 3.95 6.17
C VAL A 38 -0.31 2.56 5.53
N ASP A 39 -1.18 1.61 5.88
CA ASP A 39 -1.01 0.21 5.45
C ASP A 39 -1.23 0.05 3.96
N VAL A 40 -0.17 -0.35 3.26
CA VAL A 40 -0.24 -0.56 1.83
C VAL A 40 0.03 -2.03 1.49
N ILE A 41 -0.87 -2.63 0.73
CA ILE A 41 -0.74 -4.02 0.33
C ILE A 41 -0.68 -4.14 -1.19
N LEU A 42 0.46 -4.55 -1.70
CA LEU A 42 0.64 -4.75 -3.12
C LEU A 42 0.21 -6.16 -3.49
N SER A 43 -0.56 -6.28 -4.56
CA SER A 43 -1.03 -7.58 -4.99
C SER A 43 0.12 -8.42 -5.54
N ARG A 44 0.58 -9.35 -4.73
CA ARG A 44 1.66 -10.23 -5.09
C ARG A 44 1.19 -11.66 -4.97
N ASP A 45 1.81 -12.56 -5.71
CA ASP A 45 1.40 -13.95 -5.71
C ASP A 45 2.03 -14.72 -4.56
N GLU A 46 1.34 -15.74 -4.11
CA GLU A 46 1.78 -16.57 -3.00
C GLU A 46 2.81 -17.61 -3.44
N ASN A 47 2.98 -17.75 -4.74
CA ASN A 47 3.88 -18.75 -5.29
C ASN A 47 5.32 -18.29 -5.29
N THR A 48 5.61 -17.28 -6.10
CA THR A 48 6.96 -16.76 -6.19
C THR A 48 7.08 -15.44 -5.46
N GLY A 49 5.99 -14.68 -5.42
CA GLY A 49 5.99 -13.42 -4.71
C GLY A 49 6.42 -12.27 -5.57
N GLU A 50 5.88 -12.19 -6.77
CA GLU A 50 6.19 -11.08 -7.66
C GLU A 50 5.06 -10.06 -7.66
N SER A 51 5.34 -8.88 -8.17
CA SER A 51 4.37 -7.81 -8.22
C SER A 51 3.40 -8.02 -9.39
N GLN A 52 2.17 -8.43 -9.09
CA GLN A 52 1.16 -8.66 -10.10
C GLN A 52 0.75 -7.35 -10.78
N GLY A 53 0.75 -6.28 -10.01
CA GLY A 53 0.43 -4.99 -10.57
C GLY A 53 -0.89 -4.42 -10.11
N PHE A 54 -1.29 -4.73 -8.89
CA PHE A 54 -2.51 -4.17 -8.31
C PHE A 54 -2.20 -3.74 -6.90
N ALA A 55 -2.95 -2.83 -6.33
CA ALA A 55 -2.65 -2.37 -4.99
C ALA A 55 -3.89 -2.06 -4.17
N TYR A 56 -3.82 -2.41 -2.90
CA TYR A 56 -4.86 -2.11 -1.93
C TYR A 56 -4.26 -1.27 -0.82
N LEU A 57 -4.76 -0.08 -0.64
CA LEU A 57 -4.23 0.81 0.40
C LEU A 57 -5.27 1.09 1.46
N LYS A 58 -4.83 1.10 2.71
CA LYS A 58 -5.70 1.38 3.83
C LYS A 58 -5.16 2.54 4.63
N TYR A 59 -5.88 3.63 4.60
CA TYR A 59 -5.55 4.81 5.37
C TYR A 59 -6.77 5.25 6.13
N GLU A 60 -6.58 5.87 7.26
CA GLU A 60 -7.72 6.32 8.01
C GLU A 60 -7.96 7.81 7.85
N ASP A 61 -8.99 8.12 7.07
CA ASP A 61 -9.45 9.49 6.85
C ASP A 61 -10.58 9.49 5.85
N GLN A 62 -11.55 10.35 6.03
CA GLN A 62 -12.69 10.41 5.11
C GLN A 62 -12.36 11.20 3.86
N ARG A 63 -11.80 12.38 4.03
CA ARG A 63 -11.55 13.28 2.89
C ARG A 63 -10.48 12.71 1.97
N SER A 64 -9.52 12.01 2.54
CA SER A 64 -8.43 11.43 1.79
C SER A 64 -8.91 10.38 0.78
N THR A 65 -10.05 9.73 1.08
CA THR A 65 -10.56 8.71 0.18
C THR A 65 -10.94 9.34 -1.17
N ILE A 66 -11.66 10.42 -1.08
CA ILE A 66 -12.11 11.15 -2.25
C ILE A 66 -10.96 11.93 -2.87
N LEU A 67 -10.11 12.48 -2.02
CA LEU A 67 -8.96 13.24 -2.48
C LEU A 67 -8.04 12.34 -3.29
N ALA A 68 -7.66 11.19 -2.72
CA ALA A 68 -6.75 10.25 -3.38
C ALA A 68 -7.28 9.83 -4.74
N VAL A 69 -8.58 9.55 -4.82
CA VAL A 69 -9.19 9.16 -6.08
C VAL A 69 -9.07 10.27 -7.12
N ASP A 70 -9.63 11.44 -6.84
CA ASP A 70 -9.62 12.55 -7.79
C ASP A 70 -8.21 13.05 -8.09
N ASN A 71 -7.28 12.77 -7.19
CA ASN A 71 -5.91 13.21 -7.35
C ASN A 71 -5.13 12.28 -8.28
N LEU A 72 -5.28 10.97 -8.07
CA LEU A 72 -4.50 10.00 -8.83
C LEU A 72 -5.25 9.40 -10.02
N ASN A 73 -6.57 9.48 -10.02
CA ASN A 73 -7.36 8.90 -11.12
C ASN A 73 -7.03 9.55 -12.45
N GLY A 74 -6.37 8.80 -13.31
CA GLY A 74 -6.01 9.31 -14.62
C GLY A 74 -4.56 9.77 -14.68
N PHE A 75 -3.87 9.66 -13.56
CA PHE A 75 -2.47 10.06 -13.48
C PHE A 75 -1.60 8.98 -14.12
N LYS A 76 -0.80 9.37 -15.10
CA LYS A 76 0.03 8.43 -15.83
C LYS A 76 1.39 8.28 -15.16
N ILE A 77 1.68 7.06 -14.71
CA ILE A 77 2.96 6.75 -14.11
C ILE A 77 3.63 5.63 -14.88
N GLY A 78 4.76 5.94 -15.48
CA GLY A 78 5.51 4.96 -16.25
C GLY A 78 4.69 4.34 -17.36
N GLY A 79 3.82 5.14 -17.97
CA GLY A 79 3.00 4.66 -19.06
C GLY A 79 1.76 3.92 -18.59
N ARG A 80 1.43 4.04 -17.32
CA ARG A 80 0.26 3.38 -16.76
C ARG A 80 -0.59 4.37 -16.00
N ALA A 81 -1.88 4.38 -16.29
CA ALA A 81 -2.79 5.31 -15.65
C ALA A 81 -3.32 4.76 -14.34
N LEU A 82 -3.29 5.58 -13.31
CA LEU A 82 -3.80 5.19 -12.02
C LEU A 82 -5.31 5.28 -11.99
N LYS A 83 -5.94 4.21 -11.57
CA LYS A 83 -7.37 4.20 -11.41
C LYS A 83 -7.68 3.78 -9.98
N ILE A 84 -8.33 4.67 -9.25
CA ILE A 84 -8.61 4.43 -7.84
C ILE A 84 -10.09 4.15 -7.61
N ASP A 85 -10.38 3.03 -6.97
CA ASP A 85 -11.76 2.63 -6.70
C ASP A 85 -11.99 2.44 -5.20
N HIS A 86 -13.17 2.83 -4.74
CA HIS A 86 -13.53 2.67 -3.32
C HIS A 86 -14.08 1.28 -3.06
N THR A 87 -13.29 0.45 -2.40
CA THR A 87 -13.70 -0.89 -2.07
C THR A 87 -13.06 -1.31 -0.76
N PHE A 88 -13.83 -1.94 0.10
CA PHE A 88 -13.30 -2.39 1.38
C PHE A 88 -12.54 -3.69 1.23
N TYR A 89 -11.64 -3.95 2.15
CA TYR A 89 -10.87 -5.16 2.16
C TYR A 89 -10.70 -5.66 3.58
N ARG A 90 -10.84 -6.94 3.76
CA ARG A 90 -10.72 -7.54 5.07
C ARG A 90 -9.30 -8.05 5.31
N PRO A 91 -8.63 -7.53 6.35
CA PRO A 91 -7.27 -7.95 6.70
C PRO A 91 -7.22 -9.43 7.08
N LYS A 92 -6.61 -10.24 6.22
CA LYS A 92 -6.50 -11.66 6.47
C LYS A 92 -5.47 -11.94 7.55
N ARG A 93 -5.77 -12.90 8.42
CA ARG A 93 -4.88 -13.25 9.51
C ARG A 93 -3.63 -13.95 8.98
N SER A 94 -3.79 -14.66 7.88
CA SER A 94 -2.69 -15.37 7.26
C SER A 94 -1.84 -14.42 6.42
N LEU A 95 -2.35 -13.21 6.20
CA LEU A 95 -1.65 -12.21 5.40
C LEU A 95 -1.06 -11.13 6.31
N GLN A 96 -1.12 -11.37 7.62
CA GLN A 96 -0.59 -10.41 8.60
C GLN A 96 0.91 -10.21 8.41
N LYS A 97 1.55 -11.18 7.74
CA LYS A 97 2.98 -11.10 7.43
C LYS A 97 3.27 -9.87 6.59
N TYR A 98 2.40 -9.60 5.63
CA TYR A 98 2.57 -8.47 4.74
C TYR A 98 2.35 -7.17 5.52
N TYR A 99 1.29 -7.15 6.32
CA TYR A 99 0.96 -5.98 7.13
C TYR A 99 2.11 -5.64 8.07
N GLU A 100 2.61 -6.64 8.78
CA GLU A 100 3.68 -6.48 9.72
C GLU A 100 4.96 -6.00 9.02
N ALA A 101 5.30 -6.63 7.91
CA ALA A 101 6.50 -6.29 7.16
C ALA A 101 6.46 -4.84 6.67
N VAL A 102 5.29 -4.39 6.26
CA VAL A 102 5.14 -3.01 5.82
C VAL A 102 5.14 -2.07 7.01
N LYS A 103 4.48 -2.50 8.09
CA LYS A 103 4.37 -1.69 9.29
C LYS A 103 5.74 -1.43 9.91
N GLU A 104 6.57 -2.46 10.01
CA GLU A 104 7.90 -2.31 10.60
C GLU A 104 8.75 -1.35 9.79
N GLU A 105 8.50 -1.29 8.49
CA GLU A 105 9.22 -0.38 7.61
C GLU A 105 8.78 1.05 7.89
N LEU A 106 7.49 1.22 8.17
CA LEU A 106 6.94 2.53 8.50
C LEU A 106 7.48 2.95 9.86
N ASP A 107 7.56 2.00 10.78
CA ASP A 107 8.06 2.26 12.12
C ASP A 107 9.53 2.65 12.11
N ARG A 108 10.25 2.30 11.05
CA ARG A 108 11.67 2.65 10.96
C ARG A 108 11.87 4.17 10.86
N ASP A 109 10.81 4.89 10.53
CA ASP A 109 10.86 6.34 10.48
C ASP A 109 10.83 6.90 11.89
N ILE A 110 10.15 6.21 12.77
CA ILE A 110 10.04 6.60 14.17
C ILE A 110 11.18 5.96 14.98
N VAL A 111 11.67 4.82 14.47
CA VAL A 111 12.75 4.05 15.08
C VAL A 111 12.25 3.32 16.34
N SER A 112 11.80 4.09 17.30
CA SER A 112 11.28 3.56 18.53
C SER A 112 10.27 4.54 19.13
N LYS A 113 10.77 5.68 19.54
CA LYS A 113 9.95 6.75 20.10
C LYS A 113 10.41 8.08 19.52
N ASN A 114 11.16 8.01 18.42
CA ASN A 114 11.80 9.18 17.81
C ASN A 114 12.90 9.64 18.73
N ASN A 115 14.12 9.20 18.45
CA ASN A 115 15.25 9.46 19.32
C ASN A 115 15.74 10.89 19.24
N ALA A 116 15.11 11.74 20.02
CA ALA A 116 15.50 13.12 20.17
C ALA A 116 16.14 13.28 21.53
N GLU A 117 16.44 12.14 22.14
CA GLU A 117 17.01 12.09 23.48
C GLU A 117 18.45 12.60 23.45
N LYS A 118 18.92 13.05 24.59
CA LYS A 118 20.27 13.57 24.70
C LYS A 118 21.18 12.51 25.34
N GLY B 1 1.25 -30.22 4.17
CA GLY B 1 1.03 -29.69 5.53
C GLY B 1 0.11 -28.49 5.52
N SER B 2 -0.04 -27.85 6.67
CA SER B 2 -0.93 -26.71 6.80
C SER B 2 -0.18 -25.39 6.63
N LYS B 3 1.10 -25.38 6.99
CA LYS B 3 1.92 -24.17 6.92
C LYS B 3 2.12 -23.68 5.48
N SER B 4 1.79 -24.53 4.52
CA SER B 4 1.93 -24.16 3.11
C SER B 4 0.75 -23.30 2.64
N GLN B 5 -0.29 -23.22 3.47
CA GLN B 5 -1.47 -22.43 3.11
C GLN B 5 -1.38 -21.03 3.69
N TYR B 6 -0.34 -20.76 4.45
CA TYR B 6 -0.14 -19.45 5.04
C TYR B 6 0.56 -18.54 4.07
N ILE B 7 0.12 -17.31 4.00
CA ILE B 7 0.66 -16.36 3.05
C ILE B 7 1.83 -15.59 3.64
N ASP B 8 3.02 -16.03 3.32
CA ASP B 8 4.22 -15.36 3.78
C ASP B 8 4.89 -14.69 2.61
N ILE B 9 4.66 -13.40 2.46
CA ILE B 9 5.24 -12.64 1.37
C ILE B 9 5.94 -11.41 1.90
N MET B 10 7.25 -11.42 1.83
CA MET B 10 8.04 -10.27 2.26
C MET B 10 8.12 -9.24 1.14
N PRO B 11 7.60 -8.02 1.39
CA PRO B 11 7.62 -6.94 0.41
C PRO B 11 9.03 -6.55 -0.02
N ASP B 12 9.13 -5.81 -1.10
CA ASP B 12 10.42 -5.37 -1.62
C ASP B 12 10.47 -3.87 -1.70
N PHE B 13 11.01 -3.24 -0.68
CA PHE B 13 11.14 -1.80 -0.68
C PHE B 13 12.40 -1.40 -1.43
N SER B 14 12.27 -1.22 -2.72
CA SER B 14 13.37 -0.84 -3.57
C SER B 14 13.18 0.59 -4.06
N PRO B 15 14.27 1.28 -4.46
CA PRO B 15 14.20 2.66 -4.97
C PRO B 15 13.56 2.73 -6.36
N SER B 16 12.33 2.28 -6.46
CA SER B 16 11.58 2.28 -7.70
C SER B 16 11.03 3.65 -8.02
N GLY B 17 11.76 4.68 -7.64
CA GLY B 17 11.31 6.03 -7.85
C GLY B 17 11.28 6.44 -9.32
N LEU B 18 10.51 5.70 -10.12
CA LEU B 18 10.32 6.04 -11.52
C LEU B 18 9.60 7.37 -11.61
N LEU B 19 8.80 7.67 -10.59
CA LEU B 19 8.06 8.93 -10.54
C LEU B 19 8.74 9.95 -9.62
N GLU B 20 9.77 9.51 -8.93
CA GLU B 20 10.47 10.38 -8.01
C GLU B 20 11.77 10.90 -8.64
N LEU B 21 12.58 9.99 -9.13
CA LEU B 21 13.84 10.36 -9.78
C LEU B 21 13.69 10.29 -11.30
N GLU B 22 12.49 9.94 -11.76
CA GLU B 22 12.19 9.76 -13.19
C GLU B 22 13.07 8.65 -13.77
N SER B 23 13.43 7.70 -12.89
CA SER B 23 14.29 6.58 -13.24
C SER B 23 15.71 7.07 -13.55
N GLY A 1 -18.50 13.12 7.43
CA GLY A 1 -19.63 12.99 8.38
C GLY A 1 -19.24 12.25 9.63
N ALA A 2 -19.91 12.56 10.73
CA ALA A 2 -19.63 11.93 12.02
C ALA A 2 -20.17 10.49 12.07
N MET A 3 -21.13 10.20 11.21
CA MET A 3 -21.73 8.87 11.16
C MET A 3 -20.82 7.89 10.41
N GLY A 4 -19.76 8.42 9.82
CA GLY A 4 -18.81 7.60 9.09
C GLY A 4 -17.86 6.86 10.02
N ASN A 5 -18.08 7.01 11.32
CA ASN A 5 -17.23 6.36 12.32
C ASN A 5 -17.36 4.84 12.24
N GLU A 6 -18.52 4.38 11.83
CA GLU A 6 -18.78 2.95 11.71
C GLU A 6 -18.47 2.47 10.30
N TYR A 7 -17.92 3.35 9.49
CA TYR A 7 -17.60 3.02 8.12
C TYR A 7 -16.12 3.24 7.85
N LYS A 8 -15.35 3.46 8.92
CA LYS A 8 -13.92 3.70 8.78
C LYS A 8 -13.18 2.39 8.51
N ASP A 9 -13.88 1.28 8.67
CA ASP A 9 -13.30 -0.02 8.38
C ASP A 9 -13.47 -0.33 6.90
N ASN A 10 -14.22 0.51 6.21
CA ASN A 10 -14.47 0.38 4.78
C ASN A 10 -13.55 1.34 4.02
N ALA A 11 -12.66 1.98 4.76
CA ALA A 11 -11.74 2.94 4.16
C ALA A 11 -10.62 2.21 3.44
N TYR A 12 -10.77 2.09 2.13
CA TYR A 12 -9.79 1.44 1.29
C TYR A 12 -9.88 1.97 -0.13
N ILE A 13 -8.75 2.24 -0.72
CA ILE A 13 -8.71 2.64 -2.10
C ILE A 13 -8.15 1.54 -2.95
N TYR A 14 -8.77 1.33 -4.09
CA TYR A 14 -8.36 0.30 -5.01
C TYR A 14 -7.45 0.89 -6.05
N ILE A 15 -6.37 0.20 -6.31
CA ILE A 15 -5.43 0.61 -7.32
C ILE A 15 -5.40 -0.41 -8.44
N GLY A 16 -5.34 0.06 -9.67
CA GLY A 16 -5.38 -0.82 -10.82
C GLY A 16 -4.01 -1.29 -11.25
N ASN A 17 -3.96 -1.90 -12.45
CA ASN A 17 -2.72 -2.46 -13.01
C ASN A 17 -1.55 -1.49 -12.90
N LEU A 18 -0.39 -2.03 -12.56
CA LEU A 18 0.80 -1.24 -12.39
C LEU A 18 1.94 -1.83 -13.21
N ASN A 19 3.11 -1.23 -13.10
CA ASN A 19 4.28 -1.73 -13.78
C ASN A 19 5.01 -2.70 -12.87
N ARG A 20 5.65 -3.72 -13.45
CA ARG A 20 6.36 -4.73 -12.66
C ARG A 20 7.61 -4.17 -12.01
N GLU A 21 8.07 -3.02 -12.49
CA GLU A 21 9.25 -2.37 -11.91
C GLU A 21 8.83 -1.41 -10.81
N LEU A 22 7.53 -1.36 -10.55
CA LEU A 22 6.98 -0.49 -9.52
C LEU A 22 6.77 -1.30 -8.25
N THR A 23 7.44 -0.92 -7.19
CA THR A 23 7.40 -1.68 -5.96
C THR A 23 6.64 -0.95 -4.85
N GLU A 24 6.50 -1.61 -3.72
CA GLU A 24 5.83 -1.06 -2.54
C GLU A 24 6.50 0.22 -2.09
N GLY A 25 7.82 0.30 -2.30
CA GLY A 25 8.57 1.48 -1.91
C GLY A 25 8.09 2.72 -2.62
N ASP A 26 7.80 2.57 -3.89
CA ASP A 26 7.32 3.66 -4.71
C ASP A 26 5.91 4.04 -4.31
N ILE A 27 5.07 3.02 -4.13
CA ILE A 27 3.68 3.22 -3.72
C ILE A 27 3.61 4.02 -2.41
N LEU A 28 4.43 3.63 -1.44
CA LEU A 28 4.47 4.31 -0.16
C LEU A 28 4.93 5.73 -0.34
N THR A 29 5.94 5.90 -1.18
CA THR A 29 6.49 7.21 -1.50
C THR A 29 5.40 8.14 -2.02
N VAL A 30 4.61 7.63 -2.95
CA VAL A 30 3.53 8.38 -3.55
C VAL A 30 2.52 8.89 -2.49
N PHE A 31 2.10 8.00 -1.62
CA PHE A 31 1.10 8.35 -0.61
C PHE A 31 1.69 9.12 0.57
N SER A 32 3.00 9.09 0.72
CA SER A 32 3.66 9.83 1.79
C SER A 32 3.55 11.34 1.56
N GLU A 33 3.20 11.71 0.34
CA GLU A 33 3.02 13.11 -0.04
C GLU A 33 1.91 13.74 0.79
N TYR A 34 0.91 12.93 1.12
CA TYR A 34 -0.24 13.40 1.88
C TYR A 34 0.02 13.29 3.38
N GLY A 35 1.22 12.80 3.72
CA GLY A 35 1.63 12.67 5.11
C GLY A 35 0.70 11.81 5.94
N VAL A 36 0.50 10.57 5.51
CA VAL A 36 -0.37 9.68 6.25
C VAL A 36 0.05 8.19 6.06
N PRO A 37 0.94 7.69 6.94
CA PRO A 37 1.44 6.32 6.88
C PRO A 37 0.50 5.35 7.59
N VAL A 38 -0.30 4.65 6.80
CA VAL A 38 -1.27 3.70 7.32
C VAL A 38 -1.16 2.37 6.53
N ASP A 39 -2.14 1.50 6.67
CA ASP A 39 -2.09 0.14 6.12
C ASP A 39 -2.08 0.13 4.59
N VAL A 40 -1.15 -0.62 4.01
CA VAL A 40 -1.03 -0.73 2.56
C VAL A 40 -0.78 -2.19 2.16
N ILE A 41 -1.54 -2.66 1.18
CA ILE A 41 -1.41 -4.03 0.72
C ILE A 41 -1.24 -4.08 -0.80
N LEU A 42 -0.06 -4.42 -1.26
CA LEU A 42 0.18 -4.60 -2.67
C LEU A 42 0.02 -6.06 -3.01
N SER A 43 -0.81 -6.35 -3.99
CA SER A 43 -1.05 -7.72 -4.37
C SER A 43 0.11 -8.25 -5.22
N ARG A 44 1.03 -8.92 -4.57
CA ARG A 44 2.15 -9.52 -5.23
C ARG A 44 1.96 -11.03 -5.30
N ASP A 45 2.35 -11.60 -6.43
CA ASP A 45 2.24 -13.05 -6.67
C ASP A 45 2.84 -13.87 -5.53
N GLU A 46 2.22 -14.99 -5.25
CA GLU A 46 2.61 -15.85 -4.14
C GLU A 46 3.92 -16.60 -4.42
N ASN A 47 4.21 -16.82 -5.68
CA ASN A 47 5.40 -17.58 -6.08
C ASN A 47 6.67 -16.77 -5.91
N THR A 48 6.82 -15.72 -6.70
CA THR A 48 8.02 -14.90 -6.65
C THR A 48 7.70 -13.48 -6.17
N GLY A 49 6.46 -13.05 -6.36
CA GLY A 49 6.08 -11.73 -5.89
C GLY A 49 5.85 -10.74 -7.02
N GLU A 50 5.46 -11.23 -8.19
CA GLU A 50 5.18 -10.34 -9.32
C GLU A 50 3.91 -9.54 -9.06
N SER A 51 3.95 -8.27 -9.43
CA SER A 51 2.79 -7.39 -9.27
C SER A 51 1.58 -7.99 -10.00
N GLN A 52 0.53 -8.32 -9.24
CA GLN A 52 -0.66 -8.94 -9.83
C GLN A 52 -1.50 -7.93 -10.60
N GLY A 53 -1.21 -6.65 -10.39
CA GLY A 53 -1.91 -5.61 -11.11
C GLY A 53 -3.03 -4.98 -10.33
N PHE A 54 -2.88 -4.91 -9.01
CA PHE A 54 -3.84 -4.24 -8.15
C PHE A 54 -3.30 -4.12 -6.74
N ALA A 55 -3.80 -3.14 -6.01
CA ALA A 55 -3.37 -2.89 -4.65
C ALA A 55 -4.47 -2.24 -3.84
N TYR A 56 -4.29 -2.24 -2.52
CA TYR A 56 -5.26 -1.66 -1.60
C TYR A 56 -4.53 -0.80 -0.57
N LEU A 57 -5.10 0.36 -0.25
CA LEU A 57 -4.52 1.22 0.77
C LEU A 57 -5.59 1.68 1.74
N LYS A 58 -5.27 1.67 3.02
CA LYS A 58 -6.19 2.11 4.04
C LYS A 58 -5.57 3.20 4.88
N TYR A 59 -6.23 4.33 4.91
CA TYR A 59 -5.84 5.45 5.74
C TYR A 59 -7.07 6.02 6.39
N GLU A 60 -6.91 6.76 7.45
CA GLU A 60 -8.06 7.28 8.15
C GLU A 60 -8.36 8.73 7.84
N ASP A 61 -9.39 8.89 7.02
CA ASP A 61 -9.99 10.18 6.67
C ASP A 61 -11.03 9.95 5.60
N GLN A 62 -12.15 10.63 5.67
CA GLN A 62 -13.19 10.42 4.69
C GLN A 62 -12.91 11.18 3.40
N ARG A 63 -12.53 12.44 3.52
CA ARG A 63 -12.31 13.27 2.35
C ARG A 63 -11.04 12.84 1.60
N SER A 64 -10.04 12.42 2.35
CA SER A 64 -8.77 11.99 1.76
C SER A 64 -8.97 10.82 0.80
N THR A 65 -10.03 10.03 1.00
CA THR A 65 -10.30 8.91 0.12
C THR A 65 -10.60 9.43 -1.28
N ILE A 66 -11.30 10.54 -1.32
CA ILE A 66 -11.67 11.18 -2.56
C ILE A 66 -10.47 11.94 -3.12
N LEU A 67 -9.65 12.48 -2.21
CA LEU A 67 -8.41 13.16 -2.60
C LEU A 67 -7.56 12.21 -3.44
N ALA A 68 -7.27 11.03 -2.88
CA ALA A 68 -6.45 10.05 -3.57
C ALA A 68 -7.09 9.62 -4.90
N VAL A 69 -8.38 9.33 -4.87
CA VAL A 69 -9.08 8.91 -6.08
C VAL A 69 -9.02 9.99 -7.16
N ASP A 70 -9.41 11.19 -6.83
CA ASP A 70 -9.47 12.30 -7.79
C ASP A 70 -8.08 12.79 -8.20
N ASN A 71 -7.11 12.71 -7.31
CA ASN A 71 -5.78 13.25 -7.57
C ASN A 71 -4.86 12.25 -8.29
N LEU A 72 -4.89 10.98 -7.89
CA LEU A 72 -3.99 9.98 -8.47
C LEU A 72 -4.56 9.31 -9.71
N ASN A 73 -5.88 9.30 -9.85
CA ASN A 73 -6.52 8.66 -11.00
C ASN A 73 -6.01 9.22 -12.32
N GLY A 74 -5.30 8.39 -13.07
CA GLY A 74 -4.81 8.80 -14.37
C GLY A 74 -3.33 9.17 -14.35
N PHE A 75 -2.74 9.22 -13.16
CA PHE A 75 -1.33 9.56 -13.05
C PHE A 75 -0.46 8.47 -13.66
N LYS A 76 0.47 8.86 -14.52
CA LYS A 76 1.30 7.92 -15.24
C LYS A 76 2.53 7.49 -14.45
N ILE A 77 2.63 6.20 -14.18
CA ILE A 77 3.77 5.61 -13.50
C ILE A 77 4.14 4.31 -14.18
N GLY A 78 5.35 4.25 -14.72
CA GLY A 78 5.81 3.04 -15.38
C GLY A 78 4.98 2.72 -16.61
N GLY A 79 4.55 3.75 -17.31
CA GLY A 79 3.76 3.59 -18.50
C GLY A 79 2.30 3.32 -18.20
N ARG A 80 1.98 3.11 -16.93
CA ARG A 80 0.61 2.80 -16.52
C ARG A 80 -0.04 3.99 -15.86
N ALA A 81 -1.35 4.02 -15.89
CA ALA A 81 -2.09 5.09 -15.24
C ALA A 81 -2.71 4.57 -13.97
N LEU A 82 -2.48 5.29 -12.88
CA LEU A 82 -3.00 4.91 -11.59
C LEU A 82 -4.53 4.92 -11.58
N LYS A 83 -5.12 3.75 -11.58
CA LYS A 83 -6.55 3.62 -11.51
C LYS A 83 -6.96 3.55 -10.05
N ILE A 84 -7.52 4.63 -9.54
CA ILE A 84 -7.87 4.72 -8.13
C ILE A 84 -9.39 4.81 -7.96
N ASP A 85 -9.91 4.09 -6.99
CA ASP A 85 -11.33 4.10 -6.69
C ASP A 85 -11.55 3.61 -5.24
N HIS A 86 -12.79 3.55 -4.81
CA HIS A 86 -13.10 3.07 -3.46
C HIS A 86 -13.33 1.56 -3.49
N THR A 87 -13.03 0.88 -2.41
CA THR A 87 -13.21 -0.56 -2.36
C THR A 87 -13.26 -1.06 -0.91
N PHE A 88 -13.80 -2.25 -0.74
CA PHE A 88 -13.90 -2.88 0.56
C PHE A 88 -12.91 -4.03 0.65
N TYR A 89 -11.99 -3.96 1.59
CA TYR A 89 -10.99 -5.00 1.74
C TYR A 89 -10.87 -5.45 3.19
N ARG A 90 -10.68 -6.75 3.37
CA ARG A 90 -10.48 -7.32 4.70
C ARG A 90 -9.10 -7.96 4.78
N PRO A 91 -8.23 -7.41 5.64
CA PRO A 91 -6.87 -7.95 5.84
C PRO A 91 -6.89 -9.44 6.18
N LYS A 92 -6.01 -10.19 5.55
CA LYS A 92 -5.95 -11.64 5.75
C LYS A 92 -4.95 -11.98 6.84
N ARG A 93 -5.38 -12.77 7.81
CA ARG A 93 -4.50 -13.18 8.90
C ARG A 93 -3.46 -14.18 8.42
N SER A 94 -3.70 -14.74 7.24
CA SER A 94 -2.75 -15.65 6.63
C SER A 94 -1.54 -14.86 6.11
N LEU A 95 -1.78 -13.59 5.82
CA LEU A 95 -0.74 -12.71 5.31
C LEU A 95 -0.22 -11.80 6.40
N GLN A 96 -0.31 -12.27 7.64
CA GLN A 96 0.15 -11.50 8.81
C GLN A 96 1.61 -11.07 8.66
N LYS A 97 2.41 -11.91 8.00
CA LYS A 97 3.82 -11.62 7.75
C LYS A 97 3.97 -10.33 6.97
N TYR A 98 3.24 -10.22 5.89
CA TYR A 98 3.31 -9.09 4.99
C TYR A 98 2.94 -7.80 5.74
N TYR A 99 1.86 -7.86 6.51
CA TYR A 99 1.39 -6.71 7.26
C TYR A 99 2.41 -6.27 8.30
N GLU A 100 2.93 -7.22 9.06
CA GLU A 100 3.92 -6.93 10.09
C GLU A 100 5.19 -6.33 9.51
N ALA A 101 5.59 -6.83 8.34
CA ALA A 101 6.78 -6.33 7.67
C ALA A 101 6.57 -4.89 7.22
N VAL A 102 5.36 -4.59 6.78
CA VAL A 102 5.01 -3.22 6.38
C VAL A 102 4.91 -2.32 7.60
N LYS A 103 4.33 -2.85 8.66
CA LYS A 103 4.14 -2.10 9.91
C LYS A 103 5.47 -1.58 10.43
N GLU A 104 6.48 -2.44 10.50
CA GLU A 104 7.80 -2.04 10.98
C GLU A 104 8.50 -1.11 9.98
N GLU A 105 8.15 -1.26 8.70
CA GLU A 105 8.72 -0.41 7.67
C GLU A 105 8.21 1.01 7.86
N LEU A 106 6.92 1.12 8.16
CA LEU A 106 6.30 2.41 8.42
C LEU A 106 6.82 2.98 9.73
N ASP A 107 7.08 2.07 10.67
CA ASP A 107 7.58 2.44 11.99
C ASP A 107 8.91 3.20 11.87
N ARG A 108 9.80 2.71 11.02
CA ARG A 108 11.10 3.34 10.84
C ARG A 108 10.99 4.60 9.98
N ASP A 109 9.83 4.80 9.39
CA ASP A 109 9.60 6.00 8.58
C ASP A 109 9.08 7.12 9.47
N ILE A 110 8.26 6.74 10.47
CA ILE A 110 7.76 7.69 11.45
C ILE A 110 8.91 8.19 12.31
N VAL A 111 9.85 7.30 12.57
CA VAL A 111 11.04 7.62 13.28
C VAL A 111 12.20 6.91 12.65
N SER A 112 13.01 7.68 12.02
CA SER A 112 14.15 7.18 11.30
C SER A 112 15.31 6.90 12.24
N LYS A 113 16.45 6.57 11.67
CA LYS A 113 17.64 6.25 12.43
C LYS A 113 18.30 7.54 12.90
N ASN A 114 18.73 7.55 14.14
CA ASN A 114 19.34 8.74 14.73
C ASN A 114 20.83 8.83 14.40
N ASN A 115 21.27 8.05 13.43
CA ASN A 115 22.67 8.04 12.99
C ASN A 115 23.10 9.41 12.49
N ALA A 116 22.19 10.13 11.87
CA ALA A 116 22.48 11.45 11.36
C ALA A 116 21.89 12.53 12.25
N GLU A 117 21.20 12.11 13.30
CA GLU A 117 20.57 13.04 14.22
C GLU A 117 21.52 13.39 15.36
N LYS A 118 22.07 12.37 15.98
CA LYS A 118 22.96 12.56 17.11
C LYS A 118 24.39 12.34 16.65
N GLY B 1 1.71 -30.84 11.37
CA GLY B 1 2.50 -29.59 11.45
C GLY B 1 2.25 -28.69 10.27
N SER B 2 3.27 -28.53 9.41
CA SER B 2 3.18 -27.68 8.22
C SER B 2 2.85 -26.23 8.60
N LYS B 3 3.29 -25.82 9.80
CA LYS B 3 3.00 -24.48 10.32
C LYS B 3 3.72 -23.39 9.54
N SER B 4 4.78 -23.76 8.84
CA SER B 4 5.53 -22.81 8.03
C SER B 4 5.34 -23.08 6.54
N GLN B 5 4.35 -23.90 6.20
CA GLN B 5 4.12 -24.30 4.82
C GLN B 5 3.13 -23.36 4.12
N TYR B 6 2.66 -22.35 4.83
CA TYR B 6 1.71 -21.39 4.26
C TYR B 6 2.42 -20.44 3.30
N ILE B 7 1.63 -19.68 2.55
CA ILE B 7 2.16 -18.71 1.62
C ILE B 7 2.81 -17.55 2.36
N ASP B 8 4.12 -17.44 2.25
CA ASP B 8 4.87 -16.41 2.95
C ASP B 8 5.43 -15.41 1.96
N ILE B 9 4.93 -14.19 2.01
CA ILE B 9 5.38 -13.14 1.11
C ILE B 9 5.89 -11.93 1.91
N MET B 10 7.01 -11.40 1.51
CA MET B 10 7.57 -10.23 2.16
C MET B 10 7.68 -9.07 1.21
N PRO B 11 7.28 -7.87 1.66
CA PRO B 11 7.31 -6.66 0.84
C PRO B 11 8.72 -6.13 0.63
N ASP B 12 8.91 -5.44 -0.48
CA ASP B 12 10.19 -4.86 -0.81
C ASP B 12 10.03 -3.39 -1.10
N PHE B 13 10.42 -2.55 -0.17
CA PHE B 13 10.32 -1.14 -0.36
C PHE B 13 11.59 -0.60 -1.00
N SER B 14 11.64 -0.65 -2.30
CA SER B 14 12.78 -0.18 -3.04
C SER B 14 12.43 1.07 -3.84
N PRO B 15 13.27 2.10 -3.80
CA PRO B 15 13.04 3.30 -4.60
C PRO B 15 13.31 3.04 -6.07
N SER B 16 12.27 2.68 -6.80
CA SER B 16 12.40 2.43 -8.23
C SER B 16 12.45 3.76 -8.96
N GLY B 17 11.62 4.69 -8.49
CA GLY B 17 11.63 6.02 -9.04
C GLY B 17 10.90 6.14 -10.35
N LEU B 18 9.95 5.24 -10.61
CA LEU B 18 9.20 5.28 -11.86
C LEU B 18 8.43 6.59 -11.99
N LEU B 19 8.01 7.13 -10.86
CA LEU B 19 7.29 8.40 -10.83
C LEU B 19 8.24 9.57 -11.05
N GLU B 20 9.44 9.47 -10.47
CA GLU B 20 10.43 10.53 -10.56
C GLU B 20 11.02 10.63 -11.96
N LEU B 21 11.34 9.48 -12.54
CA LEU B 21 11.88 9.45 -13.90
C LEU B 21 10.76 9.54 -14.93
N GLU B 22 9.52 9.46 -14.44
CA GLU B 22 8.32 9.54 -15.29
C GLU B 22 8.32 8.46 -16.35
N SER B 23 8.33 7.22 -15.88
CA SER B 23 8.34 6.05 -16.76
C SER B 23 9.57 6.06 -17.66
N GLY A 1 -19.04 5.69 18.93
CA GLY A 1 -18.68 4.26 18.87
C GLY A 1 -17.46 4.03 18.02
N ALA A 2 -16.90 2.83 18.11
CA ALA A 2 -15.72 2.47 17.35
C ALA A 2 -16.07 2.16 15.91
N MET A 3 -17.31 1.77 15.67
CA MET A 3 -17.77 1.45 14.33
C MET A 3 -18.02 2.72 13.54
N GLY A 4 -18.76 3.63 14.14
CA GLY A 4 -19.09 4.88 13.48
C GLY A 4 -20.43 4.80 12.81
N ASN A 5 -21.05 5.95 12.59
CA ASN A 5 -22.37 5.98 11.96
C ASN A 5 -22.27 5.66 10.47
N GLU A 6 -21.25 6.20 9.82
CA GLU A 6 -21.04 5.93 8.41
C GLU A 6 -19.80 5.08 8.20
N TYR A 7 -19.27 4.54 9.30
CA TYR A 7 -18.17 3.57 9.32
C TYR A 7 -16.84 4.14 8.82
N LYS A 8 -15.78 3.81 9.53
CA LYS A 8 -14.43 4.25 9.18
C LYS A 8 -13.66 3.11 8.51
N ASP A 9 -14.20 1.90 8.67
CA ASP A 9 -13.54 0.69 8.20
C ASP A 9 -13.84 0.40 6.75
N ASN A 10 -14.59 1.29 6.12
CA ASN A 10 -14.93 1.15 4.71
C ASN A 10 -13.95 1.91 3.86
N ALA A 11 -12.99 2.55 4.51
CA ALA A 11 -12.00 3.34 3.84
C ALA A 11 -10.87 2.48 3.27
N TYR A 12 -10.97 2.19 1.98
CA TYR A 12 -9.98 1.43 1.24
C TYR A 12 -9.98 1.89 -0.21
N ILE A 13 -8.82 2.15 -0.77
CA ILE A 13 -8.74 2.56 -2.15
C ILE A 13 -8.07 1.51 -3.00
N TYR A 14 -8.74 1.14 -4.08
CA TYR A 14 -8.22 0.17 -5.00
C TYR A 14 -7.43 0.84 -6.09
N ILE A 15 -6.25 0.33 -6.33
CA ILE A 15 -5.40 0.80 -7.38
C ILE A 15 -5.29 -0.29 -8.45
N GLY A 16 -5.24 0.12 -9.70
CA GLY A 16 -5.26 -0.85 -10.78
C GLY A 16 -3.89 -1.38 -11.13
N ASN A 17 -3.85 -2.23 -12.16
CA ASN A 17 -2.61 -2.91 -12.57
C ASN A 17 -1.46 -1.96 -12.84
N LEU A 18 -0.52 -1.93 -11.92
CA LEU A 18 0.67 -1.12 -12.01
C LEU A 18 1.80 -1.92 -12.63
N ASN A 19 2.98 -1.37 -12.65
CA ASN A 19 4.14 -2.07 -13.17
C ASN A 19 4.67 -3.04 -12.13
N ARG A 20 5.16 -4.18 -12.57
CA ARG A 20 5.70 -5.19 -11.67
C ARG A 20 7.00 -4.71 -11.06
N GLU A 21 7.65 -3.78 -11.75
CA GLU A 21 8.92 -3.21 -11.32
C GLU A 21 8.68 -2.11 -10.28
N LEU A 22 7.44 -1.88 -9.93
CA LEU A 22 7.09 -0.89 -8.93
C LEU A 22 7.04 -1.56 -7.56
N THR A 23 7.69 -0.97 -6.58
CA THR A 23 7.73 -1.57 -5.27
C THR A 23 6.91 -0.75 -4.27
N GLU A 24 6.72 -1.32 -3.09
CA GLU A 24 5.99 -0.66 -2.02
C GLU A 24 6.67 0.65 -1.64
N GLY A 25 7.98 0.70 -1.84
CA GLY A 25 8.73 1.90 -1.55
C GLY A 25 8.29 3.05 -2.43
N ASP A 26 8.08 2.74 -3.71
CA ASP A 26 7.63 3.74 -4.66
C ASP A 26 6.22 4.19 -4.32
N ILE A 27 5.35 3.21 -4.07
CA ILE A 27 3.96 3.47 -3.72
C ILE A 27 3.87 4.37 -2.47
N LEU A 28 4.67 4.04 -1.44
CA LEU A 28 4.67 4.80 -0.20
C LEU A 28 5.18 6.20 -0.45
N THR A 29 6.16 6.30 -1.33
CA THR A 29 6.75 7.57 -1.71
C THR A 29 5.69 8.49 -2.32
N VAL A 30 4.88 7.93 -3.20
CA VAL A 30 3.82 8.68 -3.85
C VAL A 30 2.80 9.20 -2.83
N PHE A 31 2.38 8.32 -1.92
CA PHE A 31 1.42 8.69 -0.89
C PHE A 31 2.08 9.53 0.20
N SER A 32 3.40 9.62 0.18
CA SER A 32 4.13 10.44 1.14
C SER A 32 3.89 11.91 0.83
N GLU A 33 3.41 12.19 -0.39
CA GLU A 33 3.09 13.54 -0.79
C GLU A 33 1.81 14.00 -0.11
N TYR A 34 1.00 13.05 0.32
CA TYR A 34 -0.22 13.35 1.05
C TYR A 34 0.02 13.17 2.54
N GLY A 35 1.06 12.42 2.86
CA GLY A 35 1.39 12.16 4.24
C GLY A 35 0.59 11.01 4.79
N VAL A 36 0.58 9.90 4.07
CA VAL A 36 -0.17 8.73 4.48
C VAL A 36 0.76 7.57 4.86
N PRO A 37 1.08 7.44 6.16
CA PRO A 37 1.90 6.36 6.67
C PRO A 37 1.05 5.24 7.26
N VAL A 38 -0.15 5.07 6.73
CA VAL A 38 -1.07 4.05 7.20
C VAL A 38 -0.88 2.76 6.36
N ASP A 39 -1.81 1.82 6.47
CA ASP A 39 -1.65 0.49 5.87
C ASP A 39 -1.58 0.55 4.34
N VAL A 40 -0.70 -0.26 3.79
CA VAL A 40 -0.50 -0.34 2.37
C VAL A 40 -0.39 -1.80 1.95
N ILE A 41 -1.29 -2.21 1.09
CA ILE A 41 -1.35 -3.59 0.66
C ILE A 41 -1.06 -3.72 -0.84
N LEU A 42 -0.26 -4.69 -1.20
CA LEU A 42 0.07 -4.95 -2.58
C LEU A 42 -0.20 -6.41 -2.90
N SER A 43 -0.86 -6.66 -4.02
CA SER A 43 -1.17 -8.02 -4.43
C SER A 43 0.11 -8.81 -4.73
N ARG A 44 0.52 -9.62 -3.79
CA ARG A 44 1.71 -10.42 -3.96
C ARG A 44 1.31 -11.89 -3.99
N ASP A 45 1.69 -12.60 -5.04
CA ASP A 45 1.32 -14.01 -5.18
C ASP A 45 2.11 -14.86 -4.20
N GLU A 46 1.42 -15.80 -3.58
CA GLU A 46 2.02 -16.67 -2.56
C GLU A 46 2.96 -17.69 -3.20
N ASN A 47 2.70 -18.01 -4.46
CA ASN A 47 3.44 -19.04 -5.16
C ASN A 47 4.76 -18.54 -5.70
N THR A 48 4.69 -17.62 -6.64
CA THR A 48 5.90 -17.10 -7.28
C THR A 48 6.50 -15.92 -6.50
N GLY A 49 5.67 -15.27 -5.69
CA GLY A 49 6.14 -14.15 -4.89
C GLY A 49 6.22 -12.86 -5.68
N GLU A 50 5.50 -12.80 -6.79
CA GLU A 50 5.49 -11.62 -7.63
C GLU A 50 4.25 -10.79 -7.40
N SER A 51 4.28 -9.54 -7.84
CA SER A 51 3.13 -8.67 -7.72
C SER A 51 2.12 -9.02 -8.80
N GLN A 52 0.86 -8.97 -8.46
CA GLN A 52 -0.20 -9.25 -9.39
C GLN A 52 -0.61 -7.97 -10.10
N GLY A 53 -0.05 -6.86 -9.65
CA GLY A 53 -0.29 -5.59 -10.29
C GLY A 53 -1.31 -4.72 -9.59
N PHE A 54 -1.98 -5.24 -8.58
CA PHE A 54 -3.02 -4.46 -7.91
C PHE A 54 -2.56 -4.00 -6.54
N ALA A 55 -3.02 -2.86 -6.11
CA ALA A 55 -2.64 -2.33 -4.80
C ALA A 55 -3.86 -1.80 -4.07
N TYR A 56 -3.81 -1.87 -2.75
CA TYR A 56 -4.90 -1.38 -1.91
C TYR A 56 -4.29 -0.59 -0.76
N LEU A 57 -4.63 0.67 -0.66
CA LEU A 57 -4.12 1.47 0.44
C LEU A 57 -5.21 1.72 1.44
N LYS A 58 -4.88 1.68 2.70
CA LYS A 58 -5.86 1.88 3.72
C LYS A 58 -5.44 2.92 4.73
N TYR A 59 -6.09 4.05 4.66
CA TYR A 59 -5.94 5.11 5.61
C TYR A 59 -7.29 5.34 6.24
N GLU A 60 -7.32 5.88 7.41
CA GLU A 60 -8.59 6.11 8.03
C GLU A 60 -9.01 7.56 7.96
N ASP A 61 -9.97 7.82 7.09
CA ASP A 61 -10.58 9.13 6.90
C ASP A 61 -11.61 9.05 5.79
N GLN A 62 -12.68 9.80 5.91
CA GLN A 62 -13.74 9.78 4.93
C GLN A 62 -13.42 10.62 3.69
N ARG A 63 -12.93 11.83 3.90
CA ARG A 63 -12.67 12.76 2.80
C ARG A 63 -11.39 12.42 2.05
N SER A 64 -10.40 11.91 2.78
CA SER A 64 -9.12 11.54 2.18
C SER A 64 -9.31 10.57 1.02
N THR A 65 -10.34 9.74 1.10
CA THR A 65 -10.62 8.76 0.06
C THR A 65 -10.89 9.47 -1.27
N ILE A 66 -11.81 10.41 -1.22
CA ILE A 66 -12.23 11.19 -2.37
C ILE A 66 -11.07 12.02 -2.90
N LEU A 67 -10.25 12.53 -1.99
CA LEU A 67 -9.09 13.32 -2.36
C LEU A 67 -8.11 12.49 -3.19
N ALA A 68 -7.65 11.39 -2.61
CA ALA A 68 -6.68 10.52 -3.27
C ALA A 68 -7.20 9.99 -4.61
N VAL A 69 -8.48 9.61 -4.65
CA VAL A 69 -9.08 9.07 -5.87
C VAL A 69 -9.06 10.08 -7.01
N ASP A 70 -9.44 11.32 -6.72
CA ASP A 70 -9.51 12.35 -7.75
C ASP A 70 -8.13 12.93 -8.09
N ASN A 71 -7.31 13.12 -7.08
CA ASN A 71 -5.99 13.71 -7.26
C ASN A 71 -5.07 12.80 -8.06
N LEU A 72 -4.97 11.53 -7.66
CA LEU A 72 -4.09 10.58 -8.35
C LEU A 72 -4.74 10.00 -9.61
N ASN A 73 -5.99 10.35 -9.84
CA ASN A 73 -6.70 9.87 -11.02
C ASN A 73 -6.04 10.38 -12.29
N GLY A 74 -5.40 9.48 -13.01
CA GLY A 74 -4.78 9.86 -14.26
C GLY A 74 -3.30 10.18 -14.12
N PHE A 75 -2.79 10.13 -12.89
CA PHE A 75 -1.38 10.42 -12.64
C PHE A 75 -0.51 9.35 -13.29
N LYS A 76 0.43 9.80 -14.09
CA LYS A 76 1.29 8.92 -14.85
C LYS A 76 2.53 8.49 -14.07
N ILE A 77 2.61 7.21 -13.78
CA ILE A 77 3.77 6.64 -13.13
C ILE A 77 4.35 5.57 -14.02
N GLY A 78 5.51 5.86 -14.59
CA GLY A 78 6.13 4.95 -15.50
C GLY A 78 5.38 4.87 -16.80
N GLY A 79 4.65 5.94 -17.11
CA GLY A 79 3.87 5.98 -18.33
C GLY A 79 2.45 5.49 -18.11
N ARG A 80 2.22 4.80 -17.00
CA ARG A 80 0.90 4.26 -16.70
C ARG A 80 0.12 5.18 -15.78
N ALA A 81 -1.11 5.44 -16.12
CA ALA A 81 -1.97 6.28 -15.32
C ALA A 81 -2.55 5.47 -14.17
N LEU A 82 -2.54 6.05 -12.98
CA LEU A 82 -3.07 5.40 -11.79
C LEU A 82 -4.59 5.32 -11.84
N LYS A 83 -5.12 4.14 -11.53
CA LYS A 83 -6.56 3.95 -11.43
C LYS A 83 -6.93 3.79 -9.98
N ILE A 84 -7.72 4.72 -9.47
CA ILE A 84 -8.11 4.68 -8.06
C ILE A 84 -9.62 4.52 -7.95
N ASP A 85 -10.07 3.68 -7.02
CA ASP A 85 -11.49 3.46 -6.82
C ASP A 85 -11.77 3.08 -5.36
N HIS A 86 -13.04 3.11 -4.96
CA HIS A 86 -13.43 2.77 -3.60
C HIS A 86 -13.69 1.27 -3.48
N THR A 87 -13.26 0.67 -2.39
CA THR A 87 -13.43 -0.76 -2.20
C THR A 87 -13.48 -1.11 -0.72
N PHE A 88 -14.00 -2.29 -0.40
CA PHE A 88 -14.03 -2.77 0.96
C PHE A 88 -13.17 -4.02 1.04
N TYR A 89 -12.00 -3.88 1.62
CA TYR A 89 -11.06 -4.98 1.70
C TYR A 89 -10.82 -5.36 3.15
N ARG A 90 -10.53 -6.63 3.39
CA ARG A 90 -10.22 -7.11 4.72
C ARG A 90 -8.87 -7.81 4.71
N PRO A 91 -8.03 -7.54 5.73
CA PRO A 91 -6.70 -8.15 5.86
C PRO A 91 -6.77 -9.67 5.80
N LYS A 92 -6.05 -10.25 4.85
CA LYS A 92 -6.02 -11.69 4.68
C LYS A 92 -5.29 -12.33 5.86
N ARG A 93 -5.85 -13.41 6.38
CA ARG A 93 -5.36 -14.05 7.61
C ARG A 93 -3.90 -14.51 7.51
N SER A 94 -3.62 -15.42 6.59
CA SER A 94 -2.28 -16.01 6.49
C SER A 94 -1.26 -15.03 5.91
N LEU A 95 -1.75 -14.05 5.18
CA LEU A 95 -0.87 -13.08 4.53
C LEU A 95 -0.62 -11.87 5.44
N GLN A 96 -1.10 -11.93 6.69
CA GLN A 96 -0.93 -10.81 7.62
C GLN A 96 0.55 -10.52 7.88
N LYS A 97 1.41 -11.50 7.63
CA LYS A 97 2.85 -11.33 7.78
C LYS A 97 3.35 -10.22 6.88
N TYR A 98 2.80 -10.16 5.66
CA TYR A 98 3.19 -9.14 4.68
C TYR A 98 2.73 -7.77 5.16
N TYR A 99 1.57 -7.76 5.81
CA TYR A 99 0.97 -6.54 6.33
C TYR A 99 1.83 -5.97 7.45
N GLU A 100 2.16 -6.84 8.40
CA GLU A 100 2.97 -6.43 9.54
C GLU A 100 4.38 -6.04 9.08
N ALA A 101 4.94 -6.83 8.18
CA ALA A 101 6.28 -6.59 7.69
C ALA A 101 6.42 -5.20 7.08
N VAL A 102 5.46 -4.83 6.23
CA VAL A 102 5.50 -3.53 5.60
C VAL A 102 5.17 -2.43 6.62
N LYS A 103 4.31 -2.75 7.57
CA LYS A 103 3.90 -1.80 8.60
C LYS A 103 5.09 -1.45 9.50
N GLU A 104 5.91 -2.44 9.81
CA GLU A 104 7.09 -2.23 10.66
C GLU A 104 8.08 -1.30 9.97
N GLU A 105 8.16 -1.39 8.65
CA GLU A 105 9.04 -0.53 7.87
C GLU A 105 8.60 0.92 8.02
N LEU A 106 7.30 1.15 7.84
CA LEU A 106 6.73 2.48 7.98
C LEU A 106 6.90 2.97 9.41
N ASP A 107 6.60 2.10 10.37
CA ASP A 107 6.72 2.40 11.79
C ASP A 107 8.14 2.87 12.13
N ARG A 108 9.13 2.20 11.55
CA ARG A 108 10.52 2.55 11.76
C ARG A 108 10.86 3.88 11.10
N ASP A 109 10.34 4.08 9.89
CA ASP A 109 10.57 5.29 9.12
C ASP A 109 9.96 6.52 9.81
N ILE A 110 8.79 6.33 10.42
CA ILE A 110 8.12 7.41 11.15
C ILE A 110 9.04 7.94 12.25
N VAL A 111 9.73 7.03 12.91
CA VAL A 111 10.65 7.40 13.97
C VAL A 111 11.93 8.00 13.38
N SER A 112 12.56 7.25 12.48
CA SER A 112 13.81 7.66 11.85
C SER A 112 14.98 7.63 12.83
N LYS A 113 16.17 7.76 12.31
CA LYS A 113 17.37 7.77 13.11
C LYS A 113 17.78 9.21 13.43
N ASN A 114 18.56 9.38 14.48
CA ASN A 114 19.03 10.70 14.86
C ASN A 114 20.27 11.07 14.07
N ASN A 115 20.07 11.78 12.99
CA ASN A 115 21.17 12.20 12.15
C ASN A 115 21.28 13.72 12.11
N ALA A 116 22.20 14.25 12.90
CA ALA A 116 22.41 15.69 12.96
C ALA A 116 23.73 16.00 13.66
N GLU A 117 23.74 15.86 14.98
CA GLU A 117 24.95 16.11 15.76
C GLU A 117 25.65 14.80 16.04
N LYS A 118 25.21 13.77 15.36
CA LYS A 118 25.76 12.45 15.50
C LYS A 118 25.47 11.68 14.23
N GLY B 1 0.97 -30.08 9.84
CA GLY B 1 2.21 -29.52 9.28
C GLY B 1 1.96 -28.77 7.99
N SER B 2 2.33 -27.50 7.97
CA SER B 2 2.13 -26.66 6.81
C SER B 2 3.45 -26.38 6.11
N LYS B 3 4.34 -27.37 6.11
CA LYS B 3 5.67 -27.22 5.51
C LYS B 3 5.59 -27.00 3.99
N SER B 4 4.49 -27.36 3.39
CA SER B 4 4.29 -27.17 1.96
C SER B 4 3.23 -26.10 1.70
N GLN B 5 2.72 -25.51 2.78
CA GLN B 5 1.67 -24.50 2.67
C GLN B 5 2.04 -23.27 3.51
N TYR B 6 3.32 -23.10 3.73
CA TYR B 6 3.82 -21.98 4.52
C TYR B 6 3.86 -20.72 3.67
N ILE B 7 3.40 -19.64 4.24
CA ILE B 7 3.41 -18.37 3.55
C ILE B 7 4.42 -17.44 4.18
N ASP B 8 5.46 -17.15 3.45
CA ASP B 8 6.50 -16.27 3.92
C ASP B 8 6.98 -15.38 2.81
N ILE B 9 6.47 -14.17 2.78
CA ILE B 9 6.83 -13.20 1.78
C ILE B 9 7.01 -11.84 2.43
N MET B 10 8.17 -11.27 2.26
CA MET B 10 8.48 -9.98 2.83
C MET B 10 8.36 -8.88 1.78
N PRO B 11 8.00 -7.66 2.19
CA PRO B 11 7.86 -6.54 1.27
C PRO B 11 9.22 -6.00 0.81
N ASP B 12 9.22 -5.23 -0.24
CA ASP B 12 10.45 -4.69 -0.81
C ASP B 12 10.36 -3.20 -1.04
N PHE B 13 11.31 -2.47 -0.49
CA PHE B 13 11.38 -1.03 -0.65
C PHE B 13 12.58 -0.65 -1.51
N SER B 14 12.38 -0.56 -2.80
CA SER B 14 13.43 -0.20 -3.72
C SER B 14 13.21 1.19 -4.30
N PRO B 15 14.29 1.92 -4.58
CA PRO B 15 14.22 3.24 -5.20
C PRO B 15 14.03 3.14 -6.72
N SER B 16 13.03 2.37 -7.13
CA SER B 16 12.73 2.16 -8.54
C SER B 16 12.55 3.50 -9.24
N GLY B 17 11.73 4.36 -8.65
CA GLY B 17 11.55 5.70 -9.15
C GLY B 17 10.87 5.76 -10.50
N LEU B 18 9.78 5.05 -10.66
CA LEU B 18 9.04 5.11 -11.92
C LEU B 18 8.21 6.40 -12.00
N LEU B 19 8.04 7.04 -10.85
CA LEU B 19 7.25 8.27 -10.76
C LEU B 19 8.05 9.50 -11.22
N GLU B 20 9.37 9.36 -11.30
CA GLU B 20 10.22 10.50 -11.68
C GLU B 20 10.17 10.73 -13.19
N LEU B 21 9.56 9.80 -13.92
CA LEU B 21 9.42 9.93 -15.37
C LEU B 21 8.46 11.05 -15.74
N GLU B 22 7.58 11.38 -14.80
CA GLU B 22 6.62 12.44 -15.01
C GLU B 22 7.30 13.80 -14.79
N SER B 23 8.02 14.24 -15.80
CA SER B 23 8.73 15.50 -15.74
C SER B 23 8.22 16.45 -16.82
#